data_2I59
#
_entry.id   2I59
#
_entity_poly.entity_id   1
_entity_poly.type   'polypeptide(L)'
_entity_poly.pdbx_seq_one_letter_code
;SMQSLKSTAKWAASLENLLEDPEGVKRFREFLKKEFSEENVLFWLACEDFKKMQDKTQMQEKAKEIYMTFLSSKASSQVN
VEGQSRLNEKILEEPHPLMFQKLQDQIFNLMKYDSYSRFLKSDLFLKHKRTEEEEEDL
;
_entity_poly.pdbx_strand_id   A
#
# COMPACT_ATOMS: atom_id res chain seq x y z
N SER A 1 -17.00 -7.75 -15.34
CA SER A 1 -16.78 -7.26 -13.96
C SER A 1 -17.99 -6.50 -13.44
N MET A 2 -18.49 -6.90 -12.27
CA MET A 2 -19.66 -6.27 -11.65
C MET A 2 -19.25 -5.20 -10.64
N GLN A 3 -17.95 -4.89 -10.62
CA GLN A 3 -17.40 -3.98 -9.63
C GLN A 3 -17.71 -2.52 -9.97
N SER A 4 -18.69 -1.97 -9.26
CA SER A 4 -19.03 -0.55 -9.38
C SER A 4 -19.80 -0.08 -8.13
N LEU A 5 -21.02 -0.60 -7.94
CA LEU A 5 -21.91 -0.12 -6.89
C LEU A 5 -21.46 -0.62 -5.53
N LYS A 6 -21.74 -1.88 -5.32
CA LYS A 6 -21.51 -2.53 -4.04
C LYS A 6 -20.02 -2.52 -3.69
N SER A 7 -19.20 -2.60 -4.74
CA SER A 7 -17.77 -2.62 -4.59
C SER A 7 -17.25 -1.35 -3.90
N THR A 8 -17.70 -0.19 -4.36
CA THR A 8 -17.26 1.08 -3.76
C THR A 8 -17.74 1.16 -2.31
N ALA A 9 -18.95 0.65 -2.07
CA ALA A 9 -19.48 0.57 -0.71
C ALA A 9 -18.59 -0.29 0.18
N LYS A 10 -18.08 -1.39 -0.39
CA LYS A 10 -17.19 -2.31 0.31
C LYS A 10 -15.97 -1.59 0.86
N TRP A 11 -15.21 -1.01 -0.05
CA TRP A 11 -13.91 -0.45 0.27
C TRP A 11 -14.04 0.81 1.13
N ALA A 12 -15.11 1.57 0.91
CA ALA A 12 -15.36 2.76 1.73
C ALA A 12 -16.13 2.37 3.01
N ALA A 13 -16.46 1.08 3.15
CA ALA A 13 -17.00 0.55 4.42
C ALA A 13 -15.86 0.38 5.41
N SER A 14 -14.84 -0.37 5.01
CA SER A 14 -13.70 -0.65 5.87
C SER A 14 -12.46 -0.91 5.01
N LEU A 15 -11.32 -0.40 5.49
CA LEU A 15 -10.04 -0.54 4.80
C LEU A 15 -9.69 -2.02 4.65
N GLU A 16 -10.17 -2.83 5.59
CA GLU A 16 -9.93 -4.27 5.55
C GLU A 16 -10.59 -4.87 4.31
N ASN A 17 -11.84 -4.46 4.04
CA ASN A 17 -12.55 -4.90 2.85
C ASN A 17 -11.73 -4.60 1.61
N LEU A 18 -11.19 -3.39 1.59
CA LEU A 18 -10.33 -2.94 0.49
C LEU A 18 -9.11 -3.86 0.36
N LEU A 19 -8.43 -4.08 1.48
CA LEU A 19 -7.20 -4.87 1.50
C LEU A 19 -7.49 -6.37 1.50
N GLU A 20 -8.77 -6.73 1.41
CA GLU A 20 -9.18 -8.13 1.35
C GLU A 20 -9.65 -8.48 -0.06
N ASP A 21 -10.55 -7.65 -0.59
CA ASP A 21 -11.14 -7.85 -1.91
C ASP A 21 -10.09 -7.57 -2.99
N PRO A 22 -9.82 -8.55 -3.88
CA PRO A 22 -8.82 -8.41 -4.94
C PRO A 22 -9.02 -7.13 -5.76
N GLU A 23 -10.25 -6.94 -6.25
CA GLU A 23 -10.58 -5.77 -7.07
C GLU A 23 -10.33 -4.48 -6.29
N GLY A 24 -10.52 -4.54 -4.99
CA GLY A 24 -10.19 -3.42 -4.14
C GLY A 24 -8.73 -3.06 -4.26
N VAL A 25 -7.88 -4.01 -3.96
CA VAL A 25 -6.43 -3.82 -4.04
C VAL A 25 -6.01 -3.44 -5.46
N LYS A 26 -6.73 -3.96 -6.46
CA LYS A 26 -6.43 -3.66 -7.86
C LYS A 26 -6.71 -2.18 -8.16
N ARG A 27 -8.00 -1.83 -8.16
CA ARG A 27 -8.46 -0.51 -8.58
C ARG A 27 -7.93 0.59 -7.65
N PHE A 28 -7.80 0.27 -6.37
CA PHE A 28 -7.25 1.20 -5.39
C PHE A 28 -5.78 1.47 -5.68
N ARG A 29 -5.04 0.42 -6.07
CA ARG A 29 -3.65 0.59 -6.41
C ARG A 29 -3.52 1.54 -7.59
N GLU A 30 -4.29 1.28 -8.65
CA GLU A 30 -4.21 2.08 -9.87
C GLU A 30 -4.35 3.57 -9.54
N PHE A 31 -5.25 3.87 -8.60
CA PHE A 31 -5.46 5.25 -8.18
C PHE A 31 -4.17 5.85 -7.62
N LEU A 32 -3.68 5.29 -6.52
CA LEU A 32 -2.44 5.76 -5.89
C LEU A 32 -1.29 5.69 -6.88
N LYS A 33 -1.35 4.70 -7.74
CA LYS A 33 -0.33 4.43 -8.75
C LYS A 33 -0.16 5.63 -9.68
N LYS A 34 -1.29 6.09 -10.21
CA LYS A 34 -1.28 7.21 -11.15
C LYS A 34 -1.11 8.54 -10.41
N GLU A 35 -1.40 8.53 -9.11
CA GLU A 35 -1.18 9.69 -8.25
C GLU A 35 0.21 9.62 -7.59
N PHE A 36 0.90 8.50 -7.84
CA PHE A 36 2.26 8.26 -7.34
C PHE A 36 2.28 8.09 -5.82
N SER A 37 1.74 6.96 -5.41
CA SER A 37 1.72 6.53 -4.01
C SER A 37 1.58 5.00 -3.97
N GLU A 38 1.96 4.38 -5.09
CA GLU A 38 1.91 2.93 -5.23
C GLU A 38 2.88 2.29 -4.22
N GLU A 39 3.89 3.08 -3.83
CA GLU A 39 4.84 2.68 -2.82
C GLU A 39 4.09 2.35 -1.52
N ASN A 40 3.10 3.18 -1.21
CA ASN A 40 2.27 3.01 -0.02
C ASN A 40 1.50 1.69 -0.08
N VAL A 41 0.69 1.54 -1.14
CA VAL A 41 -0.17 0.35 -1.26
C VAL A 41 0.65 -0.94 -1.32
N LEU A 42 1.75 -0.91 -2.08
CA LEU A 42 2.61 -2.08 -2.22
C LEU A 42 3.35 -2.40 -0.92
N PHE A 43 3.67 -1.36 -0.15
CA PHE A 43 4.38 -1.55 1.11
C PHE A 43 3.57 -2.44 2.05
N TRP A 44 2.30 -2.11 2.23
CA TRP A 44 1.44 -2.88 3.13
C TRP A 44 1.30 -4.32 2.64
N LEU A 45 1.01 -4.48 1.33
CA LEU A 45 0.88 -5.82 0.74
C LEU A 45 2.15 -6.62 0.98
N ALA A 46 3.29 -5.99 0.72
CA ALA A 46 4.58 -6.65 0.82
C ALA A 46 4.86 -7.09 2.24
N CYS A 47 4.67 -6.19 3.20
CA CYS A 47 4.97 -6.48 4.60
C CYS A 47 4.01 -7.53 5.18
N GLU A 48 2.78 -7.56 4.66
CA GLU A 48 1.79 -8.53 5.11
C GLU A 48 2.10 -9.91 4.53
N ASP A 49 2.45 -9.95 3.25
CA ASP A 49 2.83 -11.20 2.59
C ASP A 49 4.14 -11.70 3.18
N PHE A 50 5.02 -10.74 3.47
CA PHE A 50 6.29 -10.96 4.14
C PHE A 50 6.05 -11.55 5.53
N LYS A 51 4.97 -11.10 6.15
CA LYS A 51 4.55 -11.59 7.46
C LYS A 51 4.01 -13.01 7.37
N LYS A 52 3.35 -13.32 6.26
CA LYS A 52 2.68 -14.61 6.09
C LYS A 52 3.63 -15.71 5.66
N MET A 53 4.50 -15.45 4.70
CA MET A 53 5.42 -16.46 4.21
C MET A 53 6.76 -15.85 3.80
N GLN A 54 7.85 -16.55 4.11
CA GLN A 54 9.20 -16.20 3.65
C GLN A 54 10.25 -17.05 4.35
N ASP A 55 11.28 -17.47 3.64
CA ASP A 55 12.41 -18.19 4.24
C ASP A 55 13.30 -17.22 5.00
N LYS A 56 14.15 -17.72 5.89
CA LYS A 56 15.00 -16.86 6.74
C LYS A 56 15.85 -15.89 5.92
N THR A 57 16.74 -16.42 5.08
CA THR A 57 17.63 -15.58 4.28
C THR A 57 16.83 -14.64 3.39
N GLN A 58 15.87 -15.21 2.66
CA GLN A 58 14.98 -14.43 1.80
C GLN A 58 14.34 -13.28 2.56
N MET A 59 13.80 -13.61 3.72
CA MET A 59 13.11 -12.65 4.58
C MET A 59 13.99 -11.46 4.90
N GLN A 60 15.22 -11.76 5.25
CA GLN A 60 16.18 -10.73 5.62
C GLN A 60 16.48 -9.82 4.42
N GLU A 61 16.69 -10.44 3.27
CA GLU A 61 16.93 -9.70 2.03
C GLU A 61 15.66 -8.96 1.59
N LYS A 62 14.50 -9.48 1.98
CA LYS A 62 13.22 -8.85 1.67
C LYS A 62 12.94 -7.72 2.64
N ALA A 63 13.50 -7.81 3.84
CA ALA A 63 13.33 -6.79 4.86
C ALA A 63 13.98 -5.49 4.39
N LYS A 64 15.23 -5.61 3.95
CA LYS A 64 15.98 -4.48 3.43
C LYS A 64 15.42 -4.05 2.07
N GLU A 65 14.88 -5.01 1.33
CA GLU A 65 14.27 -4.74 0.03
C GLU A 65 13.10 -3.76 0.17
N ILE A 66 12.09 -4.15 0.95
CA ILE A 66 10.89 -3.33 1.13
C ILE A 66 11.24 -1.98 1.77
N TYR A 67 12.20 -1.99 2.67
CA TYR A 67 12.67 -0.75 3.29
C TYR A 67 13.29 0.17 2.24
N MET A 68 14.18 -0.39 1.43
CA MET A 68 14.93 0.39 0.44
C MET A 68 14.03 0.88 -0.70
N THR A 69 12.99 0.12 -1.02
CA THR A 69 12.12 0.43 -2.16
C THR A 69 11.00 1.39 -1.78
N PHE A 70 10.36 1.16 -0.62
CA PHE A 70 9.16 1.91 -0.25
C PHE A 70 9.48 3.04 0.74
N LEU A 71 10.45 2.79 1.62
CA LEU A 71 10.82 3.79 2.63
C LEU A 71 12.19 4.39 2.32
N SER A 72 13.25 3.73 2.81
CA SER A 72 14.62 4.21 2.62
C SER A 72 14.78 5.63 3.15
N SER A 73 15.88 6.28 2.78
CA SER A 73 16.12 7.66 3.14
C SER A 73 15.53 8.60 2.08
N LYS A 74 15.28 8.05 0.88
CA LYS A 74 14.73 8.83 -0.23
C LYS A 74 13.70 7.99 -0.99
N ALA A 75 14.16 6.87 -1.53
CA ALA A 75 13.29 5.94 -2.29
C ALA A 75 12.59 6.67 -3.43
N SER A 76 13.24 7.72 -3.95
CA SER A 76 12.72 8.57 -5.02
C SER A 76 11.35 9.16 -4.69
N SER A 77 10.95 9.02 -3.43
CA SER A 77 9.70 9.58 -2.93
C SER A 77 9.47 9.20 -1.47
N GLN A 78 9.11 7.94 -1.24
CA GLN A 78 8.70 7.45 0.07
C GLN A 78 7.42 8.10 0.54
N VAL A 79 6.61 7.37 1.29
CA VAL A 79 5.40 7.91 1.88
C VAL A 79 5.77 8.73 3.12
N ASN A 80 5.09 9.86 3.27
CA ASN A 80 5.42 10.81 4.35
C ASN A 80 5.03 10.27 5.72
N VAL A 81 5.87 9.38 6.24
CA VAL A 81 5.69 8.80 7.57
C VAL A 81 7.06 8.60 8.24
N GLU A 82 7.05 7.90 9.36
CA GLU A 82 8.27 7.52 10.07
C GLU A 82 9.13 6.60 9.19
N GLY A 83 10.23 7.13 8.66
CA GLY A 83 11.08 6.32 7.79
C GLY A 83 12.40 7.00 7.45
N GLN A 84 12.34 8.31 7.16
CA GLN A 84 13.50 9.10 6.72
C GLN A 84 14.81 8.69 7.42
N SER A 85 14.87 8.88 8.73
CA SER A 85 16.06 8.53 9.51
C SER A 85 15.74 7.39 10.48
N ARG A 86 14.72 6.61 10.13
CA ARG A 86 14.26 5.51 10.97
C ARG A 86 14.79 4.19 10.41
N LEU A 87 14.77 3.15 11.24
CA LEU A 87 15.30 1.83 10.87
C LEU A 87 16.80 1.90 10.58
N ASN A 88 17.14 2.35 9.38
CA ASN A 88 18.52 2.37 8.89
C ASN A 88 19.05 0.94 8.74
N GLU A 89 20.01 0.75 7.83
CA GLU A 89 20.55 -0.58 7.53
C GLU A 89 21.02 -1.29 8.80
N LYS A 90 21.36 -0.49 9.82
CA LYS A 90 21.89 -1.02 11.08
C LYS A 90 20.94 -2.02 11.73
N ILE A 91 19.63 -1.85 11.52
CA ILE A 91 18.64 -2.80 12.05
C ILE A 91 18.37 -3.90 11.03
N LEU A 92 18.60 -3.60 9.76
CA LEU A 92 18.41 -4.58 8.68
C LEU A 92 19.50 -5.65 8.71
N GLU A 93 20.50 -5.43 9.56
CA GLU A 93 21.55 -6.42 9.77
C GLU A 93 21.08 -7.49 10.76
N GLU A 94 19.91 -7.24 11.37
CA GLU A 94 19.28 -8.19 12.29
C GLU A 94 17.76 -8.03 12.23
N PRO A 95 17.16 -8.22 11.04
CA PRO A 95 15.74 -7.95 10.81
C PRO A 95 14.84 -9.12 11.17
N HIS A 96 13.62 -8.82 11.57
CA HIS A 96 12.62 -9.82 11.91
C HIS A 96 11.28 -9.43 11.28
N PRO A 97 10.42 -10.41 10.94
CA PRO A 97 9.16 -10.14 10.22
C PRO A 97 8.26 -9.16 10.97
N LEU A 98 7.94 -9.50 12.22
CA LEU A 98 6.97 -8.75 13.00
C LEU A 98 7.42 -7.32 13.26
N MET A 99 8.72 -7.05 13.06
CA MET A 99 9.26 -5.71 13.29
C MET A 99 8.68 -4.74 12.26
N PHE A 100 8.31 -5.26 11.09
CA PHE A 100 7.69 -4.46 10.05
C PHE A 100 6.20 -4.30 10.31
N GLN A 101 5.61 -5.27 11.00
CA GLN A 101 4.19 -5.20 11.35
C GLN A 101 3.92 -4.00 12.28
N LYS A 102 4.97 -3.51 12.92
CA LYS A 102 4.88 -2.29 13.71
C LYS A 102 4.62 -1.10 12.78
N LEU A 103 5.42 -1.02 11.71
CA LEU A 103 5.27 0.01 10.70
C LEU A 103 4.02 -0.24 9.86
N GLN A 104 3.62 -1.51 9.77
CA GLN A 104 2.46 -1.91 9.01
C GLN A 104 1.19 -1.39 9.67
N ASP A 105 1.07 -1.63 10.98
CA ASP A 105 -0.06 -1.14 11.75
C ASP A 105 -0.10 0.39 11.71
N GLN A 106 1.09 0.99 11.73
CA GLN A 106 1.24 2.43 11.62
C GLN A 106 0.70 2.92 10.28
N ILE A 107 1.21 2.35 9.18
CA ILE A 107 0.81 2.77 7.84
C ILE A 107 -0.65 2.42 7.59
N PHE A 108 -1.16 1.41 8.29
CA PHE A 108 -2.56 1.02 8.20
C PHE A 108 -3.44 2.16 8.72
N ASN A 109 -3.01 2.76 9.83
CA ASN A 109 -3.70 3.89 10.41
C ASN A 109 -3.63 5.10 9.48
N LEU A 110 -2.42 5.42 9.03
CA LEU A 110 -2.18 6.51 8.11
C LEU A 110 -2.93 6.27 6.80
N MET A 111 -3.03 5.01 6.42
CA MET A 111 -3.66 4.62 5.17
C MET A 111 -5.13 4.98 5.19
N LYS A 112 -5.82 4.59 6.26
CA LYS A 112 -7.24 4.91 6.40
C LYS A 112 -7.45 6.42 6.29
N TYR A 113 -6.72 7.17 7.11
CA TYR A 113 -6.82 8.63 7.13
C TYR A 113 -6.50 9.22 5.74
N ASP A 114 -5.26 9.04 5.30
CA ASP A 114 -4.76 9.64 4.07
C ASP A 114 -5.42 9.03 2.83
N SER A 115 -5.27 7.72 2.65
CA SER A 115 -5.68 7.06 1.42
C SER A 115 -7.20 7.19 1.17
N TYR A 116 -8.00 7.25 2.25
CA TYR A 116 -9.43 7.54 2.07
C TYR A 116 -9.61 8.96 1.56
N SER A 117 -8.91 9.90 2.18
CA SER A 117 -8.97 11.30 1.78
C SER A 117 -8.41 11.50 0.36
N ARG A 118 -7.75 10.48 -0.16
CA ARG A 118 -7.27 10.48 -1.54
C ARG A 118 -8.33 9.87 -2.47
N PHE A 119 -8.72 8.64 -2.17
CA PHE A 119 -9.64 7.88 -3.03
C PHE A 119 -11.00 8.58 -3.11
N LEU A 120 -11.44 9.11 -1.97
CA LEU A 120 -12.70 9.84 -1.88
C LEU A 120 -12.52 11.30 -2.27
N LYS A 121 -11.30 11.66 -2.69
CA LYS A 121 -11.01 12.98 -3.22
C LYS A 121 -11.29 12.99 -4.71
N SER A 122 -10.74 12.01 -5.41
CA SER A 122 -11.00 11.82 -6.83
C SER A 122 -11.76 10.51 -7.02
N ASP A 123 -13.05 10.53 -6.66
CA ASP A 123 -13.90 9.34 -6.65
C ASP A 123 -13.84 8.58 -7.98
N LEU A 124 -13.27 7.37 -7.96
CA LEU A 124 -13.23 6.51 -9.14
C LEU A 124 -14.57 5.82 -9.36
N PHE A 125 -15.61 6.33 -8.72
CA PHE A 125 -16.96 5.78 -8.85
C PHE A 125 -17.49 6.07 -10.25
N LEU A 126 -16.79 6.96 -10.96
CA LEU A 126 -17.16 7.38 -12.31
C LEU A 126 -16.23 6.71 -13.31
N LYS A 127 -16.76 6.32 -14.47
CA LYS A 127 -15.96 5.68 -15.49
C LYS A 127 -15.09 6.71 -16.20
N HIS A 128 -15.45 7.98 -16.02
CA HIS A 128 -14.68 9.08 -16.59
C HIS A 128 -13.41 9.34 -15.77
N LYS A 129 -13.31 8.69 -14.62
CA LYS A 129 -12.14 8.77 -13.77
C LYS A 129 -11.45 7.41 -13.70
N ARG A 130 -12.20 6.37 -13.37
CA ARG A 130 -11.71 5.00 -13.48
C ARG A 130 -11.92 4.53 -14.92
N THR A 131 -10.80 4.33 -15.62
CA THR A 131 -10.83 4.13 -17.06
C THR A 131 -11.41 2.77 -17.46
N GLU A 132 -12.73 2.75 -17.70
CA GLU A 132 -13.37 1.63 -18.40
C GLU A 132 -13.85 2.14 -19.76
N GLU A 133 -14.68 3.18 -19.71
CA GLU A 133 -15.11 3.92 -20.90
C GLU A 133 -15.91 3.05 -21.88
N GLU A 134 -15.21 2.19 -22.60
CA GLU A 134 -15.83 1.38 -23.66
C GLU A 134 -16.89 0.43 -23.10
N GLU A 135 -17.85 0.08 -23.95
CA GLU A 135 -18.84 -0.94 -23.62
C GLU A 135 -18.31 -2.32 -24.03
N GLU A 136 -18.89 -3.37 -23.46
CA GLU A 136 -18.51 -4.73 -23.79
C GLU A 136 -19.01 -5.08 -25.18
N ASP A 137 -20.24 -4.64 -25.47
CA ASP A 137 -20.85 -4.71 -26.81
C ASP A 137 -20.50 -6.00 -27.58
N LEU A 138 -19.37 -5.98 -28.28
CA LEU A 138 -18.93 -7.13 -29.06
C LEU A 138 -17.53 -7.54 -28.62
N SER A 1 -21.99 -6.06 -12.37
CA SER A 1 -20.54 -5.84 -12.23
C SER A 1 -20.12 -5.95 -10.75
N MET A 2 -19.08 -6.73 -10.49
CA MET A 2 -18.56 -6.87 -9.12
C MET A 2 -17.94 -5.55 -8.65
N GLN A 3 -17.16 -4.95 -9.53
CA GLN A 3 -16.49 -3.68 -9.22
C GLN A 3 -17.49 -2.54 -9.13
N SER A 4 -17.23 -1.64 -8.17
CA SER A 4 -18.07 -0.47 -7.93
C SER A 4 -19.41 -0.86 -7.29
N LEU A 5 -20.24 0.15 -7.02
CA LEU A 5 -21.58 -0.05 -6.43
C LEU A 5 -21.50 -0.82 -5.11
N LYS A 6 -21.61 -2.13 -5.21
CA LYS A 6 -21.56 -3.00 -4.06
C LYS A 6 -20.22 -2.91 -3.37
N SER A 7 -19.17 -3.00 -4.18
CA SER A 7 -17.81 -3.03 -3.68
C SER A 7 -17.37 -1.64 -3.20
N THR A 8 -17.90 -0.58 -3.80
CA THR A 8 -17.61 0.78 -3.32
C THR A 8 -18.18 0.96 -1.92
N ALA A 9 -19.30 0.30 -1.65
CA ALA A 9 -19.89 0.29 -0.32
C ALA A 9 -19.03 -0.52 0.63
N LYS A 10 -18.46 -1.61 0.10
CA LYS A 10 -17.52 -2.46 0.82
C LYS A 10 -16.37 -1.64 1.40
N TRP A 11 -15.54 -1.12 0.50
CA TRP A 11 -14.32 -0.45 0.87
C TRP A 11 -14.62 0.78 1.72
N ALA A 12 -15.69 1.50 1.37
CA ALA A 12 -16.07 2.71 2.10
C ALA A 12 -16.89 2.37 3.35
N ALA A 13 -17.11 1.07 3.61
CA ALA A 13 -17.65 0.61 4.89
C ALA A 13 -16.52 0.49 5.90
N SER A 14 -15.40 -0.09 5.46
CA SER A 14 -14.27 -0.33 6.33
C SER A 14 -12.98 -0.47 5.52
N LEU A 15 -11.89 0.10 6.04
CA LEU A 15 -10.56 -0.06 5.43
C LEU A 15 -10.23 -1.55 5.34
N GLU A 16 -10.77 -2.32 6.29
CA GLU A 16 -10.59 -3.77 6.30
C GLU A 16 -11.12 -4.37 5.01
N ASN A 17 -12.30 -3.94 4.60
CA ASN A 17 -12.93 -4.40 3.37
C ASN A 17 -12.07 -4.07 2.17
N LEU A 18 -11.48 -2.88 2.20
CA LEU A 18 -10.55 -2.46 1.15
C LEU A 18 -9.38 -3.44 1.04
N LEU A 19 -8.84 -3.84 2.18
CA LEU A 19 -7.70 -4.75 2.22
C LEU A 19 -8.17 -6.21 2.10
N GLU A 20 -9.48 -6.41 2.03
CA GLU A 20 -10.07 -7.75 1.92
C GLU A 20 -10.48 -8.08 0.49
N ASP A 21 -11.11 -7.12 -0.17
CA ASP A 21 -11.72 -7.34 -1.48
C ASP A 21 -10.68 -7.20 -2.60
N PRO A 22 -10.64 -8.18 -3.54
CA PRO A 22 -9.67 -8.19 -4.66
C PRO A 22 -9.74 -6.92 -5.49
N GLU A 23 -10.94 -6.57 -5.95
CA GLU A 23 -11.15 -5.39 -6.77
C GLU A 23 -10.65 -4.17 -6.02
N GLY A 24 -10.94 -4.14 -4.72
CA GLY A 24 -10.49 -3.06 -3.88
C GLY A 24 -8.99 -2.90 -3.89
N VAL A 25 -8.29 -3.92 -3.41
CA VAL A 25 -6.84 -3.87 -3.31
C VAL A 25 -6.19 -3.53 -4.66
N LYS A 26 -6.74 -4.04 -5.76
CA LYS A 26 -6.10 -3.87 -7.06
C LYS A 26 -6.47 -2.54 -7.73
N ARG A 27 -7.68 -2.04 -7.46
CA ARG A 27 -8.10 -0.74 -7.99
C ARG A 27 -7.55 0.39 -7.11
N PHE A 28 -7.36 0.07 -5.84
CA PHE A 28 -6.73 0.96 -4.88
C PHE A 28 -5.25 1.10 -5.22
N ARG A 29 -4.65 -0.03 -5.61
CA ARG A 29 -3.26 -0.05 -6.05
C ARG A 29 -3.06 0.87 -7.25
N GLU A 30 -3.85 0.66 -8.30
CA GLU A 30 -3.70 1.45 -9.52
C GLU A 30 -4.05 2.91 -9.26
N PHE A 31 -5.02 3.16 -8.39
CA PHE A 31 -5.39 4.52 -8.01
C PHE A 31 -4.17 5.26 -7.47
N LEU A 32 -3.61 4.76 -6.38
CA LEU A 32 -2.44 5.38 -5.77
C LEU A 32 -1.26 5.35 -6.73
N LYS A 33 -1.18 4.30 -7.54
CA LYS A 33 -0.15 4.17 -8.57
C LYS A 33 -0.21 5.37 -9.53
N LYS A 34 -1.42 5.76 -9.89
CA LYS A 34 -1.64 6.88 -10.80
C LYS A 34 -1.47 8.22 -10.06
N GLU A 35 -1.85 8.24 -8.78
CA GLU A 35 -1.77 9.46 -7.99
C GLU A 35 -0.43 9.56 -7.25
N PHE A 36 0.46 8.61 -7.56
CA PHE A 36 1.82 8.57 -7.02
C PHE A 36 1.84 8.34 -5.50
N SER A 37 1.47 7.13 -5.12
CA SER A 37 1.54 6.65 -3.75
C SER A 37 1.64 5.11 -3.74
N GLU A 38 2.15 4.58 -4.85
CA GLU A 38 2.31 3.14 -5.01
C GLU A 38 3.19 2.58 -3.90
N GLU A 39 4.05 3.44 -3.36
CA GLU A 39 5.00 3.08 -2.33
C GLU A 39 4.29 2.54 -1.09
N ASN A 40 3.28 3.27 -0.62
CA ASN A 40 2.62 2.91 0.64
C ASN A 40 1.66 1.75 0.43
N VAL A 41 0.96 1.71 -0.71
CA VAL A 41 0.04 0.60 -0.99
C VAL A 41 0.80 -0.71 -1.10
N LEU A 42 1.88 -0.72 -1.89
CA LEU A 42 2.68 -1.93 -2.08
C LEU A 42 3.39 -2.31 -0.80
N PHE A 43 3.77 -1.33 0.00
CA PHE A 43 4.49 -1.58 1.25
C PHE A 43 3.66 -2.48 2.17
N TRP A 44 2.38 -2.13 2.35
CA TRP A 44 1.51 -2.91 3.23
C TRP A 44 1.33 -4.33 2.68
N LEU A 45 0.96 -4.41 1.40
CA LEU A 45 0.78 -5.72 0.75
C LEU A 45 2.07 -6.52 0.77
N ALA A 46 3.20 -5.82 0.78
CA ALA A 46 4.50 -6.46 0.84
C ALA A 46 4.74 -7.04 2.23
N CYS A 47 4.37 -6.29 3.26
CA CYS A 47 4.51 -6.74 4.65
C CYS A 47 3.56 -7.90 4.93
N GLU A 48 2.39 -7.85 4.32
CA GLU A 48 1.37 -8.89 4.42
C GLU A 48 1.96 -10.22 3.93
N ASP A 49 2.47 -10.20 2.69
CA ASP A 49 3.12 -11.36 2.09
C ASP A 49 4.40 -11.73 2.85
N PHE A 50 5.08 -10.70 3.33
CA PHE A 50 6.34 -10.84 4.09
C PHE A 50 6.14 -11.75 5.30
N LYS A 51 4.97 -11.62 5.93
CA LYS A 51 4.62 -12.40 7.10
C LYS A 51 4.22 -13.82 6.69
N LYS A 52 3.59 -13.94 5.52
CA LYS A 52 3.07 -15.23 5.05
C LYS A 52 4.19 -16.18 4.59
N MET A 53 4.95 -15.78 3.57
CA MET A 53 5.88 -16.70 2.94
C MET A 53 7.35 -16.23 3.09
N GLN A 54 8.23 -16.85 2.29
CA GLN A 54 9.65 -16.46 2.17
C GLN A 54 10.51 -17.07 3.29
N ASP A 55 11.59 -17.74 2.86
CA ASP A 55 12.60 -18.27 3.78
C ASP A 55 13.38 -17.11 4.40
N LYS A 56 14.00 -17.34 5.55
CA LYS A 56 14.74 -16.29 6.28
C LYS A 56 15.63 -15.47 5.34
N THR A 57 16.32 -16.15 4.43
CA THR A 57 17.22 -15.49 3.49
C THR A 57 16.46 -14.49 2.61
N GLN A 58 15.43 -14.99 1.94
CA GLN A 58 14.57 -14.17 1.08
C GLN A 58 13.95 -13.04 1.87
N MET A 59 13.41 -13.39 3.03
CA MET A 59 12.75 -12.45 3.93
C MET A 59 13.65 -11.25 4.24
N GLN A 60 14.88 -11.54 4.62
CA GLN A 60 15.86 -10.50 4.93
C GLN A 60 16.11 -9.63 3.70
N GLU A 61 16.29 -10.29 2.56
CA GLU A 61 16.48 -9.61 1.29
C GLU A 61 15.27 -8.72 0.96
N LYS A 62 14.10 -9.20 1.34
CA LYS A 62 12.86 -8.47 1.09
C LYS A 62 12.78 -7.25 1.99
N ALA A 63 13.41 -7.33 3.16
CA ALA A 63 13.40 -6.25 4.13
C ALA A 63 14.17 -5.06 3.58
N LYS A 64 15.42 -5.31 3.24
CA LYS A 64 16.29 -4.28 2.67
C LYS A 64 15.71 -3.77 1.35
N GLU A 65 15.07 -4.68 0.60
CA GLU A 65 14.43 -4.32 -0.66
C GLU A 65 13.36 -3.26 -0.46
N ILE A 66 12.24 -3.64 0.18
CA ILE A 66 11.11 -2.74 0.34
C ILE A 66 11.51 -1.48 1.12
N TYR A 67 12.46 -1.64 2.04
CA TYR A 67 12.98 -0.51 2.81
C TYR A 67 13.61 0.51 1.88
N MET A 68 14.48 0.06 0.98
CA MET A 68 15.22 0.95 0.08
C MET A 68 14.42 1.28 -1.17
N THR A 69 13.26 0.63 -1.34
CA THR A 69 12.41 0.88 -2.49
C THR A 69 11.29 1.86 -2.15
N PHE A 70 10.78 1.77 -0.92
CA PHE A 70 9.62 2.58 -0.52
C PHE A 70 9.97 3.53 0.62
N LEU A 71 10.73 3.05 1.60
CA LEU A 71 11.06 3.87 2.78
C LEU A 71 12.39 4.61 2.58
N SER A 72 13.48 4.03 3.08
CA SER A 72 14.79 4.67 3.04
C SER A 72 14.70 6.10 3.61
N SER A 73 15.68 6.94 3.30
CA SER A 73 15.64 8.34 3.71
C SER A 73 15.42 9.24 2.49
N LYS A 74 15.17 8.61 1.34
CA LYS A 74 15.04 9.30 0.07
C LYS A 74 14.89 8.24 -1.02
N ALA A 75 15.98 7.48 -1.23
CA ALA A 75 16.01 6.36 -2.17
C ALA A 75 15.75 6.81 -3.60
N SER A 76 14.51 7.14 -3.87
CA SER A 76 14.02 7.46 -5.21
C SER A 76 12.58 7.92 -5.12
N SER A 77 11.87 7.41 -4.12
CA SER A 77 10.47 7.75 -3.90
C SER A 77 10.07 7.30 -2.50
N GLN A 78 10.30 8.16 -1.52
CA GLN A 78 10.04 7.81 -0.13
C GLN A 78 8.54 7.88 0.15
N VAL A 79 8.07 6.99 1.00
CA VAL A 79 6.67 6.95 1.39
C VAL A 79 6.39 7.99 2.46
N ASN A 80 5.21 8.59 2.39
CA ASN A 80 4.80 9.61 3.34
C ASN A 80 4.51 8.99 4.70
N VAL A 81 5.56 8.81 5.50
CA VAL A 81 5.43 8.27 6.84
C VAL A 81 5.50 9.39 7.88
N GLU A 82 5.39 9.00 9.13
CA GLU A 82 5.44 9.93 10.25
C GLU A 82 6.86 10.43 10.45
N GLY A 83 7.15 11.60 9.89
CA GLY A 83 8.48 12.18 10.01
C GLY A 83 9.47 11.53 9.06
N GLN A 84 10.06 10.42 9.48
CA GLN A 84 11.06 9.70 8.70
C GLN A 84 11.06 8.22 9.05
N SER A 85 11.86 7.44 8.31
CA SER A 85 11.97 6.01 8.56
C SER A 85 12.70 5.76 9.88
N ARG A 86 11.92 5.53 10.93
CA ARG A 86 12.43 5.30 12.27
C ARG A 86 13.18 3.96 12.38
N LEU A 87 13.19 3.23 11.28
CA LEU A 87 13.98 2.01 11.18
C LEU A 87 15.47 2.36 11.20
N ASN A 88 15.77 3.47 10.54
CA ASN A 88 17.12 4.05 10.52
C ASN A 88 18.17 3.08 9.96
N GLU A 89 18.77 2.28 10.83
CA GLU A 89 19.88 1.39 10.45
C GLU A 89 19.81 0.05 11.20
N LYS A 90 19.89 0.14 12.53
CA LYS A 90 20.01 -1.04 13.38
C LYS A 90 18.68 -1.77 13.52
N ILE A 91 18.29 -2.40 12.43
CA ILE A 91 17.12 -3.27 12.38
C ILE A 91 17.19 -4.19 11.17
N LEU A 92 17.83 -3.69 10.10
CA LEU A 92 18.09 -4.49 8.89
C LEU A 92 19.05 -5.64 9.19
N GLU A 93 19.70 -5.57 10.35
CA GLU A 93 20.71 -6.55 10.76
C GLU A 93 20.17 -7.97 10.63
N GLU A 94 19.08 -8.26 11.33
CA GLU A 94 18.35 -9.51 11.15
C GLU A 94 16.86 -9.25 11.31
N PRO A 95 16.17 -8.94 10.20
CA PRO A 95 14.73 -8.70 10.19
C PRO A 95 13.94 -10.01 10.29
N HIS A 96 12.97 -10.03 11.18
CA HIS A 96 12.08 -11.17 11.36
C HIS A 96 10.72 -10.87 10.73
N PRO A 97 9.94 -11.91 10.39
CA PRO A 97 8.67 -11.73 9.66
C PRO A 97 7.67 -10.87 10.45
N LEU A 98 7.83 -10.87 11.77
CA LEU A 98 6.94 -10.15 12.66
C LEU A 98 7.39 -8.71 12.86
N MET A 99 8.65 -8.42 12.54
CA MET A 99 9.21 -7.09 12.83
C MET A 99 8.50 -6.02 11.98
N PHE A 100 8.09 -6.40 10.77
CA PHE A 100 7.40 -5.47 9.87
C PHE A 100 5.94 -5.27 10.28
N GLN A 101 5.47 -6.02 11.27
CA GLN A 101 4.11 -5.82 11.78
C GLN A 101 3.98 -4.43 12.41
N LYS A 102 5.10 -3.94 12.95
CA LYS A 102 5.16 -2.60 13.53
C LYS A 102 4.92 -1.56 12.44
N LEU A 103 5.63 -1.73 11.32
CA LEU A 103 5.53 -0.81 10.19
C LEU A 103 4.21 -1.01 9.45
N GLN A 104 3.70 -2.24 9.49
CA GLN A 104 2.41 -2.58 8.93
C GLN A 104 1.32 -1.81 9.67
N ASP A 105 1.46 -1.75 10.99
CA ASP A 105 0.55 -0.99 11.85
C ASP A 105 0.66 0.50 11.56
N GLN A 106 1.91 0.97 11.49
CA GLN A 106 2.18 2.37 11.22
C GLN A 106 1.53 2.79 9.91
N ILE A 107 1.89 2.11 8.82
CA ILE A 107 1.38 2.46 7.49
C ILE A 107 -0.12 2.18 7.41
N PHE A 108 -0.63 1.34 8.31
CA PHE A 108 -2.07 1.09 8.38
C PHE A 108 -2.79 2.35 8.85
N ASN A 109 -2.30 2.94 9.93
CA ASN A 109 -2.83 4.20 10.45
C ASN A 109 -2.68 5.31 9.42
N LEU A 110 -1.49 5.40 8.84
CA LEU A 110 -1.19 6.41 7.82
C LEU A 110 -2.08 6.18 6.59
N MET A 111 -2.25 4.91 6.22
CA MET A 111 -3.04 4.54 5.05
C MET A 111 -4.47 5.00 5.22
N LYS A 112 -5.01 4.75 6.41
CA LYS A 112 -6.38 5.15 6.74
C LYS A 112 -6.55 6.64 6.47
N TYR A 113 -5.86 7.46 7.26
CA TYR A 113 -5.91 8.91 7.09
C TYR A 113 -5.68 9.28 5.61
N ASP A 114 -4.46 9.12 5.16
CA ASP A 114 -4.05 9.56 3.83
C ASP A 114 -4.79 8.80 2.73
N SER A 115 -4.39 7.55 2.54
CA SER A 115 -4.81 6.79 1.37
C SER A 115 -6.31 6.48 1.34
N TYR A 116 -6.92 6.24 2.50
CA TYR A 116 -8.33 5.86 2.55
C TYR A 116 -9.21 7.08 2.29
N SER A 117 -8.82 8.24 2.84
CA SER A 117 -9.53 9.47 2.55
C SER A 117 -9.40 9.80 1.05
N ARG A 118 -8.19 9.64 0.52
CA ARG A 118 -7.91 9.90 -0.89
C ARG A 118 -8.69 8.96 -1.79
N PHE A 119 -8.81 7.70 -1.35
CA PHE A 119 -9.52 6.68 -2.11
C PHE A 119 -10.99 7.07 -2.27
N LEU A 120 -11.65 7.34 -1.15
CA LEU A 120 -13.06 7.76 -1.17
C LEU A 120 -13.20 9.10 -1.90
N LYS A 121 -12.15 9.92 -1.84
CA LYS A 121 -12.12 11.21 -2.50
C LYS A 121 -12.21 11.03 -4.02
N SER A 122 -11.57 9.99 -4.55
CA SER A 122 -11.64 9.71 -5.98
C SER A 122 -11.29 8.26 -6.30
N ASP A 123 -12.22 7.36 -6.02
CA ASP A 123 -12.12 5.98 -6.48
C ASP A 123 -12.41 5.97 -7.99
N LEU A 124 -12.37 4.79 -8.62
CA LEU A 124 -12.63 4.66 -10.05
C LEU A 124 -14.11 4.89 -10.38
N PHE A 125 -14.79 5.77 -9.61
CA PHE A 125 -16.13 6.23 -9.94
C PHE A 125 -16.12 6.90 -11.32
N LEU A 126 -14.97 7.51 -11.62
CA LEU A 126 -14.79 8.25 -12.86
C LEU A 126 -14.41 7.29 -13.96
N LYS A 127 -15.16 7.32 -15.06
CA LYS A 127 -14.97 6.38 -16.14
C LYS A 127 -13.64 6.65 -16.82
N HIS A 128 -13.21 7.91 -16.77
CA HIS A 128 -11.98 8.32 -17.41
C HIS A 128 -10.75 7.94 -16.57
N LYS A 129 -10.99 7.46 -15.36
CA LYS A 129 -9.90 6.96 -14.51
C LYS A 129 -9.85 5.44 -14.56
N ARG A 130 -11.02 4.83 -14.76
CA ARG A 130 -11.11 3.40 -14.97
C ARG A 130 -10.59 3.06 -16.36
N THR A 131 -11.21 3.66 -17.36
CA THR A 131 -10.72 3.64 -18.73
C THR A 131 -10.09 5.00 -19.03
N GLU A 132 -8.77 5.07 -18.96
CA GLU A 132 -8.06 6.35 -19.06
C GLU A 132 -8.18 6.94 -20.47
N GLU A 133 -8.56 6.10 -21.42
CA GLU A 133 -8.91 6.58 -22.76
C GLU A 133 -10.38 6.96 -22.77
N GLU A 134 -10.72 8.07 -23.42
CA GLU A 134 -12.07 8.63 -23.37
C GLU A 134 -13.03 7.89 -24.31
N GLU A 135 -12.72 6.64 -24.62
CA GLU A 135 -13.58 5.80 -25.44
C GLU A 135 -14.31 4.80 -24.55
N GLU A 136 -15.59 5.04 -24.28
CA GLU A 136 -16.38 4.17 -23.41
C GLU A 136 -16.59 2.80 -24.05
N ASP A 137 -15.64 1.89 -23.86
CA ASP A 137 -15.80 0.50 -24.28
C ASP A 137 -16.59 -0.25 -23.22
N LEU A 138 -17.86 -0.51 -23.53
CA LEU A 138 -18.78 -1.11 -22.57
C LEU A 138 -19.07 -2.57 -22.94
N SER A 1 -22.44 -8.12 -9.94
CA SER A 1 -21.44 -7.29 -9.22
C SER A 1 -21.11 -6.05 -10.05
N MET A 2 -20.32 -5.15 -9.45
CA MET A 2 -19.94 -3.91 -10.11
C MET A 2 -18.63 -3.39 -9.51
N GLN A 3 -17.87 -2.67 -10.31
CA GLN A 3 -16.59 -2.10 -9.87
C GLN A 3 -16.80 -0.87 -8.98
N SER A 4 -18.04 -0.64 -8.56
CA SER A 4 -18.39 0.53 -7.75
C SER A 4 -19.69 0.27 -6.98
N LEU A 5 -20.27 1.34 -6.44
CA LEU A 5 -21.54 1.29 -5.71
C LEU A 5 -21.36 0.56 -4.38
N LYS A 6 -21.55 -0.74 -4.41
CA LYS A 6 -21.45 -1.56 -3.21
C LYS A 6 -20.00 -1.83 -2.87
N SER A 7 -19.21 -2.15 -3.89
CA SER A 7 -17.79 -2.41 -3.72
C SER A 7 -17.10 -1.17 -3.15
N THR A 8 -17.49 0.01 -3.63
CA THR A 8 -16.93 1.25 -3.14
C THR A 8 -17.41 1.52 -1.71
N ALA A 9 -18.61 1.04 -1.39
CA ALA A 9 -19.14 1.14 -0.03
C ALA A 9 -18.26 0.33 0.93
N LYS A 10 -17.74 -0.80 0.45
CA LYS A 10 -16.82 -1.64 1.22
C LYS A 10 -15.59 -0.84 1.62
N TRP A 11 -14.85 -0.41 0.62
CA TRP A 11 -13.57 0.26 0.81
C TRP A 11 -13.74 1.60 1.51
N ALA A 12 -14.83 2.30 1.21
CA ALA A 12 -15.12 3.57 1.86
C ALA A 12 -15.81 3.35 3.21
N ALA A 13 -16.08 2.08 3.55
CA ALA A 13 -16.49 1.73 4.91
C ALA A 13 -15.28 1.73 5.80
N SER A 14 -14.19 1.13 5.32
CA SER A 14 -12.95 1.03 6.08
C SER A 14 -11.79 0.60 5.20
N LEU A 15 -10.61 1.14 5.52
CA LEU A 15 -9.35 0.76 4.86
C LEU A 15 -9.16 -0.76 4.96
N GLU A 16 -9.77 -1.35 5.98
CA GLU A 16 -9.76 -2.79 6.18
C GLU A 16 -10.24 -3.51 4.91
N ASN A 17 -11.47 -3.23 4.50
CA ASN A 17 -12.02 -3.81 3.28
C ASN A 17 -11.10 -3.54 2.11
N LEU A 18 -10.65 -2.30 2.01
CA LEU A 18 -9.77 -1.85 0.94
C LEU A 18 -8.55 -2.78 0.81
N LEU A 19 -7.90 -3.04 1.94
CA LEU A 19 -6.68 -3.85 1.97
C LEU A 19 -6.99 -5.35 1.89
N GLU A 20 -8.26 -5.72 2.01
CA GLU A 20 -8.66 -7.13 1.95
C GLU A 20 -9.12 -7.51 0.54
N ASP A 21 -10.15 -6.82 0.04
CA ASP A 21 -10.70 -7.09 -1.28
C ASP A 21 -9.65 -6.81 -2.37
N PRO A 22 -9.27 -7.82 -3.16
CA PRO A 22 -8.30 -7.65 -4.25
C PRO A 22 -8.71 -6.53 -5.19
N GLU A 23 -10.01 -6.46 -5.48
CA GLU A 23 -10.56 -5.42 -6.34
C GLU A 23 -10.22 -4.04 -5.79
N GLY A 24 -10.26 -3.94 -4.45
CA GLY A 24 -9.91 -2.70 -3.79
C GLY A 24 -8.44 -2.42 -3.89
N VAL A 25 -7.63 -3.42 -3.53
CA VAL A 25 -6.18 -3.31 -3.59
C VAL A 25 -5.71 -2.92 -4.99
N LYS A 26 -6.37 -3.44 -6.02
CA LYS A 26 -5.93 -3.21 -7.41
C LYS A 26 -6.37 -1.84 -7.93
N ARG A 27 -7.58 -1.42 -7.59
CA ARG A 27 -8.03 -0.06 -7.90
C ARG A 27 -7.16 0.94 -7.14
N PHE A 28 -6.87 0.59 -5.88
CA PHE A 28 -6.03 1.39 -5.00
C PHE A 28 -4.60 1.42 -5.56
N ARG A 29 -4.19 0.29 -6.12
CA ARG A 29 -2.90 0.13 -6.76
C ARG A 29 -2.75 1.11 -7.92
N GLU A 30 -3.72 1.12 -8.82
CA GLU A 30 -3.66 1.97 -10.01
C GLU A 30 -3.91 3.43 -9.63
N PHE A 31 -4.84 3.64 -8.71
CA PHE A 31 -5.20 4.97 -8.23
C PHE A 31 -3.96 5.69 -7.72
N LEU A 32 -3.31 5.08 -6.73
CA LEU A 32 -2.11 5.66 -6.13
C LEU A 32 -0.96 5.70 -7.13
N LYS A 33 -0.92 4.74 -8.05
CA LYS A 33 0.11 4.71 -9.07
C LYS A 33 0.11 5.98 -9.90
N LYS A 34 -1.08 6.39 -10.32
CA LYS A 34 -1.26 7.56 -11.17
C LYS A 34 -1.03 8.85 -10.39
N GLU A 35 -1.32 8.81 -9.10
CA GLU A 35 -1.28 10.01 -8.25
C GLU A 35 -0.10 10.00 -7.27
N PHE A 36 0.86 9.12 -7.53
CA PHE A 36 2.10 9.04 -6.75
C PHE A 36 1.85 8.73 -5.28
N SER A 37 1.49 7.48 -5.04
CA SER A 37 1.42 6.92 -3.69
C SER A 37 1.45 5.39 -3.76
N GLU A 38 1.91 4.87 -4.90
CA GLU A 38 1.95 3.41 -5.08
C GLU A 38 3.02 2.81 -4.18
N GLU A 39 3.93 3.66 -3.72
CA GLU A 39 4.91 3.29 -2.71
C GLU A 39 4.19 2.81 -1.46
N ASN A 40 3.13 3.55 -1.11
CA ASN A 40 2.29 3.24 0.05
C ASN A 40 1.62 1.88 -0.12
N VAL A 41 0.82 1.74 -1.18
CA VAL A 41 0.08 0.50 -1.40
C VAL A 41 1.02 -0.71 -1.52
N LEU A 42 2.08 -0.55 -2.31
CA LEU A 42 3.03 -1.64 -2.55
C LEU A 42 3.71 -2.06 -1.26
N PHE A 43 4.00 -1.10 -0.39
CA PHE A 43 4.70 -1.39 0.86
C PHE A 43 3.87 -2.32 1.74
N TRP A 44 2.60 -1.99 1.92
CA TRP A 44 1.72 -2.78 2.78
C TRP A 44 1.54 -4.19 2.21
N LEU A 45 1.21 -4.26 0.91
CA LEU A 45 1.03 -5.54 0.23
C LEU A 45 2.33 -6.35 0.23
N ALA A 46 3.45 -5.64 0.14
CA ALA A 46 4.77 -6.29 0.20
C ALA A 46 4.98 -6.88 1.58
N CYS A 47 4.54 -6.15 2.60
CA CYS A 47 4.64 -6.61 3.99
C CYS A 47 3.71 -7.80 4.22
N GLU A 48 2.59 -7.81 3.51
CA GLU A 48 1.63 -8.91 3.58
C GLU A 48 2.33 -10.20 3.12
N ASP A 49 2.84 -10.18 1.89
CA ASP A 49 3.57 -11.33 1.34
C ASP A 49 4.85 -11.60 2.13
N PHE A 50 5.43 -10.54 2.69
CA PHE A 50 6.62 -10.65 3.54
C PHE A 50 6.33 -11.56 4.73
N LYS A 51 5.16 -11.37 5.32
CA LYS A 51 4.70 -12.16 6.45
C LYS A 51 4.19 -13.52 5.97
N LYS A 52 3.60 -13.53 4.79
CA LYS A 52 2.94 -14.71 4.24
C LYS A 52 3.93 -15.78 3.81
N MET A 53 5.04 -15.36 3.22
CA MET A 53 6.03 -16.30 2.71
C MET A 53 7.44 -15.88 3.14
N GLN A 54 8.46 -16.39 2.44
CA GLN A 54 9.87 -16.02 2.67
C GLN A 54 10.42 -16.68 3.93
N ASP A 55 11.51 -17.42 3.77
CA ASP A 55 12.23 -18.00 4.91
C ASP A 55 13.15 -16.95 5.53
N LYS A 56 13.73 -17.25 6.69
CA LYS A 56 14.61 -16.32 7.41
C LYS A 56 15.57 -15.58 6.47
N THR A 57 16.37 -16.33 5.72
CA THR A 57 17.40 -15.75 4.85
C THR A 57 16.80 -14.80 3.81
N GLN A 58 15.81 -15.28 3.07
CA GLN A 58 15.15 -14.50 2.03
C GLN A 58 14.49 -13.26 2.62
N MET A 59 13.78 -13.48 3.71
CA MET A 59 13.09 -12.43 4.44
C MET A 59 14.04 -11.30 4.83
N GLN A 60 15.28 -11.67 5.14
CA GLN A 60 16.31 -10.69 5.46
C GLN A 60 16.57 -9.78 4.27
N GLU A 61 16.90 -10.39 3.15
CA GLU A 61 17.27 -9.64 1.95
C GLU A 61 16.07 -8.86 1.42
N LYS A 62 14.88 -9.41 1.63
CA LYS A 62 13.64 -8.73 1.23
C LYS A 62 13.35 -7.56 2.14
N ALA A 63 13.78 -7.66 3.40
CA ALA A 63 13.65 -6.55 4.34
C ALA A 63 14.44 -5.36 3.83
N LYS A 64 15.65 -5.66 3.40
CA LYS A 64 16.56 -4.68 2.84
C LYS A 64 16.02 -4.18 1.50
N GLU A 65 15.41 -5.08 0.75
CA GLU A 65 14.88 -4.79 -0.59
C GLU A 65 13.75 -3.76 -0.52
N ILE A 66 12.65 -4.12 0.14
CA ILE A 66 11.49 -3.23 0.21
C ILE A 66 11.86 -1.91 0.89
N TYR A 67 12.78 -1.98 1.85
CA TYR A 67 13.31 -0.78 2.49
C TYR A 67 14.05 0.08 1.48
N MET A 68 14.92 -0.55 0.70
CA MET A 68 15.74 0.14 -0.29
C MET A 68 14.90 0.69 -1.44
N THR A 69 13.75 0.07 -1.67
CA THR A 69 12.89 0.43 -2.80
C THR A 69 11.87 1.51 -2.39
N PHE A 70 11.15 1.29 -1.30
CA PHE A 70 10.00 2.13 -0.94
C PHE A 70 10.33 3.17 0.12
N LEU A 71 11.27 2.83 1.01
CA LEU A 71 11.61 3.73 2.12
C LEU A 71 12.97 4.39 1.90
N SER A 72 14.03 3.75 2.41
CA SER A 72 15.36 4.35 2.46
C SER A 72 15.30 5.78 2.99
N SER A 73 16.36 6.55 2.73
CA SER A 73 16.37 7.97 3.06
C SER A 73 16.46 8.81 1.78
N LYS A 74 16.15 8.15 0.65
CA LYS A 74 16.25 8.76 -0.66
C LYS A 74 15.71 7.79 -1.71
N ALA A 75 16.42 6.66 -1.90
CA ALA A 75 16.06 5.61 -2.85
C ALA A 75 15.70 6.18 -4.22
N SER A 76 14.47 6.64 -4.33
CA SER A 76 13.90 7.17 -5.55
C SER A 76 12.65 7.96 -5.20
N SER A 77 11.96 7.51 -4.15
CA SER A 77 10.74 8.13 -3.69
C SER A 77 10.31 7.48 -2.38
N GLN A 78 10.75 8.07 -1.28
CA GLN A 78 10.45 7.55 0.05
C GLN A 78 8.96 7.71 0.35
N VAL A 79 8.39 6.70 0.99
CA VAL A 79 7.00 6.71 1.37
C VAL A 79 6.81 7.55 2.63
N ASN A 80 5.65 8.18 2.75
CA ASN A 80 5.37 9.05 3.88
C ASN A 80 5.04 8.23 5.12
N VAL A 81 6.07 7.88 5.89
CA VAL A 81 5.88 7.21 7.16
C VAL A 81 6.05 8.21 8.29
N GLU A 82 5.34 7.96 9.38
CA GLU A 82 5.32 8.87 10.54
C GLU A 82 6.74 9.11 11.09
N GLY A 83 7.65 8.19 10.80
CA GLY A 83 9.04 8.36 11.19
C GLY A 83 9.29 8.01 12.64
N GLN A 84 8.29 7.40 13.28
CA GLN A 84 8.39 6.98 14.67
C GLN A 84 9.44 5.88 14.81
N SER A 85 9.52 5.04 13.78
CA SER A 85 10.52 3.99 13.72
C SER A 85 11.11 3.94 12.31
N ARG A 86 12.37 4.34 12.19
CA ARG A 86 13.09 4.28 10.93
C ARG A 86 14.09 3.13 10.96
N LEU A 87 14.49 2.66 9.78
CA LEU A 87 15.31 1.46 9.67
C LEU A 87 16.78 1.81 9.44
N ASN A 88 17.64 1.27 10.32
CA ASN A 88 19.08 1.40 10.19
C ASN A 88 19.78 0.58 11.26
N GLU A 89 19.41 0.87 12.49
CA GLU A 89 20.07 0.31 13.68
C GLU A 89 19.79 -1.19 13.82
N LYS A 90 20.70 -1.99 13.26
CA LYS A 90 20.66 -3.46 13.35
C LYS A 90 19.31 -4.06 13.00
N ILE A 91 18.47 -3.30 12.32
CA ILE A 91 17.12 -3.77 11.97
C ILE A 91 17.12 -4.35 10.54
N LEU A 92 18.03 -3.86 9.68
CA LEU A 92 18.27 -4.50 8.38
C LEU A 92 19.35 -5.57 8.54
N GLU A 93 20.12 -5.44 9.61
CA GLU A 93 21.24 -6.33 9.88
C GLU A 93 20.74 -7.67 10.42
N GLU A 94 19.71 -7.61 11.26
CA GLU A 94 19.07 -8.81 11.79
C GLU A 94 17.55 -8.67 11.68
N PRO A 95 17.00 -8.81 10.45
CA PRO A 95 15.56 -8.69 10.21
C PRO A 95 14.77 -9.89 10.75
N HIS A 96 13.67 -9.60 11.43
CA HIS A 96 12.76 -10.62 11.95
C HIS A 96 11.42 -10.53 11.21
N PRO A 97 10.56 -11.56 11.30
CA PRO A 97 9.28 -11.57 10.55
C PRO A 97 8.31 -10.46 10.98
N LEU A 98 8.38 -10.07 12.26
CA LEU A 98 7.40 -9.14 12.82
C LEU A 98 7.91 -7.70 12.90
N MET A 99 9.18 -7.47 12.59
CA MET A 99 9.75 -6.12 12.69
C MET A 99 9.05 -5.16 11.70
N PHE A 100 8.72 -5.67 10.52
CA PHE A 100 8.02 -4.86 9.52
C PHE A 100 6.54 -4.73 9.85
N GLN A 101 6.07 -5.47 10.86
CA GLN A 101 4.68 -5.34 11.31
C GLN A 101 4.49 -4.02 12.03
N LYS A 102 5.57 -3.51 12.64
CA LYS A 102 5.54 -2.18 13.26
C LYS A 102 5.51 -1.11 12.17
N LEU A 103 6.24 -1.35 11.09
CA LEU A 103 6.22 -0.45 9.93
C LEU A 103 4.86 -0.54 9.24
N GLN A 104 4.28 -1.73 9.24
CA GLN A 104 2.96 -1.97 8.70
C GLN A 104 1.92 -1.21 9.51
N ASP A 105 2.07 -1.28 10.84
CA ASP A 105 1.19 -0.55 11.76
C ASP A 105 1.34 0.97 11.54
N GLN A 106 2.59 1.41 11.44
CA GLN A 106 2.90 2.82 11.21
C GLN A 106 2.27 3.30 9.90
N ILE A 107 2.49 2.55 8.83
CA ILE A 107 1.99 2.95 7.52
C ILE A 107 0.47 2.83 7.47
N PHE A 108 -0.09 1.92 8.28
CA PHE A 108 -1.55 1.73 8.33
C PHE A 108 -2.24 2.99 8.83
N ASN A 109 -1.69 3.57 9.90
CA ASN A 109 -2.25 4.80 10.48
C ASN A 109 -2.17 5.94 9.48
N LEU A 110 -0.98 6.14 8.92
CA LEU A 110 -0.76 7.18 7.91
C LEU A 110 -1.61 6.90 6.67
N MET A 111 -1.73 5.63 6.34
CA MET A 111 -2.53 5.19 5.18
C MET A 111 -3.97 5.61 5.40
N LYS A 112 -4.46 5.42 6.61
CA LYS A 112 -5.79 5.86 7.00
C LYS A 112 -5.98 7.34 6.66
N TYR A 113 -5.00 8.16 7.05
CA TYR A 113 -5.05 9.60 6.79
C TYR A 113 -5.01 9.89 5.28
N ASP A 114 -3.92 9.50 4.64
CA ASP A 114 -3.68 9.83 3.24
C ASP A 114 -4.65 9.12 2.30
N SER A 115 -4.75 7.82 2.44
CA SER A 115 -5.55 7.01 1.53
C SER A 115 -7.04 7.32 1.64
N TYR A 116 -7.51 7.80 2.80
CA TYR A 116 -8.89 8.27 2.88
C TYR A 116 -9.06 9.59 2.14
N SER A 117 -8.14 10.53 2.38
CA SER A 117 -8.22 11.84 1.74
C SER A 117 -7.95 11.74 0.23
N ARG A 118 -7.49 10.56 -0.21
CA ARG A 118 -7.23 10.31 -1.62
C ARG A 118 -8.29 9.41 -2.24
N PHE A 119 -8.41 8.19 -1.74
CA PHE A 119 -9.28 7.19 -2.36
C PHE A 119 -10.77 7.56 -2.22
N LEU A 120 -11.07 8.53 -1.36
CA LEU A 120 -12.45 9.03 -1.22
C LEU A 120 -12.65 10.28 -2.06
N LYS A 121 -11.59 10.75 -2.70
CA LYS A 121 -11.60 11.98 -3.47
C LYS A 121 -11.05 11.75 -4.87
N SER A 122 -11.75 12.27 -5.88
CA SER A 122 -11.40 12.04 -7.28
C SER A 122 -11.38 10.54 -7.61
N ASP A 123 -12.08 9.76 -6.79
CA ASP A 123 -12.12 8.30 -6.94
C ASP A 123 -13.00 7.89 -8.13
N LEU A 124 -12.92 6.61 -8.47
CA LEU A 124 -13.64 6.03 -9.62
C LEU A 124 -15.14 5.83 -9.31
N PHE A 125 -15.73 6.78 -8.58
CA PHE A 125 -17.17 6.78 -8.33
C PHE A 125 -17.93 7.17 -9.59
N LEU A 126 -17.19 7.74 -10.55
CA LEU A 126 -17.78 8.24 -11.79
C LEU A 126 -17.60 7.21 -12.89
N LYS A 127 -18.60 7.09 -13.75
CA LYS A 127 -18.62 6.07 -14.78
C LYS A 127 -17.67 6.47 -15.91
N HIS A 128 -17.33 7.77 -15.94
CA HIS A 128 -16.41 8.29 -16.94
C HIS A 128 -14.99 8.40 -16.36
N LYS A 129 -14.89 8.43 -15.03
CA LYS A 129 -13.59 8.43 -14.37
C LYS A 129 -12.88 7.10 -14.64
N ARG A 130 -13.67 6.04 -14.66
CA ARG A 130 -13.20 4.73 -15.11
C ARG A 130 -14.09 4.31 -16.27
N THR A 131 -13.60 4.51 -17.49
CA THR A 131 -14.35 4.17 -18.69
C THR A 131 -14.85 2.73 -18.63
N GLU A 132 -16.12 2.57 -18.30
CA GLU A 132 -16.73 1.24 -18.26
C GLU A 132 -16.75 0.66 -19.66
N GLU A 133 -16.25 -0.56 -19.79
CA GLU A 133 -16.16 -1.22 -21.08
C GLU A 133 -17.55 -1.67 -21.55
N GLU A 134 -18.15 -0.82 -22.40
CA GLU A 134 -19.52 -1.00 -22.85
C GLU A 134 -19.62 -2.07 -23.93
N GLU A 135 -20.77 -2.10 -24.63
CA GLU A 135 -21.07 -3.12 -25.63
C GLU A 135 -19.90 -3.33 -26.60
N GLU A 136 -19.21 -4.44 -26.40
CA GLU A 136 -18.04 -4.80 -27.19
C GLU A 136 -18.39 -4.99 -28.66
N ASP A 137 -17.50 -4.54 -29.55
CA ASP A 137 -17.65 -4.75 -30.98
C ASP A 137 -16.68 -5.83 -31.45
N LEU A 138 -17.04 -6.53 -32.52
CA LEU A 138 -16.24 -7.63 -33.04
C LEU A 138 -15.64 -7.26 -34.40
N SER A 1 -20.00 -3.82 -13.84
CA SER A 1 -20.91 -4.05 -12.70
C SER A 1 -20.15 -4.58 -11.48
N MET A 2 -19.58 -5.79 -11.59
CA MET A 2 -18.92 -6.44 -10.46
C MET A 2 -17.58 -5.76 -10.11
N GLN A 3 -17.13 -4.87 -10.98
CA GLN A 3 -15.90 -4.11 -10.73
C GLN A 3 -16.23 -2.71 -10.24
N SER A 4 -17.51 -2.46 -9.96
CA SER A 4 -18.00 -1.16 -9.54
C SER A 4 -19.30 -1.33 -8.75
N LEU A 5 -20.05 -0.24 -8.58
CA LEU A 5 -21.38 -0.27 -7.95
C LEU A 5 -21.34 -0.95 -6.58
N LYS A 6 -21.57 -2.25 -6.58
CA LYS A 6 -21.57 -3.03 -5.36
C LYS A 6 -20.17 -3.01 -4.74
N SER A 7 -19.17 -3.12 -5.61
CA SER A 7 -17.79 -3.09 -5.18
C SER A 7 -17.40 -1.73 -4.62
N THR A 8 -18.04 -0.66 -5.10
CA THR A 8 -17.75 0.68 -4.60
C THR A 8 -18.31 0.82 -3.19
N ALA A 9 -19.47 0.20 -2.96
CA ALA A 9 -20.07 0.14 -1.63
C ALA A 9 -19.17 -0.63 -0.68
N LYS A 10 -18.49 -1.65 -1.23
CA LYS A 10 -17.51 -2.43 -0.48
C LYS A 10 -16.43 -1.52 0.11
N TRP A 11 -15.67 -0.92 -0.78
CA TRP A 11 -14.49 -0.14 -0.40
C TRP A 11 -14.89 1.08 0.42
N ALA A 12 -16.04 1.68 0.10
CA ALA A 12 -16.52 2.83 0.83
C ALA A 12 -17.31 2.41 2.09
N ALA A 13 -17.41 1.09 2.31
CA ALA A 13 -17.90 0.56 3.59
C ALA A 13 -16.77 0.53 4.61
N SER A 14 -15.59 0.10 4.17
CA SER A 14 -14.43 0.01 5.05
C SER A 14 -13.12 -0.10 4.26
N LEU A 15 -12.04 0.42 4.85
CA LEU A 15 -10.69 0.24 4.30
C LEU A 15 -10.36 -1.25 4.26
N GLU A 16 -10.97 -1.99 5.20
CA GLU A 16 -10.83 -3.43 5.28
C GLU A 16 -11.24 -4.08 3.96
N ASN A 17 -12.47 -3.79 3.53
CA ASN A 17 -12.99 -4.30 2.26
C ASN A 17 -12.07 -3.93 1.12
N LEU A 18 -11.57 -2.70 1.15
CA LEU A 18 -10.63 -2.22 0.14
C LEU A 18 -9.39 -3.12 0.09
N LEU A 19 -8.89 -3.52 1.24
CA LEU A 19 -7.70 -4.37 1.33
C LEU A 19 -8.07 -5.86 1.26
N GLU A 20 -9.37 -6.12 1.12
CA GLU A 20 -9.88 -7.50 1.05
C GLU A 20 -10.34 -7.86 -0.36
N ASP A 21 -10.85 -6.87 -1.09
CA ASP A 21 -11.42 -7.09 -2.42
C ASP A 21 -10.35 -6.95 -3.52
N PRO A 22 -10.31 -7.90 -4.47
CA PRO A 22 -9.33 -7.90 -5.57
C PRO A 22 -9.32 -6.59 -6.35
N GLU A 23 -10.47 -6.24 -6.94
CA GLU A 23 -10.59 -5.02 -7.75
C GLU A 23 -10.21 -3.81 -6.92
N GLY A 24 -10.58 -3.85 -5.65
CA GLY A 24 -10.21 -2.80 -4.73
C GLY A 24 -8.72 -2.58 -4.70
N VAL A 25 -7.99 -3.60 -4.27
CA VAL A 25 -6.53 -3.51 -4.14
C VAL A 25 -5.88 -3.22 -5.49
N LYS A 26 -6.43 -3.77 -6.57
CA LYS A 26 -5.89 -3.54 -7.91
C LYS A 26 -6.02 -2.06 -8.30
N ARG A 27 -7.26 -1.56 -8.32
CA ARG A 27 -7.52 -0.19 -8.74
C ARG A 27 -6.96 0.80 -7.72
N PHE A 28 -6.89 0.37 -6.47
CA PHE A 28 -6.31 1.18 -5.39
C PHE A 28 -4.82 1.38 -5.64
N ARG A 29 -4.13 0.30 -5.97
CA ARG A 29 -2.71 0.38 -6.29
C ARG A 29 -2.49 1.22 -7.53
N GLU A 30 -3.39 1.05 -8.50
CA GLU A 30 -3.34 1.77 -9.75
C GLU A 30 -3.60 3.27 -9.55
N PHE A 31 -4.56 3.59 -8.70
CA PHE A 31 -4.88 4.98 -8.40
C PHE A 31 -3.69 5.62 -7.69
N LEU A 32 -3.20 4.95 -6.64
CA LEU A 32 -2.03 5.39 -5.90
C LEU A 32 -0.80 5.39 -6.80
N LYS A 33 -0.81 4.53 -7.81
CA LYS A 33 0.27 4.45 -8.81
C LYS A 33 0.39 5.79 -9.53
N LYS A 34 -0.76 6.39 -9.83
CA LYS A 34 -0.81 7.69 -10.49
C LYS A 34 -0.64 8.82 -9.47
N GLU A 35 -0.88 8.51 -8.20
CA GLU A 35 -0.61 9.43 -7.09
C GLU A 35 0.87 9.40 -6.71
N PHE A 36 1.56 8.36 -7.19
CA PHE A 36 2.93 8.05 -6.76
C PHE A 36 2.93 7.65 -5.30
N SER A 37 2.25 6.53 -5.05
CA SER A 37 2.08 5.99 -3.71
C SER A 37 1.77 4.48 -3.76
N GLU A 38 2.02 3.84 -4.91
CA GLU A 38 1.82 2.39 -5.01
C GLU A 38 2.83 1.70 -4.09
N GLU A 39 3.92 2.42 -3.82
CA GLU A 39 4.92 2.00 -2.85
C GLU A 39 4.25 1.80 -1.49
N ASN A 40 3.36 2.72 -1.15
CA ASN A 40 2.59 2.68 0.09
C ASN A 40 1.77 1.39 0.16
N VAL A 41 0.86 1.20 -0.79
CA VAL A 41 -0.03 0.04 -0.78
C VAL A 41 0.77 -1.27 -0.86
N LEU A 42 1.85 -1.26 -1.65
CA LEU A 42 2.69 -2.44 -1.80
C LEU A 42 3.42 -2.77 -0.50
N PHE A 43 3.83 -1.73 0.23
CA PHE A 43 4.55 -1.92 1.48
C PHE A 43 3.70 -2.70 2.48
N TRP A 44 2.43 -2.31 2.58
CA TRP A 44 1.51 -2.96 3.51
C TRP A 44 1.31 -4.43 3.12
N LEU A 45 1.04 -4.66 1.83
CA LEU A 45 0.89 -6.02 1.32
C LEU A 45 2.15 -6.84 1.56
N ALA A 46 3.29 -6.21 1.29
CA ALA A 46 4.59 -6.86 1.40
C ALA A 46 4.95 -7.14 2.85
N CYS A 47 4.50 -6.26 3.75
CA CYS A 47 4.78 -6.42 5.18
C CYS A 47 3.88 -7.50 5.78
N GLU A 48 2.65 -7.60 5.26
CA GLU A 48 1.73 -8.66 5.64
C GLU A 48 2.35 -10.00 5.26
N ASP A 49 2.70 -10.10 3.98
CA ASP A 49 3.38 -11.28 3.42
C ASP A 49 4.70 -11.54 4.16
N PHE A 50 5.40 -10.47 4.48
CA PHE A 50 6.69 -10.53 5.17
C PHE A 50 6.58 -11.28 6.49
N LYS A 51 5.57 -10.94 7.26
CA LYS A 51 5.33 -11.53 8.56
C LYS A 51 4.72 -12.93 8.42
N LYS A 52 4.13 -13.20 7.26
CA LYS A 52 3.40 -14.42 7.01
C LYS A 52 4.31 -15.57 6.58
N MET A 53 5.33 -15.28 5.77
CA MET A 53 6.17 -16.35 5.24
C MET A 53 7.65 -15.92 5.17
N GLN A 54 8.43 -16.67 4.37
CA GLN A 54 9.82 -16.33 4.03
C GLN A 54 10.82 -16.85 5.08
N ASP A 55 11.81 -17.60 4.61
CA ASP A 55 12.93 -18.03 5.45
C ASP A 55 13.84 -16.84 5.74
N LYS A 56 14.84 -17.05 6.61
CA LYS A 56 15.74 -15.97 7.02
C LYS A 56 16.33 -15.24 5.81
N THR A 57 16.95 -15.99 4.91
CA THR A 57 17.58 -15.42 3.71
C THR A 57 16.62 -14.53 2.94
N GLN A 58 15.53 -15.14 2.47
CA GLN A 58 14.48 -14.42 1.73
C GLN A 58 14.00 -13.19 2.49
N MET A 59 13.75 -13.39 3.78
CA MET A 59 13.24 -12.34 4.65
C MET A 59 14.21 -11.17 4.76
N GLN A 60 15.49 -11.49 4.79
CA GLN A 60 16.54 -10.46 4.89
C GLN A 60 16.51 -9.54 3.68
N GLU A 61 16.54 -10.14 2.49
CA GLU A 61 16.45 -9.39 1.25
C GLU A 61 15.17 -8.55 1.25
N LYS A 62 14.06 -9.22 1.57
CA LYS A 62 12.74 -8.60 1.58
C LYS A 62 12.72 -7.38 2.51
N ALA A 63 13.46 -7.48 3.62
CA ALA A 63 13.54 -6.39 4.60
C ALA A 63 14.16 -5.15 3.98
N LYS A 64 15.26 -5.38 3.27
CA LYS A 64 16.05 -4.30 2.72
C LYS A 64 15.29 -3.67 1.59
N GLU A 65 14.73 -4.54 0.78
CA GLU A 65 13.96 -4.15 -0.40
C GLU A 65 12.78 -3.26 -0.01
N ILE A 66 11.83 -3.81 0.76
CA ILE A 66 10.58 -3.12 1.03
C ILE A 66 10.82 -1.78 1.74
N TYR A 67 11.75 -1.74 2.69
CA TYR A 67 12.01 -0.52 3.43
C TYR A 67 12.73 0.50 2.57
N MET A 68 13.74 0.04 1.82
CA MET A 68 14.60 0.94 1.04
C MET A 68 13.92 1.40 -0.25
N THR A 69 12.97 0.61 -0.73
CA THR A 69 12.29 0.91 -1.99
C THR A 69 11.03 1.75 -1.75
N PHE A 70 10.38 1.56 -0.60
CA PHE A 70 9.09 2.20 -0.34
C PHE A 70 9.18 3.31 0.69
N LEU A 71 10.02 3.14 1.72
CA LEU A 71 10.11 4.11 2.81
C LEU A 71 11.48 4.80 2.82
N SER A 72 12.39 4.28 3.65
CA SER A 72 13.62 4.98 3.98
C SER A 72 13.37 6.47 4.28
N SER A 73 14.43 7.27 4.20
CA SER A 73 14.33 8.71 4.28
C SER A 73 15.00 9.29 3.03
N LYS A 74 15.08 8.44 2.01
CA LYS A 74 15.83 8.71 0.78
C LYS A 74 15.10 8.02 -0.38
N ALA A 75 15.87 7.45 -1.32
CA ALA A 75 15.34 6.51 -2.32
C ALA A 75 14.61 7.21 -3.47
N SER A 76 14.12 8.42 -3.23
CA SER A 76 13.34 9.16 -4.22
C SER A 76 12.09 8.37 -4.63
N SER A 77 11.65 7.51 -3.73
CA SER A 77 10.43 6.70 -3.92
C SER A 77 9.76 6.51 -2.56
N GLN A 78 9.96 7.50 -1.70
CA GLN A 78 9.53 7.44 -0.32
C GLN A 78 8.07 7.82 -0.19
N VAL A 79 7.39 7.13 0.72
CA VAL A 79 6.02 7.46 1.09
C VAL A 79 6.03 8.47 2.23
N ASN A 80 4.94 9.22 2.39
CA ASN A 80 4.88 10.24 3.42
C ASN A 80 4.79 9.62 4.81
N VAL A 81 5.95 9.24 5.35
CA VAL A 81 6.05 8.73 6.70
C VAL A 81 7.20 9.44 7.44
N GLU A 82 6.83 10.23 8.44
CA GLU A 82 7.81 10.99 9.21
C GLU A 82 8.57 10.09 10.19
N GLY A 83 9.35 10.71 11.07
CA GLY A 83 10.20 9.96 11.99
C GLY A 83 9.45 9.37 13.17
N GLN A 84 8.27 8.80 12.90
CA GLN A 84 7.52 8.08 13.93
C GLN A 84 8.14 6.69 14.13
N SER A 85 8.68 6.16 13.04
CA SER A 85 9.38 4.88 13.06
C SER A 85 10.50 4.89 12.01
N ARG A 86 11.74 4.99 12.45
CA ARG A 86 12.89 5.01 11.55
C ARG A 86 13.79 3.81 11.82
N LEU A 87 14.23 3.15 10.75
CA LEU A 87 15.13 2.00 10.85
C LEU A 87 16.57 2.43 10.54
N ASN A 88 17.50 1.94 11.35
CA ASN A 88 18.92 2.20 11.15
C ASN A 88 19.47 1.21 10.12
N GLU A 89 20.45 1.64 9.32
CA GLU A 89 21.03 0.79 8.27
C GLU A 89 21.36 -0.61 8.80
N LYS A 90 21.81 -0.67 10.05
CA LYS A 90 22.29 -1.93 10.62
C LYS A 90 21.16 -2.88 10.99
N ILE A 91 19.94 -2.39 11.21
CA ILE A 91 18.83 -3.28 11.51
C ILE A 91 18.41 -4.01 10.24
N LEU A 92 18.73 -3.42 9.09
CA LEU A 92 18.53 -4.07 7.79
C LEU A 92 19.68 -5.05 7.52
N GLU A 93 20.76 -4.90 8.27
CA GLU A 93 21.91 -5.80 8.16
C GLU A 93 21.70 -7.04 9.04
N GLU A 94 20.67 -7.00 9.87
CA GLU A 94 20.28 -8.13 10.71
C GLU A 94 18.76 -8.21 10.83
N PRO A 95 18.04 -8.32 9.68
CA PRO A 95 16.57 -8.25 9.64
C PRO A 95 15.88 -9.23 10.58
N HIS A 96 14.82 -8.74 11.23
CA HIS A 96 14.05 -9.52 12.19
C HIS A 96 12.63 -9.74 11.65
N PRO A 97 12.01 -10.91 11.89
CA PRO A 97 10.72 -11.28 11.30
C PRO A 97 9.62 -10.23 11.56
N LEU A 98 9.63 -9.63 12.75
CA LEU A 98 8.58 -8.68 13.13
C LEU A 98 9.12 -7.25 13.19
N MET A 99 10.27 -7.00 12.56
CA MET A 99 10.89 -5.68 12.60
C MET A 99 10.02 -4.61 11.95
N PHE A 100 9.12 -5.04 11.05
CA PHE A 100 8.22 -4.11 10.37
C PHE A 100 6.86 -4.06 11.04
N GLN A 101 6.65 -4.88 12.07
CA GLN A 101 5.41 -4.84 12.84
C GLN A 101 5.41 -3.62 13.74
N LYS A 102 5.10 -2.49 13.11
CA LYS A 102 5.20 -1.16 13.68
C LYS A 102 5.08 -0.17 12.52
N LEU A 103 5.81 -0.49 11.45
CA LEU A 103 5.78 0.28 10.21
C LEU A 103 4.48 0.01 9.47
N GLN A 104 4.05 -1.26 9.48
CA GLN A 104 2.81 -1.66 8.85
C GLN A 104 1.63 -0.94 9.50
N ASP A 105 1.64 -0.87 10.83
CA ASP A 105 0.62 -0.14 11.57
C ASP A 105 0.65 1.34 11.21
N GLN A 106 1.85 1.92 11.22
CA GLN A 106 2.03 3.33 10.89
C GLN A 106 1.45 3.65 9.52
N ILE A 107 1.88 2.89 8.51
CA ILE A 107 1.46 3.12 7.14
C ILE A 107 -0.04 2.85 6.99
N PHE A 108 -0.57 1.97 7.83
CA PHE A 108 -2.00 1.65 7.81
C PHE A 108 -2.83 2.86 8.24
N ASN A 109 -2.44 3.45 9.37
CA ASN A 109 -3.13 4.64 9.89
C ASN A 109 -2.99 5.80 8.92
N LEU A 110 -1.80 5.93 8.33
CA LEU A 110 -1.53 6.97 7.34
C LEU A 110 -2.33 6.67 6.06
N MET A 111 -2.41 5.39 5.71
CA MET A 111 -3.08 4.95 4.50
C MET A 111 -4.55 5.32 4.56
N LYS A 112 -5.16 5.09 5.72
CA LYS A 112 -6.55 5.46 5.93
C LYS A 112 -6.71 6.96 5.69
N TYR A 113 -5.99 7.76 6.46
CA TYR A 113 -6.05 9.22 6.32
C TYR A 113 -5.81 9.62 4.86
N ASP A 114 -4.58 9.51 4.41
CA ASP A 114 -4.16 9.97 3.10
C ASP A 114 -4.85 9.20 1.98
N SER A 115 -4.49 7.93 1.84
CA SER A 115 -4.86 7.14 0.68
C SER A 115 -6.36 6.89 0.58
N TYR A 116 -7.04 6.66 1.72
CA TYR A 116 -8.47 6.37 1.69
C TYR A 116 -9.25 7.64 1.32
N SER A 117 -8.73 8.80 1.73
CA SER A 117 -9.33 10.07 1.31
C SER A 117 -9.11 10.32 -0.18
N ARG A 118 -7.94 9.91 -0.70
CA ARG A 118 -7.66 10.03 -2.14
C ARG A 118 -8.65 9.17 -2.92
N PHE A 119 -8.77 7.92 -2.49
CA PHE A 119 -9.60 6.92 -3.16
C PHE A 119 -11.04 7.43 -3.31
N LEU A 120 -11.62 7.90 -2.21
CA LEU A 120 -13.00 8.35 -2.22
C LEU A 120 -13.14 9.74 -2.84
N LYS A 121 -12.03 10.43 -3.05
CA LYS A 121 -12.06 11.77 -3.65
C LYS A 121 -12.49 11.67 -5.10
N SER A 122 -11.77 10.88 -5.89
CA SER A 122 -12.11 10.69 -7.29
C SER A 122 -11.34 9.51 -7.87
N ASP A 123 -11.69 8.31 -7.42
CA ASP A 123 -11.08 7.08 -7.94
C ASP A 123 -11.55 6.81 -9.37
N LEU A 124 -11.07 5.73 -9.96
CA LEU A 124 -11.41 5.37 -11.33
C LEU A 124 -12.75 4.63 -11.40
N PHE A 125 -13.33 4.29 -10.24
CA PHE A 125 -14.61 3.56 -10.21
C PHE A 125 -15.80 4.52 -10.42
N LEU A 126 -15.50 5.80 -10.65
CA LEU A 126 -16.52 6.81 -10.82
C LEU A 126 -16.93 6.86 -12.28
N LYS A 127 -18.00 7.59 -12.57
CA LYS A 127 -18.43 7.76 -13.94
C LYS A 127 -17.66 8.92 -14.54
N HIS A 128 -17.64 10.03 -13.81
CA HIS A 128 -16.71 11.12 -14.09
C HIS A 128 -15.43 10.84 -13.33
N LYS A 129 -14.54 10.10 -13.95
CA LYS A 129 -13.32 9.65 -13.30
C LYS A 129 -12.10 10.32 -13.91
N ARG A 130 -10.94 9.98 -13.38
CA ARG A 130 -9.68 10.50 -13.91
C ARG A 130 -9.16 9.52 -14.96
N THR A 131 -8.40 10.03 -15.93
CA THR A 131 -7.88 9.20 -17.01
C THR A 131 -7.11 7.99 -16.44
N GLU A 132 -7.71 6.80 -16.58
CA GLU A 132 -7.10 5.57 -16.10
C GLU A 132 -5.81 5.30 -16.86
N GLU A 133 -5.79 5.72 -18.12
CA GLU A 133 -4.60 5.62 -18.96
C GLU A 133 -3.72 6.85 -18.73
N GLU A 134 -2.62 6.94 -19.45
CA GLU A 134 -1.78 8.13 -19.40
C GLU A 134 -2.44 9.25 -20.19
N GLU A 135 -2.41 10.46 -19.65
CA GLU A 135 -2.97 11.62 -20.34
C GLU A 135 -2.25 11.84 -21.66
N GLU A 136 -2.89 11.45 -22.74
CA GLU A 136 -2.28 11.46 -24.07
C GLU A 136 -2.53 12.79 -24.78
N ASP A 137 -1.52 13.27 -25.49
CA ASP A 137 -1.62 14.53 -26.23
C ASP A 137 -1.09 14.35 -27.65
N LEU A 138 -0.04 13.55 -27.78
CA LEU A 138 0.58 13.28 -29.07
C LEU A 138 -0.25 12.24 -29.83
N SER A 1 -25.17 -4.53 -11.98
CA SER A 1 -23.69 -4.53 -11.90
C SER A 1 -23.25 -4.04 -10.53
N MET A 2 -22.36 -4.79 -9.89
CA MET A 2 -21.88 -4.45 -8.55
C MET A 2 -20.68 -3.50 -8.63
N GLN A 3 -19.83 -3.71 -9.63
CA GLN A 3 -18.64 -2.89 -9.82
C GLN A 3 -19.01 -1.40 -9.92
N SER A 4 -18.30 -0.58 -9.14
CA SER A 4 -18.52 0.87 -9.10
C SER A 4 -19.87 1.22 -8.47
N LEU A 5 -20.55 0.23 -7.91
CA LEU A 5 -21.82 0.43 -7.21
C LEU A 5 -21.77 -0.25 -5.85
N LYS A 6 -22.20 -1.49 -5.80
CA LYS A 6 -22.19 -2.27 -4.57
C LYS A 6 -20.75 -2.41 -4.09
N SER A 7 -19.83 -2.47 -5.05
CA SER A 7 -18.41 -2.56 -4.76
C SER A 7 -17.94 -1.35 -3.94
N THR A 8 -18.47 -0.17 -4.25
CA THR A 8 -18.07 1.05 -3.54
C THR A 8 -18.52 0.96 -2.09
N ALA A 9 -19.74 0.43 -1.90
CA ALA A 9 -20.28 0.20 -0.56
C ALA A 9 -19.35 -0.71 0.24
N LYS A 10 -18.81 -1.73 -0.43
CA LYS A 10 -17.87 -2.67 0.19
C LYS A 10 -16.69 -1.95 0.84
N TRP A 11 -15.95 -1.24 0.01
CA TRP A 11 -14.71 -0.62 0.43
C TRP A 11 -14.98 0.54 1.37
N ALA A 12 -16.05 1.29 1.10
CA ALA A 12 -16.43 2.40 1.96
C ALA A 12 -17.19 1.90 3.20
N ALA A 13 -17.33 0.57 3.31
CA ALA A 13 -17.78 -0.05 4.56
C ALA A 13 -16.58 -0.23 5.49
N SER A 14 -15.48 -0.74 4.93
CA SER A 14 -14.27 -0.97 5.69
C SER A 14 -13.07 -1.07 4.75
N LEU A 15 -11.98 -0.42 5.12
CA LEU A 15 -10.73 -0.49 4.38
C LEU A 15 -10.24 -1.94 4.34
N GLU A 16 -10.60 -2.70 5.36
CA GLU A 16 -10.21 -4.11 5.44
C GLU A 16 -10.83 -4.87 4.27
N ASN A 17 -12.10 -4.58 4.00
CA ASN A 17 -12.81 -5.16 2.87
C ASN A 17 -12.05 -4.87 1.59
N LEU A 18 -11.67 -3.61 1.44
CA LEU A 18 -10.89 -3.13 0.31
C LEU A 18 -9.59 -3.94 0.18
N LEU A 19 -8.88 -4.05 1.30
CA LEU A 19 -7.57 -4.71 1.32
C LEU A 19 -7.69 -6.22 1.10
N GLU A 20 -8.91 -6.75 1.19
CA GLU A 20 -9.13 -8.18 0.94
C GLU A 20 -9.78 -8.41 -0.42
N ASP A 21 -10.43 -7.38 -0.95
CA ASP A 21 -11.17 -7.50 -2.21
C ASP A 21 -10.27 -7.19 -3.39
N PRO A 22 -10.26 -8.06 -4.43
CA PRO A 22 -9.43 -7.87 -5.62
C PRO A 22 -9.65 -6.50 -6.28
N GLU A 23 -10.91 -6.18 -6.59
CA GLU A 23 -11.24 -4.90 -7.22
C GLU A 23 -10.78 -3.77 -6.32
N GLY A 24 -10.98 -3.94 -5.02
CA GLY A 24 -10.56 -2.94 -4.06
C GLY A 24 -9.08 -2.67 -4.14
N VAL A 25 -8.27 -3.69 -3.86
CA VAL A 25 -6.82 -3.54 -3.85
C VAL A 25 -6.28 -3.01 -5.18
N LYS A 26 -6.85 -3.48 -6.30
CA LYS A 26 -6.29 -3.17 -7.61
C LYS A 26 -6.74 -1.79 -8.12
N ARG A 27 -7.96 -1.38 -7.75
CA ARG A 27 -8.41 -0.03 -8.08
C ARG A 27 -7.78 0.97 -7.12
N PHE A 28 -7.52 0.51 -5.91
CA PHE A 28 -6.78 1.28 -4.91
C PHE A 28 -5.35 1.48 -5.40
N ARG A 29 -4.85 0.47 -6.11
CA ARG A 29 -3.53 0.52 -6.71
C ARG A 29 -3.47 1.57 -7.82
N GLU A 30 -4.40 1.50 -8.77
CA GLU A 30 -4.42 2.44 -9.90
C GLU A 30 -4.65 3.85 -9.40
N PHE A 31 -5.51 3.98 -8.38
CA PHE A 31 -5.75 5.27 -7.74
C PHE A 31 -4.45 5.83 -7.21
N LEU A 32 -3.85 5.13 -6.26
CA LEU A 32 -2.62 5.58 -5.63
C LEU A 32 -1.48 5.68 -6.65
N LYS A 33 -1.57 4.92 -7.74
CA LYS A 33 -0.53 4.95 -8.77
C LYS A 33 -0.43 6.34 -9.38
N LYS A 34 -1.56 6.92 -9.74
CA LYS A 34 -1.60 8.25 -10.35
C LYS A 34 -1.65 9.34 -9.27
N GLU A 35 -2.15 8.95 -8.11
CA GLU A 35 -2.23 9.83 -6.94
C GLU A 35 -0.88 9.85 -6.20
N PHE A 36 0.11 9.18 -6.80
CA PHE A 36 1.48 9.08 -6.27
C PHE A 36 1.49 8.56 -4.83
N SER A 37 1.26 7.26 -4.73
CA SER A 37 1.29 6.52 -3.48
C SER A 37 1.23 5.01 -3.78
N GLU A 38 1.68 4.63 -4.97
CA GLU A 38 1.67 3.23 -5.38
C GLU A 38 2.67 2.46 -4.54
N GLU A 39 3.69 3.18 -4.09
CA GLU A 39 4.69 2.64 -3.17
C GLU A 39 3.98 2.16 -1.90
N ASN A 40 2.99 2.95 -1.48
CA ASN A 40 2.22 2.71 -0.27
C ASN A 40 1.43 1.40 -0.37
N VAL A 41 0.55 1.32 -1.37
CA VAL A 41 -0.29 0.14 -1.55
C VAL A 41 0.54 -1.12 -1.76
N LEU A 42 1.61 -1.00 -2.55
CA LEU A 42 2.50 -2.13 -2.82
C LEU A 42 3.27 -2.53 -1.57
N PHE A 43 3.61 -1.55 -0.74
CA PHE A 43 4.31 -1.82 0.51
C PHE A 43 3.49 -2.73 1.41
N TRP A 44 2.22 -2.38 1.59
CA TRP A 44 1.33 -3.14 2.46
C TRP A 44 1.18 -4.58 1.96
N LEU A 45 0.90 -4.73 0.66
CA LEU A 45 0.78 -6.05 0.05
C LEU A 45 2.07 -6.84 0.23
N ALA A 46 3.18 -6.18 -0.07
CA ALA A 46 4.50 -6.81 0.02
C ALA A 46 4.82 -7.17 1.47
N CYS A 47 4.28 -6.39 2.41
CA CYS A 47 4.50 -6.63 3.83
C CYS A 47 3.68 -7.83 4.32
N GLU A 48 2.48 -8.00 3.75
CA GLU A 48 1.69 -9.20 4.01
C GLU A 48 2.47 -10.44 3.59
N ASP A 49 2.88 -10.45 2.32
CA ASP A 49 3.68 -11.55 1.77
C ASP A 49 4.98 -11.72 2.56
N PHE A 50 5.52 -10.58 3.00
CA PHE A 50 6.72 -10.54 3.84
C PHE A 50 6.53 -11.40 5.09
N LYS A 51 5.32 -11.39 5.63
CA LYS A 51 5.00 -12.11 6.86
C LYS A 51 4.57 -13.56 6.56
N LYS A 52 3.94 -13.75 5.40
CA LYS A 52 3.38 -15.06 5.04
C LYS A 52 4.45 -16.13 4.86
N MET A 53 5.33 -15.92 3.90
CA MET A 53 6.27 -16.98 3.49
C MET A 53 7.68 -16.73 4.04
N GLN A 54 7.77 -15.95 5.11
CA GLN A 54 9.06 -15.49 5.60
C GLN A 54 9.93 -16.59 6.19
N ASP A 55 10.86 -17.08 5.39
CA ASP A 55 12.06 -17.75 5.90
C ASP A 55 13.15 -16.70 5.92
N LYS A 56 14.09 -16.79 6.86
CA LYS A 56 15.10 -15.74 7.02
C LYS A 56 15.73 -15.31 5.69
N THR A 57 16.07 -16.27 4.84
CA THR A 57 16.68 -15.94 3.55
C THR A 57 15.77 -15.00 2.75
N GLN A 58 14.50 -15.38 2.67
CA GLN A 58 13.48 -14.60 1.96
C GLN A 58 13.25 -13.25 2.64
N MET A 59 12.97 -13.31 3.93
CA MET A 59 12.62 -12.14 4.73
C MET A 59 13.75 -11.11 4.76
N GLN A 60 14.97 -11.59 4.81
CA GLN A 60 16.14 -10.70 4.80
C GLN A 60 16.23 -9.98 3.45
N GLU A 61 16.10 -10.75 2.37
CA GLU A 61 16.09 -10.20 1.02
C GLU A 61 14.90 -9.26 0.83
N LYS A 62 13.81 -9.56 1.51
CA LYS A 62 12.60 -8.74 1.43
C LYS A 62 12.74 -7.46 2.24
N ALA A 63 13.51 -7.54 3.34
CA ALA A 63 13.72 -6.38 4.20
C ALA A 63 14.46 -5.29 3.43
N LYS A 64 15.61 -5.67 2.87
CA LYS A 64 16.40 -4.77 2.04
C LYS A 64 15.61 -4.32 0.81
N GLU A 65 14.76 -5.21 0.30
CA GLU A 65 13.93 -4.91 -0.88
C GLU A 65 12.97 -3.75 -0.57
N ILE A 66 11.92 -4.04 0.20
CA ILE A 66 10.84 -3.10 0.41
C ILE A 66 11.32 -1.80 1.06
N TYR A 67 12.35 -1.90 1.91
CA TYR A 67 12.92 -0.72 2.53
C TYR A 67 13.54 0.19 1.47
N MET A 68 14.49 -0.36 0.71
CA MET A 68 15.26 0.42 -0.26
C MET A 68 14.42 0.80 -1.48
N THR A 69 13.31 0.09 -1.69
CA THR A 69 12.44 0.35 -2.82
C THR A 69 11.32 1.33 -2.48
N PHE A 70 10.60 1.06 -1.39
CA PHE A 70 9.41 1.83 -1.04
C PHE A 70 9.71 2.93 -0.01
N LEU A 71 10.45 2.57 1.03
CA LEU A 71 10.75 3.54 2.10
C LEU A 71 11.93 4.42 1.70
N SER A 72 13.14 3.90 1.92
CA SER A 72 14.40 4.55 1.54
C SER A 72 14.55 6.00 2.04
N SER A 73 13.74 6.90 1.46
CA SER A 73 13.85 8.36 1.61
C SER A 73 14.65 8.91 0.44
N LYS A 74 14.85 8.05 -0.57
CA LYS A 74 15.66 8.37 -1.75
C LYS A 74 15.14 7.54 -2.92
N ALA A 75 15.71 6.34 -3.09
CA ALA A 75 15.27 5.36 -4.09
C ALA A 75 14.88 5.99 -5.43
N SER A 76 13.62 6.39 -5.51
CA SER A 76 13.01 6.92 -6.73
C SER A 76 11.66 7.52 -6.38
N SER A 77 10.98 6.86 -5.44
CA SER A 77 9.66 7.29 -5.00
C SER A 77 9.43 6.75 -3.58
N GLN A 78 9.60 7.60 -2.58
CA GLN A 78 9.44 7.18 -1.20
C GLN A 78 7.97 7.30 -0.79
N VAL A 79 7.48 6.27 -0.10
CA VAL A 79 6.11 6.29 0.42
C VAL A 79 5.97 7.38 1.48
N ASN A 80 4.80 7.99 1.53
CA ASN A 80 4.53 9.06 2.49
C ASN A 80 4.49 8.51 3.91
N VAL A 81 5.67 8.30 4.48
CA VAL A 81 5.81 7.82 5.85
C VAL A 81 6.60 8.84 6.68
N GLU A 82 6.13 9.07 7.89
CA GLU A 82 6.75 10.01 8.80
C GLU A 82 8.15 9.53 9.19
N GLY A 83 8.99 10.46 9.62
CA GLY A 83 10.34 10.13 10.04
C GLY A 83 10.37 9.08 11.13
N GLN A 84 9.40 9.15 12.04
CA GLN A 84 9.31 8.20 13.15
C GLN A 84 8.93 6.80 12.66
N SER A 85 8.48 6.71 11.41
CA SER A 85 8.04 5.45 10.82
C SER A 85 9.12 4.88 9.89
N ARG A 86 10.22 5.62 9.71
CA ARG A 86 11.29 5.19 8.83
C ARG A 86 12.34 4.41 9.64
N LEU A 87 12.71 3.24 9.14
CA LEU A 87 13.64 2.35 9.85
C LEU A 87 15.05 2.92 9.84
N ASN A 88 15.32 3.77 10.80
CA ASN A 88 16.65 4.32 11.03
C ASN A 88 17.40 3.47 12.06
N GLU A 89 16.71 2.45 12.56
CA GLU A 89 17.23 1.56 13.56
C GLU A 89 18.13 0.52 12.90
N LYS A 90 18.96 -0.07 13.72
CA LYS A 90 19.89 -1.11 13.30
C LYS A 90 19.18 -2.45 13.08
N ILE A 91 17.85 -2.40 12.99
CA ILE A 91 17.04 -3.60 12.78
C ILE A 91 17.39 -4.29 11.46
N LEU A 92 17.95 -3.52 10.51
CA LEU A 92 18.41 -4.09 9.24
C LEU A 92 19.72 -4.86 9.45
N GLU A 93 20.46 -4.50 10.49
CA GLU A 93 21.74 -5.15 10.79
C GLU A 93 21.49 -6.54 11.35
N GLU A 94 20.53 -6.64 12.27
CA GLU A 94 20.15 -7.92 12.86
C GLU A 94 18.66 -8.15 12.63
N PRO A 95 18.30 -8.74 11.47
CA PRO A 95 16.91 -8.95 11.07
C PRO A 95 16.15 -9.85 12.03
N HIS A 96 14.91 -9.48 12.32
CA HIS A 96 14.03 -10.26 13.17
C HIS A 96 12.76 -10.57 12.40
N PRO A 97 12.17 -11.78 12.56
CA PRO A 97 11.06 -12.27 11.73
C PRO A 97 9.99 -11.20 11.45
N LEU A 98 9.73 -10.35 12.43
CA LEU A 98 8.72 -9.30 12.29
C LEU A 98 9.20 -8.19 11.35
N MET A 99 10.44 -7.73 11.56
CA MET A 99 11.06 -6.63 10.79
C MET A 99 10.12 -5.43 10.64
N PHE A 100 9.23 -5.51 9.65
CA PHE A 100 8.39 -4.38 9.27
C PHE A 100 7.03 -4.43 9.95
N GLN A 101 6.89 -5.31 10.94
CA GLN A 101 5.74 -5.25 11.82
C GLN A 101 5.88 -4.02 12.68
N LYS A 102 4.75 -3.51 13.16
CA LYS A 102 4.65 -2.17 13.75
C LYS A 102 4.61 -1.13 12.63
N LEU A 103 5.54 -1.27 11.67
CA LEU A 103 5.57 -0.40 10.50
C LEU A 103 4.34 -0.62 9.64
N GLN A 104 3.96 -1.89 9.46
CA GLN A 104 2.76 -2.24 8.73
C GLN A 104 1.53 -1.70 9.47
N ASP A 105 1.57 -1.79 10.80
CA ASP A 105 0.51 -1.23 11.64
C ASP A 105 0.43 0.27 11.45
N GLN A 106 1.60 0.90 11.37
CA GLN A 106 1.69 2.34 11.14
C GLN A 106 1.06 2.66 9.78
N ILE A 107 1.53 2.00 8.73
CA ILE A 107 1.03 2.25 7.39
C ILE A 107 -0.44 1.87 7.30
N PHE A 108 -0.91 0.97 8.17
CA PHE A 108 -2.32 0.62 8.18
C PHE A 108 -3.17 1.84 8.53
N ASN A 109 -2.73 2.57 9.56
CA ASN A 109 -3.43 3.77 10.01
C ASN A 109 -3.12 4.96 9.11
N LEU A 110 -1.88 5.04 8.64
CA LEU A 110 -1.45 6.12 7.76
C LEU A 110 -2.13 5.99 6.41
N MET A 111 -2.04 4.80 5.82
CA MET A 111 -2.66 4.49 4.53
C MET A 111 -4.17 4.73 4.60
N LYS A 112 -4.77 4.40 5.74
CA LYS A 112 -6.19 4.64 5.95
C LYS A 112 -6.47 6.15 5.93
N TYR A 113 -5.81 6.87 6.83
CA TYR A 113 -5.95 8.33 6.88
C TYR A 113 -5.67 8.96 5.52
N ASP A 114 -4.42 8.87 5.09
CA ASP A 114 -3.97 9.48 3.84
C ASP A 114 -4.71 8.92 2.63
N SER A 115 -4.45 7.65 2.31
CA SER A 115 -4.91 7.07 1.06
C SER A 115 -6.41 6.81 1.04
N TYR A 116 -6.96 6.26 2.12
CA TYR A 116 -8.38 5.88 2.15
C TYR A 116 -9.27 7.13 2.19
N SER A 117 -8.79 8.21 2.83
CA SER A 117 -9.53 9.47 2.81
C SER A 117 -9.52 10.06 1.40
N ARG A 118 -8.35 10.02 0.75
CA ARG A 118 -8.23 10.50 -0.63
C ARG A 118 -9.04 9.60 -1.57
N PHE A 119 -9.15 8.34 -1.21
CA PHE A 119 -9.97 7.36 -1.93
C PHE A 119 -11.43 7.83 -1.93
N LEU A 120 -11.91 8.21 -0.74
CA LEU A 120 -13.27 8.73 -0.59
C LEU A 120 -13.38 10.15 -1.14
N LYS A 121 -12.24 10.82 -1.24
CA LYS A 121 -12.15 12.18 -1.78
C LYS A 121 -12.52 12.20 -3.26
N SER A 122 -11.96 11.27 -4.03
CA SER A 122 -12.33 11.13 -5.44
C SER A 122 -11.63 9.93 -6.07
N ASP A 123 -12.23 8.76 -5.92
CA ASP A 123 -11.70 7.54 -6.52
C ASP A 123 -12.04 7.50 -8.02
N LEU A 124 -11.70 6.39 -8.68
CA LEU A 124 -11.97 6.21 -10.10
C LEU A 124 -13.41 5.79 -10.35
N PHE A 125 -14.02 5.09 -9.38
CA PHE A 125 -15.36 4.51 -9.56
C PHE A 125 -16.46 5.56 -9.75
N LEU A 126 -16.09 6.83 -9.82
CA LEU A 126 -17.04 7.91 -10.01
C LEU A 126 -17.58 7.92 -11.43
N LYS A 127 -16.67 7.85 -12.40
CA LYS A 127 -17.03 7.97 -13.81
C LYS A 127 -16.12 7.08 -14.65
N HIS A 128 -16.00 7.39 -15.94
CA HIS A 128 -15.04 6.73 -16.81
C HIS A 128 -13.60 7.03 -16.35
N LYS A 129 -13.51 7.89 -15.34
CA LYS A 129 -12.25 8.19 -14.66
C LYS A 129 -11.45 6.91 -14.35
N ARG A 130 -12.17 5.79 -14.19
CA ARG A 130 -11.54 4.50 -13.93
C ARG A 130 -10.47 4.17 -14.96
N THR A 131 -9.26 3.92 -14.46
CA THR A 131 -8.09 3.75 -15.31
C THR A 131 -8.09 2.35 -15.95
N GLU A 132 -8.75 2.24 -17.09
CA GLU A 132 -8.76 1.00 -17.85
C GLU A 132 -7.33 0.64 -18.26
N GLU A 133 -6.80 -0.40 -17.66
CA GLU A 133 -5.43 -0.82 -17.87
C GLU A 133 -5.24 -1.33 -19.30
N GLU A 134 -4.66 -0.49 -20.14
CA GLU A 134 -4.40 -0.86 -21.54
C GLU A 134 -3.01 -1.50 -21.67
N GLU A 135 -2.33 -1.67 -20.54
CA GLU A 135 -1.08 -2.43 -20.50
C GLU A 135 -1.37 -3.89 -20.83
N GLU A 136 -2.22 -4.50 -20.01
CA GLU A 136 -2.74 -5.83 -20.28
C GLU A 136 -4.03 -5.70 -21.09
N ASP A 137 -3.89 -5.15 -22.30
CA ASP A 137 -5.03 -4.80 -23.15
C ASP A 137 -5.58 -6.04 -23.86
N LEU A 138 -4.69 -6.90 -24.34
CA LEU A 138 -5.07 -8.11 -25.05
C LEU A 138 -5.24 -9.27 -24.07
N SER A 1 -14.99 -9.24 -10.47
CA SER A 1 -16.27 -8.83 -9.89
C SER A 1 -16.59 -7.38 -10.28
N MET A 2 -17.81 -6.94 -9.98
CA MET A 2 -18.20 -5.56 -10.21
C MET A 2 -17.42 -4.63 -9.28
N GLN A 3 -16.80 -3.61 -9.85
CA GLN A 3 -15.90 -2.75 -9.11
C GLN A 3 -16.50 -1.36 -8.87
N SER A 4 -17.83 -1.28 -8.88
CA SER A 4 -18.53 -0.02 -8.63
C SER A 4 -19.88 -0.26 -7.96
N LEU A 5 -20.41 0.78 -7.31
CA LEU A 5 -21.72 0.76 -6.68
C LEU A 5 -21.72 -0.14 -5.45
N LYS A 6 -21.87 -1.42 -5.70
CA LYS A 6 -21.96 -2.43 -4.64
C LYS A 6 -20.67 -2.46 -3.83
N SER A 7 -19.58 -2.74 -4.52
CA SER A 7 -18.30 -2.93 -3.88
C SER A 7 -17.71 -1.60 -3.37
N THR A 8 -18.02 -0.50 -4.05
CA THR A 8 -17.54 0.81 -3.61
C THR A 8 -18.20 1.19 -2.29
N ALA A 9 -19.43 0.71 -2.08
CA ALA A 9 -20.11 0.87 -0.80
C ALA A 9 -19.39 0.07 0.27
N LYS A 10 -18.90 -1.11 -0.12
CA LYS A 10 -18.07 -1.94 0.76
C LYS A 10 -16.85 -1.15 1.23
N TRP A 11 -16.08 -0.66 0.27
CA TRP A 11 -14.81 0.00 0.56
C TRP A 11 -15.03 1.35 1.23
N ALA A 12 -16.18 1.97 0.99
CA ALA A 12 -16.54 3.19 1.68
C ALA A 12 -17.26 2.89 3.00
N ALA A 13 -17.47 1.59 3.27
CA ALA A 13 -17.95 1.16 4.59
C ALA A 13 -16.78 1.13 5.56
N SER A 14 -15.67 0.52 5.15
CA SER A 14 -14.52 0.37 6.02
C SER A 14 -13.21 0.12 5.25
N LEU A 15 -12.09 0.54 5.85
CA LEU A 15 -10.76 0.22 5.32
C LEU A 15 -10.56 -1.30 5.36
N GLU A 16 -11.28 -1.94 6.29
CA GLU A 16 -11.33 -3.39 6.38
C GLU A 16 -11.69 -3.99 5.02
N ASN A 17 -12.85 -3.59 4.51
CA ASN A 17 -13.33 -4.04 3.21
C ASN A 17 -12.30 -3.75 2.11
N LEU A 18 -11.73 -2.56 2.16
CA LEU A 18 -10.70 -2.16 1.18
C LEU A 18 -9.56 -3.19 1.15
N LEU A 19 -9.09 -3.55 2.34
CA LEU A 19 -7.97 -4.49 2.47
C LEU A 19 -8.48 -5.93 2.56
N GLU A 20 -9.79 -6.13 2.39
CA GLU A 20 -10.38 -7.47 2.43
C GLU A 20 -10.78 -7.93 1.03
N ASP A 21 -11.66 -7.17 0.39
CA ASP A 21 -12.10 -7.49 -0.97
C ASP A 21 -10.94 -7.34 -1.95
N PRO A 22 -10.59 -8.41 -2.70
CA PRO A 22 -9.45 -8.39 -3.64
C PRO A 22 -9.56 -7.24 -4.64
N GLU A 23 -10.78 -7.05 -5.15
CA GLU A 23 -11.05 -5.99 -6.13
C GLU A 23 -10.68 -4.62 -5.55
N GLY A 24 -10.87 -4.49 -4.24
CA GLY A 24 -10.54 -3.26 -3.56
C GLY A 24 -9.06 -2.99 -3.60
N VAL A 25 -8.29 -4.00 -3.24
CA VAL A 25 -6.83 -3.90 -3.26
C VAL A 25 -6.33 -3.59 -4.67
N LYS A 26 -7.00 -4.12 -5.69
CA LYS A 26 -6.60 -3.92 -7.08
C LYS A 26 -6.89 -2.48 -7.53
N ARG A 27 -8.11 -2.02 -7.27
CA ARG A 27 -8.49 -0.65 -7.59
C ARG A 27 -7.62 0.34 -6.81
N PHE A 28 -7.42 0.02 -5.54
CA PHE A 28 -6.64 0.84 -4.62
C PHE A 28 -5.22 1.01 -5.16
N ARG A 29 -4.69 -0.08 -5.71
CA ARG A 29 -3.36 -0.07 -6.28
C ARG A 29 -3.33 0.77 -7.55
N GLU A 30 -4.26 0.52 -8.49
CA GLU A 30 -4.24 1.25 -9.77
C GLU A 30 -4.48 2.73 -9.53
N PHE A 31 -5.30 3.03 -8.53
CA PHE A 31 -5.52 4.40 -8.10
C PHE A 31 -4.20 4.99 -7.62
N LEU A 32 -3.57 4.32 -6.67
CA LEU A 32 -2.32 4.78 -6.10
C LEU A 32 -1.14 4.53 -7.05
N LYS A 33 -1.42 4.04 -8.25
CA LYS A 33 -0.44 3.99 -9.32
C LYS A 33 -0.56 5.23 -10.19
N LYS A 34 -1.76 5.45 -10.70
CA LYS A 34 -2.05 6.62 -11.55
C LYS A 34 -1.88 7.92 -10.76
N GLU A 35 -2.24 7.86 -9.48
CA GLU A 35 -2.15 9.01 -8.58
C GLU A 35 -0.72 9.12 -8.01
N PHE A 36 0.09 8.11 -8.29
CA PHE A 36 1.48 8.04 -7.84
C PHE A 36 1.59 8.02 -6.31
N SER A 37 1.44 6.82 -5.77
CA SER A 37 1.63 6.54 -4.35
C SER A 37 1.93 5.03 -4.18
N GLU A 38 2.57 4.46 -5.20
CA GLU A 38 2.86 3.03 -5.24
C GLU A 38 3.65 2.59 -4.02
N GLU A 39 4.56 3.44 -3.56
CA GLU A 39 5.39 3.16 -2.38
C GLU A 39 4.50 2.79 -1.19
N ASN A 40 3.41 3.53 -1.03
CA ASN A 40 2.47 3.35 0.07
C ASN A 40 1.74 2.00 -0.05
N VAL A 41 0.98 1.85 -1.14
CA VAL A 41 0.14 0.67 -1.34
C VAL A 41 0.98 -0.60 -1.35
N LEU A 42 2.10 -0.56 -2.06
CA LEU A 42 2.97 -1.73 -2.16
C LEU A 42 3.57 -2.09 -0.82
N PHE A 43 3.87 -1.08 0.00
CA PHE A 43 4.49 -1.29 1.30
C PHE A 43 3.61 -2.19 2.18
N TRP A 44 2.33 -1.84 2.32
CA TRP A 44 1.42 -2.60 3.16
C TRP A 44 1.28 -4.03 2.64
N LEU A 45 0.95 -4.16 1.35
CA LEU A 45 0.78 -5.46 0.71
C LEU A 45 2.08 -6.27 0.79
N ALA A 46 3.20 -5.57 0.77
CA ALA A 46 4.51 -6.22 0.88
C ALA A 46 4.71 -6.78 2.28
N CYS A 47 4.24 -6.03 3.29
CA CYS A 47 4.34 -6.48 4.68
C CYS A 47 3.45 -7.69 4.92
N GLU A 48 2.33 -7.74 4.20
CA GLU A 48 1.41 -8.88 4.26
C GLU A 48 2.14 -10.15 3.79
N ASP A 49 2.65 -10.10 2.57
CA ASP A 49 3.36 -11.24 1.97
C ASP A 49 4.67 -11.49 2.71
N PHE A 50 5.23 -10.42 3.28
CA PHE A 50 6.50 -10.48 4.01
C PHE A 50 6.42 -11.54 5.10
N LYS A 51 5.54 -11.32 6.07
CA LYS A 51 5.39 -12.23 7.20
C LYS A 51 4.90 -13.60 6.72
N LYS A 52 4.03 -13.58 5.72
CA LYS A 52 3.36 -14.77 5.23
C LYS A 52 4.30 -15.83 4.71
N MET A 53 5.19 -15.49 3.79
CA MET A 53 6.00 -16.49 3.09
C MET A 53 7.50 -16.36 3.35
N GLN A 54 7.88 -15.44 4.23
CA GLN A 54 9.28 -15.09 4.44
C GLN A 54 10.17 -16.31 4.68
N ASP A 55 11.13 -16.49 3.78
CA ASP A 55 12.29 -17.34 4.01
C ASP A 55 13.37 -16.50 4.67
N LYS A 56 14.36 -17.14 5.30
CA LYS A 56 15.42 -16.40 5.98
C LYS A 56 16.09 -15.41 5.03
N THR A 57 16.60 -15.92 3.92
CA THR A 57 17.30 -15.10 2.93
C THR A 57 16.34 -14.12 2.26
N GLN A 58 15.19 -14.63 1.85
CA GLN A 58 14.17 -13.83 1.16
C GLN A 58 13.76 -12.61 1.99
N MET A 59 13.43 -12.87 3.25
CA MET A 59 13.00 -11.82 4.17
C MET A 59 14.06 -10.73 4.29
N GLN A 60 15.30 -11.16 4.43
CA GLN A 60 16.43 -10.25 4.55
C GLN A 60 16.51 -9.34 3.33
N GLU A 61 16.52 -9.94 2.14
CA GLU A 61 16.61 -9.19 0.89
C GLU A 61 15.43 -8.22 0.79
N LYS A 62 14.23 -8.74 0.99
CA LYS A 62 13.01 -7.95 0.86
C LYS A 62 12.93 -6.83 1.90
N ALA A 63 13.58 -7.04 3.04
CA ALA A 63 13.61 -6.03 4.10
C ALA A 63 14.41 -4.82 3.62
N LYS A 64 15.49 -5.10 2.92
CA LYS A 64 16.39 -4.07 2.42
C LYS A 64 15.71 -3.36 1.25
N GLU A 65 15.03 -4.17 0.46
CA GLU A 65 14.28 -3.70 -0.69
C GLU A 65 13.20 -2.69 -0.29
N ILE A 66 12.16 -3.17 0.38
CA ILE A 66 11.00 -2.33 0.67
C ILE A 66 11.37 -1.11 1.50
N TYR A 67 12.35 -1.26 2.40
CA TYR A 67 12.82 -0.13 3.18
C TYR A 67 13.44 0.93 2.27
N MET A 68 14.42 0.54 1.48
CA MET A 68 15.20 1.48 0.66
C MET A 68 14.41 1.95 -0.57
N THR A 69 13.39 1.20 -0.96
CA THR A 69 12.65 1.48 -2.18
C THR A 69 11.37 2.28 -1.90
N PHE A 70 10.74 2.04 -0.75
CA PHE A 70 9.47 2.68 -0.41
C PHE A 70 9.63 3.67 0.74
N LEU A 71 10.37 3.27 1.77
CA LEU A 71 10.61 4.14 2.92
C LEU A 71 11.86 4.99 2.71
N SER A 72 13.00 4.49 3.18
CA SER A 72 14.28 5.17 3.00
C SER A 72 14.20 6.63 3.46
N SER A 73 15.09 7.46 2.93
CA SER A 73 15.00 8.90 3.07
C SER A 73 15.02 9.52 1.67
N LYS A 74 14.88 8.65 0.67
CA LYS A 74 14.97 9.02 -0.73
C LYS A 74 14.00 8.15 -1.50
N ALA A 75 14.26 6.83 -1.48
CA ALA A 75 13.38 5.84 -2.08
C ALA A 75 13.05 6.21 -3.52
N SER A 76 11.86 5.82 -3.99
CA SER A 76 11.38 6.25 -5.29
C SER A 76 10.87 7.69 -5.17
N SER A 77 10.66 8.11 -3.93
CA SER A 77 10.16 9.44 -3.58
C SER A 77 10.03 9.55 -2.06
N GLN A 78 9.76 8.40 -1.42
CA GLN A 78 9.60 8.28 0.02
C GLN A 78 8.21 8.72 0.45
N VAL A 79 7.50 7.78 1.04
CA VAL A 79 6.15 8.01 1.51
C VAL A 79 6.16 8.79 2.82
N ASN A 80 5.10 9.56 3.05
CA ASN A 80 5.01 10.43 4.23
C ASN A 80 4.70 9.64 5.49
N VAL A 81 5.62 8.75 5.87
CA VAL A 81 5.47 7.95 7.08
C VAL A 81 6.24 8.59 8.24
N GLU A 82 5.49 9.16 9.17
CA GLU A 82 6.07 9.74 10.37
C GLU A 82 6.71 8.63 11.21
N GLY A 83 8.03 8.71 11.36
CA GLY A 83 8.78 7.68 12.05
C GLY A 83 8.50 7.62 13.54
N GLN A 84 7.38 7.01 13.91
CA GLN A 84 7.07 6.75 15.31
C GLN A 84 8.05 5.70 15.85
N SER A 85 8.32 4.71 15.01
CA SER A 85 9.33 3.70 15.27
C SER A 85 9.96 3.27 13.95
N ARG A 86 10.91 4.05 13.48
CA ARG A 86 11.55 3.81 12.18
C ARG A 86 12.64 2.74 12.29
N LEU A 87 13.28 2.45 11.16
CA LEU A 87 14.40 1.52 11.12
C LEU A 87 15.68 2.29 10.85
N ASN A 88 16.80 1.59 10.92
CA ASN A 88 18.10 2.16 10.57
C ASN A 88 18.84 1.19 9.65
N GLU A 89 19.96 1.62 9.12
CA GLU A 89 20.75 0.77 8.23
C GLU A 89 21.17 -0.51 8.94
N LYS A 90 21.48 -0.39 10.23
CA LYS A 90 22.04 -1.51 10.99
C LYS A 90 21.06 -2.67 11.13
N ILE A 91 19.77 -2.36 11.29
CA ILE A 91 18.75 -3.41 11.37
C ILE A 91 18.55 -4.06 10.00
N LEU A 92 19.05 -3.41 8.94
CA LEU A 92 19.06 -3.99 7.60
C LEU A 92 20.34 -4.79 7.39
N GLU A 93 21.40 -4.44 8.13
CA GLU A 93 22.65 -5.19 8.09
C GLU A 93 22.45 -6.55 8.76
N GLU A 94 21.52 -6.59 9.71
CA GLU A 94 21.08 -7.83 10.33
C GLU A 94 19.55 -7.84 10.44
N PRO A 95 18.85 -8.17 9.33
CA PRO A 95 17.39 -8.15 9.29
C PRO A 95 16.77 -9.18 10.24
N HIS A 96 15.72 -8.76 10.94
CA HIS A 96 15.01 -9.59 11.91
C HIS A 96 13.75 -10.17 11.26
N PRO A 97 13.15 -11.23 11.84
CA PRO A 97 11.96 -11.88 11.26
C PRO A 97 10.79 -10.91 11.05
N LEU A 98 10.72 -9.88 11.87
CA LEU A 98 9.62 -8.92 11.81
C LEU A 98 9.98 -7.68 10.99
N MET A 99 10.96 -6.91 11.48
CA MET A 99 11.45 -5.70 10.81
C MET A 99 10.40 -4.58 10.81
N PHE A 100 9.33 -4.77 10.06
CA PHE A 100 8.34 -3.72 9.81
C PHE A 100 7.02 -4.00 10.54
N GLN A 101 7.09 -4.81 11.59
CA GLN A 101 5.90 -5.19 12.38
C GLN A 101 5.07 -3.97 12.78
N LYS A 102 5.74 -2.93 13.24
CA LYS A 102 5.07 -1.70 13.67
C LYS A 102 4.82 -0.78 12.48
N LEU A 103 5.70 -0.87 11.48
CA LEU A 103 5.61 -0.02 10.29
C LEU A 103 4.35 -0.36 9.50
N GLN A 104 3.93 -1.62 9.58
CA GLN A 104 2.68 -2.04 8.96
C GLN A 104 1.51 -1.30 9.61
N ASP A 105 1.62 -1.06 10.91
CA ASP A 105 0.61 -0.31 11.66
C ASP A 105 0.75 1.18 11.38
N GLN A 106 1.99 1.66 11.27
CA GLN A 106 2.25 3.06 10.95
C GLN A 106 1.64 3.42 9.60
N ILE A 107 1.85 2.56 8.60
CA ILE A 107 1.28 2.79 7.29
C ILE A 107 -0.22 2.56 7.34
N PHE A 108 -0.67 1.63 8.18
CA PHE A 108 -2.10 1.40 8.35
C PHE A 108 -2.78 2.70 8.80
N ASN A 109 -2.09 3.44 9.66
CA ASN A 109 -2.58 4.72 10.17
C ASN A 109 -2.45 5.82 9.11
N LEU A 110 -1.26 5.94 8.53
CA LEU A 110 -0.98 6.97 7.53
C LEU A 110 -1.83 6.74 6.28
N MET A 111 -1.71 5.55 5.71
CA MET A 111 -2.49 5.14 4.55
C MET A 111 -3.99 5.32 4.80
N LYS A 112 -4.43 5.05 6.03
CA LYS A 112 -5.80 5.34 6.44
C LYS A 112 -6.09 6.82 6.20
N TYR A 113 -5.36 7.68 6.91
CA TYR A 113 -5.55 9.13 6.80
C TYR A 113 -5.50 9.56 5.32
N ASP A 114 -4.30 9.52 4.75
CA ASP A 114 -4.07 10.01 3.40
C ASP A 114 -4.85 9.20 2.37
N SER A 115 -4.45 7.95 2.18
CA SER A 115 -4.90 7.17 1.04
C SER A 115 -6.37 6.76 1.14
N TYR A 116 -6.86 6.47 2.35
CA TYR A 116 -8.26 6.03 2.50
C TYR A 116 -9.22 7.21 2.35
N SER A 117 -8.84 8.38 2.86
CA SER A 117 -9.64 9.57 2.63
C SER A 117 -9.59 9.95 1.15
N ARG A 118 -8.37 9.92 0.59
CA ARG A 118 -8.13 10.20 -0.83
C ARG A 118 -8.92 9.20 -1.69
N PHE A 119 -9.06 7.99 -1.16
CA PHE A 119 -9.83 6.92 -1.80
C PHE A 119 -11.31 7.30 -1.85
N LEU A 120 -11.85 7.69 -0.70
CA LEU A 120 -13.26 8.11 -0.58
C LEU A 120 -13.49 9.42 -1.33
N LYS A 121 -12.41 10.16 -1.58
CA LYS A 121 -12.47 11.38 -2.39
C LYS A 121 -12.50 11.05 -3.86
N SER A 122 -12.73 9.77 -4.12
CA SER A 122 -12.99 9.22 -5.44
C SER A 122 -11.72 8.66 -6.06
N ASP A 123 -11.41 7.42 -5.69
CA ASP A 123 -10.26 6.70 -6.22
C ASP A 123 -10.53 6.30 -7.68
N LEU A 124 -11.69 5.70 -7.89
CA LEU A 124 -12.18 5.35 -9.22
C LEU A 124 -13.60 5.91 -9.37
N PHE A 125 -14.43 5.24 -10.17
CA PHE A 125 -15.77 5.71 -10.54
C PHE A 125 -15.75 7.12 -11.16
N LEU A 126 -14.56 7.62 -11.49
CA LEU A 126 -14.41 8.72 -12.44
C LEU A 126 -14.00 8.08 -13.75
N LYS A 127 -14.44 8.63 -14.87
CA LYS A 127 -14.09 8.06 -16.16
C LYS A 127 -12.64 8.43 -16.49
N HIS A 128 -12.17 9.50 -15.84
CA HIS A 128 -10.81 9.98 -16.03
C HIS A 128 -9.83 9.16 -15.18
N LYS A 129 -10.37 8.39 -14.24
CA LYS A 129 -9.56 7.54 -13.35
C LYS A 129 -9.72 6.07 -13.72
N ARG A 130 -10.95 5.67 -14.02
CA ARG A 130 -11.30 4.29 -14.28
C ARG A 130 -10.58 3.78 -15.53
N THR A 131 -10.01 2.58 -15.43
CA THR A 131 -9.46 1.91 -16.59
C THR A 131 -10.58 1.59 -17.57
N GLU A 132 -10.91 2.58 -18.39
CA GLU A 132 -12.10 2.54 -19.24
C GLU A 132 -11.70 2.58 -20.72
N GLU A 133 -12.63 2.19 -21.59
CA GLU A 133 -12.43 2.30 -23.03
C GLU A 133 -12.20 3.77 -23.42
N GLU A 134 -10.97 4.08 -23.80
CA GLU A 134 -10.55 5.46 -24.06
C GLU A 134 -11.15 6.01 -25.36
N GLU A 135 -11.89 5.17 -26.08
CA GLU A 135 -12.63 5.63 -27.25
C GLU A 135 -13.89 6.37 -26.80
N GLU A 136 -13.79 7.69 -26.74
CA GLU A 136 -14.88 8.53 -26.24
C GLU A 136 -15.98 8.69 -27.27
N ASP A 137 -17.14 9.16 -26.81
CA ASP A 137 -18.32 9.34 -27.66
C ASP A 137 -18.10 10.51 -28.62
N LEU A 138 -17.56 11.61 -28.09
CA LEU A 138 -17.25 12.78 -28.88
C LEU A 138 -15.84 12.63 -29.48
N SER A 1 -26.05 -2.50 -9.97
CA SER A 1 -24.80 -1.78 -10.23
C SER A 1 -23.59 -2.61 -9.78
N MET A 2 -22.96 -3.29 -10.73
CA MET A 2 -21.75 -4.06 -10.44
C MET A 2 -20.53 -3.13 -10.50
N GLN A 3 -19.41 -3.61 -9.98
CA GLN A 3 -18.15 -2.85 -9.99
C GLN A 3 -18.28 -1.56 -9.18
N SER A 4 -19.34 -1.46 -8.40
CA SER A 4 -19.64 -0.25 -7.65
C SER A 4 -20.77 -0.53 -6.66
N LEU A 5 -21.34 0.54 -6.09
CA LEU A 5 -22.47 0.45 -5.16
C LEU A 5 -22.13 -0.45 -3.97
N LYS A 6 -22.43 -1.72 -4.14
CA LYS A 6 -22.17 -2.72 -3.12
C LYS A 6 -20.68 -2.81 -2.84
N SER A 7 -19.91 -2.78 -3.92
CA SER A 7 -18.46 -2.94 -3.85
C SER A 7 -17.81 -1.68 -3.28
N THR A 8 -18.25 -0.52 -3.76
CA THR A 8 -17.70 0.75 -3.29
C THR A 8 -18.03 0.95 -1.80
N ALA A 9 -19.22 0.55 -1.41
CA ALA A 9 -19.65 0.60 -0.01
C ALA A 9 -18.75 -0.29 0.84
N LYS A 10 -18.30 -1.42 0.28
CA LYS A 10 -17.38 -2.32 0.97
C LYS A 10 -16.12 -1.58 1.40
N TRP A 11 -15.37 -1.13 0.40
CA TRP A 11 -14.07 -0.54 0.61
C TRP A 11 -14.16 0.77 1.41
N ALA A 12 -15.21 1.55 1.13
CA ALA A 12 -15.43 2.81 1.83
C ALA A 12 -16.24 2.59 3.11
N ALA A 13 -16.50 1.32 3.45
CA ALA A 13 -17.00 0.98 4.78
C ALA A 13 -15.84 0.88 5.75
N SER A 14 -14.87 0.03 5.41
CA SER A 14 -13.73 -0.22 6.29
C SER A 14 -12.48 -0.57 5.47
N LEU A 15 -11.33 -0.07 5.94
CA LEU A 15 -10.05 -0.28 5.28
C LEU A 15 -9.77 -1.77 5.08
N GLU A 16 -10.23 -2.57 6.03
CA GLU A 16 -10.00 -4.00 6.00
C GLU A 16 -10.75 -4.65 4.85
N ASN A 17 -11.93 -4.10 4.54
CA ASN A 17 -12.71 -4.55 3.39
C ASN A 17 -11.96 -4.28 2.10
N LEU A 18 -11.37 -3.08 2.02
CA LEU A 18 -10.54 -2.68 0.90
C LEU A 18 -9.40 -3.68 0.69
N LEU A 19 -8.73 -4.04 1.77
CA LEU A 19 -7.60 -4.98 1.71
C LEU A 19 -8.10 -6.43 1.63
N GLU A 20 -9.41 -6.60 1.78
CA GLU A 20 -10.04 -7.92 1.73
C GLU A 20 -10.37 -8.29 0.29
N ASP A 21 -11.31 -7.53 -0.28
CA ASP A 21 -11.78 -7.76 -1.64
C ASP A 21 -10.68 -7.42 -2.64
N PRO A 22 -10.14 -8.44 -3.35
CA PRO A 22 -9.00 -8.24 -4.27
C PRO A 22 -9.33 -7.22 -5.34
N GLU A 23 -10.58 -7.20 -5.77
CA GLU A 23 -11.06 -6.28 -6.79
C GLU A 23 -10.91 -4.84 -6.29
N GLY A 24 -11.15 -4.65 -4.99
CA GLY A 24 -10.93 -3.37 -4.36
C GLY A 24 -9.48 -2.98 -4.37
N VAL A 25 -8.63 -3.87 -3.84
CA VAL A 25 -7.18 -3.68 -3.89
C VAL A 25 -6.71 -3.31 -5.30
N LYS A 26 -7.39 -3.85 -6.32
CA LYS A 26 -7.06 -3.52 -7.71
C LYS A 26 -7.33 -2.05 -8.01
N ARG A 27 -8.59 -1.62 -7.81
CA ARG A 27 -8.98 -0.24 -8.10
C ARG A 27 -8.22 0.75 -7.24
N PHE A 28 -7.86 0.31 -6.05
CA PHE A 28 -7.10 1.12 -5.12
C PHE A 28 -5.63 1.22 -5.58
N ARG A 29 -5.09 0.10 -6.02
CA ARG A 29 -3.72 0.04 -6.51
C ARG A 29 -3.57 0.91 -7.76
N GLU A 30 -4.40 0.65 -8.76
CA GLU A 30 -4.33 1.36 -10.03
C GLU A 30 -4.50 2.86 -9.82
N PHE A 31 -5.39 3.23 -8.90
CA PHE A 31 -5.57 4.63 -8.53
C PHE A 31 -4.25 5.21 -8.03
N LEU A 32 -3.64 4.49 -7.10
CA LEU A 32 -2.37 4.93 -6.54
C LEU A 32 -1.26 4.87 -7.60
N LYS A 33 -1.45 4.04 -8.62
CA LYS A 33 -0.49 3.98 -9.74
C LYS A 33 -0.57 5.27 -10.54
N LYS A 34 -1.75 5.89 -10.57
CA LYS A 34 -1.93 7.17 -11.25
C LYS A 34 -1.16 8.26 -10.50
N GLU A 35 -1.32 8.26 -9.18
CA GLU A 35 -0.75 9.30 -8.32
C GLU A 35 0.60 8.88 -7.75
N PHE A 36 1.15 7.78 -8.30
CA PHE A 36 2.50 7.29 -7.96
C PHE A 36 2.62 6.86 -6.49
N SER A 37 1.48 6.65 -5.85
CA SER A 37 1.45 6.17 -4.47
C SER A 37 1.31 4.63 -4.46
N GLU A 38 1.53 4.01 -5.63
CA GLU A 38 1.48 2.56 -5.73
C GLU A 38 2.59 1.94 -4.87
N GLU A 39 3.65 2.70 -4.64
CA GLU A 39 4.72 2.29 -3.73
C GLU A 39 4.16 2.08 -2.33
N ASN A 40 3.12 2.85 -1.99
CA ASN A 40 2.42 2.72 -0.72
C ASN A 40 1.67 1.39 -0.65
N VAL A 41 0.72 1.20 -1.57
CA VAL A 41 -0.12 -0.01 -1.55
C VAL A 41 0.72 -1.28 -1.68
N LEU A 42 1.73 -1.23 -2.54
CA LEU A 42 2.62 -2.37 -2.75
C LEU A 42 3.42 -2.66 -1.49
N PHE A 43 3.81 -1.61 -0.78
CA PHE A 43 4.61 -1.76 0.44
C PHE A 43 3.89 -2.64 1.45
N TRP A 44 2.62 -2.32 1.73
CA TRP A 44 1.86 -3.06 2.74
C TRP A 44 1.65 -4.50 2.30
N LEU A 45 1.21 -4.71 1.06
CA LEU A 45 0.98 -6.06 0.54
C LEU A 45 2.27 -6.87 0.57
N ALA A 46 3.36 -6.24 0.18
CA ALA A 46 4.67 -6.88 0.16
C ALA A 46 5.08 -7.28 1.58
N CYS A 47 4.82 -6.40 2.54
CA CYS A 47 5.13 -6.66 3.95
C CYS A 47 4.18 -7.71 4.53
N GLU A 48 2.98 -7.79 3.98
CA GLU A 48 1.98 -8.76 4.40
C GLU A 48 2.47 -10.17 4.02
N ASP A 49 2.84 -10.33 2.76
CA ASP A 49 3.37 -11.61 2.25
C ASP A 49 4.74 -11.88 2.88
N PHE A 50 5.49 -10.81 3.10
CA PHE A 50 6.77 -10.85 3.81
C PHE A 50 6.59 -11.60 5.13
N LYS A 51 5.77 -11.02 6.00
CA LYS A 51 5.45 -11.58 7.30
C LYS A 51 4.91 -13.01 7.18
N LYS A 52 4.29 -13.29 6.05
CA LYS A 52 3.65 -14.58 5.81
C LYS A 52 4.66 -15.69 5.48
N MET A 53 5.79 -15.32 4.88
CA MET A 53 6.77 -16.31 4.43
C MET A 53 8.19 -15.94 4.84
N GLN A 54 8.34 -15.05 5.80
CA GLN A 54 9.66 -14.52 6.14
C GLN A 54 10.56 -15.55 6.82
N ASP A 55 11.25 -16.33 5.98
CA ASP A 55 12.35 -17.18 6.42
C ASP A 55 13.56 -16.28 6.73
N LYS A 56 14.56 -16.81 7.44
CA LYS A 56 15.75 -16.04 7.79
C LYS A 56 16.30 -15.29 6.57
N THR A 57 16.65 -16.03 5.52
CA THR A 57 17.25 -15.42 4.33
C THR A 57 16.25 -14.49 3.62
N GLN A 58 15.07 -15.02 3.33
CA GLN A 58 14.02 -14.26 2.62
C GLN A 58 13.73 -12.94 3.32
N MET A 59 13.56 -13.01 4.63
CA MET A 59 13.21 -11.83 5.43
C MET A 59 14.26 -10.75 5.30
N GLN A 60 15.52 -11.16 5.31
CA GLN A 60 16.63 -10.21 5.20
C GLN A 60 16.70 -9.62 3.80
N GLU A 61 16.79 -10.51 2.80
CA GLU A 61 16.90 -10.09 1.41
C GLU A 61 15.74 -9.16 1.02
N LYS A 62 14.52 -9.63 1.27
CA LYS A 62 13.33 -8.87 0.92
C LYS A 62 13.22 -7.58 1.71
N ALA A 63 13.82 -7.55 2.90
CA ALA A 63 13.81 -6.33 3.72
C ALA A 63 14.63 -5.24 3.04
N LYS A 64 15.68 -5.68 2.37
CA LYS A 64 16.60 -4.78 1.69
C LYS A 64 15.95 -4.35 0.39
N GLU A 65 15.23 -5.29 -0.21
CA GLU A 65 14.53 -5.09 -1.47
C GLU A 65 13.41 -4.05 -1.32
N ILE A 66 12.44 -4.32 -0.45
CA ILE A 66 11.31 -3.41 -0.27
C ILE A 66 11.77 -2.07 0.29
N TYR A 67 12.82 -2.08 1.10
CA TYR A 67 13.42 -0.85 1.59
C TYR A 67 13.96 -0.04 0.41
N MET A 68 14.82 -0.67 -0.38
CA MET A 68 15.48 -0.01 -1.51
C MET A 68 14.46 0.54 -2.50
N THR A 69 13.36 -0.17 -2.68
CA THR A 69 12.35 0.22 -3.67
C THR A 69 11.38 1.27 -3.12
N PHE A 70 10.66 0.93 -2.04
CA PHE A 70 9.53 1.74 -1.58
C PHE A 70 9.98 2.82 -0.58
N LEU A 71 11.14 2.63 0.05
CA LEU A 71 11.57 3.53 1.12
C LEU A 71 12.92 4.19 0.80
N SER A 72 14.00 3.47 1.10
CA SER A 72 15.35 4.03 1.06
C SER A 72 15.40 5.38 1.79
N SER A 73 14.47 5.58 2.71
CA SER A 73 14.32 6.83 3.47
C SER A 73 14.45 8.06 2.56
N LYS A 74 14.10 7.89 1.28
CA LYS A 74 14.21 8.95 0.27
C LYS A 74 13.91 8.38 -1.11
N ALA A 75 14.91 7.67 -1.67
CA ALA A 75 14.82 7.10 -3.01
C ALA A 75 14.37 8.15 -4.04
N SER A 76 13.06 8.30 -4.18
CA SER A 76 12.46 9.27 -5.09
C SER A 76 11.08 9.69 -4.58
N SER A 77 10.41 8.79 -3.88
CA SER A 77 9.10 9.05 -3.32
C SER A 77 8.82 8.05 -2.20
N GLN A 78 9.41 8.31 -1.04
CA GLN A 78 9.27 7.43 0.11
C GLN A 78 7.81 7.35 0.55
N VAL A 79 7.46 6.24 1.16
CA VAL A 79 6.12 6.07 1.70
C VAL A 79 5.95 6.95 2.93
N ASN A 80 4.75 7.49 3.12
CA ASN A 80 4.50 8.44 4.20
C ASN A 80 4.47 7.72 5.56
N VAL A 81 5.66 7.50 6.12
CA VAL A 81 5.80 6.85 7.42
C VAL A 81 6.80 7.61 8.30
N GLU A 82 6.53 7.62 9.60
CA GLU A 82 7.42 8.27 10.56
C GLU A 82 8.58 7.35 10.93
N GLY A 83 9.61 7.93 11.53
CA GLY A 83 10.80 7.18 11.86
C GLY A 83 10.69 6.40 13.16
N GLN A 84 9.66 5.58 13.27
CA GLN A 84 9.56 4.65 14.40
C GLN A 84 10.37 3.40 14.08
N SER A 85 11.08 2.87 15.08
CA SER A 85 12.07 1.82 14.86
C SER A 85 12.95 2.19 13.66
N ARG A 86 13.76 3.22 13.88
CA ARG A 86 14.55 3.86 12.82
C ARG A 86 15.32 2.85 11.98
N LEU A 87 15.15 2.95 10.67
CA LEU A 87 15.84 2.10 9.72
C LEU A 87 17.30 2.53 9.60
N ASN A 88 18.14 1.92 10.41
CA ASN A 88 19.57 2.21 10.45
C ASN A 88 20.29 1.23 11.37
N GLU A 89 19.70 1.00 12.54
CA GLU A 89 20.31 0.19 13.59
C GLU A 89 20.35 -1.29 13.21
N LYS A 90 21.28 -1.64 12.31
CA LYS A 90 21.48 -3.02 11.85
C LYS A 90 20.16 -3.72 11.49
N ILE A 91 19.13 -2.93 11.23
CA ILE A 91 17.78 -3.46 11.01
C ILE A 91 17.57 -3.85 9.53
N LEU A 92 18.34 -3.21 8.64
CA LEU A 92 18.35 -3.63 7.23
C LEU A 92 19.36 -4.76 7.04
N GLU A 93 20.36 -4.79 7.92
CA GLU A 93 21.38 -5.82 7.90
C GLU A 93 20.78 -7.16 8.34
N GLU A 94 20.28 -7.21 9.57
CA GLU A 94 19.54 -8.37 10.07
C GLU A 94 18.21 -7.93 10.66
N PRO A 95 17.15 -7.91 9.82
CA PRO A 95 15.80 -7.56 10.25
C PRO A 95 15.32 -8.39 11.44
N HIS A 96 14.57 -7.75 12.31
CA HIS A 96 13.98 -8.44 13.46
C HIS A 96 12.63 -9.04 13.04
N PRO A 97 12.19 -10.13 13.71
CA PRO A 97 11.04 -10.95 13.25
C PRO A 97 9.74 -10.17 13.06
N LEU A 98 9.64 -9.00 13.68
CA LEU A 98 8.43 -8.18 13.58
C LEU A 98 8.76 -6.73 13.27
N MET A 99 9.96 -6.49 12.74
CA MET A 99 10.44 -5.12 12.55
C MET A 99 9.65 -4.39 11.46
N PHE A 100 9.48 -5.03 10.29
CA PHE A 100 8.72 -4.42 9.20
C PHE A 100 7.22 -4.48 9.50
N GLN A 101 6.84 -5.39 10.40
CA GLN A 101 5.44 -5.51 10.80
C GLN A 101 4.97 -4.25 11.51
N LYS A 102 5.92 -3.58 12.17
CA LYS A 102 5.62 -2.31 12.83
C LYS A 102 5.43 -1.20 11.80
N LEU A 103 6.28 -1.20 10.78
CA LEU A 103 6.21 -0.21 9.70
C LEU A 103 4.92 -0.38 8.89
N GLN A 104 4.56 -1.63 8.59
CA GLN A 104 3.34 -1.90 7.83
C GLN A 104 2.12 -1.59 8.70
N ASP A 105 2.24 -1.79 10.01
CA ASP A 105 1.19 -1.42 10.94
C ASP A 105 1.01 0.09 10.93
N GLN A 106 2.12 0.81 10.85
CA GLN A 106 2.11 2.26 10.76
C GLN A 106 1.39 2.72 9.50
N ILE A 107 1.81 2.17 8.35
CA ILE A 107 1.23 2.57 7.07
C ILE A 107 -0.22 2.09 6.99
N PHE A 108 -0.57 1.07 7.76
CA PHE A 108 -1.95 0.59 7.84
C PHE A 108 -2.84 1.68 8.45
N ASN A 109 -2.38 2.23 9.57
CA ASN A 109 -3.09 3.32 10.24
C ASN A 109 -3.12 4.55 9.35
N LEU A 110 -1.96 4.88 8.80
CA LEU A 110 -1.81 6.02 7.91
C LEU A 110 -2.65 5.81 6.64
N MET A 111 -2.79 4.56 6.24
CA MET A 111 -3.56 4.20 5.05
C MET A 111 -5.01 4.61 5.23
N LYS A 112 -5.57 4.29 6.40
CA LYS A 112 -6.93 4.67 6.73
C LYS A 112 -7.11 6.18 6.56
N TYR A 113 -6.29 6.94 7.30
CA TYR A 113 -6.35 8.40 7.26
C TYR A 113 -6.13 8.91 5.83
N ASP A 114 -4.91 8.75 5.33
CA ASP A 114 -4.50 9.30 4.05
C ASP A 114 -5.29 8.71 2.89
N SER A 115 -5.21 7.40 2.72
CA SER A 115 -5.74 6.74 1.52
C SER A 115 -7.25 6.90 1.41
N TYR A 116 -7.97 7.10 2.52
CA TYR A 116 -9.38 7.42 2.44
C TYR A 116 -9.58 8.83 1.86
N SER A 117 -8.92 9.80 2.48
CA SER A 117 -9.03 11.20 2.04
C SER A 117 -8.30 11.41 0.71
N ARG A 118 -7.59 10.38 0.24
CA ARG A 118 -6.91 10.43 -1.05
C ARG A 118 -7.75 9.75 -2.13
N PHE A 119 -8.23 8.54 -1.82
CA PHE A 119 -9.01 7.75 -2.79
C PHE A 119 -10.31 8.48 -3.11
N LEU A 120 -11.11 8.75 -2.09
CA LEU A 120 -12.41 9.41 -2.26
C LEU A 120 -12.22 10.83 -2.83
N LYS A 121 -10.99 11.32 -2.79
CA LYS A 121 -10.65 12.64 -3.33
C LYS A 121 -10.64 12.61 -4.86
N SER A 122 -10.30 11.46 -5.43
CA SER A 122 -10.29 11.28 -6.87
C SER A 122 -10.75 9.86 -7.23
N ASP A 123 -11.77 9.39 -6.51
CA ASP A 123 -12.28 8.03 -6.65
C ASP A 123 -12.73 7.75 -8.09
N LEU A 124 -12.76 6.47 -8.44
CA LEU A 124 -12.95 6.04 -9.83
C LEU A 124 -14.41 5.89 -10.20
N PHE A 125 -15.31 5.85 -9.22
CA PHE A 125 -16.74 5.64 -9.52
C PHE A 125 -17.42 6.98 -9.84
N LEU A 126 -16.97 7.58 -10.94
CA LEU A 126 -17.56 8.80 -11.51
C LEU A 126 -17.86 8.55 -12.98
N LYS A 127 -16.79 8.47 -13.76
CA LYS A 127 -16.84 8.14 -15.18
C LYS A 127 -15.93 6.95 -15.40
N HIS A 128 -15.39 6.78 -16.60
CA HIS A 128 -14.37 5.75 -16.83
C HIS A 128 -13.02 6.21 -16.27
N LYS A 129 -13.03 6.66 -15.02
CA LYS A 129 -11.81 7.12 -14.34
C LYS A 129 -10.90 5.95 -14.03
N ARG A 130 -11.51 4.79 -13.80
CA ARG A 130 -10.76 3.55 -13.69
C ARG A 130 -10.08 3.26 -15.03
N THR A 131 -8.88 2.72 -14.97
CA THR A 131 -8.12 2.41 -16.16
C THR A 131 -8.92 1.48 -17.07
N GLU A 132 -9.50 2.05 -18.12
CA GLU A 132 -10.31 1.30 -19.07
C GLU A 132 -9.44 0.23 -19.73
N GLU A 133 -8.21 0.60 -20.07
CA GLU A 133 -7.20 -0.38 -20.46
C GLU A 133 -6.44 -0.79 -19.20
N GLU A 134 -7.13 -1.50 -18.31
CA GLU A 134 -6.63 -1.81 -16.98
C GLU A 134 -5.38 -2.68 -17.01
N GLU A 135 -4.92 -3.11 -15.84
CA GLU A 135 -3.71 -3.92 -15.70
C GLU A 135 -3.88 -5.30 -16.34
N GLU A 136 -5.03 -5.53 -16.96
CA GLU A 136 -5.32 -6.78 -17.66
C GLU A 136 -6.04 -6.46 -18.96
N ASP A 137 -5.80 -7.26 -20.00
CA ASP A 137 -6.41 -7.04 -21.31
C ASP A 137 -7.72 -7.82 -21.41
N LEU A 138 -7.60 -9.12 -21.66
CA LEU A 138 -8.75 -10.03 -21.75
C LEU A 138 -8.34 -11.40 -21.22
N SER A 1 -14.70 -7.34 -5.81
CA SER A 1 -15.58 -8.52 -5.98
C SER A 1 -16.72 -8.24 -6.96
N MET A 2 -16.73 -7.04 -7.55
CA MET A 2 -17.82 -6.56 -8.39
C MET A 2 -17.49 -5.17 -8.95
N GLN A 3 -18.00 -4.88 -10.15
CA GLN A 3 -17.80 -3.58 -10.78
C GLN A 3 -18.54 -2.47 -10.00
N SER A 4 -17.86 -1.96 -8.97
CA SER A 4 -18.33 -0.79 -8.23
C SER A 4 -19.64 -1.06 -7.46
N LEU A 5 -20.20 0.02 -6.89
CA LEU A 5 -21.44 -0.04 -6.11
C LEU A 5 -21.28 -0.91 -4.88
N LYS A 6 -21.50 -2.19 -5.07
CA LYS A 6 -21.46 -3.16 -3.98
C LYS A 6 -20.04 -3.25 -3.41
N SER A 7 -19.08 -3.53 -4.28
CA SER A 7 -17.70 -3.68 -3.85
C SER A 7 -17.13 -2.36 -3.34
N THR A 8 -17.54 -1.25 -3.93
CA THR A 8 -17.04 0.05 -3.51
C THR A 8 -17.58 0.40 -2.12
N ALA A 9 -18.83 0.01 -1.86
CA ALA A 9 -19.39 0.15 -0.52
C ALA A 9 -18.59 -0.68 0.48
N LYS A 10 -18.14 -1.85 0.04
CA LYS A 10 -17.29 -2.73 0.85
C LYS A 10 -16.05 -1.99 1.33
N TRP A 11 -15.32 -1.44 0.37
CA TRP A 11 -14.04 -0.81 0.64
C TRP A 11 -14.22 0.51 1.39
N ALA A 12 -15.31 1.21 1.12
CA ALA A 12 -15.61 2.46 1.82
C ALA A 12 -16.36 2.16 3.13
N ALA A 13 -16.62 0.88 3.40
CA ALA A 13 -17.11 0.44 4.71
C ALA A 13 -15.94 0.29 5.67
N SER A 14 -14.86 -0.34 5.19
CA SER A 14 -13.70 -0.60 6.01
C SER A 14 -12.42 -0.67 5.17
N LEU A 15 -11.37 0.00 5.65
CA LEU A 15 -10.06 0.00 5.00
C LEU A 15 -9.55 -1.44 4.80
N GLU A 16 -9.90 -2.31 5.74
CA GLU A 16 -9.42 -3.69 5.71
C GLU A 16 -10.03 -4.43 4.53
N ASN A 17 -11.29 -4.11 4.22
CA ASN A 17 -11.96 -4.68 3.05
C ASN A 17 -11.21 -4.26 1.80
N LEU A 18 -10.88 -2.96 1.74
CA LEU A 18 -10.06 -2.41 0.66
C LEU A 18 -8.79 -3.21 0.48
N LEU A 19 -8.08 -3.43 1.58
CA LEU A 19 -6.78 -4.11 1.56
C LEU A 19 -6.95 -5.63 1.39
N GLU A 20 -8.20 -6.11 1.47
CA GLU A 20 -8.48 -7.54 1.38
C GLU A 20 -8.82 -7.95 -0.05
N ASP A 21 -9.52 -7.08 -0.77
CA ASP A 21 -10.04 -7.40 -2.11
C ASP A 21 -9.02 -7.05 -3.19
N PRO A 22 -8.83 -7.95 -4.18
CA PRO A 22 -7.95 -7.68 -5.33
C PRO A 22 -8.33 -6.39 -6.05
N GLU A 23 -9.59 -6.29 -6.49
CA GLU A 23 -10.07 -5.09 -7.20
C GLU A 23 -9.86 -3.85 -6.35
N GLY A 24 -10.16 -3.99 -5.06
CA GLY A 24 -9.98 -2.88 -4.13
C GLY A 24 -8.56 -2.37 -4.16
N VAL A 25 -7.62 -3.24 -3.82
CA VAL A 25 -6.20 -2.89 -3.81
C VAL A 25 -5.71 -2.45 -5.19
N LYS A 26 -6.27 -3.02 -6.25
CA LYS A 26 -5.85 -2.69 -7.61
C LYS A 26 -6.25 -1.26 -7.99
N ARG A 27 -7.52 -0.95 -7.80
CA ARG A 27 -8.04 0.39 -8.12
C ARG A 27 -7.40 1.42 -7.20
N PHE A 28 -7.17 1.01 -5.96
CA PHE A 28 -6.52 1.86 -4.97
C PHE A 28 -5.05 2.07 -5.33
N ARG A 29 -4.41 1.00 -5.80
CA ARG A 29 -3.00 1.06 -6.18
C ARG A 29 -2.81 1.97 -7.39
N GLU A 30 -3.62 1.78 -8.42
CA GLU A 30 -3.49 2.56 -9.65
C GLU A 30 -3.75 4.04 -9.37
N PHE A 31 -4.68 4.31 -8.46
CA PHE A 31 -4.93 5.67 -7.99
C PHE A 31 -3.64 6.26 -7.39
N LEU A 32 -3.02 5.47 -6.53
CA LEU A 32 -1.78 5.86 -5.88
C LEU A 32 -0.61 5.83 -6.88
N LYS A 33 -0.76 5.08 -7.95
CA LYS A 33 0.29 4.93 -8.95
C LYS A 33 0.54 6.25 -9.65
N LYS A 34 -0.53 6.83 -10.19
CA LYS A 34 -0.46 8.13 -10.86
C LYS A 34 -0.16 9.22 -9.83
N GLU A 35 -0.57 8.96 -8.59
CA GLU A 35 -0.29 9.86 -7.48
C GLU A 35 1.14 9.66 -6.94
N PHE A 36 1.82 8.63 -7.45
CA PHE A 36 3.18 8.28 -7.03
C PHE A 36 3.21 7.85 -5.56
N SER A 37 2.63 6.70 -5.29
CA SER A 37 2.55 6.15 -3.94
C SER A 37 2.56 4.62 -4.01
N GLU A 38 3.19 4.10 -5.07
CA GLU A 38 3.34 2.65 -5.25
C GLU A 38 4.00 2.04 -4.01
N GLU A 39 4.99 2.74 -3.49
CA GLU A 39 5.75 2.29 -2.33
C GLU A 39 4.82 2.03 -1.15
N ASN A 40 3.88 2.95 -0.95
CA ASN A 40 2.93 2.89 0.15
C ASN A 40 2.08 1.63 0.08
N VAL A 41 1.27 1.52 -0.97
CA VAL A 41 0.32 0.42 -1.11
C VAL A 41 1.06 -0.93 -1.20
N LEU A 42 2.16 -0.96 -1.94
CA LEU A 42 2.92 -2.18 -2.15
C LEU A 42 3.69 -2.59 -0.90
N PHE A 43 4.09 -1.62 -0.07
CA PHE A 43 4.82 -1.92 1.15
C PHE A 43 3.92 -2.70 2.11
N TRP A 44 2.66 -2.30 2.20
CA TRP A 44 1.71 -3.00 3.07
C TRP A 44 1.50 -4.43 2.58
N LEU A 45 1.25 -4.59 1.28
CA LEU A 45 1.08 -5.91 0.67
C LEU A 45 2.34 -6.75 0.90
N ALA A 46 3.48 -6.15 0.61
CA ALA A 46 4.76 -6.83 0.71
C ALA A 46 5.06 -7.21 2.15
N CYS A 47 4.62 -6.39 3.10
CA CYS A 47 4.82 -6.67 4.52
C CYS A 47 4.00 -7.89 4.93
N GLU A 48 2.78 -7.98 4.41
CA GLU A 48 1.93 -9.14 4.67
C GLU A 48 2.59 -10.41 4.13
N ASP A 49 2.93 -10.39 2.84
CA ASP A 49 3.60 -11.54 2.19
C ASP A 49 4.87 -11.90 2.96
N PHE A 50 5.62 -10.87 3.31
CA PHE A 50 6.87 -10.97 4.08
C PHE A 50 6.64 -11.75 5.38
N LYS A 51 5.45 -11.57 5.95
CA LYS A 51 5.11 -12.15 7.24
C LYS A 51 4.32 -13.47 7.06
N LYS A 52 3.69 -13.64 5.91
CA LYS A 52 2.86 -14.82 5.65
C LYS A 52 3.71 -16.02 5.25
N MET A 53 4.94 -15.77 4.81
CA MET A 53 5.83 -16.86 4.42
C MET A 53 7.30 -16.47 4.61
N GLN A 54 8.20 -17.23 3.97
CA GLN A 54 9.65 -16.95 3.94
C GLN A 54 10.35 -17.44 5.20
N ASP A 55 11.48 -18.11 4.98
CA ASP A 55 12.37 -18.54 6.06
C ASP A 55 13.02 -17.32 6.73
N LYS A 56 13.66 -17.53 7.88
CA LYS A 56 14.34 -16.45 8.59
C LYS A 56 15.36 -15.78 7.68
N THR A 57 16.17 -16.59 7.01
CA THR A 57 17.20 -16.10 6.09
C THR A 57 16.55 -15.29 4.97
N GLN A 58 15.54 -15.88 4.34
CA GLN A 58 14.80 -15.23 3.27
C GLN A 58 14.26 -13.88 3.74
N MET A 59 13.64 -13.92 4.92
CA MET A 59 13.06 -12.74 5.55
C MET A 59 14.07 -11.61 5.63
N GLN A 60 15.31 -11.96 5.94
CA GLN A 60 16.38 -10.98 6.07
C GLN A 60 16.72 -10.36 4.71
N GLU A 61 16.92 -11.22 3.72
CA GLU A 61 17.26 -10.77 2.37
C GLU A 61 16.09 -9.99 1.76
N LYS A 62 14.88 -10.30 2.20
CA LYS A 62 13.70 -9.59 1.74
C LYS A 62 13.45 -8.35 2.58
N ALA A 63 14.09 -8.29 3.75
CA ALA A 63 14.00 -7.12 4.62
C ALA A 63 14.72 -5.95 3.95
N LYS A 64 16.00 -6.17 3.67
CA LYS A 64 16.80 -5.22 2.92
C LYS A 64 16.16 -4.93 1.57
N GLU A 65 15.56 -5.96 0.97
CA GLU A 65 14.89 -5.83 -0.32
C GLU A 65 13.79 -4.77 -0.26
N ILE A 66 12.70 -5.06 0.44
CA ILE A 66 11.55 -4.16 0.50
C ILE A 66 11.95 -2.78 1.02
N TYR A 67 12.90 -2.76 1.94
CA TYR A 67 13.44 -1.51 2.46
C TYR A 67 14.05 -0.70 1.32
N MET A 68 14.92 -1.32 0.55
CA MET A 68 15.63 -0.66 -0.54
C MET A 68 14.71 -0.42 -1.73
N THR A 69 13.62 -1.19 -1.80
CA THR A 69 12.67 -1.08 -2.91
C THR A 69 11.69 0.07 -2.70
N PHE A 70 11.14 0.17 -1.48
CA PHE A 70 10.06 1.12 -1.20
C PHE A 70 10.55 2.33 -0.39
N LEU A 71 11.51 2.10 0.51
CA LEU A 71 11.99 3.18 1.37
C LEU A 71 13.33 3.71 0.86
N SER A 72 14.41 2.99 1.19
CA SER A 72 15.77 3.41 0.84
C SER A 72 16.02 4.85 1.32
N SER A 73 15.81 5.83 0.44
CA SER A 73 15.89 7.24 0.82
C SER A 73 14.95 8.07 -0.08
N LYS A 74 14.18 7.38 -0.91
CA LYS A 74 13.34 8.02 -1.92
C LYS A 74 12.62 6.94 -2.72
N ALA A 75 13.40 6.00 -3.26
CA ALA A 75 12.86 4.91 -4.08
C ALA A 75 12.15 5.46 -5.30
N SER A 76 10.90 5.86 -5.12
CA SER A 76 10.11 6.50 -6.18
C SER A 76 9.53 7.82 -5.67
N SER A 77 9.36 7.91 -4.35
CA SER A 77 8.84 9.11 -3.68
C SER A 77 8.89 8.89 -2.16
N GLN A 78 8.58 7.66 -1.74
CA GLN A 78 8.55 7.25 -0.34
C GLN A 78 7.33 7.86 0.37
N VAL A 79 6.80 7.13 1.35
CA VAL A 79 5.60 7.56 2.06
C VAL A 79 5.95 8.19 3.40
N ASN A 80 5.14 9.14 3.83
CA ASN A 80 5.42 9.90 5.04
C ASN A 80 4.76 9.24 6.25
N VAL A 81 5.47 8.29 6.85
CA VAL A 81 5.03 7.66 8.10
C VAL A 81 5.54 8.44 9.31
N GLU A 82 4.60 9.02 10.06
CA GLU A 82 4.93 9.76 11.27
C GLU A 82 5.50 8.81 12.33
N GLY A 83 6.80 8.54 12.25
CA GLY A 83 7.43 7.60 13.16
C GLY A 83 8.57 8.24 13.94
N GLN A 84 8.73 7.82 15.19
CA GLN A 84 9.80 8.33 16.04
C GLN A 84 11.16 8.01 15.46
N SER A 85 11.43 6.72 15.31
CA SER A 85 12.71 6.24 14.78
C SER A 85 12.54 5.74 13.35
N ARG A 86 11.33 5.32 13.03
CA ARG A 86 11.01 4.76 11.71
C ARG A 86 11.86 3.51 11.47
N LEU A 87 12.97 3.67 10.78
CA LEU A 87 13.96 2.60 10.62
C LEU A 87 15.36 3.20 10.70
N ASN A 88 16.14 2.78 11.69
CA ASN A 88 17.51 3.27 11.86
C ASN A 88 18.50 2.35 11.15
N GLU A 89 18.88 2.77 9.95
CA GLU A 89 19.86 2.10 9.06
C GLU A 89 20.16 0.65 9.44
N LYS A 90 20.97 0.48 10.49
CA LYS A 90 21.54 -0.82 10.86
C LYS A 90 20.49 -1.84 11.29
N ILE A 91 19.24 -1.41 11.42
CA ILE A 91 18.16 -2.30 11.86
C ILE A 91 17.88 -3.39 10.81
N LEU A 92 18.36 -3.16 9.59
CA LEU A 92 18.21 -4.15 8.50
C LEU A 92 19.26 -5.25 8.61
N GLU A 93 20.27 -5.06 9.46
CA GLU A 93 21.32 -6.05 9.63
C GLU A 93 20.82 -7.26 10.41
N GLU A 94 19.97 -6.99 11.40
CA GLU A 94 19.33 -8.05 12.18
C GLU A 94 17.82 -7.87 12.15
N PRO A 95 17.17 -8.23 11.03
CA PRO A 95 15.73 -8.06 10.85
C PRO A 95 14.93 -9.04 11.69
N HIS A 96 13.94 -8.51 12.39
CA HIS A 96 13.03 -9.31 13.21
C HIS A 96 11.65 -9.34 12.55
N PRO A 97 10.89 -10.44 12.72
CA PRO A 97 9.63 -10.65 11.99
C PRO A 97 8.66 -9.47 12.10
N LEU A 98 8.63 -8.81 13.24
CA LEU A 98 7.66 -7.75 13.49
C LEU A 98 8.26 -6.36 13.29
N MET A 99 9.53 -6.30 12.87
CA MET A 99 10.23 -5.02 12.71
C MET A 99 9.51 -4.16 11.67
N PHE A 100 9.00 -4.80 10.61
CA PHE A 100 8.22 -4.09 9.59
C PHE A 100 6.77 -3.96 10.01
N GLN A 101 6.27 -4.95 10.76
CA GLN A 101 4.88 -4.95 11.23
C GLN A 101 4.60 -3.69 12.04
N LYS A 102 5.62 -3.18 12.74
CA LYS A 102 5.49 -1.93 13.50
C LYS A 102 5.20 -0.76 12.55
N LEU A 103 5.90 -0.75 11.42
CA LEU A 103 5.72 0.29 10.41
C LEU A 103 4.47 0.02 9.57
N GLN A 104 4.06 -1.25 9.53
CA GLN A 104 2.86 -1.64 8.83
C GLN A 104 1.63 -1.14 9.59
N ASP A 105 1.70 -1.23 10.91
CA ASP A 105 0.64 -0.69 11.77
C ASP A 105 0.56 0.82 11.56
N GLN A 106 1.74 1.44 11.54
CA GLN A 106 1.87 2.86 11.24
C GLN A 106 1.22 3.19 9.89
N ILE A 107 1.59 2.44 8.85
CA ILE A 107 1.09 2.72 7.51
C ILE A 107 -0.38 2.35 7.39
N PHE A 108 -0.86 1.48 8.28
CA PHE A 108 -2.28 1.13 8.27
C PHE A 108 -3.11 2.37 8.60
N ASN A 109 -2.70 3.07 9.66
CA ASN A 109 -3.38 4.29 10.08
C ASN A 109 -3.09 5.43 9.11
N LEU A 110 -1.82 5.54 8.72
CA LEU A 110 -1.36 6.60 7.83
C LEU A 110 -2.03 6.47 6.45
N MET A 111 -1.98 5.28 5.88
CA MET A 111 -2.56 5.01 4.57
C MET A 111 -4.05 5.34 4.58
N LYS A 112 -4.73 4.96 5.66
CA LYS A 112 -6.15 5.26 5.83
C LYS A 112 -6.37 6.77 5.71
N TYR A 113 -5.85 7.51 6.67
CA TYR A 113 -5.98 8.97 6.69
C TYR A 113 -5.54 9.57 5.35
N ASP A 114 -4.26 9.44 5.07
CA ASP A 114 -3.63 10.07 3.91
C ASP A 114 -4.24 9.56 2.58
N SER A 115 -3.87 8.35 2.20
CA SER A 115 -4.16 7.83 0.87
C SER A 115 -5.64 7.48 0.69
N TYR A 116 -6.25 6.92 1.73
CA TYR A 116 -7.61 6.39 1.62
C TYR A 116 -8.63 7.53 1.64
N SER A 117 -8.30 8.63 2.31
CA SER A 117 -9.16 9.81 2.26
C SER A 117 -9.16 10.39 0.84
N ARG A 118 -7.97 10.54 0.26
CA ARG A 118 -7.86 11.08 -1.11
C ARG A 118 -8.55 10.15 -2.11
N PHE A 119 -8.45 8.85 -1.88
CA PHE A 119 -9.07 7.85 -2.75
C PHE A 119 -10.58 8.11 -2.88
N LEU A 120 -11.25 8.26 -1.74
CA LEU A 120 -12.68 8.52 -1.71
C LEU A 120 -12.99 9.92 -2.26
N LYS A 121 -12.15 10.88 -1.87
CA LYS A 121 -12.37 12.29 -2.19
C LYS A 121 -12.36 12.54 -3.70
N SER A 122 -11.41 11.94 -4.39
CA SER A 122 -11.23 12.21 -5.82
C SER A 122 -12.23 11.41 -6.67
N ASP A 123 -12.86 10.42 -6.04
CA ASP A 123 -13.82 9.53 -6.72
C ASP A 123 -13.13 8.63 -7.74
N LEU A 124 -13.29 7.33 -7.57
CA LEU A 124 -12.78 6.34 -8.51
C LEU A 124 -13.74 5.16 -8.61
N PHE A 125 -14.94 5.33 -8.04
CA PHE A 125 -15.99 4.33 -8.14
C PHE A 125 -16.61 4.42 -9.54
N LEU A 126 -16.28 5.49 -10.24
CA LEU A 126 -16.80 5.76 -11.57
C LEU A 126 -15.76 5.39 -12.60
N LYS A 127 -16.19 4.84 -13.73
CA LYS A 127 -15.26 4.42 -14.77
C LYS A 127 -14.71 5.66 -15.48
N HIS A 128 -15.52 6.71 -15.48
CA HIS A 128 -15.13 7.98 -16.10
C HIS A 128 -13.99 8.63 -15.31
N LYS A 129 -13.91 8.32 -14.02
CA LYS A 129 -12.85 8.84 -13.16
C LYS A 129 -11.59 8.00 -13.27
N ARG A 130 -11.73 6.81 -13.85
CA ARG A 130 -10.60 5.91 -14.03
C ARG A 130 -9.88 6.24 -15.34
N THR A 131 -8.56 6.19 -15.31
CA THR A 131 -7.74 6.58 -16.46
C THR A 131 -7.44 5.38 -17.37
N GLU A 132 -7.20 4.22 -16.77
CA GLU A 132 -6.89 3.02 -17.54
C GLU A 132 -8.16 2.42 -18.14
N GLU A 133 -8.20 2.32 -19.47
CA GLU A 133 -9.29 1.64 -20.17
C GLU A 133 -8.93 0.18 -20.36
N GLU A 134 -7.99 -0.08 -21.26
CA GLU A 134 -7.44 -1.42 -21.44
C GLU A 134 -6.24 -1.60 -20.55
N GLU A 135 -6.10 -2.77 -19.96
CA GLU A 135 -5.03 -3.03 -18.99
C GLU A 135 -3.65 -2.77 -19.60
N GLU A 136 -2.94 -1.80 -19.03
CA GLU A 136 -1.59 -1.47 -19.46
C GLU A 136 -0.58 -1.75 -18.34
N ASP A 137 -1.08 -1.80 -17.10
CA ASP A 137 -0.25 -2.13 -15.95
C ASP A 137 -0.22 -3.65 -15.73
N LEU A 138 0.75 -4.30 -16.36
CA LEU A 138 0.97 -5.73 -16.19
C LEU A 138 2.36 -5.95 -15.59
N SER A 1 -20.10 -9.01 -13.97
CA SER A 1 -19.10 -8.61 -12.97
C SER A 1 -19.43 -7.22 -12.42
N MET A 2 -18.87 -6.88 -11.26
CA MET A 2 -19.11 -5.59 -10.63
C MET A 2 -17.79 -4.89 -10.33
N GLN A 3 -17.38 -3.99 -11.22
CA GLN A 3 -16.15 -3.24 -11.06
C GLN A 3 -16.43 -1.90 -10.38
N SER A 4 -17.70 -1.65 -10.11
CA SER A 4 -18.15 -0.44 -9.44
C SER A 4 -19.33 -0.76 -8.49
N LEU A 5 -20.15 0.25 -8.19
CA LEU A 5 -21.33 0.10 -7.31
C LEU A 5 -21.10 -0.82 -6.12
N LYS A 6 -21.68 -2.01 -6.15
CA LYS A 6 -21.61 -2.96 -5.05
C LYS A 6 -20.17 -3.19 -4.55
N SER A 7 -19.22 -3.24 -5.47
CA SER A 7 -17.83 -3.45 -5.11
C SER A 7 -17.26 -2.22 -4.41
N THR A 8 -17.60 -1.05 -4.94
CA THR A 8 -17.13 0.21 -4.36
C THR A 8 -17.78 0.45 -3.01
N ALA A 9 -18.99 -0.08 -2.85
CA ALA A 9 -19.71 -0.04 -1.58
C ALA A 9 -18.94 -0.83 -0.53
N LYS A 10 -18.35 -1.94 -0.96
CA LYS A 10 -17.50 -2.77 -0.10
C LYS A 10 -16.38 -1.93 0.51
N TRP A 11 -15.56 -1.38 -0.35
CA TRP A 11 -14.36 -0.67 0.07
C TRP A 11 -14.71 0.63 0.78
N ALA A 12 -15.80 1.27 0.35
CA ALA A 12 -16.27 2.48 1.01
C ALA A 12 -17.14 2.13 2.23
N ALA A 13 -17.29 0.82 2.52
CA ALA A 13 -17.87 0.37 3.79
C ALA A 13 -16.80 0.37 4.86
N SER A 14 -15.65 -0.22 4.54
CA SER A 14 -14.55 -0.33 5.48
C SER A 14 -13.21 -0.48 4.77
N LEU A 15 -12.18 0.15 5.34
CA LEU A 15 -10.82 0.03 4.84
C LEU A 15 -10.39 -1.43 4.83
N GLU A 16 -10.95 -2.21 5.76
CA GLU A 16 -10.65 -3.63 5.85
C GLU A 16 -11.07 -4.34 4.57
N ASN A 17 -12.30 -4.06 4.12
CA ASN A 17 -12.81 -4.63 2.88
C ASN A 17 -11.87 -4.30 1.73
N LEU A 18 -11.40 -3.06 1.71
CA LEU A 18 -10.43 -2.63 0.71
C LEU A 18 -9.17 -3.50 0.74
N LEU A 19 -8.75 -3.87 1.95
CA LEU A 19 -7.54 -4.68 2.13
C LEU A 19 -7.85 -6.18 2.11
N GLU A 20 -9.13 -6.53 1.94
CA GLU A 20 -9.55 -7.93 1.86
C GLU A 20 -9.92 -8.32 0.43
N ASP A 21 -10.86 -7.58 -0.16
CA ASP A 21 -11.30 -7.83 -1.54
C ASP A 21 -10.17 -7.55 -2.51
N PRO A 22 -9.72 -8.58 -3.27
CA PRO A 22 -8.60 -8.43 -4.23
C PRO A 22 -8.81 -7.26 -5.18
N GLU A 23 -10.00 -7.21 -5.79
CA GLU A 23 -10.35 -6.14 -6.71
C GLU A 23 -10.05 -4.78 -6.08
N GLY A 24 -10.34 -4.68 -4.79
CA GLY A 24 -10.09 -3.46 -4.06
C GLY A 24 -8.63 -3.12 -4.04
N VAL A 25 -7.83 -4.03 -3.52
CA VAL A 25 -6.39 -3.82 -3.39
C VAL A 25 -5.75 -3.47 -4.72
N LYS A 26 -6.22 -4.09 -5.80
CA LYS A 26 -5.59 -3.92 -7.11
C LYS A 26 -6.10 -2.66 -7.82
N ARG A 27 -7.39 -2.35 -7.71
CA ARG A 27 -7.95 -1.13 -8.29
C ARG A 27 -7.49 0.09 -7.48
N PHE A 28 -7.26 -0.14 -6.19
CA PHE A 28 -6.75 0.89 -5.29
C PHE A 28 -5.26 1.12 -5.53
N ARG A 29 -4.53 0.03 -5.73
CA ARG A 29 -3.10 0.10 -6.04
C ARG A 29 -2.88 0.92 -7.32
N GLU A 30 -3.59 0.55 -8.38
CA GLU A 30 -3.41 1.20 -9.67
C GLU A 30 -3.90 2.65 -9.63
N PHE A 31 -4.83 2.93 -8.72
CA PHE A 31 -5.28 4.30 -8.49
C PHE A 31 -4.14 5.10 -7.86
N LEU A 32 -3.59 4.58 -6.76
CA LEU A 32 -2.44 5.22 -6.13
C LEU A 32 -1.26 5.25 -7.09
N LYS A 33 -1.26 4.30 -8.03
CA LYS A 33 -0.23 4.25 -9.07
C LYS A 33 -0.31 5.50 -9.95
N LYS A 34 -1.54 5.99 -10.14
CA LYS A 34 -1.76 7.27 -10.81
C LYS A 34 -1.21 8.40 -9.94
N GLU A 35 -1.44 8.25 -8.64
CA GLU A 35 -1.04 9.24 -7.63
C GLU A 35 0.46 9.15 -7.30
N PHE A 36 1.11 8.09 -7.78
CA PHE A 36 2.48 7.77 -7.37
C PHE A 36 2.54 7.55 -5.86
N SER A 37 1.73 6.61 -5.41
CA SER A 37 1.64 6.22 -4.00
C SER A 37 1.64 4.70 -3.91
N GLU A 38 2.23 4.07 -4.92
CA GLU A 38 2.28 2.63 -5.00
C GLU A 38 3.22 2.06 -3.93
N GLU A 39 4.16 2.90 -3.49
CA GLU A 39 5.13 2.47 -2.47
C GLU A 39 4.44 2.24 -1.13
N ASN A 40 3.49 3.11 -0.77
CA ASN A 40 2.79 2.97 0.52
C ASN A 40 1.82 1.80 0.49
N VAL A 41 1.06 1.66 -0.60
CA VAL A 41 0.11 0.55 -0.72
C VAL A 41 0.85 -0.78 -0.75
N LEU A 42 1.89 -0.88 -1.57
CA LEU A 42 2.66 -2.11 -1.68
C LEU A 42 3.40 -2.41 -0.39
N PHE A 43 3.81 -1.36 0.32
CA PHE A 43 4.53 -1.53 1.58
C PHE A 43 3.67 -2.31 2.58
N TRP A 44 2.39 -1.96 2.68
CA TRP A 44 1.48 -2.64 3.58
C TRP A 44 1.33 -4.11 3.19
N LEU A 45 1.01 -4.34 1.92
CA LEU A 45 0.83 -5.71 1.40
C LEU A 45 2.14 -6.51 1.53
N ALA A 46 3.26 -5.81 1.39
CA ALA A 46 4.58 -6.45 1.48
C ALA A 46 4.88 -6.86 2.91
N CYS A 47 4.55 -5.96 3.86
CA CYS A 47 4.74 -6.25 5.27
C CYS A 47 3.81 -7.37 5.73
N GLU A 48 2.63 -7.43 5.10
CA GLU A 48 1.69 -8.51 5.36
C GLU A 48 2.28 -9.84 4.91
N ASP A 49 2.59 -9.93 3.62
CA ASP A 49 3.17 -11.14 3.02
C ASP A 49 4.43 -11.55 3.77
N PHE A 50 5.24 -10.55 4.12
CA PHE A 50 6.48 -10.74 4.88
C PHE A 50 6.22 -11.58 6.14
N LYS A 51 5.16 -11.22 6.85
CA LYS A 51 4.79 -11.91 8.08
C LYS A 51 4.15 -13.26 7.76
N LYS A 52 3.32 -13.29 6.72
CA LYS A 52 2.55 -14.49 6.38
C LYS A 52 3.45 -15.67 6.01
N MET A 53 4.48 -15.41 5.22
CA MET A 53 5.43 -16.46 4.85
C MET A 53 6.80 -15.88 4.54
N GLN A 54 7.85 -16.56 4.99
CA GLN A 54 9.22 -16.25 4.61
C GLN A 54 10.21 -17.08 5.43
N ASP A 55 11.28 -17.56 4.79
CA ASP A 55 12.32 -18.32 5.48
C ASP A 55 13.24 -17.38 6.27
N LYS A 56 14.14 -17.95 7.06
CA LYS A 56 15.01 -17.18 7.95
C LYS A 56 15.86 -16.18 7.17
N THR A 57 16.79 -16.70 6.35
CA THR A 57 17.70 -15.85 5.58
C THR A 57 16.92 -14.95 4.64
N GLN A 58 15.97 -15.54 3.94
CA GLN A 58 15.13 -14.83 3.00
C GLN A 58 14.48 -13.61 3.66
N MET A 59 13.86 -13.84 4.81
CA MET A 59 13.21 -12.78 5.59
C MET A 59 14.16 -11.61 5.83
N GLN A 60 15.41 -11.95 6.12
CA GLN A 60 16.43 -10.95 6.40
C GLN A 60 16.69 -10.06 5.18
N GLU A 61 16.91 -10.68 4.04
CA GLU A 61 17.17 -9.93 2.81
C GLU A 61 15.90 -9.28 2.28
N LYS A 62 14.76 -9.88 2.60
CA LYS A 62 13.46 -9.28 2.22
C LYS A 62 13.20 -8.04 3.06
N ALA A 63 13.81 -7.98 4.24
CA ALA A 63 13.73 -6.79 5.08
C ALA A 63 14.51 -5.67 4.42
N LYS A 64 15.67 -6.05 3.88
CA LYS A 64 16.52 -5.13 3.13
C LYS A 64 15.83 -4.72 1.83
N GLU A 65 15.13 -5.67 1.22
CA GLU A 65 14.47 -5.45 -0.07
C GLU A 65 13.39 -4.36 0.05
N ILE A 66 12.41 -4.58 0.93
CA ILE A 66 11.33 -3.62 1.12
C ILE A 66 11.86 -2.30 1.68
N TYR A 67 12.96 -2.38 2.40
CA TYR A 67 13.66 -1.19 2.90
C TYR A 67 14.15 -0.35 1.71
N MET A 68 14.90 -0.98 0.82
CA MET A 68 15.52 -0.28 -0.31
C MET A 68 14.48 0.27 -1.28
N THR A 69 13.37 -0.46 -1.43
CA THR A 69 12.34 -0.09 -2.39
C THR A 69 11.38 0.98 -1.82
N PHE A 70 10.90 0.77 -0.60
CA PHE A 70 9.85 1.62 -0.03
C PHE A 70 10.40 2.57 1.03
N LEU A 71 11.25 2.04 1.93
CA LEU A 71 11.74 2.81 3.07
C LEU A 71 13.00 3.61 2.72
N SER A 72 14.16 2.99 2.96
CA SER A 72 15.45 3.66 2.85
C SER A 72 15.45 5.01 3.57
N SER A 73 16.42 5.85 3.27
CA SER A 73 16.44 7.22 3.79
C SER A 73 15.53 8.08 2.91
N LYS A 74 15.61 7.86 1.60
CA LYS A 74 14.76 8.52 0.62
C LYS A 74 14.67 7.67 -0.65
N ALA A 75 15.83 7.14 -1.05
CA ALA A 75 15.96 6.40 -2.30
C ALA A 75 15.66 7.32 -3.48
N SER A 76 14.37 7.58 -3.72
CA SER A 76 13.95 8.56 -4.72
C SER A 76 12.68 9.29 -4.26
N SER A 77 12.09 8.83 -3.16
CA SER A 77 10.82 9.38 -2.69
C SER A 77 10.59 9.00 -1.22
N GLN A 78 10.72 7.69 -0.96
CA GLN A 78 10.44 7.10 0.35
C GLN A 78 8.94 7.05 0.60
N VAL A 79 8.50 6.09 1.41
CA VAL A 79 7.09 5.98 1.77
C VAL A 79 6.75 6.96 2.88
N ASN A 80 5.55 7.50 2.82
CA ASN A 80 5.09 8.48 3.80
C ASN A 80 4.63 7.78 5.08
N VAL A 81 5.60 7.47 5.94
CA VAL A 81 5.32 6.86 7.23
C VAL A 81 5.63 7.84 8.35
N GLU A 82 4.81 7.80 9.38
CA GLU A 82 4.97 8.66 10.55
C GLU A 82 6.32 8.39 11.22
N GLY A 83 6.90 9.44 11.79
CA GLY A 83 8.23 9.35 12.38
C GLY A 83 8.23 8.67 13.75
N GLN A 84 7.24 7.82 13.99
CA GLN A 84 7.16 7.06 15.23
C GLN A 84 8.35 6.11 15.33
N SER A 85 8.70 5.51 14.19
CA SER A 85 9.86 4.63 14.10
C SER A 85 10.41 4.64 12.68
N ARG A 86 11.67 5.05 12.53
CA ARG A 86 12.33 5.08 11.22
C ARG A 86 13.48 4.09 11.21
N LEU A 87 13.69 3.43 10.07
CA LEU A 87 14.70 2.38 9.97
C LEU A 87 15.98 2.90 9.31
N ASN A 88 17.08 2.22 9.62
CA ASN A 88 18.36 2.48 8.98
C ASN A 88 18.95 1.17 8.50
N GLU A 89 19.79 1.23 7.46
CA GLU A 89 20.34 0.04 6.81
C GLU A 89 20.78 -1.03 7.81
N LYS A 90 21.44 -0.60 8.88
CA LYS A 90 22.03 -1.52 9.84
C LYS A 90 21.01 -2.43 10.53
N ILE A 91 19.80 -1.93 10.76
CA ILE A 91 18.79 -2.73 11.48
C ILE A 91 18.20 -3.81 10.56
N LEU A 92 18.34 -3.63 9.25
CA LEU A 92 17.86 -4.62 8.28
C LEU A 92 18.86 -5.77 8.16
N GLU A 93 20.03 -5.60 8.78
CA GLU A 93 21.03 -6.65 8.83
C GLU A 93 20.75 -7.58 10.00
N GLU A 94 19.89 -7.11 10.92
CA GLU A 94 19.47 -7.88 12.08
C GLU A 94 17.98 -7.68 12.32
N PRO A 95 17.14 -8.10 11.36
CA PRO A 95 15.70 -7.82 11.38
C PRO A 95 14.93 -8.72 12.35
N HIS A 96 13.84 -8.17 12.88
CA HIS A 96 12.97 -8.90 13.81
C HIS A 96 11.54 -8.77 13.28
N PRO A 97 10.87 -9.89 12.95
CA PRO A 97 9.58 -9.89 12.24
C PRO A 97 8.63 -8.77 12.68
N LEU A 98 8.49 -8.59 13.99
CA LEU A 98 7.53 -7.65 14.57
C LEU A 98 7.76 -6.22 14.07
N MET A 99 8.99 -5.92 13.66
CA MET A 99 9.36 -4.58 13.20
C MET A 99 8.45 -4.11 12.07
N PHE A 100 8.15 -5.02 11.14
CA PHE A 100 7.35 -4.66 9.98
C PHE A 100 5.86 -4.75 10.26
N GLN A 101 5.48 -5.42 11.35
CA GLN A 101 4.11 -5.36 11.82
C GLN A 101 3.83 -3.96 12.39
N LYS A 102 4.86 -3.40 13.03
CA LYS A 102 4.80 -2.03 13.53
C LYS A 102 4.69 -1.05 12.37
N LEU A 103 5.62 -1.19 11.41
CA LEU A 103 5.61 -0.32 10.22
C LEU A 103 4.32 -0.48 9.42
N GLN A 104 3.82 -1.71 9.34
CA GLN A 104 2.55 -1.98 8.67
C GLN A 104 1.44 -1.17 9.33
N ASP A 105 1.46 -1.13 10.66
CA ASP A 105 0.48 -0.36 11.41
C ASP A 105 0.69 1.14 11.18
N GLN A 106 1.95 1.57 11.19
CA GLN A 106 2.28 2.97 10.93
C GLN A 106 1.69 3.45 9.61
N ILE A 107 1.95 2.69 8.54
CA ILE A 107 1.42 3.04 7.23
C ILE A 107 -0.07 2.80 7.17
N PHE A 108 -0.58 1.91 8.03
CA PHE A 108 -2.01 1.63 8.10
C PHE A 108 -2.77 2.86 8.58
N ASN A 109 -2.31 3.46 9.67
CA ASN A 109 -2.94 4.65 10.23
C ASN A 109 -2.86 5.80 9.23
N LEU A 110 -1.71 5.95 8.60
CA LEU A 110 -1.49 6.99 7.61
C LEU A 110 -2.32 6.72 6.35
N MET A 111 -2.37 5.44 5.96
CA MET A 111 -3.09 5.04 4.75
C MET A 111 -4.57 5.28 4.93
N LYS A 112 -5.06 4.99 6.13
CA LYS A 112 -6.45 5.24 6.50
C LYS A 112 -6.79 6.70 6.22
N TYR A 113 -6.18 7.59 6.97
CA TYR A 113 -6.40 9.03 6.82
C TYR A 113 -6.17 9.48 5.37
N ASP A 114 -4.91 9.45 4.95
CA ASP A 114 -4.53 9.95 3.63
C ASP A 114 -5.15 9.14 2.51
N SER A 115 -4.68 7.91 2.35
CA SER A 115 -4.97 7.14 1.15
C SER A 115 -6.45 6.79 1.01
N TYR A 116 -7.15 6.57 2.12
CA TYR A 116 -8.56 6.20 2.04
C TYR A 116 -9.39 7.42 1.66
N SER A 117 -9.09 8.57 2.27
CA SER A 117 -9.78 9.81 1.93
C SER A 117 -9.37 10.27 0.53
N ARG A 118 -8.12 9.97 0.16
CA ARG A 118 -7.58 10.36 -1.14
C ARG A 118 -8.00 9.36 -2.22
N PHE A 119 -8.50 8.20 -1.80
CA PHE A 119 -9.10 7.24 -2.72
C PHE A 119 -10.49 7.71 -3.09
N LEU A 120 -11.22 8.18 -2.09
CA LEU A 120 -12.56 8.72 -2.27
C LEU A 120 -12.51 10.11 -2.90
N LYS A 121 -11.30 10.65 -3.07
CA LYS A 121 -11.09 11.90 -3.79
C LYS A 121 -10.46 11.58 -5.13
N SER A 122 -10.76 12.40 -6.14
CA SER A 122 -10.45 12.05 -7.52
C SER A 122 -11.04 10.67 -7.80
N ASP A 123 -12.19 10.45 -7.16
CA ASP A 123 -12.80 9.15 -6.97
C ASP A 123 -13.07 8.40 -8.28
N LEU A 124 -13.30 7.08 -8.16
CA LEU A 124 -13.37 6.18 -9.32
C LEU A 124 -14.81 5.85 -9.71
N PHE A 125 -15.77 5.99 -8.80
CA PHE A 125 -17.16 5.72 -9.15
C PHE A 125 -17.84 7.00 -9.63
N LEU A 126 -17.18 7.63 -10.60
CA LEU A 126 -17.69 8.82 -11.29
C LEU A 126 -17.81 8.52 -12.78
N LYS A 127 -17.92 9.56 -13.59
CA LYS A 127 -17.84 9.43 -15.04
C LYS A 127 -16.52 10.02 -15.54
N HIS A 128 -15.60 10.29 -14.59
CA HIS A 128 -14.25 10.74 -14.92
C HIS A 128 -13.34 9.51 -15.06
N LYS A 129 -12.82 9.04 -13.92
CA LYS A 129 -12.18 7.72 -13.87
C LYS A 129 -13.27 6.68 -13.81
N ARG A 130 -13.33 5.79 -14.79
CA ARG A 130 -14.44 4.83 -14.91
C ARG A 130 -15.73 5.61 -15.23
N THR A 131 -16.63 4.96 -15.95
CA THR A 131 -17.92 5.56 -16.25
C THR A 131 -19.01 4.87 -15.43
N GLU A 132 -19.76 5.66 -14.67
CA GLU A 132 -20.93 5.15 -13.95
C GLU A 132 -21.82 4.38 -14.91
N GLU A 133 -21.85 3.06 -14.74
CA GLU A 133 -22.60 2.19 -15.63
C GLU A 133 -24.10 2.49 -15.58
N GLU A 134 -24.50 3.48 -16.37
CA GLU A 134 -25.90 3.86 -16.52
C GLU A 134 -26.61 2.85 -17.42
N GLU A 135 -25.87 2.35 -18.40
CA GLU A 135 -26.37 1.33 -19.31
C GLU A 135 -25.71 -0.01 -19.00
N GLU A 136 -26.38 -1.09 -19.35
CA GLU A 136 -25.85 -2.43 -19.12
C GLU A 136 -24.82 -2.79 -20.19
N ASP A 137 -24.67 -1.90 -21.17
CA ASP A 137 -23.70 -2.07 -22.25
C ASP A 137 -23.19 -0.71 -22.71
N LEU A 138 -21.89 -0.49 -22.57
CA LEU A 138 -21.24 0.74 -23.01
C LEU A 138 -20.02 0.41 -23.86
N SER A 1 -20.38 -5.87 -15.22
CA SER A 1 -20.57 -6.49 -13.89
C SER A 1 -20.46 -5.42 -12.80
N MET A 2 -20.68 -5.82 -11.55
CA MET A 2 -20.56 -4.89 -10.43
C MET A 2 -19.12 -4.85 -9.93
N GLN A 3 -18.27 -4.14 -10.67
CA GLN A 3 -16.89 -3.88 -10.26
C GLN A 3 -16.80 -2.47 -9.69
N SER A 4 -17.96 -1.85 -9.54
CA SER A 4 -18.10 -0.54 -8.94
C SER A 4 -19.49 -0.42 -8.32
N LEU A 5 -19.88 0.79 -7.92
CA LEU A 5 -21.19 1.03 -7.28
C LEU A 5 -21.31 0.22 -5.98
N LYS A 6 -21.67 -1.04 -6.13
CA LYS A 6 -21.76 -1.96 -5.01
C LYS A 6 -20.39 -2.13 -4.39
N SER A 7 -19.39 -2.22 -5.26
CA SER A 7 -18.01 -2.38 -4.83
C SER A 7 -17.53 -1.16 -4.02
N THR A 8 -18.09 0.01 -4.31
CA THR A 8 -17.69 1.23 -3.61
C THR A 8 -18.19 1.18 -2.18
N ALA A 9 -19.44 0.73 -2.03
CA ALA A 9 -20.04 0.57 -0.71
C ALA A 9 -19.18 -0.35 0.15
N LYS A 10 -18.58 -1.36 -0.49
CA LYS A 10 -17.66 -2.28 0.18
C LYS A 10 -16.50 -1.52 0.82
N TRP A 11 -15.70 -0.90 -0.02
CA TRP A 11 -14.46 -0.26 0.41
C TRP A 11 -14.74 0.95 1.29
N ALA A 12 -15.86 1.63 1.03
CA ALA A 12 -16.27 2.78 1.82
C ALA A 12 -17.10 2.33 3.03
N ALA A 13 -17.30 1.02 3.17
CA ALA A 13 -17.85 0.45 4.41
C ALA A 13 -16.72 0.34 5.44
N SER A 14 -15.57 -0.16 4.99
CA SER A 14 -14.42 -0.34 5.87
C SER A 14 -13.12 -0.40 5.07
N LEU A 15 -12.08 0.24 5.61
CA LEU A 15 -10.73 0.14 5.07
C LEU A 15 -10.31 -1.32 4.95
N GLU A 16 -10.80 -2.13 5.88
CA GLU A 16 -10.46 -3.54 5.93
C GLU A 16 -11.03 -4.27 4.71
N ASN A 17 -12.20 -3.82 4.26
CA ASN A 17 -12.81 -4.36 3.04
C ASN A 17 -11.95 -4.02 1.84
N LEU A 18 -11.46 -2.78 1.82
CA LEU A 18 -10.52 -2.31 0.79
C LEU A 18 -9.29 -3.22 0.75
N LEU A 19 -8.74 -3.53 1.91
CA LEU A 19 -7.54 -4.36 2.01
C LEU A 19 -7.87 -5.85 1.90
N GLU A 20 -9.16 -6.16 1.87
CA GLU A 20 -9.64 -7.54 1.76
C GLU A 20 -9.91 -7.92 0.31
N ASP A 21 -10.52 -6.99 -0.41
CA ASP A 21 -11.01 -7.25 -1.76
C ASP A 21 -9.96 -6.89 -2.81
N PRO A 22 -9.68 -7.82 -3.76
CA PRO A 22 -8.70 -7.59 -4.83
C PRO A 22 -8.97 -6.31 -5.62
N GLU A 23 -10.20 -6.16 -6.12
CA GLU A 23 -10.58 -4.97 -6.89
C GLU A 23 -10.26 -3.72 -6.10
N GLY A 24 -10.53 -3.78 -4.80
CA GLY A 24 -10.18 -2.68 -3.92
C GLY A 24 -8.69 -2.39 -3.93
N VAL A 25 -7.91 -3.36 -3.46
CA VAL A 25 -6.45 -3.21 -3.37
C VAL A 25 -5.83 -2.76 -4.70
N LYS A 26 -6.27 -3.37 -5.79
CA LYS A 26 -5.64 -3.14 -7.09
C LYS A 26 -6.05 -1.79 -7.66
N ARG A 27 -7.35 -1.48 -7.63
CA ARG A 27 -7.82 -0.18 -8.11
C ARG A 27 -7.31 0.93 -7.20
N PHE A 28 -7.10 0.60 -5.93
CA PHE A 28 -6.52 1.52 -4.96
C PHE A 28 -5.06 1.79 -5.31
N ARG A 29 -4.38 0.74 -5.79
CA ARG A 29 -3.03 0.88 -6.30
C ARG A 29 -3.03 1.79 -7.52
N GLU A 30 -3.99 1.58 -8.41
CA GLU A 30 -4.13 2.39 -9.62
C GLU A 30 -4.43 3.84 -9.25
N PHE A 31 -5.20 4.02 -8.18
CA PHE A 31 -5.52 5.33 -7.67
C PHE A 31 -4.24 6.03 -7.19
N LEU A 32 -3.52 5.34 -6.31
CA LEU A 32 -2.26 5.87 -5.79
C LEU A 32 -1.21 5.95 -6.89
N LYS A 33 -1.45 5.24 -7.99
CA LYS A 33 -0.59 5.33 -9.16
C LYS A 33 -0.73 6.73 -9.79
N LYS A 34 -1.97 7.21 -9.82
CA LYS A 34 -2.26 8.55 -10.35
C LYS A 34 -1.74 9.62 -9.38
N GLU A 35 -1.88 9.35 -8.08
CA GLU A 35 -1.44 10.26 -7.03
C GLU A 35 0.05 10.09 -6.73
N PHE A 36 0.64 9.06 -7.35
CA PHE A 36 2.06 8.72 -7.15
C PHE A 36 2.33 8.38 -5.68
N SER A 37 1.92 7.18 -5.29
CA SER A 37 2.06 6.70 -3.92
C SER A 37 2.03 5.16 -3.91
N GLU A 38 2.48 4.58 -5.02
CA GLU A 38 2.54 3.12 -5.15
C GLU A 38 3.49 2.54 -4.11
N GLU A 39 4.48 3.34 -3.72
CA GLU A 39 5.43 2.95 -2.68
C GLU A 39 4.68 2.64 -1.39
N ASN A 40 3.62 3.41 -1.14
CA ASN A 40 2.80 3.28 0.06
C ASN A 40 2.01 1.97 0.02
N VAL A 41 1.16 1.82 -0.99
CA VAL A 41 0.30 0.64 -1.10
C VAL A 41 1.13 -0.65 -1.17
N LEU A 42 2.23 -0.60 -1.91
CA LEU A 42 3.10 -1.75 -2.08
C LEU A 42 3.84 -2.09 -0.79
N PHE A 43 4.10 -1.07 0.02
CA PHE A 43 4.79 -1.27 1.29
C PHE A 43 3.95 -2.18 2.20
N TRP A 44 2.68 -1.81 2.41
CA TRP A 44 1.81 -2.59 3.27
C TRP A 44 1.61 -4.00 2.70
N LEU A 45 1.34 -4.08 1.40
CA LEU A 45 1.16 -5.37 0.73
C LEU A 45 2.42 -6.24 0.87
N ALA A 46 3.56 -5.59 0.78
CA ALA A 46 4.85 -6.28 0.88
C ALA A 46 5.08 -6.77 2.30
N CYS A 47 4.56 -6.04 3.28
CA CYS A 47 4.62 -6.46 4.68
C CYS A 47 3.69 -7.65 4.90
N GLU A 48 2.58 -7.67 4.16
CA GLU A 48 1.62 -8.76 4.20
C GLU A 48 2.26 -10.01 3.58
N ASP A 49 2.85 -9.83 2.40
CA ASP A 49 3.55 -10.91 1.69
C ASP A 49 4.74 -11.40 2.52
N PHE A 50 5.40 -10.44 3.17
CA PHE A 50 6.50 -10.72 4.08
C PHE A 50 6.05 -11.80 5.08
N LYS A 51 5.05 -11.43 5.88
CA LYS A 51 4.48 -12.31 6.90
C LYS A 51 3.99 -13.64 6.28
N LYS A 52 3.58 -13.60 5.03
CA LYS A 52 3.09 -14.78 4.32
C LYS A 52 4.19 -15.84 4.13
N MET A 53 5.32 -15.42 3.58
CA MET A 53 6.31 -16.38 3.10
C MET A 53 7.69 -16.19 3.72
N GLN A 54 7.80 -15.33 4.73
CA GLN A 54 9.09 -14.95 5.28
C GLN A 54 9.93 -16.13 5.77
N ASP A 55 10.72 -16.71 4.87
CA ASP A 55 11.85 -17.55 5.24
C ASP A 55 13.04 -16.62 5.36
N LYS A 56 13.88 -16.78 6.38
CA LYS A 56 14.87 -15.76 6.73
C LYS A 56 15.65 -15.25 5.51
N THR A 57 15.88 -16.10 4.52
CA THR A 57 16.52 -15.65 3.28
C THR A 57 15.67 -14.57 2.61
N GLN A 58 14.41 -14.91 2.35
CA GLN A 58 13.43 -13.98 1.80
C GLN A 58 13.27 -12.77 2.71
N MET A 59 13.07 -13.07 3.99
CA MET A 59 12.85 -12.05 5.01
C MET A 59 13.90 -10.96 4.94
N GLN A 60 15.16 -11.38 4.89
CA GLN A 60 16.29 -10.46 4.85
C GLN A 60 16.29 -9.64 3.55
N GLU A 61 16.21 -10.34 2.42
CA GLU A 61 16.32 -9.70 1.12
C GLU A 61 15.07 -8.89 0.76
N LYS A 62 13.94 -9.22 1.37
CA LYS A 62 12.71 -8.47 1.16
C LYS A 62 12.68 -7.24 2.05
N ALA A 63 13.47 -7.28 3.13
CA ALA A 63 13.57 -6.13 4.04
C ALA A 63 14.32 -5.01 3.34
N LYS A 64 15.50 -5.34 2.83
CA LYS A 64 16.31 -4.41 2.08
C LYS A 64 15.58 -4.00 0.80
N GLU A 65 14.83 -4.95 0.23
CA GLU A 65 14.10 -4.74 -1.01
C GLU A 65 13.16 -3.54 -0.91
N ILE A 66 12.06 -3.72 -0.18
CA ILE A 66 11.02 -2.72 -0.12
C ILE A 66 11.51 -1.44 0.55
N TYR A 67 12.42 -1.59 1.51
CA TYR A 67 12.98 -0.42 2.18
C TYR A 67 13.74 0.44 1.18
N MET A 68 14.59 -0.18 0.36
CA MET A 68 15.45 0.55 -0.56
C MET A 68 14.68 1.12 -1.74
N THR A 69 13.56 0.48 -2.10
CA THR A 69 12.82 0.88 -3.29
C THR A 69 11.58 1.73 -2.95
N PHE A 70 11.09 1.64 -1.70
CA PHE A 70 9.86 2.36 -1.32
C PHE A 70 10.08 3.30 -0.14
N LEU A 71 11.20 3.17 0.58
CA LEU A 71 11.51 4.06 1.70
C LEU A 71 12.95 4.56 1.63
N SER A 72 13.86 3.85 2.29
CA SER A 72 15.27 4.22 2.35
C SER A 72 15.42 5.65 2.88
N SER A 73 16.52 6.31 2.55
CA SER A 73 16.73 7.69 2.95
C SER A 73 16.13 8.65 1.93
N LYS A 74 16.10 8.20 0.66
CA LYS A 74 15.63 9.00 -0.46
C LYS A 74 15.19 8.02 -1.52
N ALA A 75 16.12 7.13 -1.89
CA ALA A 75 15.89 6.01 -2.80
C ALA A 75 15.72 6.47 -4.24
N SER A 76 14.66 7.23 -4.43
CA SER A 76 14.12 7.59 -5.75
C SER A 76 12.64 7.88 -5.56
N SER A 77 12.11 7.34 -4.46
CA SER A 77 10.70 7.44 -4.14
C SER A 77 10.45 6.79 -2.78
N GLN A 78 10.14 7.61 -1.78
CA GLN A 78 9.91 7.11 -0.43
C GLN A 78 8.53 7.50 0.06
N VAL A 79 7.84 6.57 0.71
CA VAL A 79 6.53 6.84 1.29
C VAL A 79 6.67 7.72 2.53
N ASN A 80 5.77 8.68 2.65
CA ASN A 80 5.80 9.62 3.77
C ASN A 80 5.26 8.97 5.03
N VAL A 81 6.07 8.13 5.65
CA VAL A 81 5.72 7.51 6.93
C VAL A 81 5.81 8.53 8.05
N GLU A 82 4.76 9.33 8.19
CA GLU A 82 4.70 10.37 9.22
C GLU A 82 4.48 9.76 10.60
N GLY A 83 5.57 9.64 11.36
CA GLY A 83 5.49 9.07 12.69
C GLY A 83 6.86 8.76 13.24
N GLN A 84 6.95 7.69 14.04
CA GLN A 84 8.22 7.27 14.63
C GLN A 84 8.79 6.08 13.88
N SER A 85 8.41 5.95 12.61
CA SER A 85 8.81 4.84 11.79
C SER A 85 10.15 5.11 11.09
N ARG A 86 11.23 4.61 11.67
CA ARG A 86 12.55 4.68 11.04
C ARG A 86 13.26 3.33 11.15
N LEU A 87 13.59 2.78 10.00
CA LEU A 87 14.30 1.51 9.92
C LEU A 87 15.81 1.76 9.94
N ASN A 88 16.17 2.89 9.34
CA ASN A 88 17.56 3.37 9.34
C ASN A 88 18.53 2.35 8.73
N GLU A 89 19.02 1.44 9.56
CA GLU A 89 20.05 0.48 9.15
C GLU A 89 19.91 -0.84 9.90
N LYS A 90 19.99 -0.76 11.22
CA LYS A 90 20.22 -1.94 12.07
C LYS A 90 19.12 -3.00 11.94
N ILE A 91 17.91 -2.59 11.59
CA ILE A 91 16.81 -3.55 11.43
C ILE A 91 16.89 -4.22 10.05
N LEU A 92 17.63 -3.60 9.12
CA LEU A 92 17.90 -4.19 7.81
C LEU A 92 19.18 -5.02 7.88
N GLU A 93 20.12 -4.56 8.70
CA GLU A 93 21.37 -5.28 8.92
C GLU A 93 21.10 -6.60 9.63
N GLU A 94 20.18 -6.55 10.60
CA GLU A 94 19.73 -7.74 11.31
C GLU A 94 18.20 -7.79 11.31
N PRO A 95 17.60 -8.31 10.24
CA PRO A 95 16.14 -8.44 10.13
C PRO A 95 15.58 -9.34 11.22
N HIS A 96 14.48 -8.90 11.82
CA HIS A 96 13.85 -9.61 12.93
C HIS A 96 12.80 -10.58 12.41
N PRO A 97 12.41 -11.61 13.20
CA PRO A 97 11.46 -12.64 12.77
C PRO A 97 10.06 -12.10 12.45
N LEU A 98 9.83 -10.82 12.74
CA LEU A 98 8.54 -10.19 12.44
C LEU A 98 8.75 -8.88 11.67
N MET A 99 9.75 -8.10 12.10
CA MET A 99 10.19 -6.88 11.39
C MET A 99 9.19 -5.74 11.48
N PHE A 100 8.08 -5.85 10.74
CA PHE A 100 7.23 -4.72 10.45
C PHE A 100 6.07 -4.56 11.44
N GLN A 101 6.24 -5.03 12.66
CA GLN A 101 5.26 -4.75 13.71
C GLN A 101 5.47 -3.31 14.16
N LYS A 102 4.37 -2.61 14.39
CA LYS A 102 4.35 -1.17 14.63
C LYS A 102 4.52 -0.41 13.32
N LEU A 103 5.48 -0.85 12.50
CA LEU A 103 5.73 -0.22 11.20
C LEU A 103 4.50 -0.27 10.30
N GLN A 104 4.01 -1.48 10.02
CA GLN A 104 2.86 -1.64 9.13
C GLN A 104 1.60 -1.12 9.82
N ASP A 105 1.58 -1.20 11.15
CA ASP A 105 0.49 -0.68 11.95
C ASP A 105 0.42 0.84 11.80
N GLN A 106 1.61 1.46 11.74
CA GLN A 106 1.72 2.90 11.60
C GLN A 106 1.21 3.31 10.22
N ILE A 107 1.72 2.65 9.17
CA ILE A 107 1.27 2.96 7.82
C ILE A 107 -0.20 2.61 7.66
N PHE A 108 -0.69 1.64 8.43
CA PHE A 108 -2.11 1.30 8.42
C PHE A 108 -2.92 2.54 8.79
N ASN A 109 -2.44 3.27 9.79
CA ASN A 109 -3.10 4.49 10.27
C ASN A 109 -2.89 5.64 9.29
N LEU A 110 -1.63 5.89 8.91
CA LEU A 110 -1.29 6.98 8.00
C LEU A 110 -1.97 6.78 6.65
N MET A 111 -1.80 5.58 6.08
CA MET A 111 -2.41 5.21 4.81
C MET A 111 -3.93 5.34 4.89
N LYS A 112 -4.49 5.04 6.06
CA LYS A 112 -5.92 5.21 6.29
C LYS A 112 -6.31 6.68 6.15
N TYR A 113 -5.72 7.51 7.00
CA TYR A 113 -5.96 8.95 6.95
C TYR A 113 -5.74 9.48 5.53
N ASP A 114 -4.48 9.48 5.10
CA ASP A 114 -4.09 10.04 3.82
C ASP A 114 -4.77 9.31 2.65
N SER A 115 -4.34 8.09 2.39
CA SER A 115 -4.71 7.40 1.16
C SER A 115 -6.19 6.97 1.14
N TYR A 116 -6.72 6.51 2.26
CA TYR A 116 -8.10 6.00 2.29
C TYR A 116 -9.10 7.14 2.18
N SER A 117 -8.85 8.25 2.88
CA SER A 117 -9.72 9.42 2.76
C SER A 117 -9.62 10.01 1.35
N ARG A 118 -8.40 10.06 0.83
CA ARG A 118 -8.13 10.54 -0.52
C ARG A 118 -8.86 9.67 -1.55
N PHE A 119 -8.87 8.35 -1.29
CA PHE A 119 -9.52 7.38 -2.18
C PHE A 119 -11.04 7.60 -2.19
N LEU A 120 -11.60 7.97 -1.03
CA LEU A 120 -13.03 8.25 -0.92
C LEU A 120 -13.36 9.62 -1.53
N LYS A 121 -12.35 10.47 -1.62
CA LYS A 121 -12.52 11.82 -2.15
C LYS A 121 -12.54 11.82 -3.68
N SER A 122 -11.39 11.53 -4.28
CA SER A 122 -11.30 11.50 -5.73
C SER A 122 -11.96 10.23 -6.27
N ASP A 123 -13.12 10.41 -6.91
CA ASP A 123 -13.96 9.29 -7.34
C ASP A 123 -13.29 8.44 -8.41
N LEU A 124 -12.41 7.53 -7.99
CA LEU A 124 -11.83 6.54 -8.90
C LEU A 124 -12.68 5.27 -8.83
N PHE A 125 -13.76 5.36 -8.06
CA PHE A 125 -14.78 4.31 -8.01
C PHE A 125 -15.30 4.00 -9.41
N LEU A 126 -15.20 4.99 -10.28
CA LEU A 126 -15.70 4.91 -11.63
C LEU A 126 -14.56 4.54 -12.56
N LYS A 127 -14.88 3.93 -13.69
CA LYS A 127 -13.87 3.58 -14.68
C LYS A 127 -13.54 4.81 -15.54
N HIS A 128 -14.12 5.95 -15.15
CA HIS A 128 -13.80 7.24 -15.74
C HIS A 128 -12.37 7.65 -15.37
N LYS A 129 -11.97 7.27 -14.15
CA LYS A 129 -10.60 7.50 -13.68
C LYS A 129 -9.78 6.22 -13.87
N ARG A 130 -10.34 5.10 -13.43
CA ARG A 130 -9.76 3.79 -13.64
C ARG A 130 -9.67 3.51 -15.14
N THR A 131 -8.49 3.79 -15.70
CA THR A 131 -8.29 3.81 -17.14
C THR A 131 -8.37 2.41 -17.76
N GLU A 132 -9.55 2.07 -18.29
CA GLU A 132 -9.77 0.81 -18.98
C GLU A 132 -9.35 0.94 -20.44
N GLU A 133 -10.13 1.70 -21.20
CA GLU A 133 -9.82 1.99 -22.60
C GLU A 133 -9.55 3.49 -22.75
N GLU A 134 -8.47 3.94 -22.12
CA GLU A 134 -8.05 5.34 -22.16
C GLU A 134 -9.15 6.27 -21.63
N GLU A 135 -8.93 7.57 -21.78
CA GLU A 135 -9.86 8.58 -21.29
C GLU A 135 -10.88 8.92 -22.38
N GLU A 136 -11.65 9.99 -22.16
CA GLU A 136 -12.74 10.35 -23.06
C GLU A 136 -12.22 11.19 -24.24
N ASP A 137 -11.23 12.03 -23.97
CA ASP A 137 -10.68 12.93 -24.99
C ASP A 137 -9.93 12.13 -26.06
N LEU A 138 -10.43 12.21 -27.29
CA LEU A 138 -9.77 11.56 -28.43
C LEU A 138 -8.96 12.60 -29.21
N SER A 1 -14.18 -7.04 -12.01
CA SER A 1 -15.48 -6.85 -12.71
C SER A 1 -16.24 -5.68 -12.10
N MET A 2 -16.40 -5.71 -10.78
CA MET A 2 -17.10 -4.64 -10.06
C MET A 2 -16.23 -3.40 -9.95
N GLN A 3 -16.31 -2.52 -10.96
CA GLN A 3 -15.50 -1.32 -10.99
C GLN A 3 -15.96 -0.31 -9.95
N SER A 4 -17.26 -0.06 -9.94
CA SER A 4 -17.86 0.86 -8.97
C SER A 4 -19.33 0.52 -8.72
N LEU A 5 -19.60 0.05 -7.49
CA LEU A 5 -20.93 -0.34 -7.04
C LEU A 5 -20.81 -0.88 -5.61
N LYS A 6 -21.61 -1.90 -5.26
CA LYS A 6 -21.52 -2.57 -3.96
C LYS A 6 -20.07 -2.74 -3.53
N SER A 7 -19.21 -3.02 -4.50
CA SER A 7 -17.80 -3.26 -4.27
C SER A 7 -17.10 -2.02 -3.71
N THR A 8 -17.23 -0.90 -4.41
CA THR A 8 -16.61 0.35 -3.97
C THR A 8 -17.21 0.80 -2.63
N ALA A 9 -18.47 0.45 -2.41
CA ALA A 9 -19.11 0.69 -1.12
C ALA A 9 -18.35 -0.03 -0.02
N LYS A 10 -17.91 -1.26 -0.31
CA LYS A 10 -17.10 -2.05 0.61
C LYS A 10 -15.87 -1.25 1.03
N TRP A 11 -15.10 -0.85 0.03
CA TRP A 11 -13.79 -0.28 0.25
C TRP A 11 -13.87 1.15 0.75
N ALA A 12 -15.03 1.79 0.54
CA ALA A 12 -15.26 3.11 1.11
C ALA A 12 -15.99 2.98 2.45
N ALA A 13 -16.29 1.73 2.85
CA ALA A 13 -16.77 1.45 4.20
C ALA A 13 -15.59 1.42 5.16
N SER A 14 -14.62 0.55 4.87
CA SER A 14 -13.47 0.36 5.76
C SER A 14 -12.26 -0.19 5.02
N LEU A 15 -11.08 0.09 5.56
CA LEU A 15 -9.80 -0.34 4.99
C LEU A 15 -9.71 -1.87 4.98
N GLU A 16 -10.40 -2.51 5.91
CA GLU A 16 -10.43 -3.96 6.00
C GLU A 16 -10.96 -4.56 4.69
N ASN A 17 -12.10 -4.05 4.25
CA ASN A 17 -12.73 -4.49 3.01
C ASN A 17 -11.80 -4.23 1.83
N LEU A 18 -11.22 -3.02 1.82
CA LEU A 18 -10.28 -2.61 0.79
C LEU A 18 -9.14 -3.62 0.64
N LEU A 19 -8.61 -4.07 1.76
CA LEU A 19 -7.49 -5.01 1.76
C LEU A 19 -7.99 -6.46 1.62
N GLU A 20 -9.31 -6.63 1.63
CA GLU A 20 -9.91 -7.95 1.49
C GLU A 20 -10.09 -8.32 0.01
N ASP A 21 -11.01 -7.62 -0.67
CA ASP A 21 -11.28 -7.88 -2.08
C ASP A 21 -10.05 -7.53 -2.93
N PRO A 22 -9.58 -8.48 -3.76
CA PRO A 22 -8.48 -8.21 -4.69
C PRO A 22 -8.79 -7.01 -5.58
N GLU A 23 -10.04 -6.95 -6.03
CA GLU A 23 -10.53 -5.86 -6.85
C GLU A 23 -10.30 -4.53 -6.14
N GLY A 24 -10.51 -4.53 -4.82
CA GLY A 24 -10.34 -3.33 -4.03
C GLY A 24 -8.92 -2.84 -4.08
N VAL A 25 -8.00 -3.70 -3.67
CA VAL A 25 -6.57 -3.36 -3.67
C VAL A 25 -6.12 -2.86 -5.04
N LYS A 26 -6.71 -3.39 -6.11
CA LYS A 26 -6.25 -3.05 -7.47
C LYS A 26 -6.97 -1.81 -8.02
N ARG A 27 -8.22 -1.58 -7.61
CA ARG A 27 -8.92 -0.33 -7.94
C ARG A 27 -8.25 0.82 -7.20
N PHE A 28 -7.88 0.53 -5.96
CA PHE A 28 -7.23 1.47 -5.07
C PHE A 28 -5.79 1.71 -5.52
N ARG A 29 -5.10 0.65 -5.93
CA ARG A 29 -3.73 0.79 -6.38
C ARG A 29 -3.67 1.60 -7.67
N GLU A 30 -4.54 1.28 -8.64
CA GLU A 30 -4.53 2.01 -9.91
C GLU A 30 -4.75 3.50 -9.65
N PHE A 31 -5.64 3.79 -8.70
CA PHE A 31 -5.85 5.16 -8.24
C PHE A 31 -4.52 5.72 -7.72
N LEU A 32 -3.85 4.95 -6.88
CA LEU A 32 -2.57 5.36 -6.32
C LEU A 32 -1.46 5.30 -7.37
N LYS A 33 -1.74 4.74 -8.54
CA LYS A 33 -0.78 4.74 -9.64
C LYS A 33 -0.82 6.09 -10.36
N LYS A 34 -2.04 6.53 -10.64
CA LYS A 34 -2.25 7.81 -11.33
C LYS A 34 -2.10 8.97 -10.35
N GLU A 35 -2.30 8.67 -9.08
CA GLU A 35 -2.12 9.65 -8.00
C GLU A 35 -0.67 9.60 -7.46
N PHE A 36 -0.03 8.46 -7.64
CA PHE A 36 1.34 8.20 -7.17
C PHE A 36 1.39 8.03 -5.65
N SER A 37 1.19 6.78 -5.24
CA SER A 37 1.30 6.35 -3.85
C SER A 37 1.47 4.82 -3.82
N GLU A 38 2.16 4.30 -4.83
CA GLU A 38 2.33 2.85 -4.97
C GLU A 38 3.20 2.29 -3.86
N GLU A 39 4.21 3.04 -3.46
CA GLU A 39 5.11 2.61 -2.39
C GLU A 39 4.33 2.42 -1.09
N ASN A 40 3.30 3.24 -0.90
CA ASN A 40 2.38 3.13 0.24
C ASN A 40 1.67 1.77 0.24
N VAL A 41 0.83 1.56 -0.78
CA VAL A 41 -0.01 0.36 -0.85
C VAL A 41 0.85 -0.91 -0.94
N LEU A 42 1.94 -0.84 -1.69
CA LEU A 42 2.80 -2.00 -1.90
C LEU A 42 3.59 -2.34 -0.65
N PHE A 43 3.96 -1.32 0.13
CA PHE A 43 4.72 -1.55 1.36
C PHE A 43 3.90 -2.38 2.34
N TRP A 44 2.61 -2.04 2.47
CA TRP A 44 1.73 -2.78 3.36
C TRP A 44 1.61 -4.23 2.91
N LEU A 45 1.29 -4.43 1.62
CA LEU A 45 1.15 -5.76 1.05
C LEU A 45 2.41 -6.59 1.27
N ALA A 46 3.54 -6.01 0.88
CA ALA A 46 4.83 -6.67 0.98
C ALA A 46 5.16 -6.99 2.44
N CYS A 47 4.76 -6.10 3.34
CA CYS A 47 4.99 -6.30 4.77
C CYS A 47 4.11 -7.42 5.31
N GLU A 48 2.92 -7.55 4.75
CA GLU A 48 2.00 -8.61 5.16
C GLU A 48 2.58 -9.96 4.80
N ASP A 49 2.94 -10.14 3.53
CA ASP A 49 3.58 -11.37 3.05
C ASP A 49 4.92 -11.59 3.76
N PHE A 50 5.56 -10.50 4.15
CA PHE A 50 6.83 -10.55 4.89
C PHE A 50 6.67 -11.37 6.18
N LYS A 51 5.55 -11.14 6.86
CA LYS A 51 5.22 -11.85 8.10
C LYS A 51 4.51 -13.17 7.79
N LYS A 52 3.69 -13.14 6.75
CA LYS A 52 2.82 -14.25 6.40
C LYS A 52 3.61 -15.47 5.93
N MET A 53 4.74 -15.24 5.29
CA MET A 53 5.53 -16.33 4.74
C MET A 53 7.03 -16.06 4.87
N GLN A 54 7.83 -16.74 4.03
CA GLN A 54 9.28 -16.52 3.89
C GLN A 54 10.08 -17.31 4.93
N ASP A 55 11.38 -17.44 4.65
CA ASP A 55 12.33 -18.17 5.49
C ASP A 55 13.36 -17.20 6.05
N LYS A 56 14.16 -17.67 7.02
CA LYS A 56 15.25 -16.88 7.60
C LYS A 56 16.04 -16.12 6.53
N THR A 57 16.58 -16.86 5.56
CA THR A 57 17.40 -16.27 4.50
C THR A 57 16.58 -15.29 3.65
N GLN A 58 15.45 -15.78 3.12
CA GLN A 58 14.58 -14.99 2.24
C GLN A 58 14.16 -13.68 2.90
N MET A 59 13.66 -13.79 4.13
CA MET A 59 13.15 -12.65 4.88
C MET A 59 14.21 -11.55 5.01
N GLN A 60 15.44 -11.97 5.24
CA GLN A 60 16.56 -11.03 5.34
C GLN A 60 16.74 -10.29 4.02
N GLU A 61 16.75 -11.03 2.92
CA GLU A 61 16.91 -10.45 1.59
C GLU A 61 15.73 -9.55 1.26
N LYS A 62 14.55 -9.93 1.74
CA LYS A 62 13.33 -9.17 1.52
C LYS A 62 13.37 -7.87 2.31
N ALA A 63 14.01 -7.93 3.49
CA ALA A 63 14.15 -6.75 4.35
C ALA A 63 14.94 -5.68 3.61
N LYS A 64 16.06 -6.12 3.05
CA LYS A 64 16.92 -5.26 2.24
C LYS A 64 16.16 -4.72 1.04
N GLU A 65 15.36 -5.60 0.43
CA GLU A 65 14.61 -5.27 -0.78
C GLU A 65 13.57 -4.17 -0.50
N ILE A 66 12.53 -4.51 0.27
CA ILE A 66 11.43 -3.58 0.51
C ILE A 66 11.94 -2.26 1.09
N TYR A 67 13.00 -2.34 1.89
CA TYR A 67 13.62 -1.14 2.42
C TYR A 67 14.18 -0.30 1.29
N MET A 68 15.11 -0.87 0.53
CA MET A 68 15.81 -0.16 -0.55
C MET A 68 14.85 0.25 -1.67
N THR A 69 13.72 -0.43 -1.77
CA THR A 69 12.76 -0.18 -2.84
C THR A 69 11.77 0.94 -2.48
N PHE A 70 11.21 0.88 -1.28
CA PHE A 70 10.14 1.81 -0.90
C PHE A 70 10.66 2.94 0.00
N LEU A 71 11.62 2.64 0.86
CA LEU A 71 12.17 3.64 1.79
C LEU A 71 13.59 4.02 1.40
N SER A 72 14.55 3.15 1.73
CA SER A 72 15.96 3.36 1.42
C SER A 72 16.48 4.60 2.13
N SER A 73 16.24 5.76 1.53
CA SER A 73 16.66 7.04 2.07
C SER A 73 15.83 8.16 1.43
N LYS A 74 15.73 8.10 0.11
CA LYS A 74 14.92 9.02 -0.67
C LYS A 74 14.05 8.25 -1.64
N ALA A 75 14.68 7.27 -2.32
CA ALA A 75 14.00 6.47 -3.35
C ALA A 75 13.48 7.37 -4.48
N SER A 76 14.04 8.59 -4.51
CA SER A 76 13.61 9.65 -5.44
C SER A 76 12.22 10.17 -5.08
N SER A 77 11.58 9.54 -4.11
CA SER A 77 10.23 9.89 -3.67
C SER A 77 9.66 8.77 -2.80
N GLN A 78 9.62 8.98 -1.49
CA GLN A 78 9.04 8.00 -0.58
C GLN A 78 7.67 8.47 -0.09
N VAL A 79 6.91 7.55 0.51
CA VAL A 79 5.56 7.83 0.98
C VAL A 79 5.52 9.05 1.92
N ASN A 80 4.39 9.73 1.92
CA ASN A 80 4.23 11.02 2.62
C ASN A 80 3.86 10.82 4.09
N VAL A 81 4.61 9.95 4.78
CA VAL A 81 4.40 9.71 6.20
C VAL A 81 5.09 10.79 7.04
N GLU A 82 5.12 10.57 8.35
CA GLU A 82 5.74 11.51 9.29
C GLU A 82 7.26 11.53 9.14
N GLY A 83 7.82 10.39 8.74
CA GLY A 83 9.25 10.24 8.67
C GLY A 83 9.78 9.36 9.78
N GLN A 84 8.91 8.51 10.31
CA GLN A 84 9.27 7.57 11.36
C GLN A 84 10.31 6.58 10.84
N SER A 85 11.54 6.71 11.34
CA SER A 85 12.63 5.88 10.88
C SER A 85 13.41 5.28 12.05
N ARG A 86 12.95 4.15 12.55
CA ARG A 86 13.70 3.37 13.54
C ARG A 86 14.59 2.35 12.83
N LEU A 87 14.43 2.29 11.52
CA LEU A 87 15.18 1.36 10.68
C LEU A 87 16.64 1.79 10.57
N ASN A 88 17.44 0.96 9.87
CA ASN A 88 18.89 1.15 9.71
C ASN A 88 19.62 0.83 11.01
N GLU A 89 19.28 1.57 12.06
CA GLU A 89 19.91 1.44 13.37
C GLU A 89 19.88 0.00 13.88
N LYS A 90 20.94 -0.73 13.57
CA LYS A 90 21.17 -2.09 14.07
C LYS A 90 19.91 -2.97 14.04
N ILE A 91 19.06 -2.74 13.05
CA ILE A 91 17.83 -3.50 12.92
C ILE A 91 17.78 -4.23 11.57
N LEU A 92 18.41 -3.65 10.55
CA LEU A 92 18.55 -4.32 9.24
C LEU A 92 19.70 -5.32 9.28
N GLU A 93 20.66 -5.07 10.17
CA GLU A 93 21.82 -5.95 10.33
C GLU A 93 21.41 -7.31 10.88
N GLU A 94 20.32 -7.31 11.64
CA GLU A 94 19.72 -8.53 12.15
C GLU A 94 18.19 -8.39 12.12
N PRO A 95 17.57 -8.77 10.99
CA PRO A 95 16.13 -8.58 10.78
C PRO A 95 15.27 -9.44 11.71
N HIS A 96 14.22 -8.83 12.24
CA HIS A 96 13.20 -9.52 13.02
C HIS A 96 11.84 -9.20 12.41
N PRO A 97 10.98 -10.21 12.18
CA PRO A 97 9.70 -10.02 11.47
C PRO A 97 8.98 -8.71 11.85
N LEU A 98 8.78 -8.51 13.15
CA LEU A 98 7.98 -7.38 13.65
C LEU A 98 8.58 -6.02 13.26
N MET A 99 9.83 -6.02 12.79
CA MET A 99 10.53 -4.79 12.43
C MET A 99 9.72 -3.97 11.42
N PHE A 100 8.99 -4.66 10.55
CA PHE A 100 8.18 -3.99 9.53
C PHE A 100 6.70 -4.01 9.91
N GLN A 101 6.30 -4.94 10.77
CA GLN A 101 4.90 -5.01 11.24
C GLN A 101 4.52 -3.73 11.99
N LYS A 102 5.45 -3.21 12.78
CA LYS A 102 5.23 -1.96 13.49
C LYS A 102 5.01 -0.82 12.49
N LEU A 103 5.77 -0.86 11.39
CA LEU A 103 5.64 0.13 10.32
C LEU A 103 4.40 -0.17 9.47
N GLN A 104 3.96 -1.42 9.48
CA GLN A 104 2.74 -1.82 8.79
C GLN A 104 1.54 -1.20 9.48
N ASP A 105 1.55 -1.25 10.81
CA ASP A 105 0.50 -0.61 11.61
C ASP A 105 0.54 0.91 11.37
N GLN A 106 1.75 1.46 11.32
CA GLN A 106 1.94 2.87 11.05
C GLN A 106 1.31 3.22 9.70
N ILE A 107 1.74 2.55 8.63
CA ILE A 107 1.24 2.84 7.30
C ILE A 107 -0.24 2.46 7.18
N PHE A 108 -0.69 1.53 8.02
CA PHE A 108 -2.09 1.15 8.07
C PHE A 108 -2.91 2.35 8.55
N ASN A 109 -2.39 3.01 9.58
CA ASN A 109 -3.02 4.18 10.16
C ASN A 109 -2.96 5.36 9.17
N LEU A 110 -1.77 5.57 8.62
CA LEU A 110 -1.54 6.67 7.67
C LEU A 110 -2.34 6.44 6.38
N MET A 111 -2.43 5.18 5.98
CA MET A 111 -3.17 4.80 4.76
C MET A 111 -4.64 5.15 4.95
N LYS A 112 -5.19 4.70 6.08
CA LYS A 112 -6.56 5.04 6.46
C LYS A 112 -6.73 6.57 6.42
N TYR A 113 -5.89 7.26 7.18
CA TYR A 113 -5.95 8.71 7.31
C TYR A 113 -5.82 9.40 5.94
N ASP A 114 -4.60 9.40 5.41
CA ASP A 114 -4.28 10.14 4.19
C ASP A 114 -4.90 9.50 2.95
N SER A 115 -4.61 8.22 2.74
CA SER A 115 -4.99 7.56 1.50
C SER A 115 -6.52 7.54 1.31
N TYR A 116 -7.29 7.50 2.41
CA TYR A 116 -8.74 7.59 2.27
C TYR A 116 -9.18 9.03 2.01
N SER A 117 -8.44 10.01 2.55
CA SER A 117 -8.69 11.41 2.22
C SER A 117 -8.53 11.63 0.71
N ARG A 118 -7.78 10.72 0.08
CA ARG A 118 -7.60 10.74 -1.38
C ARG A 118 -8.72 9.91 -2.04
N PHE A 119 -8.83 8.65 -1.62
CA PHE A 119 -9.69 7.66 -2.28
C PHE A 119 -11.18 7.94 -2.02
N LEU A 120 -11.48 8.79 -1.05
CA LEU A 120 -12.86 9.18 -0.77
C LEU A 120 -13.14 10.58 -1.33
N LYS A 121 -12.17 11.14 -2.05
CA LYS A 121 -12.28 12.47 -2.61
C LYS A 121 -11.99 12.46 -4.10
N SER A 122 -10.76 12.11 -4.45
CA SER A 122 -10.36 11.99 -5.84
C SER A 122 -10.66 10.57 -6.35
N ASP A 123 -11.69 9.97 -5.79
CA ASP A 123 -12.06 8.57 -6.04
C ASP A 123 -12.35 8.31 -7.52
N LEU A 124 -12.67 7.05 -7.82
CA LEU A 124 -12.95 6.63 -9.19
C LEU A 124 -14.38 6.13 -9.33
N PHE A 125 -15.24 6.49 -8.37
CA PHE A 125 -16.64 6.04 -8.38
C PHE A 125 -17.39 6.71 -9.53
N LEU A 126 -16.75 7.72 -10.11
CA LEU A 126 -17.30 8.46 -11.23
C LEU A 126 -16.64 8.02 -12.52
N LYS A 127 -17.42 7.85 -13.58
CA LYS A 127 -16.86 7.51 -14.88
C LYS A 127 -16.22 8.75 -15.48
N HIS A 128 -16.60 9.89 -14.95
CA HIS A 128 -15.96 11.16 -15.27
C HIS A 128 -14.48 11.11 -14.88
N LYS A 129 -14.17 10.23 -13.92
CA LYS A 129 -12.80 10.07 -13.43
C LYS A 129 -12.20 8.77 -13.97
N ARG A 130 -13.03 7.75 -14.12
CA ARG A 130 -12.60 6.46 -14.64
C ARG A 130 -13.51 6.02 -15.80
N THR A 131 -13.07 6.31 -17.02
CA THR A 131 -13.84 5.94 -18.21
C THR A 131 -13.38 4.57 -18.73
N GLU A 132 -14.33 3.74 -19.19
CA GLU A 132 -14.00 2.43 -19.76
C GLU A 132 -13.19 2.62 -21.04
N GLU A 133 -13.50 3.72 -21.74
CA GLU A 133 -12.78 4.11 -22.94
C GLU A 133 -11.38 4.60 -22.55
N GLU A 134 -10.42 3.68 -22.54
CA GLU A 134 -9.04 3.98 -22.14
C GLU A 134 -8.51 5.19 -22.90
N GLU A 135 -8.19 6.24 -22.16
CA GLU A 135 -7.72 7.49 -22.75
C GLU A 135 -6.30 7.33 -23.29
N GLU A 136 -6.19 7.32 -24.61
CA GLU A 136 -4.91 7.20 -25.32
C GLU A 136 -4.29 5.82 -25.10
N ASP A 137 -3.78 5.24 -26.18
CA ASP A 137 -3.13 3.94 -26.13
C ASP A 137 -1.76 4.07 -25.44
N LEU A 138 -1.66 3.51 -24.23
CA LEU A 138 -0.42 3.58 -23.45
C LEU A 138 0.24 2.20 -23.44
N SER A 1 -24.74 -2.73 -10.68
CA SER A 1 -23.47 -2.95 -11.38
C SER A 1 -22.53 -3.81 -10.54
N MET A 2 -21.85 -4.76 -11.20
CA MET A 2 -20.84 -5.57 -10.53
C MET A 2 -19.65 -4.71 -10.15
N GLN A 3 -19.03 -4.11 -11.18
CA GLN A 3 -17.95 -3.16 -10.97
C GLN A 3 -18.50 -1.90 -10.30
N SER A 4 -17.77 -1.41 -9.29
CA SER A 4 -18.18 -0.23 -8.54
C SER A 4 -19.52 -0.44 -7.83
N LEU A 5 -20.08 0.63 -7.27
CA LEU A 5 -21.39 0.62 -6.62
C LEU A 5 -21.43 -0.38 -5.46
N LYS A 6 -21.66 -1.62 -5.80
CA LYS A 6 -21.69 -2.71 -4.83
C LYS A 6 -20.31 -2.94 -4.25
N SER A 7 -19.35 -3.15 -5.14
CA SER A 7 -17.98 -3.43 -4.75
C SER A 7 -17.37 -2.24 -4.00
N THR A 8 -17.74 -1.03 -4.40
CA THR A 8 -17.21 0.17 -3.75
C THR A 8 -17.78 0.35 -2.35
N ALA A 9 -19.03 -0.08 -2.17
CA ALA A 9 -19.66 -0.07 -0.86
C ALA A 9 -18.86 -0.96 0.09
N LYS A 10 -18.35 -2.07 -0.44
CA LYS A 10 -17.48 -2.98 0.30
C LYS A 10 -16.28 -2.24 0.88
N TRP A 11 -15.47 -1.72 -0.01
CA TRP A 11 -14.18 -1.14 0.35
C TRP A 11 -14.35 0.15 1.16
N ALA A 12 -15.41 0.90 0.89
CA ALA A 12 -15.69 2.11 1.63
C ALA A 12 -16.52 1.82 2.88
N ALA A 13 -16.85 0.54 3.09
CA ALA A 13 -17.42 0.09 4.38
C ALA A 13 -16.29 -0.03 5.40
N SER A 14 -15.25 -0.79 5.04
CA SER A 14 -14.13 -1.02 5.94
C SER A 14 -12.83 -1.20 5.16
N LEU A 15 -11.73 -0.68 5.71
CA LEU A 15 -10.41 -0.81 5.10
C LEU A 15 -10.05 -2.28 4.95
N GLU A 16 -10.55 -3.09 5.88
CA GLU A 16 -10.31 -4.53 5.87
C GLU A 16 -10.83 -5.14 4.59
N ASN A 17 -12.03 -4.70 4.19
CA ASN A 17 -12.66 -5.15 2.96
C ASN A 17 -11.81 -4.75 1.77
N LEU A 18 -11.41 -3.48 1.77
CA LEU A 18 -10.56 -2.92 0.73
C LEU A 18 -9.29 -3.77 0.54
N LEU A 19 -8.65 -4.11 1.64
CA LEU A 19 -7.40 -4.88 1.60
C LEU A 19 -7.66 -6.37 1.42
N GLU A 20 -8.92 -6.77 1.47
CA GLU A 20 -9.30 -8.18 1.32
C GLU A 20 -9.69 -8.48 -0.12
N ASP A 21 -10.69 -7.76 -0.62
CA ASP A 21 -11.20 -7.98 -1.98
C ASP A 21 -10.16 -7.52 -3.02
N PRO A 22 -9.75 -8.41 -3.94
CA PRO A 22 -8.67 -8.14 -4.90
C PRO A 22 -8.93 -6.89 -5.74
N GLU A 23 -10.12 -6.79 -6.33
CA GLU A 23 -10.46 -5.67 -7.20
C GLU A 23 -10.34 -4.35 -6.43
N GLY A 24 -10.55 -4.43 -5.12
CA GLY A 24 -10.39 -3.28 -4.27
C GLY A 24 -8.96 -2.81 -4.27
N VAL A 25 -8.07 -3.67 -3.77
CA VAL A 25 -6.65 -3.35 -3.71
C VAL A 25 -6.11 -2.97 -5.08
N LYS A 26 -6.64 -3.61 -6.13
CA LYS A 26 -6.22 -3.32 -7.50
C LYS A 26 -6.51 -1.87 -7.87
N ARG A 27 -7.80 -1.51 -7.95
CA ARG A 27 -8.21 -0.16 -8.34
C ARG A 27 -7.63 0.87 -7.36
N PHE A 28 -7.53 0.45 -6.11
CA PHE A 28 -6.95 1.26 -5.04
C PHE A 28 -5.50 1.60 -5.35
N ARG A 29 -4.74 0.58 -5.74
CA ARG A 29 -3.34 0.73 -6.08
C ARG A 29 -3.17 1.61 -7.32
N GLU A 30 -4.11 1.46 -8.26
CA GLU A 30 -4.10 2.27 -9.49
C GLU A 30 -4.20 3.75 -9.16
N PHE A 31 -5.13 4.10 -8.27
CA PHE A 31 -5.31 5.47 -7.84
C PHE A 31 -4.02 5.97 -7.19
N LEU A 32 -3.54 5.20 -6.22
CA LEU A 32 -2.32 5.52 -5.52
C LEU A 32 -1.12 5.52 -6.48
N LYS A 33 -1.24 4.81 -7.58
CA LYS A 33 -0.19 4.76 -8.60
C LYS A 33 0.09 6.16 -9.14
N LYS A 34 -0.97 6.82 -9.62
CA LYS A 34 -0.83 8.15 -10.20
C LYS A 34 -0.67 9.22 -9.11
N GLU A 35 -1.39 9.03 -8.00
CA GLU A 35 -1.30 9.95 -6.85
C GLU A 35 0.02 9.77 -6.07
N PHE A 36 0.75 8.71 -6.41
CA PHE A 36 2.02 8.37 -5.78
C PHE A 36 1.85 8.05 -4.29
N SER A 37 1.34 6.85 -4.07
CA SER A 37 1.19 6.25 -2.74
C SER A 37 1.13 4.73 -2.93
N GLU A 38 1.67 4.29 -4.07
CA GLU A 38 1.67 2.88 -4.43
C GLU A 38 2.66 2.13 -3.57
N GLU A 39 3.72 2.84 -3.17
CA GLU A 39 4.68 2.34 -2.19
C GLU A 39 3.93 1.91 -0.93
N ASN A 40 3.01 2.78 -0.52
CA ASN A 40 2.17 2.57 0.66
C ASN A 40 1.41 1.24 0.57
N VAL A 41 0.55 1.12 -0.43
CA VAL A 41 -0.29 -0.07 -0.57
C VAL A 41 0.56 -1.34 -0.76
N LEU A 42 1.60 -1.23 -1.58
CA LEU A 42 2.47 -2.37 -1.87
C LEU A 42 3.28 -2.78 -0.65
N PHE A 43 3.68 -1.81 0.16
CA PHE A 43 4.46 -2.08 1.35
C PHE A 43 3.67 -2.92 2.34
N TRP A 44 2.38 -2.61 2.49
CA TRP A 44 1.52 -3.36 3.40
C TRP A 44 1.34 -4.78 2.89
N LEU A 45 1.04 -4.92 1.60
CA LEU A 45 0.88 -6.24 0.98
C LEU A 45 2.16 -7.05 1.13
N ALA A 46 3.29 -6.40 0.87
CA ALA A 46 4.59 -7.04 0.92
C ALA A 46 4.98 -7.41 2.34
N CYS A 47 4.63 -6.56 3.30
CA CYS A 47 4.92 -6.81 4.71
C CYS A 47 3.98 -7.88 5.26
N GLU A 48 2.78 -7.95 4.70
CA GLU A 48 1.83 -9.01 5.03
C GLU A 48 2.41 -10.34 4.58
N ASP A 49 2.71 -10.42 3.28
CA ASP A 49 3.32 -11.60 2.68
C ASP A 49 4.62 -11.95 3.41
N PHE A 50 5.33 -10.88 3.82
CA PHE A 50 6.59 -10.96 4.54
C PHE A 50 6.52 -11.97 5.68
N LYS A 51 5.70 -11.67 6.70
CA LYS A 51 5.68 -12.50 7.91
C LYS A 51 4.80 -13.74 7.73
N LYS A 52 4.06 -13.81 6.62
CA LYS A 52 3.24 -15.00 6.34
C LYS A 52 4.12 -16.21 6.08
N MET A 53 5.02 -16.11 5.11
CA MET A 53 5.83 -17.26 4.69
C MET A 53 7.31 -17.03 4.96
N GLN A 54 7.61 -16.27 6.01
CA GLN A 54 8.97 -15.88 6.31
C GLN A 54 9.80 -17.02 6.89
N ASP A 55 11.06 -17.01 6.53
CA ASP A 55 12.09 -17.83 7.16
C ASP A 55 13.17 -16.90 7.69
N LYS A 56 14.03 -17.38 8.59
CA LYS A 56 15.09 -16.55 9.16
C LYS A 56 15.89 -15.88 8.03
N THR A 57 16.41 -16.70 7.12
CA THR A 57 17.22 -16.20 6.00
C THR A 57 16.35 -15.41 5.01
N GLN A 58 15.25 -16.02 4.59
CA GLN A 58 14.35 -15.40 3.59
C GLN A 58 13.89 -14.01 4.04
N MET A 59 13.45 -13.93 5.29
CA MET A 59 12.93 -12.69 5.86
C MET A 59 13.98 -11.59 5.83
N GLN A 60 15.20 -11.94 6.20
CA GLN A 60 16.31 -10.98 6.19
C GLN A 60 16.50 -10.41 4.80
N GLU A 61 16.60 -11.29 3.81
CA GLU A 61 16.76 -10.88 2.42
C GLU A 61 15.56 -10.04 1.97
N LYS A 62 14.36 -10.48 2.37
CA LYS A 62 13.13 -9.79 2.02
C LYS A 62 13.09 -8.40 2.65
N ALA A 63 13.70 -8.27 3.83
CA ALA A 63 13.75 -7.00 4.53
C ALA A 63 14.58 -5.99 3.74
N LYS A 64 15.62 -6.51 3.08
CA LYS A 64 16.52 -5.69 2.28
C LYS A 64 15.86 -5.39 0.95
N GLU A 65 15.11 -6.37 0.47
CA GLU A 65 14.34 -6.26 -0.76
C GLU A 65 13.32 -5.12 -0.66
N ILE A 66 12.34 -5.27 0.24
CA ILE A 66 11.26 -4.28 0.35
C ILE A 66 11.79 -2.92 0.77
N TYR A 67 12.83 -2.89 1.60
CA TYR A 67 13.42 -1.63 2.02
C TYR A 67 13.99 -0.89 0.83
N MET A 68 14.66 -1.61 -0.06
CA MET A 68 15.31 -0.99 -1.21
C MET A 68 14.31 -0.61 -2.30
N THR A 69 13.26 -1.41 -2.44
CA THR A 69 12.29 -1.22 -3.53
C THR A 69 11.13 -0.30 -3.13
N PHE A 70 10.82 -0.24 -1.84
CA PHE A 70 9.66 0.55 -1.37
C PHE A 70 10.08 1.68 -0.43
N LEU A 71 11.06 1.42 0.44
CA LEU A 71 11.46 2.42 1.43
C LEU A 71 12.67 3.24 0.95
N SER A 72 13.88 2.79 1.33
CA SER A 72 15.10 3.51 1.07
C SER A 72 15.01 4.99 1.51
N SER A 73 15.50 5.26 2.72
CA SER A 73 15.48 6.62 3.27
C SER A 73 16.43 7.56 2.52
N LYS A 74 17.07 7.02 1.48
CA LYS A 74 18.05 7.75 0.68
C LYS A 74 17.43 8.11 -0.67
N ALA A 75 16.27 7.53 -0.96
CA ALA A 75 15.59 7.72 -2.24
C ALA A 75 15.02 9.14 -2.34
N SER A 76 15.09 9.89 -1.24
CA SER A 76 14.58 11.25 -1.19
C SER A 76 13.07 11.27 -1.47
N SER A 77 12.40 10.16 -1.17
CA SER A 77 10.98 10.03 -1.41
C SER A 77 10.39 8.96 -0.49
N GLN A 78 10.87 7.73 -0.66
CA GLN A 78 10.48 6.61 0.18
C GLN A 78 9.00 6.24 -0.06
N VAL A 79 8.11 6.90 0.68
CA VAL A 79 6.69 6.59 0.62
C VAL A 79 5.87 7.77 1.15
N ASN A 80 4.63 7.87 0.70
CA ASN A 80 3.72 8.93 1.17
C ASN A 80 3.36 8.74 2.64
N VAL A 81 4.25 9.19 3.53
CA VAL A 81 4.07 9.06 4.98
C VAL A 81 4.53 10.32 5.70
N GLU A 82 4.54 10.24 7.03
CA GLU A 82 4.94 11.35 7.90
C GLU A 82 6.38 11.19 8.41
N GLY A 83 6.86 9.95 8.43
CA GLY A 83 8.18 9.68 8.95
C GLY A 83 9.26 9.82 7.89
N GLN A 84 10.43 10.34 8.29
CA GLN A 84 11.56 10.53 7.40
C GLN A 84 12.47 9.30 7.47
N SER A 85 13.42 9.32 8.41
CA SER A 85 14.28 8.16 8.65
C SER A 85 13.54 7.16 9.54
N ARG A 86 12.62 6.42 8.94
CA ARG A 86 11.79 5.47 9.67
C ARG A 86 12.59 4.23 10.03
N LEU A 87 13.53 3.91 9.17
CA LEU A 87 14.44 2.78 9.37
C LEU A 87 15.84 3.16 8.87
N ASN A 88 16.83 3.04 9.75
CA ASN A 88 18.22 3.29 9.37
C ASN A 88 18.82 2.01 8.79
N GLU A 89 19.70 2.16 7.80
CA GLU A 89 20.24 1.01 7.06
C GLU A 89 20.87 -0.03 7.99
N LYS A 90 21.33 0.40 9.15
CA LYS A 90 22.04 -0.47 10.08
C LYS A 90 21.13 -1.59 10.62
N ILE A 91 19.85 -1.30 10.80
CA ILE A 91 18.92 -2.31 11.30
C ILE A 91 18.59 -3.33 10.20
N LEU A 92 18.85 -2.96 8.94
CA LEU A 92 18.67 -3.87 7.81
C LEU A 92 19.84 -4.85 7.74
N GLU A 93 20.89 -4.57 8.51
CA GLU A 93 22.05 -5.47 8.60
C GLU A 93 21.79 -6.55 9.66
N GLU A 94 20.67 -6.42 10.35
CA GLU A 94 20.21 -7.45 11.28
C GLU A 94 18.68 -7.43 11.32
N PRO A 95 18.03 -7.85 10.22
CA PRO A 95 16.56 -7.82 10.12
C PRO A 95 15.90 -8.82 11.07
N HIS A 96 14.77 -8.41 11.63
CA HIS A 96 13.98 -9.26 12.51
C HIS A 96 12.53 -9.32 11.99
N PRO A 97 11.83 -10.45 12.18
CA PRO A 97 10.47 -10.65 11.67
C PRO A 97 9.52 -9.50 12.05
N LEU A 98 9.69 -8.97 13.25
CA LEU A 98 8.78 -7.94 13.77
C LEU A 98 9.27 -6.51 13.46
N MET A 99 10.44 -6.40 12.82
CA MET A 99 11.05 -5.09 12.58
C MET A 99 10.21 -4.28 11.58
N PHE A 100 9.66 -4.93 10.56
CA PHE A 100 8.82 -4.27 9.56
C PHE A 100 7.35 -4.31 9.96
N GLN A 101 7.02 -5.10 10.98
CA GLN A 101 5.63 -5.24 11.42
C GLN A 101 5.13 -3.93 12.04
N LYS A 102 6.00 -3.28 12.81
CA LYS A 102 5.66 -1.99 13.41
C LYS A 102 5.42 -0.94 12.32
N LEU A 103 6.21 -1.04 11.25
CA LEU A 103 6.06 -0.13 10.11
C LEU A 103 4.78 -0.44 9.35
N GLN A 104 4.37 -1.71 9.36
CA GLN A 104 3.11 -2.12 8.75
C GLN A 104 1.94 -1.60 9.58
N ASP A 105 2.08 -1.69 10.89
CA ASP A 105 1.07 -1.17 11.81
C ASP A 105 0.83 0.31 11.55
N GLN A 106 1.93 1.06 11.44
CA GLN A 106 1.85 2.49 11.17
C GLN A 106 1.25 2.74 9.79
N ILE A 107 1.78 2.05 8.77
CA ILE A 107 1.32 2.26 7.39
C ILE A 107 -0.16 1.92 7.27
N PHE A 108 -0.62 0.95 8.06
CA PHE A 108 -2.02 0.51 8.02
C PHE A 108 -2.94 1.64 8.46
N ASN A 109 -2.68 2.18 9.66
CA ASN A 109 -3.50 3.26 10.20
C ASN A 109 -3.36 4.52 9.36
N LEU A 110 -2.13 4.83 8.98
CA LEU A 110 -1.83 5.97 8.12
C LEU A 110 -2.57 5.80 6.79
N MET A 111 -2.57 4.57 6.28
CA MET A 111 -3.23 4.24 5.02
C MET A 111 -4.71 4.55 5.12
N LYS A 112 -5.33 4.10 6.21
CA LYS A 112 -6.75 4.32 6.43
C LYS A 112 -7.09 5.80 6.27
N TYR A 113 -6.39 6.65 7.01
CA TYR A 113 -6.63 8.09 6.96
C TYR A 113 -6.34 8.65 5.56
N ASP A 114 -5.07 8.64 5.19
CA ASP A 114 -4.63 9.24 3.94
C ASP A 114 -5.33 8.59 2.74
N SER A 115 -5.12 7.31 2.57
CA SER A 115 -5.54 6.60 1.37
C SER A 115 -7.06 6.57 1.19
N TYR A 116 -7.83 6.64 2.28
CA TYR A 116 -9.29 6.75 2.16
C TYR A 116 -9.64 8.08 1.50
N SER A 117 -9.12 9.17 2.06
CA SER A 117 -9.40 10.50 1.53
C SER A 117 -8.89 10.62 0.08
N ARG A 118 -7.87 9.83 -0.24
CA ARG A 118 -7.35 9.77 -1.61
C ARG A 118 -8.35 9.07 -2.53
N PHE A 119 -8.56 7.78 -2.28
CA PHE A 119 -9.37 6.93 -3.17
C PHE A 119 -10.78 7.48 -3.37
N LEU A 120 -11.33 8.07 -2.31
CA LEU A 120 -12.69 8.63 -2.36
C LEU A 120 -12.69 10.02 -3.00
N LYS A 121 -11.52 10.58 -3.22
CA LYS A 121 -11.40 11.90 -3.83
C LYS A 121 -11.66 11.81 -5.32
N SER A 122 -12.30 12.84 -5.85
CA SER A 122 -12.69 12.91 -7.27
C SER A 122 -13.57 11.72 -7.72
N ASP A 123 -13.91 10.84 -6.77
CA ASP A 123 -14.74 9.66 -7.05
C ASP A 123 -14.16 8.83 -8.20
N LEU A 124 -13.35 7.84 -7.88
CA LEU A 124 -12.73 6.98 -8.89
C LEU A 124 -13.69 5.89 -9.36
N PHE A 125 -14.95 6.02 -8.96
CA PHE A 125 -15.98 5.12 -9.44
C PHE A 125 -16.38 5.53 -10.87
N LEU A 126 -15.77 6.64 -11.32
CA LEU A 126 -16.08 7.24 -12.60
C LEU A 126 -14.82 7.36 -13.46
N LYS A 127 -15.01 7.75 -14.72
CA LYS A 127 -13.89 7.97 -15.64
C LYS A 127 -13.27 9.35 -15.43
N HIS A 128 -13.82 10.13 -14.49
CA HIS A 128 -13.33 11.47 -14.21
C HIS A 128 -11.90 11.44 -13.69
N LYS A 129 -11.61 10.49 -12.81
CA LYS A 129 -10.25 10.29 -12.30
C LYS A 129 -9.61 9.09 -13.00
N ARG A 130 -10.47 8.18 -13.44
CA ARG A 130 -10.05 7.02 -14.23
C ARG A 130 -10.09 7.41 -15.71
N THR A 131 -9.20 8.31 -16.10
CA THR A 131 -9.13 8.79 -17.47
C THR A 131 -8.49 7.73 -18.38
N GLU A 132 -9.34 6.99 -19.08
CA GLU A 132 -8.90 5.99 -20.04
C GLU A 132 -8.67 6.64 -21.40
N GLU A 133 -9.60 7.52 -21.76
CA GLU A 133 -9.55 8.23 -23.03
C GLU A 133 -8.78 9.55 -22.88
N GLU A 134 -7.46 9.43 -22.81
CA GLU A 134 -6.57 10.59 -22.69
C GLU A 134 -6.15 11.08 -24.07
N GLU A 135 -5.71 12.33 -24.16
CA GLU A 135 -5.31 12.92 -25.44
C GLU A 135 -4.15 12.16 -26.06
N GLU A 136 -3.26 11.67 -25.21
CA GLU A 136 -2.18 10.79 -25.65
C GLU A 136 -2.62 9.34 -25.51
N ASP A 137 -3.73 9.02 -26.18
CA ASP A 137 -4.28 7.66 -26.18
C ASP A 137 -3.23 6.68 -26.70
N LEU A 138 -2.62 7.04 -27.82
CA LEU A 138 -1.52 6.27 -28.40
C LEU A 138 -0.34 7.20 -28.68
N SER A 1 -15.27 -8.99 -11.39
CA SER A 1 -16.07 -9.67 -10.36
C SER A 1 -17.11 -8.71 -9.79
N MET A 2 -16.63 -7.66 -9.13
CA MET A 2 -17.49 -6.62 -8.58
C MET A 2 -17.19 -5.29 -9.26
N GLN A 3 -18.11 -4.86 -10.13
CA GLN A 3 -17.85 -3.72 -11.01
C GLN A 3 -18.52 -2.44 -10.48
N SER A 4 -17.81 -1.76 -9.59
CA SER A 4 -18.19 -0.43 -9.10
C SER A 4 -19.58 -0.42 -8.43
N LEU A 5 -20.11 0.79 -8.20
CA LEU A 5 -21.41 1.00 -7.57
C LEU A 5 -21.47 0.38 -6.18
N LYS A 6 -22.00 -0.82 -6.12
CA LYS A 6 -22.10 -1.55 -4.87
C LYS A 6 -20.71 -1.91 -4.38
N SER A 7 -19.87 -2.26 -5.34
CA SER A 7 -18.49 -2.63 -5.08
C SER A 7 -17.74 -1.48 -4.43
N THR A 8 -17.92 -0.27 -4.97
CA THR A 8 -17.24 0.91 -4.46
C THR A 8 -17.79 1.30 -3.08
N ALA A 9 -19.08 1.03 -2.87
CA ALA A 9 -19.71 1.25 -1.56
C ALA A 9 -19.04 0.36 -0.50
N LYS A 10 -18.73 -0.87 -0.91
CA LYS A 10 -18.01 -1.81 -0.05
C LYS A 10 -16.70 -1.22 0.45
N TRP A 11 -15.84 -0.88 -0.50
CA TRP A 11 -14.48 -0.46 -0.20
C TRP A 11 -14.46 0.88 0.52
N ALA A 12 -15.44 1.74 0.22
CA ALA A 12 -15.55 3.02 0.91
C ALA A 12 -16.39 2.89 2.19
N ALA A 13 -16.87 1.68 2.47
CA ALA A 13 -17.48 1.37 3.78
C ALA A 13 -16.38 1.18 4.81
N SER A 14 -15.39 0.36 4.45
CA SER A 14 -14.27 0.06 5.33
C SER A 14 -13.02 -0.27 4.51
N LEU A 15 -11.88 0.30 4.92
CA LEU A 15 -10.60 0.00 4.29
C LEU A 15 -10.32 -1.50 4.38
N GLU A 16 -10.92 -2.14 5.39
CA GLU A 16 -10.82 -3.59 5.56
C GLU A 16 -11.37 -4.30 4.32
N ASN A 17 -12.56 -3.88 3.89
CA ASN A 17 -13.20 -4.43 2.71
C ASN A 17 -12.31 -4.26 1.50
N LEU A 18 -11.76 -3.05 1.38
CA LEU A 18 -10.83 -2.71 0.31
C LEU A 18 -9.68 -3.70 0.25
N LEU A 19 -9.06 -3.96 1.41
CA LEU A 19 -7.91 -4.86 1.50
C LEU A 19 -8.35 -6.33 1.60
N GLU A 20 -9.66 -6.56 1.59
CA GLU A 20 -10.21 -7.92 1.61
C GLU A 20 -10.51 -8.42 0.20
N ASP A 21 -11.26 -7.61 -0.55
CA ASP A 21 -11.66 -7.96 -1.92
C ASP A 21 -10.53 -7.66 -2.91
N PRO A 22 -10.35 -8.51 -3.94
CA PRO A 22 -9.28 -8.36 -4.92
C PRO A 22 -9.31 -7.00 -5.62
N GLU A 23 -10.41 -6.74 -6.35
CA GLU A 23 -10.55 -5.48 -7.09
C GLU A 23 -10.47 -4.29 -6.16
N GLY A 24 -10.72 -4.51 -4.87
CA GLY A 24 -10.55 -3.46 -3.89
C GLY A 24 -9.11 -3.04 -3.81
N VAL A 25 -8.23 -4.01 -3.58
CA VAL A 25 -6.80 -3.77 -3.49
C VAL A 25 -6.24 -3.21 -4.81
N LYS A 26 -6.77 -3.71 -5.92
CA LYS A 26 -6.19 -3.39 -7.24
C LYS A 26 -6.71 -2.06 -7.80
N ARG A 27 -8.02 -1.82 -7.73
CA ARG A 27 -8.58 -0.53 -8.17
C ARG A 27 -8.04 0.59 -7.30
N PHE A 28 -7.81 0.28 -6.03
CA PHE A 28 -7.14 1.18 -5.11
C PHE A 28 -5.73 1.43 -5.62
N ARG A 29 -4.94 0.35 -5.67
CA ARG A 29 -3.55 0.39 -6.11
C ARG A 29 -3.37 1.29 -7.35
N GLU A 30 -4.14 1.01 -8.39
CA GLU A 30 -3.98 1.70 -9.67
C GLU A 30 -4.34 3.17 -9.55
N PHE A 31 -5.38 3.47 -8.79
CA PHE A 31 -5.86 4.83 -8.65
C PHE A 31 -4.79 5.73 -8.02
N LEU A 32 -4.20 5.27 -6.91
CA LEU A 32 -3.15 6.06 -6.26
C LEU A 32 -1.77 5.69 -6.81
N LYS A 33 -1.74 4.86 -7.86
CA LYS A 33 -0.54 4.74 -8.68
C LYS A 33 -0.41 6.00 -9.53
N LYS A 34 -1.55 6.51 -9.97
CA LYS A 34 -1.60 7.77 -10.71
C LYS A 34 -1.34 8.94 -9.76
N GLU A 35 -1.94 8.86 -8.56
CA GLU A 35 -1.72 9.85 -7.51
C GLU A 35 -0.30 9.74 -6.94
N PHE A 36 0.28 8.56 -7.09
CA PHE A 36 1.63 8.24 -6.61
C PHE A 36 1.64 8.03 -5.09
N SER A 37 1.21 6.85 -4.71
CA SER A 37 1.17 6.39 -3.32
C SER A 37 1.25 4.85 -3.31
N GLU A 38 1.84 4.33 -4.38
CA GLU A 38 1.84 2.90 -4.65
C GLU A 38 2.89 2.16 -3.82
N GLU A 39 3.99 2.84 -3.51
CA GLU A 39 5.04 2.24 -2.69
C GLU A 39 4.49 2.01 -1.29
N ASN A 40 3.54 2.86 -0.90
CA ASN A 40 2.83 2.73 0.37
C ASN A 40 1.94 1.49 0.39
N VAL A 41 1.04 1.37 -0.60
CA VAL A 41 0.12 0.22 -0.64
C VAL A 41 0.88 -1.09 -0.84
N LEU A 42 1.88 -1.07 -1.70
CA LEU A 42 2.70 -2.25 -1.96
C LEU A 42 3.49 -2.64 -0.73
N PHE A 43 3.92 -1.66 0.05
CA PHE A 43 4.69 -1.92 1.26
C PHE A 43 3.86 -2.73 2.25
N TRP A 44 2.60 -2.35 2.43
CA TRP A 44 1.71 -3.06 3.34
C TRP A 44 1.51 -4.51 2.87
N LEU A 45 1.18 -4.67 1.59
CA LEU A 45 1.02 -6.01 1.01
C LEU A 45 2.30 -6.82 1.19
N ALA A 46 3.43 -6.17 0.97
CA ALA A 46 4.73 -6.81 1.07
C ALA A 46 5.05 -7.16 2.52
N CYS A 47 4.56 -6.34 3.45
CA CYS A 47 4.75 -6.59 4.88
C CYS A 47 3.81 -7.68 5.38
N GLU A 48 2.61 -7.75 4.79
CA GLU A 48 1.67 -8.82 5.10
C GLU A 48 2.24 -10.14 4.61
N ASP A 49 2.68 -10.13 3.36
CA ASP A 49 3.39 -11.26 2.75
C ASP A 49 4.58 -11.64 3.63
N PHE A 50 5.33 -10.62 4.02
CA PHE A 50 6.50 -10.75 4.90
C PHE A 50 6.13 -11.57 6.13
N LYS A 51 5.15 -11.06 6.87
CA LYS A 51 4.69 -11.66 8.12
C LYS A 51 4.36 -13.15 7.93
N LYS A 52 3.85 -13.48 6.74
CA LYS A 52 3.37 -14.84 6.47
C LYS A 52 4.50 -15.79 6.06
N MET A 53 5.59 -15.25 5.52
CA MET A 53 6.63 -16.12 4.94
C MET A 53 8.02 -15.85 5.51
N GLN A 54 8.14 -14.88 6.40
CA GLN A 54 9.46 -14.39 6.83
C GLN A 54 10.29 -15.47 7.55
N ASP A 55 11.00 -16.26 6.75
CA ASP A 55 12.09 -17.11 7.24
C ASP A 55 13.28 -16.21 7.58
N LYS A 56 14.27 -16.72 8.32
CA LYS A 56 15.42 -15.89 8.70
C LYS A 56 16.08 -15.25 7.47
N THR A 57 16.53 -16.09 6.54
CA THR A 57 17.24 -15.61 5.35
C THR A 57 16.39 -14.62 4.56
N GLN A 58 15.13 -15.00 4.35
CA GLN A 58 14.19 -14.17 3.60
C GLN A 58 13.97 -12.84 4.32
N MET A 59 13.62 -12.93 5.58
CA MET A 59 13.32 -11.77 6.42
C MET A 59 14.44 -10.75 6.38
N GLN A 60 15.67 -11.24 6.50
CA GLN A 60 16.85 -10.39 6.52
C GLN A 60 16.98 -9.58 5.23
N GLU A 61 17.14 -10.29 4.12
CA GLU A 61 17.37 -9.67 2.82
C GLU A 61 16.15 -8.88 2.36
N LYS A 62 14.96 -9.42 2.63
CA LYS A 62 13.73 -8.79 2.15
C LYS A 62 13.30 -7.63 3.05
N ALA A 63 13.88 -7.54 4.24
CA ALA A 63 13.63 -6.39 5.12
C ALA A 63 14.37 -5.21 4.52
N LYS A 64 15.63 -5.49 4.22
CA LYS A 64 16.51 -4.57 3.54
C LYS A 64 15.97 -4.26 2.13
N GLU A 65 15.37 -5.28 1.51
CA GLU A 65 14.77 -5.17 0.17
C GLU A 65 13.62 -4.16 0.16
N ILE A 66 12.49 -4.56 0.76
CA ILE A 66 11.26 -3.76 0.67
C ILE A 66 11.46 -2.35 1.21
N TYR A 67 12.27 -2.23 2.25
CA TYR A 67 12.52 -0.92 2.85
C TYR A 67 13.21 0.00 1.85
N MET A 68 14.26 -0.49 1.20
CA MET A 68 15.00 0.30 0.21
C MET A 68 14.21 0.48 -1.09
N THR A 69 13.41 -0.52 -1.42
CA THR A 69 12.68 -0.52 -2.69
C THR A 69 11.49 0.44 -2.66
N PHE A 70 10.82 0.52 -1.51
CA PHE A 70 9.63 1.35 -1.37
C PHE A 70 9.92 2.63 -0.58
N LEU A 71 10.54 2.48 0.59
CA LEU A 71 10.78 3.61 1.48
C LEU A 71 12.14 4.23 1.20
N SER A 72 13.18 3.69 1.83
CA SER A 72 14.53 4.21 1.70
C SER A 72 14.59 5.69 2.12
N SER A 73 15.72 6.33 1.87
CA SER A 73 15.86 7.76 2.05
C SER A 73 15.89 8.44 0.69
N LYS A 74 15.67 7.63 -0.35
CA LYS A 74 15.58 8.11 -1.72
C LYS A 74 14.47 7.35 -2.46
N ALA A 75 14.83 6.22 -3.08
CA ALA A 75 13.88 5.36 -3.80
C ALA A 75 13.04 6.13 -4.82
N SER A 76 13.42 7.38 -5.08
CA SER A 76 12.66 8.31 -5.93
C SER A 76 11.16 8.32 -5.58
N SER A 77 10.86 7.86 -4.38
CA SER A 77 9.48 7.76 -3.89
C SER A 77 9.44 8.03 -2.38
N GLN A 78 9.67 6.97 -1.59
CA GLN A 78 9.78 7.07 -0.14
C GLN A 78 8.46 7.48 0.53
N VAL A 79 8.28 6.98 1.76
CA VAL A 79 7.18 7.37 2.63
C VAL A 79 7.74 7.59 4.03
N ASN A 80 7.20 8.55 4.76
CA ASN A 80 7.71 8.88 6.08
C ASN A 80 7.28 7.83 7.11
N VAL A 81 8.09 6.78 7.23
CA VAL A 81 7.87 5.74 8.22
C VAL A 81 9.04 5.70 9.21
N GLU A 82 8.75 6.02 10.47
CA GLU A 82 9.78 6.10 11.50
C GLU A 82 9.41 5.21 12.69
N GLY A 83 8.28 5.52 13.31
CA GLY A 83 7.86 4.80 14.49
C GLY A 83 8.83 4.99 15.64
N GLN A 84 9.80 4.10 15.75
CA GLN A 84 10.82 4.19 16.78
C GLN A 84 12.07 4.87 16.21
N SER A 85 12.30 4.67 14.92
CA SER A 85 13.44 5.26 14.21
C SER A 85 13.45 4.75 12.78
N ARG A 86 13.93 5.56 11.84
CA ARG A 86 14.06 5.12 10.45
C ARG A 86 15.01 3.92 10.38
N LEU A 87 14.61 2.91 9.61
CA LEU A 87 15.31 1.63 9.59
C LEU A 87 16.69 1.75 8.95
N ASN A 88 17.02 2.95 8.45
CA ASN A 88 18.35 3.23 7.92
C ASN A 88 19.39 3.24 9.04
N GLU A 89 18.93 3.11 10.29
CA GLU A 89 19.82 3.11 11.45
C GLU A 89 20.45 1.72 11.65
N LYS A 90 20.96 1.16 10.56
CA LYS A 90 21.68 -0.12 10.56
C LYS A 90 20.90 -1.26 11.24
N ILE A 91 19.60 -1.06 11.48
CA ILE A 91 18.78 -2.08 12.11
C ILE A 91 18.50 -3.21 11.12
N LEU A 92 18.64 -2.90 9.84
CA LEU A 92 18.44 -3.88 8.77
C LEU A 92 19.51 -4.96 8.79
N GLU A 93 20.55 -4.74 9.60
CA GLU A 93 21.61 -5.72 9.78
C GLU A 93 21.17 -6.82 10.76
N GLU A 94 20.23 -6.47 11.63
CA GLU A 94 19.66 -7.41 12.59
C GLU A 94 18.15 -7.23 12.67
N PRO A 95 17.42 -7.62 11.61
CA PRO A 95 15.97 -7.47 11.56
C PRO A 95 15.28 -8.29 12.65
N HIS A 96 14.29 -7.68 13.30
CA HIS A 96 13.53 -8.32 14.37
C HIS A 96 12.22 -8.85 13.80
N PRO A 97 11.79 -10.06 14.19
CA PRO A 97 10.60 -10.71 13.60
C PRO A 97 9.37 -9.80 13.58
N LEU A 98 9.18 -9.01 14.63
CA LEU A 98 7.98 -8.19 14.75
C LEU A 98 8.23 -6.72 14.38
N MET A 99 9.39 -6.43 13.79
CA MET A 99 9.71 -5.04 13.43
C MET A 99 8.79 -4.55 12.31
N PHE A 100 8.70 -5.31 11.21
CA PHE A 100 7.86 -4.92 10.07
C PHE A 100 6.39 -5.16 10.38
N GLN A 101 6.12 -5.90 11.46
CA GLN A 101 4.74 -6.07 11.92
C GLN A 101 4.18 -4.71 12.36
N LYS A 102 5.05 -3.88 12.95
CA LYS A 102 4.68 -2.53 13.37
C LYS A 102 4.72 -1.56 12.19
N LEU A 103 5.51 -1.89 11.17
CA LEU A 103 5.50 -1.11 9.94
C LEU A 103 4.13 -1.21 9.28
N GLN A 104 3.49 -2.37 9.44
CA GLN A 104 2.12 -2.56 8.94
C GLN A 104 1.18 -1.57 9.64
N ASP A 105 1.26 -1.51 10.96
CA ASP A 105 0.44 -0.59 11.76
C ASP A 105 0.67 0.85 11.30
N GLN A 106 1.94 1.24 11.28
CA GLN A 106 2.34 2.60 10.94
C GLN A 106 1.86 3.00 9.55
N ILE A 107 2.18 2.20 8.55
CA ILE A 107 1.80 2.51 7.17
C ILE A 107 0.28 2.50 7.03
N PHE A 108 -0.38 1.60 7.75
CA PHE A 108 -1.84 1.47 7.70
C PHE A 108 -2.50 2.77 8.18
N ASN A 109 -1.95 3.33 9.25
CA ASN A 109 -2.47 4.58 9.83
C ASN A 109 -2.39 5.72 8.82
N LEU A 110 -1.19 5.95 8.28
CA LEU A 110 -0.97 7.03 7.33
C LEU A 110 -1.64 6.72 5.99
N MET A 111 -1.79 5.44 5.71
CA MET A 111 -2.43 4.98 4.49
C MET A 111 -3.90 5.34 4.52
N LYS A 112 -4.53 5.06 5.65
CA LYS A 112 -5.92 5.40 5.86
C LYS A 112 -6.12 6.90 5.62
N TYR A 113 -5.45 7.71 6.42
CA TYR A 113 -5.51 9.16 6.29
C TYR A 113 -5.32 9.57 4.83
N ASP A 114 -4.08 9.46 4.36
CA ASP A 114 -3.72 9.96 3.02
C ASP A 114 -4.32 9.07 1.94
N SER A 115 -3.79 7.86 1.81
CA SER A 115 -4.06 7.01 0.66
C SER A 115 -5.55 6.64 0.54
N TYR A 116 -6.25 6.51 1.67
CA TYR A 116 -7.66 6.12 1.63
C TYR A 116 -8.51 7.35 1.29
N SER A 117 -8.11 8.54 1.77
CA SER A 117 -8.81 9.75 1.37
C SER A 117 -8.62 10.00 -0.13
N ARG A 118 -7.46 9.58 -0.67
CA ARG A 118 -7.20 9.63 -2.10
C ARG A 118 -8.30 8.86 -2.84
N PHE A 119 -8.52 7.62 -2.41
CA PHE A 119 -9.52 6.74 -3.04
C PHE A 119 -10.92 7.36 -2.95
N LEU A 120 -11.18 8.05 -1.84
CA LEU A 120 -12.46 8.72 -1.62
C LEU A 120 -12.44 10.17 -2.17
N LYS A 121 -11.47 10.45 -3.03
CA LYS A 121 -11.38 11.74 -3.72
C LYS A 121 -11.08 11.52 -5.20
N SER A 122 -11.64 12.36 -6.07
CA SER A 122 -11.59 12.14 -7.51
C SER A 122 -12.30 10.81 -7.82
N ASP A 123 -13.23 10.47 -6.93
CA ASP A 123 -13.91 9.18 -6.87
C ASP A 123 -14.12 8.54 -8.24
N LEU A 124 -13.74 7.27 -8.36
CA LEU A 124 -14.02 6.48 -9.55
C LEU A 124 -15.39 5.82 -9.41
N PHE A 125 -16.15 6.30 -8.43
CA PHE A 125 -17.51 5.84 -8.19
C PHE A 125 -18.41 6.40 -9.28
N LEU A 126 -17.87 7.37 -10.01
CA LEU A 126 -18.58 8.12 -11.02
C LEU A 126 -18.02 7.82 -12.40
N LYS A 127 -18.56 8.50 -13.41
CA LYS A 127 -18.01 8.44 -14.76
C LYS A 127 -16.95 9.53 -14.92
N HIS A 128 -16.50 10.07 -13.78
CA HIS A 128 -15.46 11.08 -13.72
C HIS A 128 -14.14 10.57 -14.27
N LYS A 129 -13.81 9.32 -13.94
CA LYS A 129 -12.53 8.74 -14.30
C LYS A 129 -12.66 7.21 -14.30
N ARG A 130 -11.74 6.53 -15.01
CA ARG A 130 -11.75 5.07 -15.11
C ARG A 130 -12.86 4.61 -16.06
N THR A 131 -13.59 5.58 -16.59
CA THR A 131 -14.66 5.32 -17.55
C THR A 131 -14.07 5.02 -18.92
N GLU A 132 -14.92 4.96 -19.95
CA GLU A 132 -14.45 4.81 -21.32
C GLU A 132 -13.88 6.14 -21.82
N GLU A 133 -12.80 6.57 -21.17
CA GLU A 133 -12.18 7.85 -21.44
C GLU A 133 -11.26 7.76 -22.66
N GLU A 134 -10.72 6.56 -22.88
CA GLU A 134 -9.82 6.32 -23.99
C GLU A 134 -10.58 6.32 -25.30
N GLU A 135 -10.77 7.51 -25.87
CA GLU A 135 -11.50 7.68 -27.12
C GLU A 135 -10.55 7.44 -28.30
N GLU A 136 -11.05 7.61 -29.52
CA GLU A 136 -10.24 7.46 -30.73
C GLU A 136 -9.04 8.40 -30.67
N ASP A 137 -9.33 9.70 -30.61
CA ASP A 137 -8.30 10.72 -30.49
C ASP A 137 -7.75 10.74 -29.06
N LEU A 138 -6.54 10.22 -28.90
CA LEU A 138 -5.90 10.17 -27.58
C LEU A 138 -4.40 10.36 -27.74
N SER A 1 -22.01 -2.77 -15.86
CA SER A 1 -22.50 -1.46 -15.41
C SER A 1 -22.16 -1.23 -13.93
N MET A 2 -21.59 -2.24 -13.27
CA MET A 2 -21.29 -2.14 -11.84
C MET A 2 -19.92 -2.73 -11.49
N GLN A 3 -18.86 -2.00 -11.84
CA GLN A 3 -17.53 -2.28 -11.28
C GLN A 3 -17.33 -1.44 -10.03
N SER A 4 -18.24 -0.49 -9.86
CA SER A 4 -18.28 0.39 -8.69
C SER A 4 -19.68 0.31 -8.08
N LEU A 5 -20.11 1.37 -7.39
CA LEU A 5 -21.44 1.43 -6.77
C LEU A 5 -21.52 0.45 -5.60
N LYS A 6 -21.77 -0.79 -5.95
CA LYS A 6 -21.89 -1.87 -4.97
C LYS A 6 -20.51 -2.18 -4.37
N SER A 7 -19.53 -2.32 -5.25
CA SER A 7 -18.18 -2.65 -4.85
C SER A 7 -17.55 -1.52 -4.05
N THR A 8 -17.75 -0.29 -4.52
CA THR A 8 -17.20 0.88 -3.86
C THR A 8 -17.89 1.12 -2.52
N ALA A 9 -19.15 0.72 -2.42
CA ALA A 9 -19.88 0.79 -1.15
C ALA A 9 -19.19 -0.07 -0.10
N LYS A 10 -18.67 -1.21 -0.56
CA LYS A 10 -17.89 -2.11 0.30
C LYS A 10 -16.67 -1.38 0.89
N TRP A 11 -15.79 -0.95 -0.01
CA TRP A 11 -14.52 -0.37 0.39
C TRP A 11 -14.71 0.97 1.09
N ALA A 12 -15.80 1.66 0.76
CA ALA A 12 -16.13 2.93 1.40
C ALA A 12 -17.01 2.71 2.64
N ALA A 13 -17.36 1.44 2.90
CA ALA A 13 -18.00 1.07 4.17
C ALA A 13 -16.94 1.03 5.25
N SER A 14 -15.81 0.41 4.94
CA SER A 14 -14.72 0.31 5.90
C SER A 14 -13.37 0.12 5.20
N LEU A 15 -12.33 0.71 5.79
CA LEU A 15 -10.95 0.48 5.36
C LEU A 15 -10.64 -1.01 5.44
N GLU A 16 -11.32 -1.68 6.38
CA GLU A 16 -11.18 -3.12 6.57
C GLU A 16 -11.54 -3.84 5.26
N ASN A 17 -12.72 -3.56 4.74
CA ASN A 17 -13.17 -4.13 3.48
C ASN A 17 -12.16 -3.84 2.38
N LEU A 18 -11.66 -2.62 2.36
CA LEU A 18 -10.69 -2.18 1.36
C LEU A 18 -9.42 -3.03 1.41
N LEU A 19 -8.88 -3.22 2.61
CA LEU A 19 -7.61 -3.92 2.78
C LEU A 19 -7.80 -5.44 2.90
N GLU A 20 -9.05 -5.89 2.82
CA GLU A 20 -9.35 -7.33 2.94
C GLU A 20 -9.85 -7.88 1.61
N ASP A 21 -10.60 -7.06 0.88
CA ASP A 21 -11.15 -7.45 -0.42
C ASP A 21 -10.11 -7.21 -1.50
N PRO A 22 -9.64 -8.29 -2.18
CA PRO A 22 -8.59 -8.19 -3.21
C PRO A 22 -8.90 -7.11 -4.24
N GLU A 23 -10.07 -7.18 -4.84
CA GLU A 23 -10.48 -6.24 -5.89
C GLU A 23 -10.31 -4.79 -5.43
N GLY A 24 -10.64 -4.56 -4.16
CA GLY A 24 -10.45 -3.25 -3.56
C GLY A 24 -8.99 -2.87 -3.51
N VAL A 25 -8.18 -3.76 -2.94
CA VAL A 25 -6.74 -3.55 -2.83
C VAL A 25 -6.11 -3.25 -4.18
N LYS A 26 -6.59 -3.92 -5.23
CA LYS A 26 -6.03 -3.73 -6.56
C LYS A 26 -6.42 -2.36 -7.12
N ARG A 27 -7.71 -2.02 -7.10
CA ARG A 27 -8.15 -0.70 -7.55
C ARG A 27 -7.46 0.41 -6.76
N PHE A 28 -7.36 0.17 -5.45
CA PHE A 28 -6.70 1.08 -4.52
C PHE A 28 -5.26 1.33 -4.98
N ARG A 29 -4.62 0.24 -5.40
CA ARG A 29 -3.28 0.31 -5.95
C ARG A 29 -3.27 1.13 -7.23
N GLU A 30 -4.19 0.81 -8.15
CA GLU A 30 -4.23 1.46 -9.47
C GLU A 30 -4.35 2.98 -9.31
N PHE A 31 -5.17 3.42 -8.36
CA PHE A 31 -5.34 4.85 -8.12
C PHE A 31 -4.06 5.46 -7.56
N LEU A 32 -3.56 4.89 -6.47
CA LEU A 32 -2.33 5.36 -5.85
C LEU A 32 -1.15 5.18 -6.81
N LYS A 33 -1.34 4.34 -7.81
CA LYS A 33 -0.38 4.13 -8.88
C LYS A 33 -0.31 5.36 -9.79
N LYS A 34 -1.47 5.99 -10.00
CA LYS A 34 -1.53 7.27 -10.71
C LYS A 34 -1.16 8.42 -9.77
N GLU A 35 -1.40 8.21 -8.47
CA GLU A 35 -1.11 9.21 -7.44
C GLU A 35 0.39 9.17 -7.06
N PHE A 36 1.13 8.27 -7.71
CA PHE A 36 2.57 8.11 -7.45
C PHE A 36 2.83 7.68 -6.00
N SER A 37 1.78 7.19 -5.35
CA SER A 37 1.86 6.71 -3.98
C SER A 37 1.82 5.19 -3.95
N GLU A 38 2.20 4.58 -5.08
CA GLU A 38 2.26 3.13 -5.19
C GLU A 38 3.23 2.55 -4.15
N GLU A 39 4.33 3.27 -3.91
CA GLU A 39 5.31 2.88 -2.91
C GLU A 39 4.65 2.69 -1.54
N ASN A 40 3.60 3.48 -1.30
CA ASN A 40 2.84 3.43 -0.05
C ASN A 40 1.99 2.15 0.04
N VAL A 41 1.08 1.99 -0.93
CA VAL A 41 0.16 0.85 -0.92
C VAL A 41 0.92 -0.48 -1.02
N LEU A 42 1.97 -0.47 -1.84
CA LEU A 42 2.79 -1.66 -2.05
C LEU A 42 3.55 -2.03 -0.79
N PHE A 43 4.00 -1.02 -0.06
CA PHE A 43 4.77 -1.25 1.16
C PHE A 43 3.94 -2.03 2.18
N TRP A 44 2.70 -1.60 2.41
CA TRP A 44 1.83 -2.26 3.38
C TRP A 44 1.58 -3.71 2.97
N LEU A 45 1.23 -3.92 1.70
CA LEU A 45 1.00 -5.27 1.18
C LEU A 45 2.27 -6.10 1.32
N ALA A 46 3.39 -5.51 0.93
CA ALA A 46 4.68 -6.19 0.92
C ALA A 46 5.04 -6.67 2.31
N CYS A 47 4.80 -5.82 3.33
CA CYS A 47 5.08 -6.17 4.71
C CYS A 47 4.10 -7.25 5.22
N GLU A 48 2.89 -7.21 4.70
CA GLU A 48 1.85 -8.18 5.07
C GLU A 48 2.26 -9.57 4.58
N ASP A 49 2.55 -9.65 3.29
CA ASP A 49 2.96 -10.91 2.66
C ASP A 49 4.34 -11.33 3.17
N PHE A 50 5.17 -10.32 3.46
CA PHE A 50 6.50 -10.52 4.05
C PHE A 50 6.38 -11.43 5.27
N LYS A 51 5.59 -10.97 6.24
CA LYS A 51 5.35 -11.70 7.48
C LYS A 51 4.95 -13.14 7.20
N LYS A 52 3.93 -13.29 6.36
CA LYS A 52 3.37 -14.60 6.03
C LYS A 52 4.42 -15.58 5.52
N MET A 53 5.40 -15.11 4.75
CA MET A 53 6.34 -16.02 4.09
C MET A 53 7.78 -15.81 4.57
N GLN A 54 7.97 -14.99 5.60
CA GLN A 54 9.31 -14.60 6.01
C GLN A 54 10.15 -15.79 6.52
N ASP A 55 10.83 -16.43 5.58
CA ASP A 55 11.90 -17.37 5.91
C ASP A 55 13.15 -16.57 6.27
N LYS A 56 14.10 -17.20 6.94
CA LYS A 56 15.34 -16.53 7.34
C LYS A 56 15.95 -15.80 6.13
N THR A 57 16.23 -16.55 5.07
CA THR A 57 16.86 -16.01 3.88
C THR A 57 15.97 -14.96 3.22
N GLN A 58 14.69 -15.32 3.03
CA GLN A 58 13.72 -14.42 2.40
C GLN A 58 13.66 -13.08 3.11
N MET A 59 13.45 -13.17 4.42
CA MET A 59 13.25 -12.00 5.28
C MET A 59 14.35 -10.97 5.04
N GLN A 60 15.58 -11.44 5.08
CA GLN A 60 16.75 -10.59 4.90
C GLN A 60 16.75 -9.92 3.53
N GLU A 61 16.67 -10.75 2.48
CA GLU A 61 16.71 -10.26 1.10
C GLU A 61 15.60 -9.23 0.86
N LYS A 62 14.39 -9.61 1.24
CA LYS A 62 13.19 -8.84 0.93
C LYS A 62 13.09 -7.60 1.81
N ALA A 63 13.71 -7.66 2.99
CA ALA A 63 13.75 -6.51 3.89
C ALA A 63 14.47 -5.36 3.20
N LYS A 64 15.61 -5.70 2.62
CA LYS A 64 16.40 -4.77 1.83
C LYS A 64 15.59 -4.29 0.64
N GLU A 65 14.97 -5.25 -0.04
CA GLU A 65 14.20 -4.99 -1.26
C GLU A 65 13.15 -3.91 -1.06
N ILE A 66 12.19 -4.17 -0.18
CA ILE A 66 11.08 -3.23 0.03
C ILE A 66 11.58 -1.93 0.65
N TYR A 67 12.61 -2.01 1.49
CA TYR A 67 13.21 -0.83 2.08
C TYR A 67 13.75 0.09 1.00
N MET A 68 14.56 -0.45 0.10
CA MET A 68 15.28 0.37 -0.88
C MET A 68 14.38 0.76 -2.06
N THR A 69 13.24 0.08 -2.20
CA THR A 69 12.33 0.33 -3.32
C THR A 69 11.14 1.21 -2.92
N PHE A 70 10.72 1.14 -1.66
CA PHE A 70 9.54 1.89 -1.21
C PHE A 70 9.90 2.96 -0.17
N LEU A 71 10.89 2.66 0.67
CA LEU A 71 11.29 3.59 1.73
C LEU A 71 12.56 4.35 1.32
N SER A 72 13.72 3.75 1.63
CA SER A 72 15.02 4.32 1.28
C SER A 72 15.11 5.80 1.68
N SER A 73 14.73 6.67 0.75
CA SER A 73 14.88 8.12 0.87
C SER A 73 14.59 8.72 -0.49
N LYS A 74 14.90 7.93 -1.53
CA LYS A 74 14.66 8.31 -2.91
C LYS A 74 13.76 7.26 -3.56
N ALA A 75 14.36 6.12 -3.90
CA ALA A 75 13.65 5.02 -4.56
C ALA A 75 12.98 5.51 -5.85
N SER A 76 11.77 6.01 -5.74
CA SER A 76 11.11 6.71 -6.84
C SER A 76 10.62 8.08 -6.38
N SER A 77 10.51 8.23 -5.06
CA SER A 77 10.09 9.46 -4.42
C SER A 77 9.87 9.20 -2.93
N GLN A 78 9.51 7.95 -2.63
CA GLN A 78 9.29 7.44 -1.26
C GLN A 78 8.00 7.99 -0.66
N VAL A 79 7.39 7.20 0.20
CA VAL A 79 6.22 7.63 0.96
C VAL A 79 6.66 8.21 2.30
N ASN A 80 5.91 9.20 2.79
CA ASN A 80 6.23 9.88 4.05
C ASN A 80 6.07 8.94 5.23
N VAL A 81 7.14 8.22 5.56
CA VAL A 81 7.11 7.26 6.66
C VAL A 81 7.81 7.82 7.90
N GLU A 82 7.06 7.90 8.98
CA GLU A 82 7.58 8.25 10.29
C GLU A 82 7.52 7.00 11.19
N GLY A 83 7.68 7.17 12.49
CA GLY A 83 7.55 6.03 13.40
C GLY A 83 8.40 6.17 14.65
N GLN A 84 8.08 5.35 15.64
CA GLN A 84 8.80 5.34 16.91
C GLN A 84 10.09 4.53 16.77
N SER A 85 10.04 3.54 15.88
CA SER A 85 11.21 2.75 15.53
C SER A 85 11.44 2.85 14.02
N ARG A 86 12.23 3.84 13.61
CA ARG A 86 12.50 4.07 12.20
C ARG A 86 13.57 3.11 11.68
N LEU A 87 13.77 3.13 10.37
CA LEU A 87 14.75 2.26 9.73
C LEU A 87 16.16 2.76 10.04
N ASN A 88 16.64 2.41 11.22
CA ASN A 88 17.97 2.81 11.68
C ASN A 88 18.97 1.66 11.55
N GLU A 89 19.92 1.84 10.61
CA GLU A 89 21.04 0.92 10.38
C GLU A 89 20.74 -0.55 10.73
N LYS A 90 20.85 -0.86 12.02
CA LYS A 90 20.82 -2.24 12.52
C LYS A 90 19.56 -2.98 12.07
N ILE A 91 18.44 -2.27 11.97
CA ILE A 91 17.17 -2.91 11.63
C ILE A 91 17.20 -3.43 10.18
N LEU A 92 18.08 -2.87 9.35
CA LEU A 92 18.29 -3.37 7.98
C LEU A 92 19.44 -4.37 7.96
N GLU A 93 20.49 -4.06 8.71
CA GLU A 93 21.71 -4.87 8.73
C GLU A 93 21.44 -6.23 9.38
N GLU A 94 20.41 -6.29 10.21
CA GLU A 94 19.92 -7.54 10.77
C GLU A 94 18.40 -7.47 10.95
N PRO A 95 17.64 -7.87 9.92
CA PRO A 95 16.17 -7.85 9.96
C PRO A 95 15.61 -8.84 10.98
N HIS A 96 14.61 -8.40 11.73
CA HIS A 96 13.93 -9.25 12.70
C HIS A 96 12.50 -9.53 12.24
N PRO A 97 11.95 -10.72 12.56
CA PRO A 97 10.64 -11.16 12.03
C PRO A 97 9.49 -10.21 12.35
N LEU A 98 9.68 -9.38 13.36
CA LEU A 98 8.62 -8.46 13.81
C LEU A 98 9.05 -7.01 13.66
N MET A 99 10.16 -6.76 12.95
CA MET A 99 10.70 -5.40 12.85
C MET A 99 9.89 -4.56 11.88
N PHE A 100 9.47 -5.15 10.75
CA PHE A 100 8.68 -4.42 9.76
C PHE A 100 7.22 -4.31 10.21
N GLN A 101 6.87 -5.01 11.28
CA GLN A 101 5.51 -4.95 11.81
C GLN A 101 5.21 -3.57 12.37
N LYS A 102 6.24 -2.91 12.91
CA LYS A 102 6.10 -1.55 13.41
C LYS A 102 5.90 -0.57 12.27
N LEU A 103 6.66 -0.76 11.19
CA LEU A 103 6.54 0.08 10.01
C LEU A 103 5.19 -0.16 9.33
N GLN A 104 4.76 -1.42 9.33
CA GLN A 104 3.47 -1.80 8.79
C GLN A 104 2.34 -1.21 9.63
N ASP A 105 2.58 -1.09 10.93
CA ASP A 105 1.62 -0.49 11.85
C ASP A 105 1.53 1.01 11.63
N GLN A 106 2.71 1.63 11.54
CA GLN A 106 2.79 3.07 11.29
C GLN A 106 2.11 3.39 9.97
N ILE A 107 2.55 2.74 8.89
CA ILE A 107 2.00 3.01 7.56
C ILE A 107 0.51 2.67 7.53
N PHE A 108 0.07 1.76 8.40
CA PHE A 108 -1.34 1.45 8.49
C PHE A 108 -2.13 2.70 8.85
N ASN A 109 -1.58 3.49 9.78
CA ASN A 109 -2.19 4.75 10.20
C ASN A 109 -1.97 5.84 9.16
N LEU A 110 -0.71 5.96 8.70
CA LEU A 110 -0.31 6.97 7.73
C LEU A 110 -1.16 6.82 6.45
N MET A 111 -1.19 5.61 5.93
CA MET A 111 -1.94 5.28 4.71
C MET A 111 -3.45 5.36 4.96
N LYS A 112 -3.86 5.02 6.18
CA LYS A 112 -5.27 5.15 6.57
C LYS A 112 -5.75 6.56 6.31
N TYR A 113 -5.16 7.53 6.99
CA TYR A 113 -5.55 8.92 6.85
C TYR A 113 -5.49 9.37 5.38
N ASP A 114 -4.28 9.43 4.84
CA ASP A 114 -4.05 10.00 3.51
C ASP A 114 -4.71 9.14 2.43
N SER A 115 -4.28 7.89 2.31
CA SER A 115 -4.65 7.05 1.18
C SER A 115 -6.13 6.68 1.16
N TYR A 116 -6.71 6.41 2.33
CA TYR A 116 -8.14 6.08 2.41
C TYR A 116 -8.95 7.29 1.96
N SER A 117 -8.47 8.49 2.32
CA SER A 117 -9.05 9.73 1.85
C SER A 117 -8.93 9.83 0.32
N ARG A 118 -7.73 9.54 -0.20
CA ARG A 118 -7.48 9.55 -1.65
C ARG A 118 -8.56 8.76 -2.39
N PHE A 119 -8.77 7.54 -1.91
CA PHE A 119 -9.73 6.62 -2.52
C PHE A 119 -11.14 7.22 -2.49
N LEU A 120 -11.54 7.69 -1.32
CA LEU A 120 -12.87 8.28 -1.15
C LEU A 120 -13.02 9.57 -1.96
N LYS A 121 -11.89 10.12 -2.42
CA LYS A 121 -11.88 11.35 -3.18
C LYS A 121 -12.05 11.11 -4.68
N SER A 122 -11.02 10.56 -5.32
CA SER A 122 -10.96 10.50 -6.78
C SER A 122 -10.86 9.06 -7.32
N ASP A 123 -11.40 8.10 -6.57
CA ASP A 123 -11.48 6.71 -7.06
C ASP A 123 -12.30 6.63 -8.35
N LEU A 124 -12.31 5.46 -8.99
CA LEU A 124 -13.00 5.27 -10.25
C LEU A 124 -14.53 5.20 -10.05
N PHE A 125 -15.08 6.12 -9.26
CA PHE A 125 -16.51 6.32 -9.17
C PHE A 125 -17.01 6.89 -10.49
N LEU A 126 -16.14 7.63 -11.16
CA LEU A 126 -16.46 8.34 -12.39
C LEU A 126 -16.02 7.50 -13.58
N LYS A 127 -16.85 7.44 -14.61
CA LYS A 127 -16.54 6.65 -15.78
C LYS A 127 -15.62 7.42 -16.69
N HIS A 128 -15.60 8.74 -16.56
CA HIS A 128 -14.70 9.56 -17.35
C HIS A 128 -13.32 9.62 -16.67
N LYS A 129 -13.25 9.05 -15.48
CA LYS A 129 -11.97 8.83 -14.79
C LYS A 129 -11.40 7.51 -15.30
N ARG A 130 -12.26 6.50 -15.33
CA ARG A 130 -11.99 5.23 -15.97
C ARG A 130 -13.30 4.53 -16.28
N THR A 131 -13.63 4.40 -17.56
CA THR A 131 -14.86 3.73 -17.97
C THR A 131 -14.77 2.24 -17.65
N GLU A 132 -15.91 1.61 -17.36
CA GLU A 132 -15.96 0.16 -17.16
C GLU A 132 -15.38 -0.53 -18.38
N GLU A 133 -15.74 0.01 -19.54
CA GLU A 133 -15.08 -0.30 -20.80
C GLU A 133 -13.71 0.37 -20.79
N GLU A 134 -12.68 -0.40 -20.44
CA GLU A 134 -11.37 0.13 -20.09
C GLU A 134 -10.86 1.19 -21.05
N GLU A 135 -10.22 2.22 -20.48
CA GLU A 135 -9.62 3.31 -21.23
C GLU A 135 -8.77 2.78 -22.38
N GLU A 136 -9.01 3.27 -23.59
CA GLU A 136 -8.27 2.83 -24.77
C GLU A 136 -6.87 3.46 -24.81
N ASP A 137 -6.41 3.97 -23.66
CA ASP A 137 -5.09 4.54 -23.52
C ASP A 137 -4.01 3.46 -23.67
N LEU A 138 -4.45 2.20 -23.55
CA LEU A 138 -3.56 1.05 -23.68
C LEU A 138 -2.86 1.06 -25.05
N SER A 1 -20.73 -7.75 -14.09
CA SER A 1 -21.36 -6.67 -13.30
C SER A 1 -20.51 -5.40 -13.36
N MET A 2 -21.17 -4.25 -13.43
CA MET A 2 -20.46 -2.97 -13.42
C MET A 2 -19.69 -2.82 -12.13
N GLN A 3 -18.37 -2.97 -12.21
CA GLN A 3 -17.51 -2.93 -11.05
C GLN A 3 -17.47 -1.53 -10.45
N SER A 4 -18.42 -1.27 -9.57
CA SER A 4 -18.54 0.00 -8.87
C SER A 4 -19.79 -0.04 -7.97
N LEU A 5 -20.16 1.12 -7.41
CA LEU A 5 -21.36 1.28 -6.59
C LEU A 5 -21.39 0.30 -5.43
N LYS A 6 -21.85 -0.89 -5.73
CA LYS A 6 -21.94 -1.98 -4.75
C LYS A 6 -20.55 -2.33 -4.24
N SER A 7 -19.66 -2.64 -5.19
CA SER A 7 -18.30 -3.06 -4.88
C SER A 7 -17.53 -1.95 -4.19
N THR A 8 -17.71 -0.72 -4.66
CA THR A 8 -17.00 0.42 -4.11
C THR A 8 -17.50 0.74 -2.70
N ALA A 9 -18.79 0.51 -2.47
CA ALA A 9 -19.37 0.67 -1.13
C ALA A 9 -18.72 -0.30 -0.16
N LYS A 10 -18.45 -1.52 -0.64
CA LYS A 10 -17.76 -2.54 0.14
C LYS A 10 -16.43 -2.02 0.66
N TRP A 11 -15.60 -1.58 -0.26
CA TRP A 11 -14.24 -1.18 0.05
C TRP A 11 -14.20 0.14 0.81
N ALA A 12 -15.27 0.93 0.70
CA ALA A 12 -15.39 2.16 1.48
C ALA A 12 -16.33 1.93 2.68
N ALA A 13 -16.70 0.66 2.91
CA ALA A 13 -17.39 0.25 4.14
C ALA A 13 -16.36 -0.08 5.21
N SER A 14 -15.34 -0.82 4.80
CA SER A 14 -14.27 -1.24 5.70
C SER A 14 -12.97 -1.42 4.93
N LEU A 15 -11.88 -0.89 5.47
CA LEU A 15 -10.55 -1.01 4.86
C LEU A 15 -10.18 -2.49 4.71
N GLU A 16 -10.75 -3.31 5.59
CA GLU A 16 -10.56 -4.76 5.52
C GLU A 16 -11.01 -5.29 4.16
N ASN A 17 -12.24 -4.91 3.77
CA ASN A 17 -12.80 -5.32 2.50
C ASN A 17 -11.90 -4.88 1.36
N LEU A 18 -11.47 -3.62 1.42
CA LEU A 18 -10.59 -3.03 0.42
C LEU A 18 -9.35 -3.90 0.23
N LEU A 19 -8.72 -4.24 1.35
CA LEU A 19 -7.48 -5.01 1.34
C LEU A 19 -7.75 -6.52 1.22
N GLU A 20 -9.02 -6.90 1.21
CA GLU A 20 -9.41 -8.30 1.10
C GLU A 20 -9.67 -8.69 -0.36
N ASP A 21 -10.56 -7.96 -1.01
CA ASP A 21 -10.92 -8.24 -2.41
C ASP A 21 -9.84 -7.71 -3.34
N PRO A 22 -9.25 -8.59 -4.20
CA PRO A 22 -8.20 -8.19 -5.14
C PRO A 22 -8.65 -7.02 -6.00
N GLU A 23 -9.92 -7.04 -6.37
CA GLU A 23 -10.52 -5.99 -7.18
C GLU A 23 -10.32 -4.62 -6.52
N GLY A 24 -10.57 -4.59 -5.21
CA GLY A 24 -10.40 -3.36 -4.46
C GLY A 24 -8.95 -2.96 -4.34
N VAL A 25 -8.12 -3.92 -3.94
CA VAL A 25 -6.68 -3.68 -3.77
C VAL A 25 -6.07 -3.12 -5.05
N LYS A 26 -6.45 -3.69 -6.19
CA LYS A 26 -5.83 -3.34 -7.46
C LYS A 26 -6.33 -2.01 -7.99
N ARG A 27 -7.64 -1.76 -7.94
CA ARG A 27 -8.18 -0.46 -8.35
C ARG A 27 -7.66 0.64 -7.43
N PHE A 28 -7.52 0.30 -6.16
CA PHE A 28 -6.96 1.20 -5.16
C PHE A 28 -5.48 1.44 -5.45
N ARG A 29 -4.79 0.41 -5.92
CA ARG A 29 -3.41 0.57 -6.35
C ARG A 29 -3.34 1.51 -7.53
N GLU A 30 -4.23 1.30 -8.51
CA GLU A 30 -4.30 2.16 -9.69
C GLU A 30 -4.42 3.62 -9.27
N PHE A 31 -5.28 3.86 -8.29
CA PHE A 31 -5.46 5.18 -7.74
C PHE A 31 -4.13 5.73 -7.24
N LEU A 32 -3.48 4.96 -6.38
CA LEU A 32 -2.22 5.38 -5.77
C LEU A 32 -1.06 5.37 -6.76
N LYS A 33 -1.21 4.65 -7.86
CA LYS A 33 -0.20 4.66 -8.93
C LYS A 33 -0.21 6.02 -9.59
N LYS A 34 -1.41 6.57 -9.74
CA LYS A 34 -1.61 7.88 -10.33
C LYS A 34 -1.36 8.98 -9.29
N GLU A 35 -1.51 8.60 -8.02
CA GLU A 35 -1.20 9.48 -6.90
C GLU A 35 0.26 9.36 -6.47
N PHE A 36 0.99 8.45 -7.13
CA PHE A 36 2.42 8.21 -6.85
C PHE A 36 2.63 7.64 -5.44
N SER A 37 1.55 7.17 -4.83
CA SER A 37 1.58 6.57 -3.51
C SER A 37 1.42 5.03 -3.60
N GLU A 38 1.74 4.48 -4.78
CA GLU A 38 1.68 3.03 -4.94
C GLU A 38 2.68 2.38 -4.00
N GLU A 39 3.69 3.14 -3.59
CA GLU A 39 4.64 2.70 -2.58
C GLU A 39 3.91 2.33 -1.29
N ASN A 40 2.87 3.11 -0.99
CA ASN A 40 2.01 2.87 0.17
C ASN A 40 1.29 1.53 0.04
N VAL A 41 0.47 1.40 -1.01
CA VAL A 41 -0.32 0.17 -1.19
C VAL A 41 0.58 -1.06 -1.32
N LEU A 42 1.71 -0.90 -2.01
CA LEU A 42 2.63 -2.00 -2.22
C LEU A 42 3.39 -2.36 -0.95
N PHE A 43 3.67 -1.36 -0.11
CA PHE A 43 4.40 -1.61 1.13
C PHE A 43 3.61 -2.54 2.03
N TRP A 44 2.30 -2.31 2.11
CA TRP A 44 1.43 -3.14 2.94
C TRP A 44 1.37 -4.56 2.39
N LEU A 45 1.14 -4.68 1.07
CA LEU A 45 1.10 -5.98 0.42
C LEU A 45 2.43 -6.70 0.56
N ALA A 46 3.52 -5.95 0.43
CA ALA A 46 4.85 -6.49 0.52
C ALA A 46 5.14 -6.98 1.93
N CYS A 47 4.62 -6.25 2.92
CA CYS A 47 4.78 -6.64 4.33
C CYS A 47 3.95 -7.89 4.60
N GLU A 48 2.83 -8.03 3.89
CA GLU A 48 2.04 -9.25 3.92
C GLU A 48 2.92 -10.43 3.50
N ASP A 49 3.35 -10.43 2.24
CA ASP A 49 4.18 -11.50 1.70
C ASP A 49 5.44 -11.68 2.54
N PHE A 50 5.94 -10.56 3.07
CA PHE A 50 7.14 -10.55 3.91
C PHE A 50 7.05 -11.57 5.04
N LYS A 51 5.90 -11.60 5.73
CA LYS A 51 5.70 -12.54 6.84
C LYS A 51 4.58 -13.54 6.53
N LYS A 52 4.23 -13.66 5.24
CA LYS A 52 3.26 -14.64 4.80
C LYS A 52 3.95 -15.86 4.19
N MET A 53 5.09 -15.64 3.56
CA MET A 53 5.80 -16.72 2.88
C MET A 53 7.32 -16.58 3.08
N GLN A 54 8.07 -17.55 2.53
CA GLN A 54 9.53 -17.55 2.56
C GLN A 54 10.07 -17.77 3.97
N ASP A 55 11.36 -18.14 4.03
CA ASP A 55 12.03 -18.41 5.30
C ASP A 55 12.94 -17.23 5.69
N LYS A 56 13.72 -17.43 6.75
CA LYS A 56 14.55 -16.38 7.35
C LYS A 56 15.42 -15.64 6.32
N THR A 57 16.25 -16.38 5.60
CA THR A 57 17.21 -15.79 4.67
C THR A 57 16.50 -14.92 3.61
N GLN A 58 15.52 -15.52 2.95
CA GLN A 58 14.75 -14.83 1.91
C GLN A 58 14.01 -13.63 2.47
N MET A 59 13.40 -13.82 3.62
CA MET A 59 12.72 -12.73 4.34
C MET A 59 13.66 -11.55 4.56
N GLN A 60 14.88 -11.85 4.96
CA GLN A 60 15.91 -10.84 5.18
C GLN A 60 16.27 -10.15 3.86
N GLU A 61 16.33 -10.93 2.80
CA GLU A 61 16.53 -10.41 1.45
C GLU A 61 15.39 -9.43 1.10
N LYS A 62 14.19 -9.72 1.60
CA LYS A 62 13.05 -8.83 1.37
C LYS A 62 13.05 -7.67 2.36
N ALA A 63 13.85 -7.78 3.43
CA ALA A 63 13.99 -6.68 4.38
C ALA A 63 14.64 -5.50 3.69
N LYS A 64 15.83 -5.75 3.14
CA LYS A 64 16.55 -4.76 2.37
C LYS A 64 15.74 -4.33 1.14
N GLU A 65 15.00 -5.30 0.57
CA GLU A 65 14.14 -5.04 -0.59
C GLU A 65 13.13 -3.93 -0.30
N ILE A 66 12.15 -4.23 0.54
CA ILE A 66 11.05 -3.31 0.81
C ILE A 66 11.57 -2.02 1.46
N TYR A 67 12.64 -2.14 2.24
CA TYR A 67 13.26 -0.99 2.86
C TYR A 67 13.74 0.00 1.78
N MET A 68 14.57 -0.48 0.87
CA MET A 68 15.19 0.39 -0.12
C MET A 68 14.18 0.87 -1.16
N THR A 69 13.18 0.04 -1.46
CA THR A 69 12.21 0.36 -2.50
C THR A 69 11.13 1.33 -2.02
N PHE A 70 10.60 1.10 -0.82
CA PHE A 70 9.46 1.88 -0.32
C PHE A 70 9.88 2.89 0.74
N LEU A 71 10.93 2.57 1.49
CA LEU A 71 11.38 3.44 2.58
C LEU A 71 12.68 4.15 2.23
N SER A 72 13.82 3.50 2.54
CA SER A 72 15.13 4.07 2.30
C SER A 72 15.28 5.41 3.02
N SER A 73 16.35 6.14 2.72
CA SER A 73 16.53 7.50 3.22
C SER A 73 16.36 8.49 2.08
N LYS A 74 15.82 7.99 0.96
CA LYS A 74 15.66 8.77 -0.25
C LYS A 74 14.86 7.97 -1.28
N ALA A 75 15.54 7.02 -1.94
CA ALA A 75 14.98 6.27 -3.06
C ALA A 75 14.42 7.24 -4.11
N SER A 76 13.22 7.72 -3.87
CA SER A 76 12.61 8.77 -4.69
C SER A 76 11.90 9.78 -3.81
N SER A 77 11.29 9.30 -2.73
CA SER A 77 10.50 10.15 -1.83
C SER A 77 10.13 9.39 -0.56
N GLN A 78 9.92 8.07 -0.69
CA GLN A 78 9.50 7.20 0.40
C GLN A 78 8.01 7.37 0.68
N VAL A 79 7.38 6.26 1.06
CA VAL A 79 5.95 6.25 1.36
C VAL A 79 5.63 7.22 2.50
N ASN A 80 4.47 7.87 2.39
CA ASN A 80 4.06 8.87 3.37
C ASN A 80 3.57 8.21 4.65
N VAL A 81 4.50 7.67 5.43
CA VAL A 81 4.18 7.16 6.77
C VAL A 81 4.32 8.27 7.79
N GLU A 82 5.34 9.06 7.60
CA GLU A 82 5.73 10.16 8.49
C GLU A 82 6.62 11.14 7.73
N GLY A 83 7.56 10.56 6.98
CA GLY A 83 8.57 11.34 6.29
C GLY A 83 9.96 10.79 6.61
N GLN A 84 10.01 10.04 7.72
CA GLN A 84 11.22 9.38 8.16
C GLN A 84 10.89 7.91 8.49
N SER A 85 11.83 7.01 8.21
CA SER A 85 11.63 5.60 8.49
C SER A 85 11.95 5.30 9.95
N ARG A 86 11.08 4.52 10.60
CA ARG A 86 11.28 4.14 12.00
C ARG A 86 12.48 3.22 12.17
N LEU A 87 13.00 2.75 11.05
CA LEU A 87 14.13 1.85 11.04
C LEU A 87 15.43 2.62 11.32
N ASN A 88 15.61 2.95 12.58
CA ASN A 88 16.80 3.65 13.05
C ASN A 88 17.64 2.70 13.89
N GLU A 89 18.60 3.27 14.63
CA GLU A 89 19.43 2.49 15.56
C GLU A 89 20.30 1.47 14.81
N LYS A 90 20.42 1.68 13.49
CA LYS A 90 21.18 0.78 12.62
C LYS A 90 20.63 -0.65 12.70
N ILE A 91 19.32 -0.74 12.92
CA ILE A 91 18.64 -2.04 13.04
C ILE A 91 18.75 -2.85 11.74
N LEU A 92 19.02 -2.15 10.63
CA LEU A 92 19.12 -2.78 9.31
C LEU A 92 20.26 -3.80 9.24
N GLU A 93 21.24 -3.64 10.11
CA GLU A 93 22.41 -4.52 10.12
C GLU A 93 22.00 -5.96 10.41
N GLU A 94 20.93 -6.12 11.19
CA GLU A 94 20.35 -7.44 11.47
C GLU A 94 18.83 -7.36 11.45
N PRO A 95 18.21 -7.59 10.28
CA PRO A 95 16.76 -7.53 10.13
C PRO A 95 16.05 -8.73 10.76
N HIS A 96 14.89 -8.46 11.36
CA HIS A 96 14.06 -9.48 11.99
C HIS A 96 12.64 -9.42 11.42
N PRO A 97 11.88 -10.53 11.48
CA PRO A 97 10.54 -10.62 10.87
C PRO A 97 9.58 -9.53 11.36
N LEU A 98 9.75 -9.10 12.60
CA LEU A 98 8.85 -8.14 13.21
C LEU A 98 9.36 -6.70 13.09
N MET A 99 10.51 -6.52 12.44
CA MET A 99 11.13 -5.19 12.35
C MET A 99 10.29 -4.27 11.46
N PHE A 100 9.55 -4.85 10.52
CA PHE A 100 8.67 -4.08 9.63
C PHE A 100 7.20 -4.28 10.01
N GLN A 101 6.97 -4.90 11.17
CA GLN A 101 5.62 -5.24 11.58
C GLN A 101 4.83 -3.99 11.97
N LYS A 102 5.39 -3.19 12.88
CA LYS A 102 4.73 -1.96 13.30
C LYS A 102 4.72 -0.93 12.18
N LEU A 103 5.62 -1.10 11.23
CA LEU A 103 5.62 -0.28 10.02
C LEU A 103 4.36 -0.54 9.20
N GLN A 104 4.00 -1.83 9.09
CA GLN A 104 2.74 -2.23 8.47
C GLN A 104 1.57 -1.64 9.24
N ASP A 105 1.64 -1.80 10.56
CA ASP A 105 0.62 -1.29 11.47
C ASP A 105 0.49 0.23 11.37
N GLN A 106 1.63 0.90 11.16
CA GLN A 106 1.65 2.36 11.09
C GLN A 106 1.02 2.81 9.77
N ILE A 107 1.48 2.25 8.66
CA ILE A 107 0.96 2.62 7.34
C ILE A 107 -0.53 2.28 7.26
N PHE A 108 -0.95 1.26 8.03
CA PHE A 108 -2.37 0.89 8.08
C PHE A 108 -3.18 2.03 8.69
N ASN A 109 -2.63 2.62 9.75
CA ASN A 109 -3.27 3.77 10.41
C ASN A 109 -3.34 4.95 9.46
N LEU A 110 -2.19 5.31 8.88
CA LEU A 110 -2.09 6.41 7.95
C LEU A 110 -2.95 6.14 6.72
N MET A 111 -3.03 4.87 6.33
CA MET A 111 -3.80 4.44 5.16
C MET A 111 -5.27 4.81 5.36
N LYS A 112 -5.78 4.54 6.56
CA LYS A 112 -7.13 4.93 6.91
C LYS A 112 -7.30 6.44 6.72
N TYR A 113 -6.43 7.21 7.37
CA TYR A 113 -6.48 8.66 7.31
C TYR A 113 -6.41 9.17 5.87
N ASP A 114 -5.21 9.11 5.28
CA ASP A 114 -4.97 9.67 3.95
C ASP A 114 -5.75 8.92 2.89
N SER A 115 -5.48 7.63 2.74
CA SER A 115 -5.98 6.86 1.62
C SER A 115 -7.51 6.86 1.53
N TYR A 116 -8.21 6.94 2.66
CA TYR A 116 -9.68 7.02 2.62
C TYR A 116 -10.12 8.40 2.13
N SER A 117 -9.67 9.45 2.81
CA SER A 117 -10.07 10.82 2.45
C SER A 117 -9.56 11.16 1.05
N ARG A 118 -8.58 10.42 0.59
CA ARG A 118 -7.95 10.63 -0.71
C ARG A 118 -8.72 9.87 -1.80
N PHE A 119 -8.96 8.58 -1.57
CA PHE A 119 -9.65 7.72 -2.53
C PHE A 119 -11.08 8.21 -2.75
N LEU A 120 -11.71 8.66 -1.67
CA LEU A 120 -13.08 9.16 -1.72
C LEU A 120 -13.13 10.62 -2.18
N LYS A 121 -11.95 11.20 -2.42
CA LYS A 121 -11.84 12.55 -2.97
C LYS A 121 -11.93 12.47 -4.49
N SER A 122 -11.14 11.57 -5.05
CA SER A 122 -11.17 11.30 -6.48
C SER A 122 -11.85 9.95 -6.71
N ASP A 123 -13.18 9.95 -6.66
CA ASP A 123 -13.95 8.71 -6.76
C ASP A 123 -13.73 8.03 -8.10
N LEU A 124 -13.09 6.85 -8.06
CA LEU A 124 -12.91 6.03 -9.25
C LEU A 124 -14.18 5.21 -9.51
N PHE A 125 -15.28 5.62 -8.87
CA PHE A 125 -16.56 4.96 -9.03
C PHE A 125 -17.12 5.26 -10.42
N LEU A 126 -16.54 6.28 -11.04
CA LEU A 126 -16.97 6.77 -12.34
C LEU A 126 -16.03 6.24 -13.40
N LYS A 127 -16.18 6.74 -14.63
CA LYS A 127 -15.24 6.41 -15.69
C LYS A 127 -14.03 7.32 -15.64
N HIS A 128 -14.13 8.38 -14.84
CA HIS A 128 -13.01 9.29 -14.65
C HIS A 128 -11.88 8.55 -13.93
N LYS A 129 -10.69 8.55 -14.54
CA LYS A 129 -9.53 7.85 -13.99
C LYS A 129 -9.72 6.33 -14.02
N ARG A 130 -10.82 5.87 -14.62
CA ARG A 130 -11.12 4.44 -14.69
C ARG A 130 -10.89 3.89 -16.11
N THR A 131 -10.53 4.79 -17.03
CA THR A 131 -10.20 4.38 -18.39
C THR A 131 -9.18 3.24 -18.36
N GLU A 132 -8.04 3.54 -17.74
CA GLU A 132 -7.03 2.54 -17.42
C GLU A 132 -5.96 3.17 -16.52
N GLU A 133 -4.96 3.81 -17.13
CA GLU A 133 -3.92 4.52 -16.41
C GLU A 133 -3.73 5.88 -17.09
N GLU A 134 -3.26 6.86 -16.34
CA GLU A 134 -3.15 8.22 -16.87
C GLU A 134 -1.88 8.35 -17.70
N GLU A 135 -1.87 7.68 -18.85
CA GLU A 135 -0.75 7.66 -19.77
C GLU A 135 0.50 7.06 -19.14
N GLU A 136 0.82 5.83 -19.54
CA GLU A 136 2.00 5.14 -19.04
C GLU A 136 3.23 5.78 -19.68
N ASP A 137 3.73 6.83 -19.02
CA ASP A 137 4.79 7.67 -19.57
C ASP A 137 6.11 6.92 -19.72
N LEU A 138 6.75 7.09 -20.88
CA LEU A 138 8.05 6.49 -21.14
C LEU A 138 9.13 7.57 -21.11
N SER A 1 -22.15 -8.36 -8.30
CA SER A 1 -22.36 -6.96 -7.91
C SER A 1 -21.53 -6.04 -8.79
N MET A 2 -22.07 -4.86 -9.08
CA MET A 2 -21.38 -3.88 -9.93
C MET A 2 -20.16 -3.32 -9.21
N GLN A 3 -18.99 -3.61 -9.78
CA GLN A 3 -17.70 -3.25 -9.18
C GLN A 3 -17.46 -1.75 -9.23
N SER A 4 -18.25 -1.05 -10.04
CA SER A 4 -18.14 0.40 -10.16
C SER A 4 -19.43 1.07 -9.65
N LEU A 5 -20.06 0.43 -8.66
CA LEU A 5 -21.26 0.99 -8.03
C LEU A 5 -21.39 0.50 -6.60
N LYS A 6 -21.82 -0.74 -6.48
CA LYS A 6 -22.11 -1.34 -5.19
C LYS A 6 -20.83 -1.82 -4.50
N SER A 7 -19.93 -2.41 -5.28
CA SER A 7 -18.67 -2.89 -4.75
C SER A 7 -17.79 -1.73 -4.31
N THR A 8 -17.81 -0.64 -5.07
CA THR A 8 -17.09 0.57 -4.68
C THR A 8 -17.64 1.12 -3.37
N ALA A 9 -18.97 1.05 -3.22
CA ALA A 9 -19.63 1.45 -1.97
C ALA A 9 -19.13 0.61 -0.79
N LYS A 10 -18.76 -0.64 -1.08
CA LYS A 10 -18.19 -1.53 -0.07
C LYS A 10 -16.89 -0.97 0.47
N TRP A 11 -15.97 -0.71 -0.46
CA TRP A 11 -14.62 -0.30 -0.13
C TRP A 11 -14.61 1.13 0.38
N ALA A 12 -15.60 1.91 -0.03
CA ALA A 12 -15.77 3.26 0.49
C ALA A 12 -16.65 3.25 1.75
N ALA A 13 -17.13 2.06 2.13
CA ALA A 13 -17.78 1.87 3.44
C ALA A 13 -16.71 1.72 4.51
N SER A 14 -15.68 0.91 4.22
CA SER A 14 -14.62 0.64 5.17
C SER A 14 -13.32 0.24 4.48
N LEU A 15 -12.21 0.65 5.07
CA LEU A 15 -10.87 0.28 4.61
C LEU A 15 -10.68 -1.23 4.68
N GLU A 16 -11.40 -1.86 5.62
CA GLU A 16 -11.31 -3.31 5.81
C GLU A 16 -11.73 -4.03 4.52
N ASN A 17 -12.90 -3.66 4.01
CA ASN A 17 -13.42 -4.22 2.78
C ASN A 17 -12.43 -3.98 1.64
N LEU A 18 -11.94 -2.75 1.57
CA LEU A 18 -10.97 -2.34 0.57
C LEU A 18 -9.77 -3.28 0.53
N LEU A 19 -9.24 -3.62 1.71
CA LEU A 19 -8.07 -4.49 1.82
C LEU A 19 -8.47 -5.97 1.84
N GLU A 20 -9.78 -6.23 1.86
CA GLU A 20 -10.29 -7.60 1.93
C GLU A 20 -10.49 -8.17 0.54
N ASP A 21 -11.22 -7.45 -0.30
CA ASP A 21 -11.53 -7.91 -1.66
C ASP A 21 -10.36 -7.63 -2.60
N PRO A 22 -9.90 -8.66 -3.36
CA PRO A 22 -8.84 -8.49 -4.36
C PRO A 22 -9.21 -7.40 -5.37
N GLU A 23 -10.49 -7.39 -5.77
CA GLU A 23 -11.01 -6.38 -6.68
C GLU A 23 -10.83 -4.97 -6.11
N GLY A 24 -10.93 -4.86 -4.80
CA GLY A 24 -10.75 -3.58 -4.13
C GLY A 24 -9.31 -3.12 -4.19
N VAL A 25 -8.41 -3.96 -3.67
CA VAL A 25 -6.99 -3.66 -3.68
C VAL A 25 -6.46 -3.45 -5.10
N LYS A 26 -7.05 -4.15 -6.07
CA LYS A 26 -6.69 -3.99 -7.47
C LYS A 26 -6.96 -2.56 -7.94
N ARG A 27 -8.17 -2.08 -7.69
CA ARG A 27 -8.56 -0.73 -8.09
C ARG A 27 -7.92 0.31 -7.19
N PHE A 28 -7.60 -0.09 -5.96
CA PHE A 28 -6.92 0.78 -5.01
C PHE A 28 -5.50 1.07 -5.49
N ARG A 29 -4.81 0.02 -5.90
CA ARG A 29 -3.46 0.13 -6.44
C ARG A 29 -3.49 0.89 -7.75
N GLU A 30 -4.55 0.66 -8.53
CA GLU A 30 -4.76 1.34 -9.79
C GLU A 30 -4.94 2.84 -9.58
N PHE A 31 -5.81 3.22 -8.64
CA PHE A 31 -6.02 4.63 -8.32
C PHE A 31 -4.72 5.25 -7.83
N LEU A 32 -4.10 4.61 -6.84
CA LEU A 32 -2.83 5.08 -6.29
C LEU A 32 -1.72 4.99 -7.34
N LYS A 33 -1.92 4.16 -8.36
CA LYS A 33 -0.97 4.06 -9.46
C LYS A 33 -0.96 5.38 -10.24
N LYS A 34 -2.17 5.90 -10.49
CA LYS A 34 -2.32 7.19 -11.15
C LYS A 34 -1.79 8.32 -10.25
N GLU A 35 -1.95 8.14 -8.95
CA GLU A 35 -1.50 9.12 -7.96
C GLU A 35 -0.01 8.94 -7.62
N PHE A 36 0.55 7.81 -8.06
CA PHE A 36 1.96 7.48 -7.80
C PHE A 36 2.19 7.24 -6.29
N SER A 37 1.14 6.76 -5.64
CA SER A 37 1.20 6.33 -4.25
C SER A 37 1.23 4.79 -4.19
N GLU A 38 1.55 4.17 -5.32
CA GLU A 38 1.64 2.72 -5.38
C GLU A 38 2.72 2.21 -4.42
N GLU A 39 3.72 3.06 -4.21
CA GLU A 39 4.82 2.75 -3.30
C GLU A 39 4.31 2.35 -1.92
N ASN A 40 3.37 3.12 -1.36
CA ASN A 40 2.86 2.83 -0.01
C ASN A 40 1.90 1.65 0.00
N VAL A 41 1.00 1.57 -0.99
CA VAL A 41 0.03 0.46 -1.03
C VAL A 41 0.75 -0.88 -1.28
N LEU A 42 1.69 -0.87 -2.21
CA LEU A 42 2.46 -2.07 -2.54
C LEU A 42 3.34 -2.45 -1.36
N PHE A 43 3.90 -1.44 -0.69
CA PHE A 43 4.74 -1.67 0.49
C PHE A 43 4.01 -2.48 1.54
N TRP A 44 2.75 -2.14 1.80
CA TRP A 44 1.96 -2.85 2.81
C TRP A 44 1.77 -4.30 2.39
N LEU A 45 1.38 -4.53 1.14
CA LEU A 45 1.22 -5.89 0.62
C LEU A 45 2.53 -6.66 0.74
N ALA A 46 3.62 -5.99 0.39
CA ALA A 46 4.95 -6.59 0.42
C ALA A 46 5.38 -6.86 1.86
N CYS A 47 4.93 -6.01 2.79
CA CYS A 47 5.29 -6.15 4.19
C CYS A 47 4.46 -7.25 4.84
N GLU A 48 3.22 -7.42 4.38
CA GLU A 48 2.37 -8.51 4.85
C GLU A 48 2.95 -9.84 4.37
N ASP A 49 3.24 -9.91 3.08
CA ASP A 49 3.88 -11.08 2.47
C ASP A 49 5.20 -11.39 3.18
N PHE A 50 5.99 -10.33 3.36
CA PHE A 50 7.24 -10.38 4.13
C PHE A 50 7.01 -11.05 5.47
N LYS A 51 6.06 -10.49 6.22
CA LYS A 51 5.69 -10.95 7.55
C LYS A 51 5.26 -12.43 7.57
N LYS A 52 4.34 -12.77 6.68
CA LYS A 52 3.65 -14.06 6.74
C LYS A 52 4.60 -15.24 6.53
N MET A 53 5.51 -15.13 5.57
CA MET A 53 6.34 -16.28 5.19
C MET A 53 7.83 -15.98 5.32
N GLN A 54 8.19 -15.18 6.32
CA GLN A 54 9.58 -14.78 6.51
C GLN A 54 10.43 -15.89 7.14
N ASP A 55 11.40 -16.36 6.38
CA ASP A 55 12.54 -17.10 6.91
C ASP A 55 13.67 -16.09 7.07
N LYS A 56 14.67 -16.37 7.90
CA LYS A 56 15.75 -15.40 8.13
C LYS A 56 16.37 -14.96 6.80
N THR A 57 16.84 -15.93 6.00
CA THR A 57 17.52 -15.63 4.75
C THR A 57 16.62 -14.78 3.84
N GLN A 58 15.41 -15.27 3.61
CA GLN A 58 14.41 -14.58 2.79
C GLN A 58 14.18 -13.17 3.29
N MET A 59 13.89 -13.07 4.58
CA MET A 59 13.52 -11.81 5.22
C MET A 59 14.61 -10.77 5.06
N GLN A 60 15.85 -11.23 5.08
CA GLN A 60 17.01 -10.37 4.94
C GLN A 60 17.06 -9.73 3.54
N GLU A 61 16.94 -10.59 2.52
CA GLU A 61 16.95 -10.14 1.13
C GLU A 61 15.74 -9.25 0.87
N LYS A 62 14.60 -9.67 1.40
CA LYS A 62 13.33 -8.96 1.22
C LYS A 62 13.36 -7.63 1.96
N ALA A 63 14.14 -7.58 3.05
CA ALA A 63 14.24 -6.38 3.88
C ALA A 63 14.85 -5.23 3.08
N LYS A 64 16.05 -5.47 2.57
CA LYS A 64 16.76 -4.48 1.78
C LYS A 64 16.03 -4.20 0.47
N GLU A 65 15.31 -5.21 -0.02
CA GLU A 65 14.54 -5.10 -1.25
C GLU A 65 13.47 -4.02 -1.14
N ILE A 66 12.51 -4.22 -0.23
CA ILE A 66 11.40 -3.28 -0.06
C ILE A 66 11.91 -1.90 0.33
N TYR A 67 12.99 -1.87 1.11
CA TYR A 67 13.64 -0.61 1.45
C TYR A 67 14.12 0.09 0.19
N MET A 68 14.87 -0.64 -0.62
CA MET A 68 15.50 -0.08 -1.81
C MET A 68 14.46 0.33 -2.86
N THR A 69 13.25 -0.21 -2.73
CA THR A 69 12.20 0.07 -3.69
C THR A 69 11.26 1.21 -3.22
N PHE A 70 10.91 1.21 -1.93
CA PHE A 70 9.87 2.12 -1.43
C PHE A 70 10.39 3.12 -0.40
N LEU A 71 11.49 2.80 0.28
CA LEU A 71 11.93 3.58 1.44
C LEU A 71 13.33 4.17 1.26
N SER A 72 13.93 3.98 0.09
CA SER A 72 15.24 4.54 -0.22
C SER A 72 15.26 6.06 0.00
N SER A 73 16.43 6.58 0.36
CA SER A 73 16.62 8.02 0.59
C SER A 73 16.45 8.82 -0.70
N LYS A 74 16.34 8.11 -1.83
CA LYS A 74 16.18 8.75 -3.13
C LYS A 74 14.97 8.16 -3.86
N ALA A 75 15.21 7.11 -4.66
CA ALA A 75 14.16 6.45 -5.45
C ALA A 75 13.28 7.47 -6.18
N SER A 76 12.21 7.90 -5.52
CA SER A 76 11.27 8.86 -6.06
C SER A 76 10.48 9.48 -4.91
N SER A 77 11.23 9.85 -3.87
CA SER A 77 10.68 10.32 -2.61
C SER A 77 10.05 9.16 -1.85
N GLN A 78 10.72 8.73 -0.78
CA GLN A 78 10.30 7.58 -0.01
C GLN A 78 8.96 7.84 0.66
N VAL A 79 8.29 6.76 1.04
CA VAL A 79 7.00 6.84 1.70
C VAL A 79 7.15 7.48 3.08
N ASN A 80 6.18 8.31 3.45
CA ASN A 80 6.20 9.02 4.73
C ASN A 80 5.81 8.07 5.87
N VAL A 81 6.67 7.09 6.14
CA VAL A 81 6.42 6.12 7.19
C VAL A 81 7.06 6.55 8.50
N GLU A 82 6.23 6.91 9.48
CA GLU A 82 6.69 7.27 10.82
C GLU A 82 5.72 6.75 11.86
N GLY A 83 6.15 6.74 13.12
CA GLY A 83 5.34 6.22 14.21
C GLY A 83 6.21 5.68 15.32
N GLN A 84 6.35 4.36 15.37
CA GLN A 84 7.20 3.71 16.36
C GLN A 84 8.67 3.97 16.03
N SER A 85 9.08 3.57 14.83
CA SER A 85 10.44 3.76 14.36
C SER A 85 10.48 3.76 12.83
N ARG A 86 11.56 4.30 12.30
CA ARG A 86 11.82 4.28 10.86
C ARG A 86 12.92 3.27 10.56
N LEU A 87 13.60 3.42 9.42
CA LEU A 87 14.71 2.53 9.09
C LEU A 87 15.93 2.90 9.92
N ASN A 88 15.84 2.55 11.19
CA ASN A 88 16.88 2.80 12.17
C ASN A 88 17.22 1.47 12.84
N GLU A 89 17.89 1.49 13.99
CA GLU A 89 18.25 0.26 14.71
C GLU A 89 19.12 -0.64 13.83
N LYS A 90 19.77 -0.03 12.83
CA LYS A 90 20.51 -0.76 11.81
C LYS A 90 19.66 -1.91 11.24
N ILE A 91 18.37 -1.64 11.06
CA ILE A 91 17.38 -2.63 10.62
C ILE A 91 17.78 -3.31 9.30
N LEU A 92 18.59 -2.65 8.48
CA LEU A 92 19.00 -3.21 7.19
C LEU A 92 20.09 -4.27 7.38
N GLU A 93 21.12 -3.90 8.13
CA GLU A 93 22.27 -4.78 8.33
C GLU A 93 22.00 -5.80 9.45
N GLU A 94 21.08 -5.44 10.35
CA GLU A 94 20.72 -6.31 11.46
C GLU A 94 19.22 -6.60 11.43
N PRO A 95 18.82 -7.70 10.76
CA PRO A 95 17.41 -8.09 10.63
C PRO A 95 16.80 -8.48 11.97
N HIS A 96 15.51 -8.22 12.12
CA HIS A 96 14.79 -8.52 13.36
C HIS A 96 13.50 -9.28 13.03
N PRO A 97 13.02 -10.14 13.94
CA PRO A 97 11.87 -11.02 13.69
C PRO A 97 10.62 -10.27 13.23
N LEU A 98 10.51 -9.00 13.65
CA LEU A 98 9.39 -8.16 13.25
C LEU A 98 9.88 -7.07 12.30
N MET A 99 10.88 -6.31 12.76
CA MET A 99 11.51 -5.21 12.01
C MET A 99 10.53 -4.32 11.23
N PHE A 100 9.98 -4.82 10.13
CA PHE A 100 9.11 -4.00 9.28
C PHE A 100 7.67 -4.02 9.76
N GLN A 101 7.40 -4.81 10.79
CA GLN A 101 6.07 -4.84 11.41
C GLN A 101 5.73 -3.47 11.98
N LYS A 102 6.75 -2.77 12.47
CA LYS A 102 6.59 -1.38 12.89
C LYS A 102 6.11 -0.55 11.71
N LEU A 103 6.87 -0.62 10.62
CA LEU A 103 6.59 0.15 9.42
C LEU A 103 5.23 -0.22 8.83
N GLN A 104 4.81 -1.48 9.02
CA GLN A 104 3.54 -1.95 8.53
C GLN A 104 2.39 -1.28 9.29
N ASP A 105 2.45 -1.34 10.61
CA ASP A 105 1.44 -0.71 11.46
C ASP A 105 1.40 0.80 11.22
N GLN A 106 2.59 1.36 10.99
CA GLN A 106 2.75 2.78 10.71
C GLN A 106 2.13 3.15 9.37
N ILE A 107 2.44 2.38 8.33
CA ILE A 107 1.91 2.66 6.99
C ILE A 107 0.43 2.34 6.94
N PHE A 108 -0.04 1.48 7.84
CA PHE A 108 -1.47 1.16 7.94
C PHE A 108 -2.24 2.40 8.39
N ASN A 109 -1.69 3.09 9.40
CA ASN A 109 -2.28 4.32 9.90
C ASN A 109 -2.23 5.40 8.82
N LEU A 110 -1.05 5.57 8.24
CA LEU A 110 -0.83 6.54 7.17
C LEU A 110 -1.73 6.21 5.98
N MET A 111 -1.92 4.92 5.73
CA MET A 111 -2.76 4.44 4.64
C MET A 111 -4.18 4.94 4.84
N LYS A 112 -4.71 4.69 6.03
CA LYS A 112 -6.05 5.15 6.39
C LYS A 112 -6.15 6.67 6.19
N TYR A 113 -5.35 7.40 6.95
CA TYR A 113 -5.38 8.86 6.92
C TYR A 113 -5.21 9.37 5.49
N ASP A 114 -4.00 9.25 4.96
CA ASP A 114 -3.64 9.84 3.68
C ASP A 114 -4.30 9.11 2.51
N SER A 115 -4.01 7.82 2.38
CA SER A 115 -4.41 7.07 1.19
C SER A 115 -5.92 6.89 1.09
N TYR A 116 -6.59 6.63 2.22
CA TYR A 116 -8.03 6.41 2.19
C TYR A 116 -8.77 7.73 1.96
N SER A 117 -8.16 8.84 2.42
CA SER A 117 -8.67 10.18 2.11
C SER A 117 -8.70 10.37 0.60
N ARG A 118 -7.65 9.90 -0.09
CA ARG A 118 -7.56 10.00 -1.54
C ARG A 118 -8.56 9.07 -2.20
N PHE A 119 -8.67 7.84 -1.67
CA PHE A 119 -9.53 6.81 -2.27
C PHE A 119 -10.99 7.27 -2.34
N LEU A 120 -11.40 8.07 -1.37
CA LEU A 120 -12.78 8.59 -1.35
C LEU A 120 -12.89 9.88 -2.16
N LYS A 121 -11.83 10.24 -2.87
CA LYS A 121 -11.75 11.53 -3.53
C LYS A 121 -11.10 11.41 -4.92
N SER A 122 -11.66 12.13 -5.89
CA SER A 122 -11.18 12.09 -7.29
C SER A 122 -10.92 10.65 -7.77
N ASP A 123 -11.69 9.71 -7.23
CA ASP A 123 -11.52 8.28 -7.56
C ASP A 123 -12.28 7.93 -8.85
N LEU A 124 -12.19 6.66 -9.26
CA LEU A 124 -12.82 6.19 -10.50
C LEU A 124 -14.36 6.26 -10.43
N PHE A 125 -14.90 6.78 -9.33
CA PHE A 125 -16.34 7.03 -9.21
C PHE A 125 -16.84 7.87 -10.38
N LEU A 126 -15.94 8.66 -10.95
CA LEU A 126 -16.27 9.54 -12.06
C LEU A 126 -16.13 8.77 -13.37
N LYS A 127 -17.18 8.78 -14.17
CA LYS A 127 -17.23 7.97 -15.38
C LYS A 127 -16.37 8.59 -16.48
N HIS A 128 -15.92 9.81 -16.25
CA HIS A 128 -15.00 10.45 -17.18
C HIS A 128 -13.62 9.81 -17.08
N LYS A 129 -13.42 9.02 -16.03
CA LYS A 129 -12.22 8.19 -15.89
C LYS A 129 -12.51 6.80 -16.44
N ARG A 130 -13.64 6.25 -16.02
CA ARG A 130 -14.09 4.94 -16.49
C ARG A 130 -15.61 4.94 -16.62
N THR A 131 -16.09 4.98 -17.87
CA THR A 131 -17.51 5.03 -18.17
C THR A 131 -18.28 3.93 -17.43
N GLU A 132 -18.00 2.68 -17.78
CA GLU A 132 -18.66 1.54 -17.18
C GLU A 132 -17.68 0.37 -17.08
N GLU A 133 -18.13 -0.70 -16.46
CA GLU A 133 -17.33 -1.91 -16.31
C GLU A 133 -17.24 -2.64 -17.64
N GLU A 134 -16.37 -2.16 -18.51
CA GLU A 134 -16.21 -2.70 -19.85
C GLU A 134 -14.99 -3.62 -19.89
N GLU A 135 -15.15 -4.82 -19.34
CA GLU A 135 -14.09 -5.82 -19.36
C GLU A 135 -14.10 -6.56 -20.70
N GLU A 136 -15.30 -6.67 -21.26
CA GLU A 136 -15.53 -7.39 -22.51
C GLU A 136 -16.05 -6.45 -23.61
N ASP A 137 -16.81 -5.44 -23.20
CA ASP A 137 -17.40 -4.49 -24.15
C ASP A 137 -16.35 -3.49 -24.63
N LEU A 138 -15.93 -3.64 -25.87
CA LEU A 138 -14.91 -2.79 -26.48
C LEU A 138 -14.68 -3.21 -27.93
N SER A 1 -21.56 -6.22 -12.58
CA SER A 1 -21.95 -6.89 -11.33
C SER A 1 -21.02 -6.50 -10.17
N MET A 2 -19.81 -6.05 -10.52
CA MET A 2 -18.81 -5.72 -9.50
C MET A 2 -17.77 -4.72 -10.03
N GLN A 3 -17.86 -3.49 -9.54
CA GLN A 3 -16.88 -2.43 -9.81
C GLN A 3 -17.33 -1.11 -9.20
N SER A 4 -18.64 -1.00 -9.03
CA SER A 4 -19.23 0.22 -8.47
C SER A 4 -20.46 -0.13 -7.61
N LEU A 5 -21.12 0.90 -7.08
CA LEU A 5 -22.32 0.75 -6.27
C LEU A 5 -22.09 -0.17 -5.08
N LYS A 6 -22.39 -1.43 -5.29
CA LYS A 6 -22.33 -2.44 -4.24
C LYS A 6 -20.89 -2.68 -3.83
N SER A 7 -20.03 -2.90 -4.82
CA SER A 7 -18.63 -3.21 -4.58
C SER A 7 -17.92 -2.03 -3.94
N THR A 8 -18.22 -0.82 -4.40
CA THR A 8 -17.58 0.38 -3.87
C THR A 8 -18.06 0.67 -2.45
N ALA A 9 -19.32 0.31 -2.16
CA ALA A 9 -19.86 0.42 -0.81
C ALA A 9 -19.06 -0.47 0.14
N LYS A 10 -18.60 -1.60 -0.38
CA LYS A 10 -17.75 -2.54 0.36
C LYS A 10 -16.43 -1.87 0.75
N TRP A 11 -15.69 -1.44 -0.27
CA TRP A 11 -14.37 -0.87 -0.08
C TRP A 11 -14.45 0.46 0.65
N ALA A 12 -15.59 1.14 0.54
CA ALA A 12 -15.82 2.39 1.25
C ALA A 12 -16.51 2.12 2.59
N ALA A 13 -16.84 0.86 2.86
CA ALA A 13 -17.32 0.45 4.19
C ALA A 13 -16.14 0.43 5.15
N SER A 14 -15.06 -0.22 4.72
CA SER A 14 -13.87 -0.32 5.54
C SER A 14 -12.63 -0.55 4.68
N LEU A 15 -11.50 0.00 5.15
CA LEU A 15 -10.20 -0.23 4.52
C LEU A 15 -9.86 -1.73 4.58
N GLU A 16 -10.43 -2.41 5.58
CA GLU A 16 -10.30 -3.86 5.69
C GLU A 16 -10.77 -4.52 4.41
N ASN A 17 -12.01 -4.20 4.02
CA ASN A 17 -12.63 -4.76 2.83
C ASN A 17 -11.79 -4.43 1.59
N LEU A 18 -11.37 -3.18 1.50
CA LEU A 18 -10.51 -2.71 0.41
C LEU A 18 -9.27 -3.59 0.29
N LEU A 19 -8.58 -3.79 1.43
CA LEU A 19 -7.35 -4.57 1.46
C LEU A 19 -7.63 -6.07 1.56
N GLU A 20 -8.90 -6.44 1.58
CA GLU A 20 -9.30 -7.84 1.66
C GLU A 20 -9.69 -8.36 0.28
N ASP A 21 -10.35 -7.51 -0.49
CA ASP A 21 -10.80 -7.87 -1.83
C ASP A 21 -9.82 -7.32 -2.86
N PRO A 22 -9.20 -8.20 -3.67
CA PRO A 22 -8.18 -7.83 -4.66
C PRO A 22 -8.59 -6.60 -5.50
N GLU A 23 -9.80 -6.62 -6.05
CA GLU A 23 -10.25 -5.53 -6.93
C GLU A 23 -10.19 -4.18 -6.22
N GLY A 24 -10.49 -4.20 -4.91
CA GLY A 24 -10.40 -2.99 -4.12
C GLY A 24 -8.97 -2.46 -4.09
N VAL A 25 -8.04 -3.35 -3.78
CA VAL A 25 -6.62 -3.01 -3.78
C VAL A 25 -6.20 -2.47 -5.14
N LYS A 26 -6.79 -2.98 -6.21
CA LYS A 26 -6.38 -2.62 -7.57
C LYS A 26 -6.91 -1.24 -7.96
N ARG A 27 -8.17 -0.95 -7.66
CA ARG A 27 -8.72 0.38 -7.93
C ARG A 27 -8.02 1.42 -7.06
N PHE A 28 -7.68 1.01 -5.84
CA PHE A 28 -6.96 1.86 -4.92
C PHE A 28 -5.51 2.06 -5.39
N ARG A 29 -4.94 1.03 -5.99
CA ARG A 29 -3.58 1.10 -6.51
C ARG A 29 -3.51 2.04 -7.72
N GLU A 30 -4.46 1.90 -8.65
CA GLU A 30 -4.46 2.74 -9.86
C GLU A 30 -4.73 4.20 -9.49
N PHE A 31 -5.48 4.40 -8.41
CA PHE A 31 -5.70 5.73 -7.87
C PHE A 31 -4.38 6.32 -7.39
N LEU A 32 -3.70 5.60 -6.50
CA LEU A 32 -2.41 6.03 -5.99
C LEU A 32 -1.36 6.06 -7.09
N LYS A 33 -1.62 5.34 -8.18
CA LYS A 33 -0.73 5.36 -9.34
C LYS A 33 -0.79 6.74 -10.01
N LYS A 34 -1.99 7.32 -10.06
CA LYS A 34 -2.19 8.65 -10.61
C LYS A 34 -1.56 9.70 -9.70
N GLU A 35 -1.56 9.41 -8.40
CA GLU A 35 -0.98 10.29 -7.40
C GLU A 35 0.51 10.00 -7.19
N PHE A 36 0.95 8.86 -7.72
CA PHE A 36 2.32 8.36 -7.51
C PHE A 36 2.56 8.10 -6.03
N SER A 37 1.94 7.03 -5.54
CA SER A 37 2.01 6.63 -4.15
C SER A 37 1.88 5.10 -4.06
N GLU A 38 2.29 4.42 -5.12
CA GLU A 38 2.21 2.96 -5.17
C GLU A 38 3.18 2.34 -4.17
N GLU A 39 4.30 3.00 -3.94
CA GLU A 39 5.28 2.55 -2.95
C GLU A 39 4.62 2.48 -1.57
N ASN A 40 3.68 3.40 -1.34
CA ASN A 40 2.90 3.45 -0.11
C ASN A 40 2.03 2.19 0.03
N VAL A 41 1.09 2.02 -0.89
CA VAL A 41 0.17 0.89 -0.84
C VAL A 41 0.93 -0.45 -0.88
N LEU A 42 1.90 -0.54 -1.79
CA LEU A 42 2.68 -1.76 -1.97
C LEU A 42 3.50 -2.08 -0.73
N PHE A 43 3.92 -1.05 0.00
CA PHE A 43 4.70 -1.26 1.22
C PHE A 43 3.86 -1.99 2.25
N TRP A 44 2.58 -1.60 2.38
CA TRP A 44 1.67 -2.28 3.30
C TRP A 44 1.46 -3.72 2.86
N LEU A 45 1.08 -3.89 1.58
CA LEU A 45 0.84 -5.21 1.01
C LEU A 45 2.06 -6.11 1.17
N ALA A 46 3.24 -5.55 0.91
CA ALA A 46 4.49 -6.30 0.96
C ALA A 46 4.89 -6.61 2.40
N CYS A 47 4.63 -5.66 3.31
CA CYS A 47 4.92 -5.86 4.73
C CYS A 47 4.04 -6.96 5.31
N GLU A 48 2.80 -7.02 4.83
CA GLU A 48 1.86 -8.05 5.24
C GLU A 48 2.34 -9.41 4.72
N ASP A 49 2.76 -9.43 3.46
CA ASP A 49 3.28 -10.65 2.84
C ASP A 49 4.55 -11.12 3.56
N PHE A 50 5.35 -10.13 3.96
CA PHE A 50 6.58 -10.35 4.73
C PHE A 50 6.25 -11.02 6.06
N LYS A 51 5.10 -10.63 6.61
CA LYS A 51 4.63 -11.15 7.88
C LYS A 51 4.15 -12.60 7.70
N LYS A 52 3.55 -12.89 6.54
CA LYS A 52 2.99 -14.23 6.28
C LYS A 52 4.10 -15.26 6.14
N MET A 53 4.95 -15.07 5.14
CA MET A 53 5.95 -16.09 4.80
C MET A 53 7.37 -15.52 4.90
N GLN A 54 8.33 -16.20 4.25
CA GLN A 54 9.72 -15.78 4.18
C GLN A 54 10.45 -16.10 5.48
N ASP A 55 11.39 -17.04 5.42
CA ASP A 55 12.17 -17.47 6.58
C ASP A 55 13.61 -16.95 6.48
N LYS A 56 14.15 -16.55 7.63
CA LYS A 56 15.56 -16.10 7.78
C LYS A 56 16.20 -15.62 6.48
N THR A 57 16.72 -16.57 5.69
CA THR A 57 17.42 -16.25 4.44
C THR A 57 16.58 -15.33 3.56
N GLN A 58 15.37 -15.79 3.25
CA GLN A 58 14.44 -15.02 2.42
C GLN A 58 14.07 -13.71 3.11
N MET A 59 13.68 -13.82 4.37
CA MET A 59 13.21 -12.68 5.16
C MET A 59 14.23 -11.54 5.13
N GLN A 60 15.49 -11.88 5.28
CA GLN A 60 16.57 -10.90 5.31
C GLN A 60 16.70 -10.19 3.97
N GLU A 61 16.72 -10.97 2.90
CA GLU A 61 16.82 -10.42 1.54
C GLU A 61 15.60 -9.55 1.23
N LYS A 62 14.44 -9.98 1.71
CA LYS A 62 13.20 -9.26 1.48
C LYS A 62 13.17 -7.96 2.28
N ALA A 63 13.84 -7.96 3.44
CA ALA A 63 13.95 -6.75 4.25
C ALA A 63 14.67 -5.67 3.46
N LYS A 64 15.73 -6.09 2.80
CA LYS A 64 16.52 -5.22 1.93
C LYS A 64 15.71 -4.82 0.70
N GLU A 65 14.99 -5.80 0.16
CA GLU A 65 14.20 -5.61 -1.06
C GLU A 65 13.18 -4.48 -0.88
N ILE A 66 12.23 -4.67 0.04
CA ILE A 66 11.15 -3.70 0.22
C ILE A 66 11.66 -2.35 0.72
N TYR A 67 12.65 -2.39 1.61
CA TYR A 67 13.23 -1.15 2.13
C TYR A 67 13.82 -0.32 1.00
N MET A 68 14.61 -0.96 0.15
CA MET A 68 15.32 -0.27 -0.93
C MET A 68 14.35 0.19 -2.02
N THR A 69 13.37 -0.66 -2.33
CA THR A 69 12.45 -0.41 -3.43
C THR A 69 11.40 0.64 -3.09
N PHE A 70 10.93 0.65 -1.83
CA PHE A 70 9.83 1.52 -1.43
C PHE A 70 10.31 2.71 -0.60
N LEU A 71 11.49 2.61 0.01
CA LEU A 71 12.00 3.68 0.87
C LEU A 71 13.46 4.01 0.55
N SER A 72 14.37 3.31 1.22
CA SER A 72 15.80 3.62 1.17
C SER A 72 16.02 5.09 1.58
N SER A 73 15.92 5.98 0.60
CA SER A 73 15.99 7.42 0.81
C SER A 73 15.56 8.14 -0.47
N LYS A 74 15.10 7.36 -1.45
CA LYS A 74 14.88 7.81 -2.82
C LYS A 74 13.96 6.82 -3.52
N ALA A 75 14.56 5.71 -3.96
CA ALA A 75 13.85 4.61 -4.61
C ALA A 75 13.05 5.09 -5.83
N SER A 76 11.91 5.69 -5.56
CA SER A 76 11.02 6.23 -6.58
C SER A 76 10.12 7.28 -5.96
N SER A 77 9.75 7.05 -4.71
CA SER A 77 8.87 7.95 -3.97
C SER A 77 8.67 7.40 -2.57
N GLN A 78 9.62 7.67 -1.69
CA GLN A 78 9.58 7.16 -0.33
C GLN A 78 8.34 7.67 0.40
N VAL A 79 7.53 6.74 0.89
CA VAL A 79 6.29 7.07 1.58
C VAL A 79 6.56 7.73 2.93
N ASN A 80 5.68 8.65 3.30
CA ASN A 80 5.82 9.42 4.54
C ASN A 80 5.41 8.58 5.75
N VAL A 81 6.29 7.66 6.14
CA VAL A 81 6.06 6.84 7.33
C VAL A 81 6.64 7.53 8.57
N GLU A 82 5.87 8.47 9.12
CA GLU A 82 6.27 9.21 10.29
C GLU A 82 5.96 8.43 11.56
N GLY A 83 6.67 8.76 12.63
CA GLY A 83 6.48 8.10 13.92
C GLY A 83 7.76 8.04 14.72
N GLN A 84 7.68 7.47 15.92
CA GLN A 84 8.86 7.31 16.78
C GLN A 84 9.63 6.07 16.35
N SER A 85 8.91 5.09 15.80
CA SER A 85 9.53 3.88 15.27
C SER A 85 9.70 4.01 13.75
N ARG A 86 10.94 3.96 13.30
CA ARG A 86 11.26 4.07 11.88
C ARG A 86 12.43 3.12 11.56
N LEU A 87 12.79 3.02 10.29
CA LEU A 87 13.88 2.14 9.87
C LEU A 87 15.23 2.75 10.22
N ASN A 88 15.55 2.72 11.50
CA ASN A 88 16.81 3.25 12.02
C ASN A 88 17.45 2.23 12.96
N GLU A 89 18.51 2.65 13.65
CA GLU A 89 19.23 1.77 14.57
C GLU A 89 19.79 0.56 13.83
N LYS A 90 20.13 0.77 12.55
CA LYS A 90 20.60 -0.29 11.67
C LYS A 90 19.72 -1.53 11.80
N ILE A 91 18.42 -1.30 11.70
CA ILE A 91 17.41 -2.32 11.92
C ILE A 91 17.47 -3.43 10.85
N LEU A 92 18.04 -3.10 9.68
CA LEU A 92 18.21 -4.09 8.61
C LEU A 92 19.36 -5.06 8.94
N GLU A 93 20.27 -4.63 9.81
CA GLU A 93 21.40 -5.47 10.21
C GLU A 93 20.92 -6.69 10.99
N GLU A 94 19.70 -6.60 11.51
CA GLU A 94 19.04 -7.73 12.16
C GLU A 94 17.55 -7.69 11.86
N PRO A 95 17.15 -8.23 10.70
CA PRO A 95 15.76 -8.20 10.26
C PRO A 95 14.84 -9.08 11.12
N HIS A 96 13.67 -8.54 11.45
CA HIS A 96 12.63 -9.28 12.15
C HIS A 96 11.33 -9.13 11.37
N PRO A 97 10.49 -10.19 11.31
CA PRO A 97 9.20 -10.11 10.62
C PRO A 97 8.29 -9.06 11.25
N LEU A 98 8.50 -8.82 12.55
CA LEU A 98 7.69 -7.88 13.30
C LEU A 98 8.27 -6.47 13.23
N MET A 99 9.51 -6.33 12.78
CA MET A 99 10.17 -5.03 12.75
C MET A 99 9.50 -4.14 11.71
N PHE A 100 8.94 -4.76 10.67
CA PHE A 100 8.18 -4.04 9.65
C PHE A 100 6.73 -3.84 10.09
N GLN A 101 6.27 -4.69 11.01
CA GLN A 101 4.90 -4.61 11.51
C GLN A 101 4.65 -3.27 12.20
N LYS A 102 5.69 -2.76 12.86
CA LYS A 102 5.62 -1.44 13.48
C LYS A 102 5.30 -0.39 12.42
N LEU A 103 6.05 -0.44 11.32
CA LEU A 103 5.86 0.49 10.22
C LEU A 103 4.54 0.24 9.50
N GLN A 104 4.11 -1.02 9.48
CA GLN A 104 2.85 -1.38 8.85
C GLN A 104 1.68 -0.83 9.66
N ASP A 105 1.80 -0.89 10.97
CA ASP A 105 0.77 -0.38 11.88
C ASP A 105 0.64 1.14 11.71
N GLN A 106 1.79 1.80 11.67
CA GLN A 106 1.85 3.25 11.48
C GLN A 106 1.29 3.66 10.12
N ILE A 107 1.77 3.00 9.06
CA ILE A 107 1.34 3.33 7.70
C ILE A 107 -0.15 3.02 7.54
N PHE A 108 -0.62 1.93 8.15
CA PHE A 108 -2.03 1.55 8.07
C PHE A 108 -2.90 2.71 8.56
N ASN A 109 -2.47 3.32 9.66
CA ASN A 109 -3.21 4.43 10.26
C ASN A 109 -3.14 5.68 9.40
N LEU A 110 -1.92 6.13 9.08
CA LEU A 110 -1.74 7.39 8.37
C LEU A 110 -2.23 7.29 6.92
N MET A 111 -2.04 6.12 6.32
CA MET A 111 -2.47 5.86 4.95
C MET A 111 -3.99 5.74 4.89
N LYS A 112 -4.59 5.22 5.95
CA LYS A 112 -6.04 5.17 6.05
C LYS A 112 -6.61 6.58 5.86
N TYR A 113 -6.16 7.50 6.72
CA TYR A 113 -6.53 8.90 6.59
C TYR A 113 -6.14 9.43 5.21
N ASP A 114 -4.84 9.51 4.98
CA ASP A 114 -4.30 10.10 3.76
C ASP A 114 -4.91 9.46 2.51
N SER A 115 -4.50 8.23 2.23
CA SER A 115 -4.83 7.58 0.97
C SER A 115 -6.28 7.09 0.92
N TYR A 116 -6.76 6.45 1.99
CA TYR A 116 -8.08 5.82 1.95
C TYR A 116 -9.19 6.86 2.03
N SER A 117 -9.04 7.85 2.90
CA SER A 117 -10.07 8.86 3.07
C SER A 117 -10.09 9.79 1.84
N ARG A 118 -8.92 10.04 1.26
CA ARG A 118 -8.84 10.84 0.05
C ARG A 118 -9.35 10.05 -1.15
N PHE A 119 -9.20 8.73 -1.10
CA PHE A 119 -9.78 7.84 -2.12
C PHE A 119 -11.29 8.07 -2.19
N LEU A 120 -11.91 8.18 -1.02
CA LEU A 120 -13.35 8.44 -0.92
C LEU A 120 -13.66 9.88 -1.35
N LYS A 121 -12.82 10.81 -0.93
CA LYS A 121 -12.95 12.22 -1.29
C LYS A 121 -12.96 12.39 -2.81
N SER A 122 -11.96 11.83 -3.44
CA SER A 122 -11.80 11.95 -4.88
C SER A 122 -12.93 11.23 -5.62
N ASP A 123 -13.40 10.13 -5.04
CA ASP A 123 -14.45 9.31 -5.64
C ASP A 123 -13.99 8.72 -6.97
N LEU A 124 -13.39 7.54 -6.88
CA LEU A 124 -12.88 6.81 -8.03
C LEU A 124 -13.90 5.71 -8.40
N PHE A 125 -15.15 5.91 -8.00
CA PHE A 125 -16.20 4.90 -8.17
C PHE A 125 -16.73 4.89 -9.60
N LEU A 126 -15.94 5.39 -10.55
CA LEU A 126 -16.36 5.53 -11.93
C LEU A 126 -15.53 4.62 -12.82
N LYS A 127 -15.59 4.85 -14.13
CA LYS A 127 -14.77 4.11 -15.09
C LYS A 127 -13.37 4.70 -15.11
N HIS A 128 -13.32 6.02 -15.02
CA HIS A 128 -12.08 6.75 -14.85
C HIS A 128 -12.22 7.64 -13.62
N LYS A 129 -11.10 8.01 -13.00
CA LYS A 129 -11.16 8.86 -11.82
C LYS A 129 -11.71 10.23 -12.18
N ARG A 130 -12.55 10.76 -11.31
CA ARG A 130 -13.06 12.11 -11.46
C ARG A 130 -11.91 13.09 -11.66
N THR A 131 -12.06 14.00 -12.61
CA THR A 131 -11.00 14.92 -12.99
C THR A 131 -10.59 15.82 -11.82
N GLU A 132 -9.37 15.64 -11.33
CA GLU A 132 -8.83 16.43 -10.23
C GLU A 132 -7.59 17.18 -10.69
N GLU A 133 -6.84 17.68 -9.73
CA GLU A 133 -5.55 18.32 -9.99
C GLU A 133 -4.42 17.42 -9.51
N GLU A 134 -3.77 16.72 -10.44
CA GLU A 134 -2.58 15.92 -10.11
C GLU A 134 -1.41 16.86 -9.84
N GLU A 135 -1.60 18.12 -10.20
CA GLU A 135 -0.65 19.18 -9.86
C GLU A 135 -0.97 19.69 -8.46
N GLU A 136 0.04 20.26 -7.79
CA GLU A 136 -0.13 20.76 -6.43
C GLU A 136 -1.25 21.80 -6.37
N ASP A 137 -2.17 21.62 -5.44
CA ASP A 137 -3.31 22.52 -5.27
C ASP A 137 -2.84 23.96 -5.03
N LEU A 138 -3.19 24.84 -5.95
CA LEU A 138 -2.80 26.25 -5.88
C LEU A 138 -3.62 26.98 -4.82
N SER A 1 -14.62 -9.05 -10.63
CA SER A 1 -15.89 -9.68 -10.21
C SER A 1 -17.01 -8.64 -10.17
N MET A 2 -16.88 -7.66 -9.26
CA MET A 2 -17.85 -6.57 -9.13
C MET A 2 -17.12 -5.26 -8.92
N GLN A 3 -17.63 -4.19 -9.50
CA GLN A 3 -17.04 -2.87 -9.33
C GLN A 3 -18.09 -1.88 -8.87
N SER A 4 -17.68 -1.00 -7.96
CA SER A 4 -18.54 0.04 -7.41
C SER A 4 -19.66 -0.56 -6.54
N LEU A 5 -20.52 0.32 -6.01
CA LEU A 5 -21.66 -0.07 -5.17
C LEU A 5 -21.28 -1.06 -4.09
N LYS A 6 -21.47 -2.34 -4.38
CA LYS A 6 -21.20 -3.41 -3.44
C LYS A 6 -19.73 -3.41 -3.05
N SER A 7 -18.87 -3.25 -4.05
CA SER A 7 -17.44 -3.24 -3.85
C SER A 7 -17.01 -2.02 -3.02
N THR A 8 -17.59 -0.88 -3.32
CA THR A 8 -17.24 0.36 -2.61
C THR A 8 -17.79 0.31 -1.20
N ALA A 9 -18.92 -0.37 -1.02
CA ALA A 9 -19.48 -0.59 0.31
C ALA A 9 -18.47 -1.33 1.17
N LYS A 10 -17.75 -2.26 0.55
CA LYS A 10 -16.68 -3.00 1.21
C LYS A 10 -15.64 -2.03 1.77
N TRP A 11 -14.92 -1.40 0.85
CA TRP A 11 -13.74 -0.63 1.19
C TRP A 11 -14.10 0.61 2.00
N ALA A 12 -15.22 1.24 1.65
CA ALA A 12 -15.67 2.44 2.37
C ALA A 12 -16.37 2.07 3.68
N ALA A 13 -16.56 0.76 3.92
CA ALA A 13 -16.96 0.28 5.25
C ALA A 13 -15.76 0.30 6.18
N SER A 14 -14.63 -0.19 5.68
CA SER A 14 -13.41 -0.25 6.48
C SER A 14 -12.17 -0.36 5.59
N LEU A 15 -11.11 0.34 6.00
CA LEU A 15 -9.80 0.26 5.34
C LEU A 15 -9.34 -1.20 5.28
N GLU A 16 -9.73 -1.97 6.30
CA GLU A 16 -9.38 -3.38 6.38
C GLU A 16 -9.92 -4.13 5.17
N ASN A 17 -11.18 -3.84 4.83
CA ASN A 17 -11.82 -4.41 3.65
C ASN A 17 -11.05 -4.03 2.40
N LEU A 18 -10.64 -2.76 2.33
CA LEU A 18 -9.86 -2.25 1.21
C LEU A 18 -8.56 -3.03 1.05
N LEU A 19 -7.83 -3.17 2.14
CA LEU A 19 -6.50 -3.79 2.12
C LEU A 19 -6.60 -5.33 2.14
N GLU A 20 -7.81 -5.86 2.17
CA GLU A 20 -8.00 -7.31 2.10
C GLU A 20 -8.55 -7.72 0.72
N ASP A 21 -9.59 -7.03 0.29
CA ASP A 21 -10.29 -7.36 -0.96
C ASP A 21 -9.40 -7.09 -2.17
N PRO A 22 -9.18 -8.11 -3.02
CA PRO A 22 -8.28 -7.99 -4.19
C PRO A 22 -8.68 -6.85 -5.12
N GLU A 23 -9.97 -6.71 -5.38
CA GLU A 23 -10.46 -5.68 -6.27
C GLU A 23 -10.19 -4.31 -5.67
N GLY A 24 -10.33 -4.23 -4.36
CA GLY A 24 -10.04 -3.00 -3.64
C GLY A 24 -8.60 -2.61 -3.76
N VAL A 25 -7.71 -3.49 -3.34
CA VAL A 25 -6.28 -3.21 -3.34
C VAL A 25 -5.80 -2.79 -4.72
N LYS A 26 -6.38 -3.38 -5.76
CA LYS A 26 -5.91 -3.11 -7.12
C LYS A 26 -6.53 -1.83 -7.70
N ARG A 27 -7.83 -1.60 -7.48
CA ARG A 27 -8.44 -0.33 -7.90
C ARG A 27 -7.87 0.83 -7.10
N PHE A 28 -7.46 0.51 -5.87
CA PHE A 28 -6.75 1.45 -5.01
C PHE A 28 -5.34 1.67 -5.52
N ARG A 29 -4.74 0.59 -6.02
CA ARG A 29 -3.44 0.66 -6.65
C ARG A 29 -3.50 1.55 -7.88
N GLU A 30 -4.60 1.44 -8.64
CA GLU A 30 -4.79 2.26 -9.84
C GLU A 30 -4.85 3.73 -9.46
N PHE A 31 -5.52 4.03 -8.34
CA PHE A 31 -5.56 5.38 -7.79
C PHE A 31 -4.14 5.87 -7.55
N LEU A 32 -3.43 5.17 -6.70
CA LEU A 32 -2.06 5.52 -6.33
C LEU A 32 -1.12 5.38 -7.52
N LYS A 33 -1.55 4.67 -8.55
CA LYS A 33 -0.74 4.49 -9.76
C LYS A 33 -0.72 5.79 -10.55
N LYS A 34 -1.89 6.41 -10.67
CA LYS A 34 -2.04 7.67 -11.39
C LYS A 34 -1.59 8.84 -10.51
N GLU A 35 -1.65 8.65 -9.20
CA GLU A 35 -1.16 9.64 -8.24
C GLU A 35 0.35 9.43 -8.02
N PHE A 36 0.85 8.28 -8.48
CA PHE A 36 2.27 7.93 -8.42
C PHE A 36 2.72 7.73 -6.97
N SER A 37 2.29 6.61 -6.42
CA SER A 37 2.59 6.22 -5.05
C SER A 37 2.42 4.70 -4.88
N GLU A 38 2.74 3.97 -5.94
CA GLU A 38 2.63 2.52 -5.90
C GLU A 38 3.64 1.95 -4.91
N GLU A 39 4.65 2.75 -4.59
CA GLU A 39 5.59 2.45 -3.51
C GLU A 39 4.80 2.17 -2.23
N ASN A 40 3.83 3.05 -1.96
CA ASN A 40 3.01 2.98 -0.76
C ASN A 40 2.13 1.72 -0.77
N VAL A 41 1.33 1.56 -1.82
CA VAL A 41 0.40 0.42 -1.88
C VAL A 41 1.15 -0.92 -1.87
N LEU A 42 2.27 -0.98 -2.61
CA LEU A 42 3.08 -2.18 -2.66
C LEU A 42 3.78 -2.44 -1.33
N PHE A 43 4.12 -1.37 -0.63
CA PHE A 43 4.78 -1.49 0.66
C PHE A 43 3.94 -2.30 1.63
N TRP A 44 2.68 -1.93 1.78
CA TRP A 44 1.78 -2.62 2.69
C TRP A 44 1.63 -4.08 2.27
N LEU A 45 1.39 -4.31 0.97
CA LEU A 45 1.26 -5.66 0.43
C LEU A 45 2.55 -6.46 0.69
N ALA A 46 3.68 -5.78 0.60
CA ALA A 46 4.98 -6.41 0.77
C ALA A 46 5.24 -6.75 2.23
N CYS A 47 4.77 -5.88 3.14
CA CYS A 47 4.92 -6.11 4.57
C CYS A 47 3.98 -7.23 5.03
N GLU A 48 2.75 -7.21 4.51
CA GLU A 48 1.79 -8.27 4.74
C GLU A 48 2.40 -9.60 4.31
N ASP A 49 2.87 -9.63 3.07
CA ASP A 49 3.52 -10.80 2.49
C ASP A 49 4.78 -11.18 3.28
N PHE A 50 5.48 -10.16 3.77
CA PHE A 50 6.72 -10.33 4.53
C PHE A 50 6.52 -11.32 5.67
N LYS A 51 5.50 -11.08 6.49
CA LYS A 51 5.23 -11.94 7.65
C LYS A 51 4.18 -13.00 7.34
N LYS A 52 3.57 -12.93 6.16
CA LYS A 52 2.65 -13.96 5.70
C LYS A 52 3.41 -15.22 5.32
N MET A 53 4.59 -15.03 4.74
CA MET A 53 5.47 -16.13 4.40
C MET A 53 6.92 -15.73 4.70
N GLN A 54 7.87 -16.11 3.83
CA GLN A 54 9.28 -15.76 3.97
C GLN A 54 9.95 -16.56 5.09
N ASP A 55 10.93 -17.38 4.70
CA ASP A 55 11.80 -18.04 5.66
C ASP A 55 12.85 -17.03 6.14
N LYS A 56 13.76 -17.47 6.99
CA LYS A 56 14.77 -16.57 7.55
C LYS A 56 15.59 -15.91 6.44
N THR A 57 15.97 -16.67 5.41
CA THR A 57 16.77 -16.15 4.32
C THR A 57 16.00 -15.11 3.50
N GLN A 58 14.85 -15.50 2.96
CA GLN A 58 14.01 -14.59 2.17
C GLN A 58 13.67 -13.34 2.98
N MET A 59 13.34 -13.54 4.24
CA MET A 59 12.99 -12.45 5.14
C MET A 59 14.07 -11.37 5.15
N GLN A 60 15.32 -11.82 5.14
CA GLN A 60 16.47 -10.91 5.09
C GLN A 60 16.43 -10.07 3.82
N GLU A 61 16.37 -10.74 2.67
CA GLU A 61 16.43 -10.07 1.38
C GLU A 61 15.17 -9.25 1.11
N LYS A 62 14.09 -9.60 1.79
CA LYS A 62 12.84 -8.84 1.66
C LYS A 62 12.87 -7.60 2.56
N ALA A 63 13.69 -7.65 3.62
CA ALA A 63 13.86 -6.50 4.51
C ALA A 63 14.52 -5.35 3.76
N LYS A 64 15.66 -5.66 3.17
CA LYS A 64 16.40 -4.70 2.36
C LYS A 64 15.60 -4.30 1.11
N GLU A 65 14.84 -5.26 0.57
CA GLU A 65 14.06 -5.03 -0.64
C GLU A 65 13.02 -3.93 -0.44
N ILE A 66 12.12 -4.14 0.54
CA ILE A 66 11.06 -3.17 0.81
C ILE A 66 11.65 -1.83 1.25
N TYR A 67 12.81 -1.90 1.88
CA TYR A 67 13.54 -0.70 2.28
C TYR A 67 13.90 0.14 1.04
N MET A 68 14.59 -0.48 0.10
CA MET A 68 15.12 0.21 -1.08
C MET A 68 14.01 0.64 -2.04
N THR A 69 12.87 -0.05 -1.99
CA THR A 69 11.76 0.24 -2.88
C THR A 69 10.86 1.35 -2.33
N PHE A 70 10.67 1.38 -1.01
CA PHE A 70 9.77 2.36 -0.39
C PHE A 70 10.46 3.14 0.74
N LEU A 71 11.03 2.42 1.70
CA LEU A 71 11.47 3.02 2.98
C LEU A 71 12.76 3.83 2.82
N SER A 72 13.23 3.95 1.59
CA SER A 72 14.41 4.76 1.28
C SER A 72 14.15 6.25 1.53
N SER A 73 12.87 6.61 1.71
CA SER A 73 12.47 8.01 1.88
C SER A 73 12.84 8.82 0.62
N LYS A 74 13.02 8.10 -0.47
CA LYS A 74 13.35 8.68 -1.77
C LYS A 74 12.56 7.95 -2.81
N ALA A 75 13.01 6.73 -3.14
CA ALA A 75 12.27 5.82 -4.00
C ALA A 75 11.79 6.53 -5.27
N SER A 76 10.70 6.07 -5.85
CA SER A 76 10.06 6.79 -6.93
C SER A 76 9.37 8.04 -6.36
N SER A 77 9.05 7.96 -5.08
CA SER A 77 8.42 9.06 -4.34
C SER A 77 8.38 8.66 -2.86
N GLN A 78 8.16 9.64 -1.99
CA GLN A 78 7.96 9.36 -0.56
C GLN A 78 6.63 9.95 -0.10
N VAL A 79 5.96 9.23 0.78
CA VAL A 79 4.71 9.68 1.39
C VAL A 79 4.98 10.17 2.81
N ASN A 80 4.23 11.19 3.23
CA ASN A 80 4.43 11.80 4.55
C ASN A 80 4.04 10.82 5.66
N VAL A 81 5.02 10.07 6.16
CA VAL A 81 4.78 9.03 7.15
C VAL A 81 5.44 9.37 8.48
N GLU A 82 5.28 8.48 9.45
CA GLU A 82 5.88 8.63 10.76
C GLU A 82 7.13 7.76 10.88
N GLY A 83 8.30 8.42 10.90
CA GLY A 83 9.55 7.70 11.03
C GLY A 83 9.80 7.21 12.43
N GLN A 84 9.06 6.18 12.85
CA GLN A 84 9.21 5.59 14.18
C GLN A 84 10.55 4.87 14.28
N SER A 85 10.62 3.69 13.68
CA SER A 85 11.84 2.91 13.63
C SER A 85 12.68 3.37 12.43
N ARG A 86 13.53 4.37 12.65
CA ARG A 86 14.37 4.89 11.58
C ARG A 86 15.33 3.82 11.09
N LEU A 87 15.22 3.47 9.81
CA LEU A 87 15.94 2.35 9.25
C LEU A 87 17.36 2.74 8.89
N ASN A 88 18.26 2.52 9.84
CA ASN A 88 19.68 2.82 9.69
C ASN A 88 20.47 2.31 10.90
N GLU A 89 19.82 2.29 12.05
CA GLU A 89 20.47 1.93 13.30
C GLU A 89 20.18 0.47 13.71
N LYS A 90 21.07 -0.43 13.29
CA LYS A 90 21.04 -1.84 13.69
C LYS A 90 19.65 -2.48 13.54
N ILE A 91 18.87 -2.00 12.58
CA ILE A 91 17.52 -2.50 12.37
C ILE A 91 17.50 -3.63 11.33
N LEU A 92 18.00 -3.36 10.13
CA LEU A 92 18.02 -4.38 9.06
C LEU A 92 19.11 -5.41 9.32
N GLU A 93 19.98 -5.09 10.26
CA GLU A 93 21.08 -5.98 10.64
C GLU A 93 20.57 -7.07 11.58
N GLU A 94 19.31 -6.92 12.02
CA GLU A 94 18.60 -7.97 12.74
C GLU A 94 17.20 -8.12 12.15
N PRO A 95 17.08 -8.82 11.01
CA PRO A 95 15.79 -9.02 10.34
C PRO A 95 14.89 -9.97 11.12
N HIS A 96 13.64 -9.57 11.31
CA HIS A 96 12.67 -10.37 12.06
C HIS A 96 11.28 -10.19 11.44
N PRO A 97 10.43 -11.24 11.46
CA PRO A 97 9.12 -11.18 10.81
C PRO A 97 8.24 -10.05 11.34
N LEU A 98 8.39 -9.73 12.62
CA LEU A 98 7.54 -8.73 13.27
C LEU A 98 8.17 -7.34 13.21
N MET A 99 9.42 -7.24 12.75
CA MET A 99 10.15 -5.97 12.77
C MET A 99 9.43 -4.91 11.94
N PHE A 100 8.81 -5.33 10.85
CA PHE A 100 8.13 -4.40 9.95
C PHE A 100 6.63 -4.31 10.26
N GLN A 101 6.21 -4.88 11.39
CA GLN A 101 4.83 -4.72 11.84
C GLN A 101 4.62 -3.28 12.30
N LYS A 102 5.66 -2.71 12.90
CA LYS A 102 5.66 -1.30 13.27
C LYS A 102 5.42 -0.45 12.02
N LEU A 103 6.14 -0.80 10.95
CA LEU A 103 6.09 -0.04 9.71
C LEU A 103 4.76 -0.28 8.97
N GLN A 104 4.27 -1.51 9.02
CA GLN A 104 3.02 -1.85 8.35
C GLN A 104 1.86 -1.12 9.03
N ASP A 105 1.83 -1.17 10.36
CA ASP A 105 0.81 -0.47 11.13
C ASP A 105 0.95 1.03 10.95
N GLN A 106 2.20 1.49 10.91
CA GLN A 106 2.50 2.89 10.67
C GLN A 106 1.86 3.34 9.37
N ILE A 107 2.15 2.63 8.28
CA ILE A 107 1.62 2.97 6.97
C ILE A 107 0.14 2.62 6.88
N PHE A 108 -0.33 1.74 7.76
CA PHE A 108 -1.75 1.37 7.79
C PHE A 108 -2.59 2.58 8.20
N ASN A 109 -2.27 3.13 9.37
CA ASN A 109 -2.97 4.30 9.90
C ASN A 109 -2.73 5.50 8.99
N LEU A 110 -1.50 5.62 8.50
CA LEU A 110 -1.10 6.71 7.63
C LEU A 110 -1.84 6.62 6.30
N MET A 111 -1.88 5.42 5.73
CA MET A 111 -2.53 5.18 4.44
C MET A 111 -4.01 5.49 4.54
N LYS A 112 -4.59 5.17 5.69
CA LYS A 112 -5.98 5.52 5.99
C LYS A 112 -6.22 7.00 5.74
N TYR A 113 -5.63 7.83 6.59
CA TYR A 113 -5.74 9.29 6.44
C TYR A 113 -5.35 9.70 5.02
N ASP A 114 -4.08 9.51 4.71
CA ASP A 114 -3.50 9.99 3.46
C ASP A 114 -4.22 9.43 2.22
N SER A 115 -3.93 8.19 1.89
CA SER A 115 -4.33 7.60 0.62
C SER A 115 -5.83 7.26 0.58
N TYR A 116 -6.39 6.80 1.71
CA TYR A 116 -7.77 6.32 1.72
C TYR A 116 -8.75 7.48 1.66
N SER A 117 -8.41 8.59 2.33
CA SER A 117 -9.27 9.76 2.29
C SER A 117 -9.28 10.37 0.89
N ARG A 118 -8.14 10.34 0.21
CA ARG A 118 -8.08 10.82 -1.18
C ARG A 118 -8.71 9.82 -2.15
N PHE A 119 -8.69 8.54 -1.79
CA PHE A 119 -9.30 7.50 -2.61
C PHE A 119 -10.80 7.76 -2.77
N LEU A 120 -11.43 8.19 -1.67
CA LEU A 120 -12.85 8.55 -1.68
C LEU A 120 -13.06 9.98 -2.19
N LYS A 121 -11.98 10.58 -2.70
CA LYS A 121 -12.06 11.91 -3.32
C LYS A 121 -12.07 11.77 -4.84
N SER A 122 -11.03 11.15 -5.37
CA SER A 122 -10.94 10.88 -6.80
C SER A 122 -11.35 9.43 -7.07
N ASP A 123 -12.66 9.18 -6.95
CA ASP A 123 -13.23 7.86 -7.14
C ASP A 123 -12.99 7.37 -8.57
N LEU A 124 -12.48 6.14 -8.70
CA LEU A 124 -12.22 5.56 -10.02
C LEU A 124 -13.44 4.78 -10.51
N PHE A 125 -14.34 4.46 -9.59
CA PHE A 125 -15.51 3.64 -9.93
C PHE A 125 -16.61 4.47 -10.58
N LEU A 126 -16.19 5.34 -11.50
CA LEU A 126 -17.10 6.12 -12.35
C LEU A 126 -16.83 5.74 -13.80
N LYS A 127 -17.29 6.56 -14.75
CA LYS A 127 -16.98 6.32 -16.15
C LYS A 127 -15.61 6.89 -16.45
N HIS A 128 -15.39 8.12 -16.02
CA HIS A 128 -14.13 8.79 -16.23
C HIS A 128 -13.06 8.18 -15.32
N LYS A 129 -11.86 8.01 -15.86
CA LYS A 129 -10.71 7.46 -15.13
C LYS A 129 -10.77 5.93 -14.99
N ARG A 130 -11.85 5.32 -15.50
CA ARG A 130 -11.97 3.85 -15.47
C ARG A 130 -12.50 3.32 -16.80
N THR A 131 -13.75 3.64 -17.13
CA THR A 131 -14.31 3.29 -18.43
C THR A 131 -13.55 4.04 -19.50
N GLU A 132 -13.27 5.31 -19.21
CA GLU A 132 -12.37 6.10 -20.03
C GLU A 132 -10.95 5.88 -19.54
N GLU A 133 -10.36 4.76 -19.93
CA GLU A 133 -8.97 4.46 -19.59
C GLU A 133 -8.06 5.55 -20.15
N GLU A 134 -8.48 6.12 -21.27
CA GLU A 134 -7.84 7.28 -21.84
C GLU A 134 -8.57 8.53 -21.34
N GLU A 135 -8.31 8.89 -20.09
CA GLU A 135 -8.95 10.05 -19.48
C GLU A 135 -8.34 11.33 -20.05
N GLU A 136 -7.09 11.21 -20.51
CA GLU A 136 -6.44 12.28 -21.26
C GLU A 136 -6.75 12.10 -22.74
N ASP A 137 -6.81 13.21 -23.48
CA ASP A 137 -7.06 13.16 -24.92
C ASP A 137 -6.03 12.24 -25.57
N LEU A 138 -4.77 12.51 -25.27
CA LEU A 138 -3.66 11.66 -25.67
C LEU A 138 -2.65 11.62 -24.53
N SER A 1 -21.31 3.53 -12.28
CA SER A 1 -22.59 3.51 -11.54
C SER A 1 -22.82 2.15 -10.86
N MET A 2 -21.97 1.17 -11.16
CA MET A 2 -22.01 -0.12 -10.48
C MET A 2 -20.67 -0.39 -9.80
N GLN A 3 -19.63 -0.54 -10.63
CA GLN A 3 -18.30 -0.92 -10.16
C GLN A 3 -17.74 0.11 -9.19
N SER A 4 -18.16 1.34 -9.39
CA SER A 4 -17.75 2.45 -8.53
C SER A 4 -18.95 3.00 -7.76
N LEU A 5 -19.84 2.11 -7.35
CA LEU A 5 -20.95 2.46 -6.47
C LEU A 5 -21.15 1.38 -5.43
N LYS A 6 -21.52 0.22 -5.91
CA LYS A 6 -21.83 -0.91 -5.05
C LYS A 6 -20.55 -1.60 -4.59
N SER A 7 -19.67 -1.88 -5.53
CA SER A 7 -18.37 -2.47 -5.20
C SER A 7 -17.57 -1.53 -4.28
N THR A 8 -17.64 -0.23 -4.55
CA THR A 8 -16.95 0.75 -3.73
C THR A 8 -17.60 0.89 -2.36
N ALA A 9 -18.92 0.68 -2.31
CA ALA A 9 -19.64 0.67 -1.03
C ALA A 9 -19.09 -0.42 -0.12
N LYS A 10 -18.63 -1.51 -0.74
CA LYS A 10 -17.96 -2.61 -0.04
C LYS A 10 -16.66 -2.09 0.60
N TRP A 11 -15.76 -1.63 -0.26
CA TRP A 11 -14.44 -1.20 0.17
C TRP A 11 -14.51 0.04 1.06
N ALA A 12 -15.62 0.77 0.93
CA ALA A 12 -15.85 1.96 1.77
C ALA A 12 -16.77 1.61 2.94
N ALA A 13 -17.20 0.34 3.02
CA ALA A 13 -17.87 -0.18 4.22
C ALA A 13 -16.83 -0.41 5.29
N SER A 14 -15.69 -0.94 4.87
CA SER A 14 -14.57 -1.19 5.77
C SER A 14 -13.26 -1.20 5.01
N LEU A 15 -12.25 -0.55 5.58
CA LEU A 15 -10.89 -0.58 5.04
C LEU A 15 -10.44 -2.03 4.87
N GLU A 16 -10.92 -2.90 5.77
CA GLU A 16 -10.57 -4.31 5.74
C GLU A 16 -11.09 -4.95 4.46
N ASN A 17 -12.29 -4.56 4.05
CA ASN A 17 -12.87 -5.05 2.81
C ASN A 17 -11.99 -4.65 1.63
N LEU A 18 -11.57 -3.39 1.65
CA LEU A 18 -10.69 -2.82 0.64
C LEU A 18 -9.40 -3.63 0.52
N LEU A 19 -8.77 -3.90 1.65
CA LEU A 19 -7.47 -4.56 1.68
C LEU A 19 -7.59 -6.08 1.57
N GLU A 20 -8.82 -6.59 1.62
CA GLU A 20 -9.06 -8.03 1.57
C GLU A 20 -9.51 -8.47 0.18
N ASP A 21 -10.30 -7.63 -0.47
CA ASP A 21 -10.86 -7.93 -1.78
C ASP A 21 -9.84 -7.59 -2.87
N PRO A 22 -9.60 -8.52 -3.82
CA PRO A 22 -8.63 -8.32 -4.92
C PRO A 22 -8.89 -7.03 -5.69
N GLU A 23 -10.10 -6.89 -6.24
CA GLU A 23 -10.45 -5.74 -7.07
C GLU A 23 -10.27 -4.44 -6.29
N GLY A 24 -10.57 -4.49 -5.00
CA GLY A 24 -10.38 -3.34 -4.13
C GLY A 24 -8.95 -2.88 -4.12
N VAL A 25 -8.05 -3.78 -3.74
CA VAL A 25 -6.62 -3.47 -3.68
C VAL A 25 -6.06 -3.12 -5.06
N LYS A 26 -6.59 -3.77 -6.10
CA LYS A 26 -6.15 -3.49 -7.47
C LYS A 26 -6.49 -2.05 -7.87
N ARG A 27 -7.73 -1.64 -7.62
CA ARG A 27 -8.15 -0.26 -7.85
C ARG A 27 -7.40 0.69 -6.93
N PHE A 28 -7.24 0.28 -5.69
CA PHE A 28 -6.58 1.09 -4.67
C PHE A 28 -5.14 1.36 -5.08
N ARG A 29 -4.52 0.36 -5.69
CA ARG A 29 -3.15 0.49 -6.15
C ARG A 29 -3.09 1.43 -7.35
N GLU A 30 -3.91 1.17 -8.36
CA GLU A 30 -3.85 1.94 -9.61
C GLU A 30 -4.26 3.39 -9.36
N PHE A 31 -5.19 3.58 -8.43
CA PHE A 31 -5.63 4.92 -8.05
C PHE A 31 -4.47 5.69 -7.42
N LEU A 32 -3.90 5.13 -6.36
CA LEU A 32 -2.74 5.73 -5.70
C LEU A 32 -1.56 5.81 -6.67
N LYS A 33 -1.52 4.87 -7.61
CA LYS A 33 -0.46 4.81 -8.61
C LYS A 33 -0.50 6.05 -9.50
N LYS A 34 -1.72 6.42 -9.91
CA LYS A 34 -1.94 7.61 -10.72
C LYS A 34 -1.80 8.87 -9.88
N GLU A 35 -2.01 8.73 -8.57
CA GLU A 35 -1.89 9.85 -7.64
C GLU A 35 -0.50 9.89 -7.00
N PHE A 36 0.35 8.94 -7.42
CA PHE A 36 1.73 8.83 -6.94
C PHE A 36 1.78 8.47 -5.45
N SER A 37 1.44 7.22 -5.18
CA SER A 37 1.49 6.64 -3.84
C SER A 37 1.52 5.10 -3.95
N GLU A 38 2.07 4.61 -5.05
CA GLU A 38 2.09 3.17 -5.31
C GLU A 38 2.96 2.46 -4.26
N GLU A 39 4.04 3.13 -3.86
CA GLU A 39 4.93 2.61 -2.84
C GLU A 39 4.14 2.37 -1.55
N ASN A 40 3.22 3.27 -1.27
CA ASN A 40 2.38 3.21 -0.08
C ASN A 40 1.54 1.93 -0.05
N VAL A 41 0.68 1.78 -1.05
CA VAL A 41 -0.23 0.62 -1.12
C VAL A 41 0.57 -0.69 -1.14
N LEU A 42 1.65 -0.71 -1.91
CA LEU A 42 2.48 -1.90 -2.03
C LEU A 42 3.28 -2.17 -0.77
N PHE A 43 3.61 -1.11 -0.03
CA PHE A 43 4.39 -1.26 1.20
C PHE A 43 3.59 -2.04 2.24
N TRP A 44 2.29 -1.74 2.35
CA TRP A 44 1.43 -2.48 3.28
C TRP A 44 1.32 -3.93 2.83
N LEU A 45 1.03 -4.14 1.54
CA LEU A 45 0.94 -5.49 0.99
C LEU A 45 2.24 -6.25 1.25
N ALA A 46 3.35 -5.55 1.07
CA ALA A 46 4.67 -6.15 1.22
C ALA A 46 4.95 -6.50 2.68
N CYS A 47 4.63 -5.58 3.59
CA CYS A 47 4.86 -5.80 5.02
C CYS A 47 3.96 -6.92 5.55
N GLU A 48 2.72 -6.94 5.09
CA GLU A 48 1.77 -7.97 5.49
C GLU A 48 2.28 -9.34 5.04
N ASP A 49 2.54 -9.45 3.73
CA ASP A 49 3.04 -10.68 3.13
C ASP A 49 4.39 -11.07 3.74
N PHE A 50 5.16 -10.04 4.10
CA PHE A 50 6.46 -10.20 4.75
C PHE A 50 6.32 -10.98 6.06
N LYS A 51 5.22 -10.73 6.76
CA LYS A 51 4.92 -11.40 8.03
C LYS A 51 4.18 -12.72 7.79
N LYS A 52 3.45 -12.79 6.69
CA LYS A 52 2.61 -13.96 6.38
C LYS A 52 3.44 -15.17 6.00
N MET A 53 4.49 -14.96 5.20
CA MET A 53 5.31 -16.08 4.73
C MET A 53 6.79 -15.72 4.78
N GLN A 54 7.61 -16.54 4.10
CA GLN A 54 9.06 -16.30 3.96
C GLN A 54 9.80 -16.64 5.26
N ASP A 55 10.66 -17.64 5.18
CA ASP A 55 11.47 -18.06 6.33
C ASP A 55 12.52 -17.00 6.65
N LYS A 56 13.29 -17.22 7.71
CA LYS A 56 14.28 -16.23 8.18
C LYS A 56 15.15 -15.71 7.04
N THR A 57 15.85 -16.61 6.35
CA THR A 57 16.79 -16.23 5.30
C THR A 57 16.11 -15.35 4.24
N GLN A 58 15.03 -15.86 3.67
CA GLN A 58 14.26 -15.14 2.66
C GLN A 58 13.80 -13.78 3.19
N MET A 59 13.24 -13.81 4.40
CA MET A 59 12.71 -12.62 5.06
C MET A 59 13.77 -11.54 5.19
N GLN A 60 15.00 -11.96 5.42
CA GLN A 60 16.13 -11.04 5.52
C GLN A 60 16.34 -10.30 4.19
N GLU A 61 16.36 -11.09 3.11
CA GLU A 61 16.53 -10.54 1.77
C GLU A 61 15.36 -9.62 1.44
N LYS A 62 14.18 -10.00 1.88
CA LYS A 62 12.97 -9.24 1.62
C LYS A 62 12.93 -7.98 2.49
N ALA A 63 13.66 -8.00 3.60
CA ALA A 63 13.74 -6.85 4.47
C ALA A 63 14.43 -5.70 3.75
N LYS A 64 15.59 -6.00 3.19
CA LYS A 64 16.37 -5.03 2.45
C LYS A 64 15.72 -4.73 1.10
N GLU A 65 15.02 -5.74 0.56
CA GLU A 65 14.34 -5.60 -0.73
C GLU A 65 13.25 -4.52 -0.66
N ILE A 66 12.30 -4.69 0.27
CA ILE A 66 11.22 -3.71 0.43
C ILE A 66 11.78 -2.36 0.88
N TYR A 67 12.83 -2.40 1.69
CA TYR A 67 13.53 -1.19 2.10
C TYR A 67 13.99 -0.41 0.88
N MET A 68 14.64 -1.11 -0.03
CA MET A 68 15.18 -0.52 -1.27
C MET A 68 14.05 -0.07 -2.21
N THR A 69 12.92 -0.74 -2.14
CA THR A 69 11.82 -0.50 -3.07
C THR A 69 10.92 0.66 -2.61
N PHE A 70 10.71 0.77 -1.29
CA PHE A 70 9.72 1.71 -0.76
C PHE A 70 10.37 2.82 0.08
N LEU A 71 11.48 2.50 0.75
CA LEU A 71 12.17 3.49 1.58
C LEU A 71 13.47 3.94 0.89
N SER A 72 14.55 3.21 1.15
CA SER A 72 15.87 3.50 0.57
C SER A 72 16.27 4.95 0.86
N SER A 73 17.27 5.44 0.14
CA SER A 73 17.66 6.84 0.23
C SER A 73 16.77 7.68 -0.67
N LYS A 74 16.12 7.01 -1.62
CA LYS A 74 15.24 7.67 -2.57
C LYS A 74 14.18 6.68 -3.05
N ALA A 75 14.64 5.54 -3.58
CA ALA A 75 13.78 4.49 -4.11
C ALA A 75 12.87 5.04 -5.21
N SER A 76 11.74 5.62 -4.80
CA SER A 76 10.78 6.22 -5.70
C SER A 76 9.99 7.27 -4.94
N SER A 77 10.70 7.94 -4.04
CA SER A 77 10.13 8.87 -3.08
C SER A 77 9.41 8.10 -1.98
N GLN A 78 10.08 7.94 -0.83
CA GLN A 78 9.56 7.15 0.26
C GLN A 78 8.24 7.72 0.77
N VAL A 79 7.36 6.83 1.17
CA VAL A 79 6.05 7.20 1.71
C VAL A 79 6.22 8.08 2.95
N ASN A 80 5.24 8.95 3.20
CA ASN A 80 5.27 9.82 4.38
C ASN A 80 5.03 9.02 5.66
N VAL A 81 6.01 8.20 6.02
CA VAL A 81 5.98 7.45 7.25
C VAL A 81 6.83 8.20 8.29
N GLU A 82 6.15 8.81 9.25
CA GLU A 82 6.79 9.64 10.25
C GLU A 82 7.40 8.78 11.35
N GLY A 83 8.02 9.44 12.34
CA GLY A 83 8.69 8.73 13.41
C GLY A 83 10.19 8.64 13.18
N GLN A 84 10.96 8.59 14.27
CA GLN A 84 12.41 8.51 14.17
C GLN A 84 12.85 7.06 13.97
N SER A 85 12.45 6.19 14.88
CA SER A 85 12.82 4.78 14.83
C SER A 85 11.89 4.01 13.90
N ARG A 86 12.07 4.21 12.60
CA ARG A 86 11.38 3.42 11.59
C ARG A 86 12.30 2.29 11.18
N LEU A 87 13.37 2.68 10.52
CA LEU A 87 14.49 1.80 10.21
C LEU A 87 15.71 2.35 10.92
N ASN A 88 15.84 1.95 12.18
CA ASN A 88 16.87 2.50 13.07
C ASN A 88 18.26 1.94 12.76
N GLU A 89 19.22 2.40 13.52
CA GLU A 89 20.60 2.02 13.39
C GLU A 89 20.76 0.51 13.46
N LYS A 90 21.42 0.00 12.45
CA LYS A 90 21.72 -1.42 12.29
C LYS A 90 20.53 -2.35 12.41
N ILE A 91 19.32 -1.86 12.12
CA ILE A 91 18.15 -2.74 12.07
C ILE A 91 18.18 -3.53 10.76
N LEU A 92 18.87 -2.98 9.76
CA LEU A 92 19.05 -3.64 8.46
C LEU A 92 20.04 -4.80 8.59
N GLU A 93 21.03 -4.65 9.48
CA GLU A 93 22.12 -5.61 9.61
C GLU A 93 21.68 -6.85 10.39
N GLU A 94 20.46 -6.82 10.92
CA GLU A 94 19.86 -7.99 11.55
C GLU A 94 18.33 -7.92 11.42
N PRO A 95 17.81 -8.32 10.25
CA PRO A 95 16.37 -8.30 9.97
C PRO A 95 15.58 -9.22 10.92
N HIS A 96 14.41 -8.75 11.33
CA HIS A 96 13.56 -9.50 12.25
C HIS A 96 12.14 -9.58 11.70
N PRO A 97 11.34 -10.58 12.10
CA PRO A 97 9.93 -10.66 11.71
C PRO A 97 9.14 -9.47 12.27
N LEU A 98 9.62 -8.96 13.40
CA LEU A 98 9.00 -7.82 14.08
C LEU A 98 9.61 -6.50 13.59
N MET A 99 10.47 -6.60 12.59
CA MET A 99 11.16 -5.42 12.03
C MET A 99 10.15 -4.48 11.39
N PHE A 100 9.48 -4.94 10.34
CA PHE A 100 8.50 -4.13 9.63
C PHE A 100 7.12 -4.30 10.24
N GLN A 101 7.06 -4.91 11.41
CA GLN A 101 5.82 -5.12 12.13
C GLN A 101 5.28 -3.78 12.62
N LYS A 102 6.19 -2.94 13.12
CA LYS A 102 5.84 -1.59 13.56
C LYS A 102 5.44 -0.75 12.35
N LEU A 103 6.23 -0.87 11.28
CA LEU A 103 5.96 -0.13 10.04
C LEU A 103 4.60 -0.52 9.47
N GLN A 104 4.27 -1.79 9.61
CA GLN A 104 2.99 -2.31 9.15
C GLN A 104 1.84 -1.63 9.89
N ASP A 105 1.93 -1.59 11.21
CA ASP A 105 0.90 -0.96 12.04
C ASP A 105 0.84 0.54 11.75
N GLN A 106 2.02 1.15 11.68
CA GLN A 106 2.14 2.58 11.42
C GLN A 106 1.43 2.92 10.11
N ILE A 107 1.81 2.24 9.03
CA ILE A 107 1.26 2.53 7.72
C ILE A 107 -0.22 2.15 7.67
N PHE A 108 -0.62 1.13 8.42
CA PHE A 108 -2.02 0.71 8.44
C PHE A 108 -2.92 1.88 8.88
N ASN A 109 -2.50 2.56 9.94
CA ASN A 109 -3.26 3.69 10.48
C ASN A 109 -3.08 4.95 9.62
N LEU A 110 -1.83 5.21 9.25
CA LEU A 110 -1.48 6.40 8.46
C LEU A 110 -2.15 6.34 7.09
N MET A 111 -1.96 5.22 6.41
CA MET A 111 -2.54 5.00 5.08
C MET A 111 -4.06 5.01 5.16
N LYS A 112 -4.63 4.52 6.26
CA LYS A 112 -6.07 4.62 6.48
C LYS A 112 -6.48 6.08 6.47
N TYR A 113 -5.87 6.87 7.35
CA TYR A 113 -6.12 8.30 7.42
C TYR A 113 -6.02 8.93 6.03
N ASP A 114 -4.79 9.01 5.52
CA ASP A 114 -4.51 9.67 4.25
C ASP A 114 -5.18 8.96 3.06
N SER A 115 -4.72 7.75 2.78
CA SER A 115 -5.03 7.09 1.52
C SER A 115 -6.46 6.56 1.47
N TYR A 116 -7.03 6.15 2.61
CA TYR A 116 -8.41 5.66 2.61
C TYR A 116 -9.39 6.82 2.45
N SER A 117 -9.10 7.94 3.11
CA SER A 117 -9.91 9.15 2.89
C SER A 117 -9.71 9.65 1.46
N ARG A 118 -8.49 9.47 0.96
CA ARG A 118 -8.14 9.82 -0.41
C ARG A 118 -8.89 8.94 -1.41
N PHE A 119 -9.02 7.66 -1.08
CA PHE A 119 -9.73 6.70 -1.94
C PHE A 119 -11.21 7.07 -2.02
N LEU A 120 -11.71 7.67 -0.95
CA LEU A 120 -13.11 8.12 -0.90
C LEU A 120 -13.25 9.52 -1.49
N LYS A 121 -12.19 9.98 -2.18
CA LYS A 121 -12.17 11.32 -2.75
C LYS A 121 -11.64 11.30 -4.17
N SER A 122 -12.41 11.92 -5.05
CA SER A 122 -12.09 12.02 -6.48
C SER A 122 -11.67 10.68 -7.08
N ASP A 123 -12.24 9.59 -6.57
CA ASP A 123 -11.93 8.24 -7.06
C ASP A 123 -12.60 8.00 -8.41
N LEU A 124 -12.52 6.77 -8.91
CA LEU A 124 -13.07 6.39 -10.20
C LEU A 124 -14.62 6.37 -10.20
N PHE A 125 -15.22 7.04 -9.22
CA PHE A 125 -16.68 7.15 -9.13
C PHE A 125 -17.25 7.83 -10.37
N LEU A 126 -16.39 8.58 -11.07
CA LEU A 126 -16.79 9.36 -12.23
C LEU A 126 -16.54 8.56 -13.50
N LYS A 127 -17.39 8.74 -14.50
CA LYS A 127 -17.28 7.99 -15.73
C LYS A 127 -16.16 8.56 -16.59
N HIS A 128 -15.73 9.76 -16.23
CA HIS A 128 -14.56 10.38 -16.85
C HIS A 128 -13.32 10.09 -16.01
N LYS A 129 -13.41 9.02 -15.22
CA LYS A 129 -12.28 8.46 -14.47
C LYS A 129 -12.19 6.97 -14.78
N ARG A 130 -13.34 6.32 -14.73
CA ARG A 130 -13.46 4.91 -15.10
C ARG A 130 -14.73 4.71 -15.92
N THR A 131 -14.65 3.91 -16.98
CA THR A 131 -15.78 3.67 -17.86
C THR A 131 -16.88 2.89 -17.13
N GLU A 132 -17.68 3.62 -16.35
CA GLU A 132 -18.78 3.03 -15.59
C GLU A 132 -20.01 2.85 -16.47
N GLU A 133 -20.22 1.61 -16.94
CA GLU A 133 -21.37 1.27 -17.78
C GLU A 133 -21.46 2.24 -18.98
N GLU A 134 -22.63 2.31 -19.60
CA GLU A 134 -22.87 3.30 -20.65
C GLU A 134 -23.41 4.59 -20.02
N GLU A 135 -24.72 4.73 -19.97
CA GLU A 135 -25.36 5.93 -19.45
C GLU A 135 -26.26 5.60 -18.26
N GLU A 136 -26.96 6.60 -17.74
CA GLU A 136 -27.80 6.42 -16.57
C GLU A 136 -29.15 5.83 -16.94
N ASP A 137 -29.17 4.50 -17.08
CA ASP A 137 -30.41 3.76 -17.34
C ASP A 137 -30.71 2.84 -16.16
N LEU A 138 -29.98 3.05 -15.07
CA LEU A 138 -30.08 2.20 -13.89
C LEU A 138 -31.08 2.79 -12.90
N SER A 1 -20.38 -2.56 -14.02
CA SER A 1 -21.55 -1.86 -13.44
C SER A 1 -21.45 -1.81 -11.91
N MET A 2 -21.92 -2.87 -11.24
CA MET A 2 -21.96 -2.89 -9.77
C MET A 2 -20.55 -2.92 -9.17
N GLN A 3 -19.61 -3.51 -9.89
CA GLN A 3 -18.22 -3.61 -9.44
C GLN A 3 -17.56 -2.22 -9.42
N SER A 4 -18.31 -1.21 -9.86
CA SER A 4 -17.86 0.18 -9.81
C SER A 4 -18.99 1.07 -9.27
N LEU A 5 -19.89 0.44 -8.51
CA LEU A 5 -21.04 1.13 -7.92
C LEU A 5 -21.29 0.61 -6.51
N LYS A 6 -21.72 -0.63 -6.48
CA LYS A 6 -22.01 -1.34 -5.25
C LYS A 6 -20.71 -1.74 -4.55
N SER A 7 -19.82 -2.37 -5.32
CA SER A 7 -18.54 -2.80 -4.79
C SER A 7 -17.71 -1.61 -4.31
N THR A 8 -17.77 -0.49 -5.04
CA THR A 8 -17.04 0.71 -4.66
C THR A 8 -17.59 1.29 -3.36
N ALA A 9 -18.91 1.19 -3.17
CA ALA A 9 -19.54 1.61 -1.93
C ALA A 9 -18.98 0.80 -0.76
N LYS A 10 -18.71 -0.48 -1.01
CA LYS A 10 -18.09 -1.36 -0.03
C LYS A 10 -16.75 -0.80 0.43
N TRP A 11 -15.90 -0.49 -0.54
CA TRP A 11 -14.56 -0.02 -0.28
C TRP A 11 -14.58 1.41 0.23
N ALA A 12 -15.64 2.14 -0.12
CA ALA A 12 -15.87 3.47 0.42
C ALA A 12 -16.66 3.37 1.73
N ALA A 13 -16.94 2.14 2.17
CA ALA A 13 -17.45 1.89 3.52
C ALA A 13 -16.30 1.76 4.50
N SER A 14 -15.21 1.09 4.08
CA SER A 14 -14.07 0.88 4.96
C SER A 14 -12.81 0.51 4.18
N LEU A 15 -11.69 1.09 4.60
CA LEU A 15 -10.37 0.75 4.06
C LEU A 15 -10.11 -0.74 4.27
N GLU A 16 -10.67 -1.28 5.34
CA GLU A 16 -10.48 -2.68 5.70
C GLU A 16 -11.24 -3.57 4.72
N ASN A 17 -12.35 -3.05 4.18
CA ASN A 17 -13.11 -3.76 3.18
C ASN A 17 -12.31 -3.91 1.89
N LEU A 18 -11.71 -2.81 1.43
CA LEU A 18 -10.90 -2.86 0.22
C LEU A 18 -9.65 -3.72 0.43
N LEU A 19 -9.18 -3.80 1.66
CA LEU A 19 -8.05 -4.68 1.99
C LEU A 19 -8.50 -6.15 2.00
N GLU A 20 -9.81 -6.36 2.15
CA GLU A 20 -10.37 -7.70 2.15
C GLU A 20 -10.58 -8.20 0.72
N ASP A 21 -11.46 -7.52 -0.02
CA ASP A 21 -11.83 -7.94 -1.37
C ASP A 21 -10.64 -7.86 -2.32
N PRO A 22 -10.46 -8.89 -3.18
CA PRO A 22 -9.39 -8.90 -4.19
C PRO A 22 -9.40 -7.62 -5.04
N GLU A 23 -10.56 -7.28 -5.57
CA GLU A 23 -10.72 -6.08 -6.39
C GLU A 23 -10.46 -4.83 -5.56
N GLY A 24 -10.75 -4.93 -4.27
CA GLY A 24 -10.50 -3.83 -3.38
C GLY A 24 -9.06 -3.41 -3.42
N VAL A 25 -8.17 -4.34 -3.07
CA VAL A 25 -6.73 -4.09 -3.09
C VAL A 25 -6.24 -3.79 -4.51
N LYS A 26 -6.78 -4.53 -5.50
CA LYS A 26 -6.35 -4.36 -6.89
C LYS A 26 -6.67 -2.95 -7.39
N ARG A 27 -7.95 -2.58 -7.33
CA ARG A 27 -8.40 -1.27 -7.79
C ARG A 27 -7.77 -0.15 -6.95
N PHE A 28 -7.51 -0.45 -5.68
CA PHE A 28 -6.87 0.51 -4.78
C PHE A 28 -5.42 0.72 -5.19
N ARG A 29 -4.77 -0.34 -5.67
CA ARG A 29 -3.40 -0.27 -6.13
C ARG A 29 -3.30 0.53 -7.43
N GLU A 30 -4.14 0.20 -8.40
CA GLU A 30 -4.12 0.90 -9.69
C GLU A 30 -4.49 2.37 -9.47
N PHE A 31 -5.40 2.60 -8.52
CA PHE A 31 -5.80 3.95 -8.17
C PHE A 31 -4.60 4.72 -7.63
N LEU A 32 -4.00 4.23 -6.55
CA LEU A 32 -2.87 4.90 -5.92
C LEU A 32 -1.69 5.02 -6.90
N LYS A 33 -1.64 4.14 -7.89
CA LYS A 33 -0.62 4.24 -8.92
C LYS A 33 -0.80 5.53 -9.73
N LYS A 34 -2.05 5.82 -10.06
CA LYS A 34 -2.40 7.02 -10.83
C LYS A 34 -2.51 8.23 -9.91
N GLU A 35 -2.81 7.96 -8.65
CA GLU A 35 -2.95 9.00 -7.62
C GLU A 35 -1.57 9.35 -7.02
N PHE A 36 -0.57 8.55 -7.39
CA PHE A 36 0.80 8.70 -6.89
C PHE A 36 0.85 8.40 -5.39
N SER A 37 0.84 7.12 -5.09
CA SER A 37 0.96 6.59 -3.72
C SER A 37 1.08 5.06 -3.77
N GLU A 38 1.58 4.53 -4.88
CA GLU A 38 1.72 3.10 -5.01
C GLU A 38 2.83 2.61 -4.07
N GLU A 39 3.72 3.54 -3.72
CA GLU A 39 4.75 3.31 -2.71
C GLU A 39 4.08 2.81 -1.42
N ASN A 40 2.96 3.45 -1.10
CA ASN A 40 2.19 3.13 0.10
C ASN A 40 1.54 1.75 -0.01
N VAL A 41 0.68 1.57 -1.01
CA VAL A 41 -0.07 0.32 -1.16
C VAL A 41 0.86 -0.87 -1.31
N LEU A 42 1.91 -0.72 -2.12
CA LEU A 42 2.86 -1.79 -2.35
C LEU A 42 3.59 -2.15 -1.07
N PHE A 43 3.90 -1.15 -0.25
CA PHE A 43 4.61 -1.38 1.00
C PHE A 43 3.83 -2.34 1.89
N TRP A 44 2.55 -2.03 2.14
CA TRP A 44 1.74 -2.84 3.04
C TRP A 44 1.56 -4.25 2.47
N LEU A 45 1.16 -4.34 1.20
CA LEU A 45 0.94 -5.63 0.54
C LEU A 45 2.24 -6.43 0.44
N ALA A 46 3.36 -5.72 0.34
CA ALA A 46 4.67 -6.37 0.33
C ALA A 46 5.01 -6.86 1.73
N CYS A 47 4.59 -6.10 2.73
CA CYS A 47 4.80 -6.46 4.13
C CYS A 47 3.89 -7.62 4.53
N GLU A 48 2.72 -7.69 3.90
CA GLU A 48 1.80 -8.80 4.14
C GLU A 48 2.46 -10.10 3.70
N ASP A 49 2.91 -10.14 2.45
CA ASP A 49 3.63 -11.29 1.91
C ASP A 49 4.91 -11.53 2.71
N PHE A 50 5.55 -10.43 3.09
CA PHE A 50 6.73 -10.44 3.95
C PHE A 50 6.41 -11.16 5.27
N LYS A 51 5.19 -11.00 5.73
CA LYS A 51 4.73 -11.57 6.98
C LYS A 51 4.35 -13.04 6.80
N LYS A 52 3.94 -13.39 5.58
CA LYS A 52 3.50 -14.76 5.27
C LYS A 52 4.67 -15.71 5.07
N MET A 53 5.42 -15.51 3.99
CA MET A 53 6.43 -16.49 3.57
C MET A 53 7.81 -16.18 4.16
N GLN A 54 7.83 -15.45 5.26
CA GLN A 54 9.07 -14.96 5.86
C GLN A 54 10.01 -16.09 6.31
N ASP A 55 10.87 -16.52 5.40
CA ASP A 55 12.05 -17.31 5.76
C ASP A 55 13.18 -16.33 6.05
N LYS A 56 14.28 -16.79 6.64
CA LYS A 56 15.40 -15.89 6.94
C LYS A 56 15.86 -15.17 5.68
N THR A 57 16.12 -15.93 4.61
CA THR A 57 16.58 -15.37 3.35
C THR A 57 15.55 -14.37 2.80
N GLN A 58 14.32 -14.85 2.65
CA GLN A 58 13.21 -14.03 2.15
C GLN A 58 13.11 -12.71 2.93
N MET A 59 12.99 -12.82 4.24
CA MET A 59 12.74 -11.67 5.10
C MET A 59 13.88 -10.66 5.04
N GLN A 60 15.10 -11.16 5.02
CA GLN A 60 16.29 -10.30 4.97
C GLN A 60 16.38 -9.56 3.63
N GLU A 61 16.27 -10.33 2.55
CA GLU A 61 16.40 -9.77 1.21
C GLU A 61 15.25 -8.84 0.88
N LYS A 62 14.06 -9.16 1.40
CA LYS A 62 12.88 -8.33 1.19
C LYS A 62 12.94 -7.09 2.08
N ALA A 63 13.59 -7.20 3.23
CA ALA A 63 13.73 -6.08 4.16
C ALA A 63 14.44 -4.92 3.48
N LYS A 64 15.59 -5.23 2.90
CA LYS A 64 16.40 -4.24 2.21
C LYS A 64 15.73 -3.82 0.89
N GLU A 65 14.99 -4.74 0.29
CA GLU A 65 14.25 -4.45 -0.94
C GLU A 65 13.21 -3.36 -0.70
N ILE A 66 12.16 -3.71 0.03
CA ILE A 66 11.03 -2.80 0.25
C ILE A 66 11.49 -1.48 0.85
N TYR A 67 12.48 -1.55 1.74
CA TYR A 67 13.01 -0.34 2.36
C TYR A 67 13.64 0.56 1.30
N MET A 68 14.60 0.03 0.55
CA MET A 68 15.34 0.82 -0.43
C MET A 68 14.49 1.13 -1.66
N THR A 69 13.22 0.69 -1.65
CA THR A 69 12.28 1.06 -2.69
C THR A 69 11.32 2.16 -2.23
N PHE A 70 10.75 1.99 -1.03
CA PHE A 70 9.69 2.88 -0.54
C PHE A 70 10.16 3.77 0.61
N LEU A 71 11.12 3.28 1.39
CA LEU A 71 11.55 3.95 2.63
C LEU A 71 13.02 4.35 2.57
N SER A 72 13.59 4.28 1.38
CA SER A 72 15.02 4.53 1.12
C SER A 72 15.62 5.68 1.94
N SER A 73 14.80 6.67 2.28
CA SER A 73 15.25 7.83 3.08
C SER A 73 16.27 8.67 2.30
N LYS A 74 16.05 8.79 1.00
CA LYS A 74 16.92 9.57 0.13
C LYS A 74 16.16 9.95 -1.13
N ALA A 75 15.40 8.98 -1.64
CA ALA A 75 14.49 9.21 -2.75
C ALA A 75 13.54 10.36 -2.43
N SER A 76 13.36 11.25 -3.40
CA SER A 76 12.41 12.35 -3.27
C SER A 76 10.97 11.83 -3.45
N SER A 77 10.83 10.50 -3.40
CA SER A 77 9.54 9.85 -3.48
C SER A 77 9.54 8.65 -2.52
N GLN A 78 9.28 8.95 -1.26
CA GLN A 78 9.31 7.95 -0.19
C GLN A 78 8.15 8.20 0.76
N VAL A 79 7.78 7.20 1.56
CA VAL A 79 6.74 7.38 2.56
C VAL A 79 7.36 7.35 3.96
N ASN A 80 6.93 8.30 4.78
CA ASN A 80 7.53 8.52 6.09
C ASN A 80 6.86 7.67 7.17
N VAL A 81 7.27 6.42 7.26
CA VAL A 81 6.82 5.51 8.32
C VAL A 81 7.74 5.66 9.56
N GLU A 82 8.12 6.90 9.83
CA GLU A 82 9.08 7.21 10.89
C GLU A 82 8.59 6.74 12.25
N GLY A 83 9.05 5.57 12.67
CA GLY A 83 8.72 5.04 13.99
C GLY A 83 9.83 5.28 14.99
N GLN A 84 10.53 4.21 15.36
CA GLN A 84 11.66 4.32 16.29
C GLN A 84 12.83 5.00 15.60
N SER A 85 12.85 6.34 15.67
CA SER A 85 13.87 7.16 15.02
C SER A 85 13.84 6.93 13.50
N ARG A 86 14.48 5.84 13.05
CA ARG A 86 14.51 5.47 11.64
C ARG A 86 15.28 4.15 11.49
N LEU A 87 14.99 3.41 10.42
CA LEU A 87 15.60 2.10 10.22
C LEU A 87 17.00 2.25 9.62
N ASN A 88 17.05 2.85 8.46
CA ASN A 88 18.31 3.11 7.73
C ASN A 88 19.08 1.82 7.44
N GLU A 89 19.90 1.40 8.39
CA GLU A 89 20.81 0.27 8.19
C GLU A 89 20.78 -0.67 9.39
N LYS A 90 20.91 -0.09 10.58
CA LYS A 90 21.12 -0.85 11.82
C LYS A 90 20.14 -2.01 11.98
N ILE A 91 18.85 -1.71 12.02
CA ILE A 91 17.83 -2.73 12.25
C ILE A 91 17.76 -3.73 11.09
N LEU A 92 18.33 -3.36 9.94
CA LEU A 92 18.37 -4.23 8.77
C LEU A 92 19.58 -5.16 8.83
N GLU A 93 20.57 -4.79 9.64
CA GLU A 93 21.79 -5.60 9.79
C GLU A 93 21.45 -6.98 10.33
N GLU A 94 20.58 -7.01 11.34
CA GLU A 94 20.04 -8.26 11.88
C GLU A 94 18.54 -8.11 12.04
N PRO A 95 17.78 -8.29 10.94
CA PRO A 95 16.34 -8.06 10.92
C PRO A 95 15.57 -9.16 11.63
N HIS A 96 14.26 -8.97 11.75
CA HIS A 96 13.38 -9.93 12.40
C HIS A 96 12.08 -10.05 11.61
N PRO A 97 11.46 -11.24 11.58
CA PRO A 97 10.23 -11.48 10.81
C PRO A 97 9.09 -10.54 11.21
N LEU A 98 9.19 -9.98 12.42
CA LEU A 98 8.13 -9.11 12.95
C LEU A 98 8.59 -7.64 13.00
N MET A 99 9.76 -7.35 12.45
CA MET A 99 10.32 -5.99 12.52
C MET A 99 9.41 -4.98 11.84
N PHE A 100 8.82 -5.37 10.72
CA PHE A 100 7.96 -4.46 9.95
C PHE A 100 6.52 -4.47 10.46
N GLN A 101 6.23 -5.35 11.43
CA GLN A 101 4.88 -5.46 11.96
C GLN A 101 4.41 -4.11 12.52
N LYS A 102 5.32 -3.43 13.21
CA LYS A 102 5.07 -2.09 13.73
C LYS A 102 4.79 -1.12 12.58
N LEU A 103 5.59 -1.24 11.53
CA LEU A 103 5.51 -0.34 10.38
C LEU A 103 4.22 -0.54 9.60
N GLN A 104 3.72 -1.78 9.59
CA GLN A 104 2.46 -2.09 8.94
C GLN A 104 1.32 -1.34 9.62
N ASP A 105 1.42 -1.25 10.95
CA ASP A 105 0.45 -0.49 11.73
C ASP A 105 0.54 1.00 11.38
N GLN A 106 1.76 1.53 11.40
CA GLN A 106 1.99 2.94 11.12
C GLN A 106 1.48 3.32 9.73
N ILE A 107 1.90 2.55 8.72
CA ILE A 107 1.48 2.82 7.34
C ILE A 107 -0.03 2.69 7.21
N PHE A 108 -0.60 1.72 7.92
CA PHE A 108 -2.05 1.50 7.90
C PHE A 108 -2.79 2.73 8.43
N ASN A 109 -2.25 3.31 9.50
CA ASN A 109 -2.86 4.46 10.16
C ASN A 109 -2.88 5.68 9.24
N LEU A 110 -1.74 5.93 8.59
CA LEU A 110 -1.63 7.07 7.67
C LEU A 110 -2.31 6.73 6.34
N MET A 111 -2.38 5.43 6.05
CA MET A 111 -3.06 4.93 4.85
C MET A 111 -4.54 5.27 4.93
N LYS A 112 -5.11 4.99 6.10
CA LYS A 112 -6.50 5.32 6.38
C LYS A 112 -6.71 6.81 6.17
N TYR A 113 -6.00 7.61 6.95
CA TYR A 113 -6.12 9.06 6.86
C TYR A 113 -5.91 9.55 5.43
N ASP A 114 -4.66 9.52 4.98
CA ASP A 114 -4.28 10.11 3.70
C ASP A 114 -4.91 9.39 2.52
N SER A 115 -4.58 8.11 2.36
CA SER A 115 -4.92 7.37 1.16
C SER A 115 -6.42 7.13 1.03
N TYR A 116 -7.11 6.84 2.14
CA TYR A 116 -8.54 6.55 2.07
C TYR A 116 -9.33 7.81 1.74
N SER A 117 -8.92 8.95 2.29
CA SER A 117 -9.55 10.22 1.96
C SER A 117 -9.33 10.57 0.48
N ARG A 118 -8.13 10.27 -0.02
CA ARG A 118 -7.80 10.49 -1.43
C ARG A 118 -8.52 9.47 -2.31
N PHE A 119 -8.78 8.29 -1.74
CA PHE A 119 -9.54 7.24 -2.42
C PHE A 119 -10.94 7.78 -2.74
N LEU A 120 -11.66 8.19 -1.69
CA LEU A 120 -13.01 8.74 -1.83
C LEU A 120 -13.02 9.99 -2.72
N LYS A 121 -11.86 10.62 -2.84
CA LYS A 121 -11.71 11.85 -3.62
C LYS A 121 -11.92 11.60 -5.11
N SER A 122 -11.24 10.59 -5.65
CA SER A 122 -11.23 10.36 -7.09
C SER A 122 -11.37 8.88 -7.44
N ASP A 123 -12.01 8.11 -6.56
CA ASP A 123 -12.23 6.68 -6.80
C ASP A 123 -12.93 6.44 -8.14
N LEU A 124 -12.96 5.19 -8.56
CA LEU A 124 -13.47 4.79 -9.87
C LEU A 124 -15.01 4.79 -9.87
N PHE A 125 -15.63 5.76 -9.21
CA PHE A 125 -17.08 5.92 -9.22
C PHE A 125 -17.56 6.43 -10.59
N LEU A 126 -16.61 6.94 -11.38
CA LEU A 126 -16.91 7.63 -12.63
C LEU A 126 -16.56 6.76 -13.83
N LYS A 127 -17.20 7.03 -14.97
CA LYS A 127 -16.95 6.25 -16.19
C LYS A 127 -15.80 6.86 -16.98
N HIS A 128 -15.64 8.18 -16.88
CA HIS A 128 -14.47 8.85 -17.44
C HIS A 128 -13.24 8.49 -16.63
N LYS A 129 -13.46 8.13 -15.37
CA LYS A 129 -12.43 7.54 -14.53
C LYS A 129 -12.34 6.06 -14.89
N ARG A 130 -11.46 5.31 -14.23
CA ARG A 130 -11.30 3.85 -14.45
C ARG A 130 -11.13 3.48 -15.92
N THR A 131 -10.82 4.48 -16.74
CA THR A 131 -10.63 4.32 -18.18
C THR A 131 -11.69 3.43 -18.84
N GLU A 132 -12.85 4.01 -19.14
CA GLU A 132 -13.91 3.30 -19.87
C GLU A 132 -14.59 4.22 -20.87
N GLU A 133 -14.82 5.47 -20.48
CA GLU A 133 -15.62 6.42 -21.26
C GLU A 133 -17.09 5.99 -21.25
N GLU A 134 -18.01 6.93 -21.41
CA GLU A 134 -19.43 6.64 -21.34
C GLU A 134 -19.95 6.14 -22.69
N GLU A 135 -19.87 7.00 -23.71
CA GLU A 135 -20.52 6.74 -25.00
C GLU A 135 -19.59 7.00 -26.18
N GLU A 136 -18.69 7.97 -26.03
CA GLU A 136 -17.83 8.40 -27.14
C GLU A 136 -16.66 7.44 -27.33
N ASP A 137 -16.15 7.41 -28.56
CA ASP A 137 -15.02 6.55 -28.92
C ASP A 137 -13.72 7.08 -28.31
N LEU A 138 -12.87 6.16 -27.85
CA LEU A 138 -11.62 6.52 -27.19
C LEU A 138 -10.42 6.34 -28.15
#